data_9B42
#
_entry.id   9B42
#
loop_
_entity.id
_entity.type
_entity.pdbx_description
1 polymer 'gp32 Sheath'
2 polymer 'gp29 Collar'
3 polymer 'gp33 Tail tube'
4 polymer 'gp30 Gateway'
#
loop_
_entity_poly.entity_id
_entity_poly.type
_entity_poly.pdbx_seq_one_letter_code
_entity_poly.pdbx_strand_id
1 'polypeptide(L)'
;MISQSRYIRIISGVGAGAPVAGRKLILRVMTTNNVIPPGIVIEFDNSNAVMSYFGAQSEEYQRAAAYFKFISKSVNSPSS
ISFARWVNTAIAPMVVGDNLPKTIADFAGFSAGVLTIMVGAAEKNITAIDTSAATSMDNVASIIQTEIRKNTDPQLAQAT
VTWNQNTNQFTLVGATIGTGVLAVAKSADPQDMSTALGWSTSNVVNVAGQAADLPDAAVAKSTNVSNNFGSFLFAGAPLD
NDQIKAVSAWNAAQNNQFIYTVATSLANLGTLFDLVKGNAGTGLHVLSATAANDFVEQCPSEIFAATNYDEPGASQNYMY
YQFPGRNITVSDDTVANTVDKSRGNYIGVTQANGQQLAFYQRGILCGGPTDAVDMNVYANEIWLKSAIAQALLDLFLNVN
AVPASSTGEAMVLAVLQPVLDKATANGTFTYGKEISAVQQQYITQVTGDRRAWRQVQTLGYWINITFSSYTNNNTGLIEW
KANYTLIYSKGDAIRFVEGSDVMI
;
S
2 'polypeptide(L)'
;MIPGANLLRMAFGVIGTQIVKYRKFEQRVKNDQAQYVSMFEEPFDLAASVQRVRRDQYVQFNLEFQRNYVMIFANFEMVD
LDRDVAGDQFLWTGRVFQLESQGSWFYQDGWGVCLAVDIGAAKLTDDGKPTF
;
A,B,C,D,E,F
3 'polypeptide(L)'
;MINISAFGSICQFTASRTFPNGFTVTEFADDADPIDSPPFTAADTGVGLNGDMVVWNRANILEVVVNVIPNTEGERNLAV
LLDANRTGKDKSGARDVVGLVVAMPDGSKITCTNGTPIDGVLINAVASVGRLKTKPYRFRFEKVIKAGTS
;
M,N,O,P,Q,R
4 'polypeptide(L)'
;MFDGELIAKMVVELNAAMTSAQEALQFPDFEVVQKAQPTQQGTSTRPTIFFQKLFDIPRGWPATDWHLDNTTRKYVEITR
QHVETTFQISSLHWQNPEITHVVTASDIANYVRAYFQARSTIERVKELDFLILRVSQISNEAFENDNHQFEFHPSFDMVV
TYNQYIRLYENAAYSADGVLIGV
;
J,G,H,I,K,L
#
# COMPACT_ATOMS: atom_id res chain seq x y z
N MET A 1 78.82 44.27 -10.96
CA MET A 1 77.66 44.03 -10.11
C MET A 1 76.59 43.32 -10.95
N ILE A 2 75.90 42.35 -10.32
CA ILE A 2 74.86 41.55 -10.96
C ILE A 2 73.84 42.43 -11.68
N SER A 3 73.59 42.11 -12.95
CA SER A 3 72.78 42.96 -13.81
C SER A 3 71.30 42.79 -13.53
N GLN A 4 70.53 43.83 -13.86
CA GLN A 4 69.08 43.79 -13.69
C GLN A 4 68.42 42.75 -14.57
N SER A 5 69.07 42.35 -15.66
CA SER A 5 68.52 41.36 -16.58
C SER A 5 68.45 39.97 -15.97
N ARG A 6 69.10 39.74 -14.83
CA ARG A 6 68.93 38.46 -14.14
C ARG A 6 67.54 38.32 -13.53
N TYR A 7 66.88 39.43 -13.22
CA TYR A 7 65.57 39.40 -12.57
C TYR A 7 64.44 39.88 -13.47
N ILE A 8 64.52 41.09 -14.01
CA ILE A 8 63.48 41.62 -14.87
C ILE A 8 64.06 41.88 -16.25
N ARG A 9 63.43 41.32 -17.27
CA ARG A 9 63.92 41.39 -18.65
C ARG A 9 62.90 42.13 -19.50
N ILE A 10 63.11 43.42 -19.71
CA ILE A 10 62.22 44.21 -20.57
C ILE A 10 62.82 44.17 -21.97
N ILE A 11 62.44 43.14 -22.73
CA ILE A 11 62.91 42.99 -24.10
C ILE A 11 62.18 44.01 -24.96
N SER A 12 62.87 45.11 -25.28
CA SER A 12 62.23 46.21 -25.97
C SER A 12 62.15 45.92 -27.47
N GLY A 13 61.76 46.93 -28.24
CA GLY A 13 61.74 46.78 -29.69
C GLY A 13 60.45 46.16 -30.16
N VAL A 14 60.58 45.13 -31.00
CA VAL A 14 59.44 44.53 -31.68
C VAL A 14 59.35 43.08 -31.21
N GLY A 15 59.68 42.86 -29.93
CA GLY A 15 59.76 41.57 -29.28
C GLY A 15 58.71 40.53 -29.68
N ALA A 16 57.46 40.94 -29.77
CA ALA A 16 56.34 40.14 -30.33
C ALA A 16 56.17 38.86 -29.50
N GLY A 17 55.69 37.79 -30.13
CA GLY A 17 55.54 36.52 -29.45
C GLY A 17 54.12 36.17 -29.08
N ALA A 18 53.19 36.34 -30.03
CA ALA A 18 51.79 36.02 -29.77
C ALA A 18 51.61 34.51 -29.63
N PRO A 19 51.13 34.02 -28.49
CA PRO A 19 50.96 32.57 -28.33
C PRO A 19 49.59 32.08 -28.76
N VAL A 20 48.86 32.90 -29.52
CA VAL A 20 47.49 32.60 -29.89
C VAL A 20 47.44 31.77 -31.17
N ALA A 21 48.59 31.25 -31.59
CA ALA A 21 48.66 30.40 -32.78
C ALA A 21 47.89 29.10 -32.55
N GLY A 22 46.90 28.85 -33.40
CA GLY A 22 46.11 27.63 -33.30
C GLY A 22 44.86 27.63 -34.15
N ARG A 23 45.04 27.56 -35.47
CA ARG A 23 43.94 27.43 -36.42
C ARG A 23 44.22 26.24 -37.32
N LYS A 24 43.44 25.17 -37.15
CA LYS A 24 43.68 23.92 -37.88
C LYS A 24 43.09 24.02 -39.28
N LEU A 25 42.92 22.87 -39.94
CA LEU A 25 42.46 22.75 -41.32
C LEU A 25 43.42 23.50 -42.26
N ILE A 26 44.63 22.97 -42.29
CA ILE A 26 45.77 23.68 -42.84
C ILE A 26 45.95 23.30 -44.30
N LEU A 27 46.79 24.05 -45.00
CA LEU A 27 47.06 23.80 -46.40
C LEU A 27 48.14 22.76 -46.55
N ARG A 28 47.90 21.77 -47.40
CA ARG A 28 48.91 20.81 -47.81
C ARG A 28 49.42 21.16 -49.19
N VAL A 29 50.73 21.07 -49.39
CA VAL A 29 51.35 21.32 -50.68
C VAL A 29 52.07 20.05 -51.10
N MET A 30 51.65 19.46 -52.21
CA MET A 30 52.33 18.31 -52.78
C MET A 30 53.33 18.82 -53.80
N THR A 31 54.57 18.98 -53.36
CA THR A 31 55.63 19.51 -54.22
C THR A 31 56.47 18.37 -54.79
N THR A 32 57.31 18.73 -55.74
CA THR A 32 58.13 17.76 -56.46
C THR A 32 59.57 17.72 -56.00
N ASN A 33 60.04 18.77 -55.33
CA ASN A 33 61.43 18.84 -54.89
C ASN A 33 61.73 17.71 -53.90
N ASN A 34 62.82 17.00 -54.14
CA ASN A 34 63.20 15.87 -53.31
C ASN A 34 63.85 16.30 -51.99
N VAL A 35 63.76 17.58 -51.65
CA VAL A 35 64.20 18.03 -50.33
C VAL A 35 63.36 17.38 -49.24
N ILE A 36 62.06 17.25 -49.47
CA ILE A 36 61.17 16.51 -48.59
C ILE A 36 61.29 15.03 -48.96
N PRO A 37 61.52 14.14 -48.00
CA PRO A 37 61.52 12.71 -48.32
C PRO A 37 60.16 12.27 -48.83
N PRO A 38 60.12 11.33 -49.76
CA PRO A 38 58.85 10.87 -50.32
C PRO A 38 58.14 9.83 -49.48
N GLY A 39 57.33 10.26 -48.52
CA GLY A 39 56.61 9.34 -47.67
C GLY A 39 56.39 9.85 -46.25
N ILE A 40 56.99 10.98 -45.92
CA ILE A 40 56.78 11.62 -44.63
C ILE A 40 56.29 13.05 -44.89
N VAL A 41 55.67 13.62 -43.86
CA VAL A 41 55.08 14.96 -43.93
C VAL A 41 55.69 15.81 -42.81
N ILE A 42 56.17 16.99 -43.17
CA ILE A 42 56.71 17.95 -42.21
C ILE A 42 55.71 19.10 -42.10
N GLU A 43 55.31 19.42 -40.87
CA GLU A 43 54.30 20.45 -40.62
C GLU A 43 55.02 21.74 -40.23
N PHE A 44 55.28 22.58 -41.22
CA PHE A 44 55.88 23.88 -40.98
C PHE A 44 54.84 24.85 -40.43
N ASP A 45 55.30 25.76 -39.57
CA ASP A 45 54.39 26.67 -38.88
C ASP A 45 54.64 28.14 -39.19
N ASN A 46 55.57 28.45 -40.09
CA ASN A 46 55.84 29.84 -40.44
C ASN A 46 56.56 29.84 -41.78
N SER A 47 56.49 30.99 -42.47
CA SER A 47 57.26 31.17 -43.69
C SER A 47 58.76 31.08 -43.42
N ASN A 48 59.19 31.46 -42.22
CA ASN A 48 60.60 31.32 -41.85
C ASN A 48 61.02 29.86 -41.84
N ALA A 49 60.16 28.97 -41.33
CA ALA A 49 60.49 27.55 -41.29
C ALA A 49 60.61 26.97 -42.70
N VAL A 50 59.70 27.36 -43.61
CA VAL A 50 59.78 26.89 -44.99
C VAL A 50 61.01 27.45 -45.67
N MET A 51 61.37 28.70 -45.37
CA MET A 51 62.61 29.26 -45.93
C MET A 51 63.83 28.53 -45.40
N SER A 52 63.78 28.09 -44.13
CA SER A 52 64.90 27.39 -43.54
C SER A 52 65.06 26.01 -44.15
N TYR A 53 64.05 25.16 -43.99
CA TYR A 53 64.13 23.79 -44.51
C TYR A 53 64.21 23.80 -46.04
N PHE A 54 63.15 24.26 -46.69
CA PHE A 54 63.14 24.23 -48.14
C PHE A 54 64.01 25.35 -48.70
N GLY A 55 64.17 25.33 -50.03
CA GLY A 55 65.02 26.32 -50.67
C GLY A 55 64.48 27.73 -50.53
N ALA A 56 65.41 28.69 -50.42
CA ALA A 56 65.02 30.08 -50.28
C ALA A 56 64.38 30.62 -51.56
N GLN A 57 64.70 30.03 -52.71
CA GLN A 57 64.12 30.42 -53.98
C GLN A 57 63.09 29.44 -54.51
N SER A 58 62.88 28.31 -53.83
CA SER A 58 61.89 27.35 -54.28
C SER A 58 60.49 27.93 -54.14
N GLU A 59 59.58 27.47 -55.01
CA GLU A 59 58.19 27.88 -54.92
C GLU A 59 57.53 27.45 -53.62
N GLU A 60 58.12 26.48 -52.93
CA GLU A 60 57.59 26.05 -51.64
C GLU A 60 57.69 27.15 -50.60
N TYR A 61 58.71 28.00 -50.66
CA TYR A 61 58.76 29.17 -49.79
C TYR A 61 58.34 30.45 -50.49
N GLN A 62 58.64 30.59 -51.79
CA GLN A 62 58.27 31.83 -52.45
C GLN A 62 56.80 31.83 -52.86
N ARG A 63 56.40 30.89 -53.71
CA ARG A 63 55.01 30.80 -54.11
C ARG A 63 54.12 30.42 -52.93
N ALA A 64 54.29 29.19 -52.43
CA ALA A 64 53.65 28.82 -51.20
C ALA A 64 54.34 29.51 -50.04
N ALA A 65 53.78 29.36 -48.83
CA ALA A 65 54.28 29.94 -47.59
C ALA A 65 54.29 31.47 -47.59
N ALA A 66 53.93 32.11 -48.71
CA ALA A 66 53.54 33.51 -48.72
C ALA A 66 52.05 33.65 -48.46
N TYR A 67 51.36 32.54 -48.21
CA TYR A 67 49.98 32.58 -47.79
C TYR A 67 49.85 32.88 -46.30
N PHE A 68 50.97 32.80 -45.56
CA PHE A 68 51.00 33.21 -44.16
C PHE A 68 50.81 34.71 -44.00
N LYS A 69 50.91 35.47 -45.10
CA LYS A 69 50.70 36.90 -45.10
C LYS A 69 49.23 37.27 -45.18
N PHE A 70 48.35 36.29 -45.45
CA PHE A 70 46.94 36.58 -45.67
C PHE A 70 46.29 37.10 -44.40
N ILE A 71 45.64 38.25 -44.50
CA ILE A 71 44.88 38.84 -43.41
C ILE A 71 43.41 38.55 -43.69
N SER A 72 42.78 37.77 -42.81
CA SER A 72 41.39 37.38 -43.01
C SER A 72 40.47 38.57 -42.81
N LYS A 73 39.16 38.31 -42.89
CA LYS A 73 38.18 39.38 -42.77
C LYS A 73 38.27 40.04 -41.39
N SER A 74 38.35 39.24 -40.32
CA SER A 74 38.41 39.87 -39.01
C SER A 74 39.83 40.27 -38.61
N VAL A 75 40.65 39.32 -38.18
CA VAL A 75 42.03 39.63 -37.82
C VAL A 75 42.99 38.50 -38.20
N ASN A 76 42.44 37.32 -38.49
CA ASN A 76 43.23 36.09 -38.40
C ASN A 76 44.13 35.90 -39.61
N SER A 77 45.10 35.03 -39.45
CA SER A 77 46.02 34.61 -40.49
C SER A 77 46.29 33.11 -40.34
N PRO A 78 46.63 32.42 -41.42
CA PRO A 78 47.02 31.01 -41.28
C PRO A 78 48.30 30.88 -40.47
N SER A 79 48.43 29.74 -39.78
CA SER A 79 49.59 29.56 -38.91
C SER A 79 50.18 28.16 -38.98
N SER A 80 49.88 27.38 -40.03
CA SER A 80 50.45 26.05 -40.17
C SER A 80 50.28 25.59 -41.61
N ILE A 81 51.27 24.85 -42.11
CA ILE A 81 51.27 24.30 -43.45
C ILE A 81 51.88 22.90 -43.38
N SER A 82 51.60 22.10 -44.40
CA SER A 82 52.19 20.77 -44.51
C SER A 82 52.63 20.55 -45.95
N PHE A 83 53.60 19.65 -46.12
CA PHE A 83 54.16 19.37 -47.44
C PHE A 83 54.31 17.86 -47.62
N ALA A 84 54.30 17.44 -48.89
CA ALA A 84 54.57 16.05 -49.23
C ALA A 84 55.13 15.98 -50.64
N ARG A 85 55.52 14.79 -51.05
CA ARG A 85 56.18 14.56 -52.32
C ARG A 85 55.19 14.01 -53.34
N TRP A 86 55.36 14.42 -54.60
CA TRP A 86 54.47 13.96 -55.65
C TRP A 86 54.78 12.51 -55.98
N VAL A 87 56.05 12.10 -55.85
CA VAL A 87 56.63 10.85 -56.35
C VAL A 87 56.57 10.91 -57.88
N ASN A 88 57.41 11.78 -58.45
CA ASN A 88 57.41 12.03 -59.89
C ASN A 88 57.82 10.80 -60.70
N THR A 89 59.06 10.36 -60.53
CA THR A 89 59.59 9.27 -61.34
C THR A 89 59.48 7.96 -60.58
N ALA A 90 60.02 6.90 -61.19
CA ALA A 90 60.25 5.66 -60.46
C ALA A 90 61.26 5.93 -59.36
N ILE A 91 60.97 5.44 -58.16
CA ILE A 91 61.76 5.81 -56.99
C ILE A 91 63.05 4.99 -56.98
N ALA A 92 64.16 5.68 -56.90
CA ALA A 92 65.45 5.14 -56.50
C ALA A 92 65.58 5.26 -54.99
N PRO A 93 66.47 4.48 -54.35
CA PRO A 93 66.74 4.72 -52.94
C PRO A 93 67.24 6.14 -52.75
N MET A 94 66.75 6.81 -51.71
CA MET A 94 67.11 8.19 -51.43
C MET A 94 67.28 8.38 -49.93
N VAL A 95 68.05 7.48 -49.30
CA VAL A 95 68.12 7.39 -47.84
C VAL A 95 68.56 8.72 -47.26
N VAL A 96 67.68 9.33 -46.47
CA VAL A 96 67.82 10.70 -46.00
C VAL A 96 68.02 10.68 -44.50
N GLY A 97 68.92 11.52 -44.00
CA GLY A 97 69.22 11.49 -42.58
C GLY A 97 69.67 12.79 -41.95
N ASP A 98 69.22 13.00 -40.71
CA ASP A 98 69.78 13.99 -39.78
C ASP A 98 69.73 15.44 -40.26
N ASN A 99 68.52 16.03 -40.26
CA ASN A 99 68.31 17.46 -40.45
C ASN A 99 69.13 18.35 -39.49
N LEU A 100 69.74 17.74 -38.47
CA LEU A 100 70.56 18.48 -37.53
C LEU A 100 71.71 19.17 -38.26
N PRO A 101 72.07 20.39 -37.86
CA PRO A 101 73.17 21.12 -38.53
C PRO A 101 74.54 20.75 -37.97
N LYS A 102 74.94 19.49 -38.15
CA LYS A 102 76.28 19.06 -37.78
C LYS A 102 77.32 19.75 -38.66
N THR A 103 78.43 20.16 -38.04
CA THR A 103 79.46 20.93 -38.71
C THR A 103 80.74 20.11 -38.89
N ILE A 104 81.60 20.59 -39.79
CA ILE A 104 82.88 19.93 -40.04
C ILE A 104 83.83 20.01 -38.86
N ALA A 105 83.57 20.91 -37.90
CA ALA A 105 84.36 20.91 -36.68
C ALA A 105 84.14 19.63 -35.88
N ASP A 106 82.95 19.04 -35.96
CA ASP A 106 82.72 17.76 -35.31
C ASP A 106 83.46 16.64 -36.03
N PHE A 107 83.43 16.65 -37.38
CA PHE A 107 84.15 15.66 -38.17
C PHE A 107 85.56 16.10 -38.53
N ALA A 108 86.18 16.97 -37.73
CA ALA A 108 87.53 17.46 -38.03
C ALA A 108 88.62 16.49 -37.59
N GLY A 109 88.26 15.27 -37.20
CA GLY A 109 89.24 14.27 -36.83
C GLY A 109 88.88 12.89 -37.35
N PHE A 110 88.24 12.85 -38.53
CA PHE A 110 87.67 11.62 -39.07
C PHE A 110 88.51 11.06 -40.21
N SER A 111 89.83 11.12 -40.11
CA SER A 111 90.71 10.62 -41.17
C SER A 111 90.55 9.12 -41.34
N ALA A 112 90.51 8.69 -42.61
CA ALA A 112 90.31 7.29 -43.00
C ALA A 112 89.08 6.69 -42.32
N GLY A 113 87.96 7.39 -42.50
CA GLY A 113 86.75 7.03 -41.78
C GLY A 113 86.15 5.73 -42.25
N VAL A 114 85.44 5.07 -41.35
CA VAL A 114 84.79 3.80 -41.60
C VAL A 114 83.28 4.06 -41.62
N LEU A 115 82.70 4.09 -42.81
CA LEU A 115 81.26 4.29 -42.97
C LEU A 115 80.68 2.99 -43.54
N THR A 116 80.21 2.13 -42.65
CA THR A 116 79.67 0.85 -43.06
C THR A 116 78.21 0.99 -43.47
N ILE A 117 77.81 0.17 -44.44
CA ILE A 117 76.47 0.22 -45.02
C ILE A 117 75.84 -1.15 -44.86
N MET A 118 74.67 -1.20 -44.21
CA MET A 118 73.92 -2.43 -44.05
C MET A 118 72.81 -2.44 -45.10
N VAL A 119 73.01 -3.18 -46.18
CA VAL A 119 71.99 -3.35 -47.20
C VAL A 119 71.28 -4.70 -47.04
N GLY A 120 71.32 -5.27 -45.84
CA GLY A 120 70.74 -6.56 -45.60
C GLY A 120 71.69 -7.69 -45.92
N ALA A 121 71.54 -8.29 -47.11
CA ALA A 121 72.47 -9.32 -47.56
C ALA A 121 73.81 -8.73 -48.00
N ALA A 122 73.88 -7.41 -48.18
CA ALA A 122 75.08 -6.77 -48.70
C ALA A 122 75.70 -5.83 -47.67
N GLU A 123 75.81 -6.30 -46.43
CA GLU A 123 76.52 -5.56 -45.39
C GLU A 123 77.97 -5.36 -45.80
N LYS A 124 78.37 -4.10 -45.96
CA LYS A 124 79.67 -3.75 -46.55
C LYS A 124 80.60 -3.19 -45.48
N ASN A 125 81.86 -3.00 -45.90
CA ASN A 125 82.94 -2.54 -45.04
C ASN A 125 83.64 -1.35 -45.70
N ILE A 126 82.85 -0.36 -46.12
CA ILE A 126 83.41 0.82 -46.76
C ILE A 126 84.18 1.63 -45.74
N THR A 127 85.46 1.90 -46.04
CA THR A 127 86.35 2.63 -45.15
C THR A 127 87.11 3.67 -45.98
N ALA A 128 88.17 4.22 -45.39
CA ALA A 128 89.13 5.09 -46.06
C ALA A 128 88.51 6.40 -46.56
N ILE A 129 87.70 7.04 -45.71
CA ILE A 129 87.12 8.34 -46.01
C ILE A 129 87.81 9.35 -45.10
N ASP A 130 88.55 10.29 -45.70
CA ASP A 130 89.30 11.29 -44.94
C ASP A 130 88.45 12.53 -44.77
N THR A 131 88.00 12.79 -43.54
CA THR A 131 87.27 14.00 -43.21
C THR A 131 87.99 14.86 -42.17
N SER A 132 89.03 14.33 -41.53
CA SER A 132 89.87 15.16 -40.65
C SER A 132 90.46 16.34 -41.41
N ALA A 133 90.77 16.15 -42.70
CA ALA A 133 91.14 17.24 -43.60
C ALA A 133 90.27 17.10 -44.85
N ALA A 134 89.05 17.61 -44.77
CA ALA A 134 88.12 17.62 -45.89
C ALA A 134 87.86 19.07 -46.32
N THR A 135 86.96 19.25 -47.29
CA THR A 135 86.57 20.57 -47.77
C THR A 135 85.06 20.67 -47.69
N SER A 136 84.53 20.99 -46.50
CA SER A 136 83.09 21.12 -46.22
C SER A 136 82.33 19.81 -46.44
N MET A 137 81.11 19.75 -45.88
CA MET A 137 80.35 18.50 -45.89
C MET A 137 80.06 18.03 -47.32
N ASP A 138 79.80 18.96 -48.23
CA ASP A 138 79.40 18.60 -49.58
C ASP A 138 80.53 17.94 -50.36
N ASN A 139 81.78 18.16 -49.97
CA ASN A 139 82.89 17.38 -50.52
C ASN A 139 83.46 16.35 -49.55
N VAL A 140 82.94 16.26 -48.33
CA VAL A 140 83.02 14.98 -47.63
C VAL A 140 82.19 13.95 -48.38
N ALA A 141 81.06 14.41 -48.93
CA ALA A 141 80.15 13.56 -49.68
C ALA A 141 80.87 12.83 -50.82
N SER A 142 81.70 13.57 -51.59
CA SER A 142 82.48 12.97 -52.68
C SER A 142 83.38 11.82 -52.22
N ILE A 143 84.13 12.03 -51.13
CA ILE A 143 85.02 11.00 -50.62
C ILE A 143 84.22 9.79 -50.18
N ILE A 144 83.10 10.02 -49.48
CA ILE A 144 82.25 8.94 -49.03
C ILE A 144 81.75 8.12 -50.23
N GLN A 145 81.18 8.81 -51.23
CA GLN A 145 80.53 8.09 -52.33
C GLN A 145 81.56 7.32 -53.17
N THR A 146 82.76 7.88 -53.36
CA THR A 146 83.80 7.15 -54.07
C THR A 146 84.21 5.89 -53.31
N GLU A 147 84.32 6.00 -51.98
CA GLU A 147 84.66 4.81 -51.19
C GLU A 147 83.55 3.78 -51.21
N ILE A 148 82.28 4.20 -51.36
CA ILE A 148 81.24 3.22 -51.67
C ILE A 148 81.50 2.58 -53.03
N ARG A 149 81.85 3.40 -54.02
CA ARG A 149 81.98 2.93 -55.40
C ARG A 149 83.14 1.96 -55.58
N LYS A 150 84.09 1.91 -54.65
CA LYS A 150 85.10 0.86 -54.73
C LYS A 150 84.46 -0.52 -54.69
N ASN A 151 83.47 -0.73 -53.84
CA ASN A 151 82.72 -1.98 -53.86
C ASN A 151 81.86 -2.03 -55.12
N THR A 152 81.99 -3.12 -55.86
CA THR A 152 81.33 -3.28 -57.16
C THR A 152 79.92 -3.84 -57.06
N ASP A 153 79.24 -3.66 -55.92
CA ASP A 153 77.85 -4.06 -55.79
C ASP A 153 77.00 -3.25 -56.77
N PRO A 154 76.09 -3.88 -57.52
CA PRO A 154 75.26 -3.13 -58.46
C PRO A 154 74.45 -2.00 -57.82
N GLN A 155 73.93 -2.20 -56.61
CA GLN A 155 73.29 -1.10 -55.90
C GLN A 155 74.28 0.01 -55.59
N LEU A 156 75.42 -0.34 -55.00
CA LEU A 156 76.45 0.64 -54.66
C LEU A 156 77.51 0.74 -55.76
N ALA A 157 77.05 0.91 -57.00
CA ALA A 157 77.96 1.08 -58.12
C ALA A 157 78.35 2.52 -58.32
N GLN A 158 77.38 3.43 -58.27
CA GLN A 158 77.61 4.88 -58.26
C GLN A 158 76.75 5.44 -57.14
N ALA A 159 77.29 5.44 -55.92
CA ALA A 159 76.57 6.02 -54.79
C ALA A 159 76.57 7.54 -54.90
N THR A 160 75.62 8.16 -54.21
CA THR A 160 75.46 9.61 -54.26
C THR A 160 75.03 10.10 -52.88
N VAL A 161 75.97 10.68 -52.15
CA VAL A 161 75.70 11.36 -50.90
C VAL A 161 75.60 12.85 -51.18
N THR A 162 74.56 13.49 -50.64
CA THR A 162 74.34 14.91 -50.81
C THR A 162 74.29 15.59 -49.45
N TRP A 163 74.77 16.83 -49.41
CA TRP A 163 74.70 17.67 -48.21
C TRP A 163 73.92 18.93 -48.55
N ASN A 164 72.66 18.98 -48.13
CA ASN A 164 71.84 20.16 -48.37
C ASN A 164 71.96 21.08 -47.17
N GLN A 165 72.56 22.27 -47.38
CA GLN A 165 72.80 23.20 -46.28
C GLN A 165 71.52 23.82 -45.74
N ASN A 166 70.50 23.97 -46.58
CA ASN A 166 69.24 24.52 -46.10
C ASN A 166 68.62 23.62 -45.05
N THR A 167 68.59 22.31 -45.31
CA THR A 167 68.22 21.32 -44.32
C THR A 167 69.40 20.80 -43.52
N ASN A 168 70.63 21.05 -43.98
CA ASN A 168 71.84 20.44 -43.42
C ASN A 168 71.70 18.93 -43.32
N GLN A 169 71.35 18.30 -44.44
CA GLN A 169 71.03 16.89 -44.46
C GLN A 169 72.01 16.13 -45.33
N PHE A 170 72.43 14.96 -44.83
CA PHE A 170 73.23 13.99 -45.57
C PHE A 170 72.28 12.94 -46.12
N THR A 171 72.15 12.90 -47.44
CA THR A 171 71.20 12.01 -48.13
C THR A 171 71.98 11.06 -49.03
N LEU A 172 71.95 9.77 -48.70
CA LEU A 172 72.57 8.74 -49.52
C LEU A 172 71.53 8.20 -50.49
N VAL A 173 71.73 8.45 -51.78
CA VAL A 173 70.75 8.01 -52.77
C VAL A 173 71.13 6.63 -53.30
N GLY A 174 72.28 6.51 -53.97
CA GLY A 174 72.64 5.28 -54.62
C GLY A 174 72.37 5.31 -56.12
N ALA A 175 72.30 4.10 -56.70
CA ALA A 175 72.24 4.03 -58.17
C ALA A 175 71.10 3.20 -58.72
N THR A 176 70.76 2.07 -58.08
CA THR A 176 69.85 1.10 -58.69
C THR A 176 68.40 1.53 -58.49
N ILE A 177 67.74 1.93 -59.58
CA ILE A 177 66.33 2.28 -59.54
C ILE A 177 65.50 1.01 -59.47
N GLY A 178 64.22 1.15 -59.17
CA GLY A 178 63.32 0.00 -59.10
C GLY A 178 63.10 -0.61 -57.73
N THR A 179 64.18 -0.87 -57.00
CA THR A 179 64.09 -1.42 -55.65
C THR A 179 65.24 -0.88 -54.83
N GLY A 180 64.92 -0.12 -53.79
CA GLY A 180 65.93 0.60 -53.04
C GLY A 180 65.97 0.34 -51.56
N VAL A 181 65.78 -0.91 -51.13
CA VAL A 181 65.80 -1.24 -49.71
C VAL A 181 67.23 -1.15 -49.21
N LEU A 182 67.58 -0.02 -48.61
CA LEU A 182 68.92 0.25 -48.10
C LEU A 182 68.82 0.66 -46.63
N ALA A 183 69.98 0.78 -46.00
CA ALA A 183 70.13 1.27 -44.63
C ALA A 183 71.61 1.63 -44.45
N VAL A 184 72.00 1.94 -43.21
CA VAL A 184 73.38 2.28 -42.88
C VAL A 184 73.79 1.51 -41.63
N ALA A 185 74.98 0.93 -41.66
CA ALA A 185 75.52 0.16 -40.54
C ALA A 185 76.42 1.02 -39.66
N LYS A 186 76.49 0.66 -38.38
CA LYS A 186 77.22 1.42 -37.38
C LYS A 186 78.60 0.81 -37.12
N SER A 187 79.62 1.67 -37.13
CA SER A 187 81.00 1.29 -36.86
C SER A 187 81.42 1.82 -35.49
N ALA A 188 82.70 1.66 -35.14
CA ALA A 188 83.17 2.02 -33.80
C ALA A 188 84.58 2.63 -33.89
N ASP A 189 84.64 3.96 -34.04
CA ASP A 189 85.85 4.77 -34.00
C ASP A 189 85.47 6.25 -34.05
N PRO A 190 86.37 7.16 -33.64
CA PRO A 190 86.14 8.57 -33.98
C PRO A 190 86.08 8.81 -35.48
N GLN A 191 86.86 8.05 -36.26
CA GLN A 191 86.79 8.16 -37.71
C GLN A 191 85.44 7.70 -38.26
N ASP A 192 84.71 6.86 -37.52
CA ASP A 192 83.44 6.32 -38.01
C ASP A 192 82.42 7.45 -38.20
N MET A 193 81.61 7.33 -39.26
CA MET A 193 80.67 8.36 -39.65
C MET A 193 79.25 7.85 -39.81
N SER A 194 78.90 6.76 -39.13
CA SER A 194 77.54 6.23 -39.27
C SER A 194 76.54 7.11 -38.52
N THR A 195 76.69 7.21 -37.19
CA THR A 195 75.80 8.06 -36.42
C THR A 195 76.28 9.50 -36.38
N ALA A 196 77.54 9.76 -36.73
CA ALA A 196 78.01 11.13 -36.85
C ALA A 196 77.32 11.84 -38.01
N LEU A 197 77.12 11.12 -39.11
CA LEU A 197 76.27 11.62 -40.19
C LEU A 197 74.80 11.58 -39.84
N GLY A 198 74.45 10.98 -38.71
CA GLY A 198 73.07 10.81 -38.33
C GLY A 198 72.32 9.87 -39.25
N TRP A 199 72.99 8.84 -39.73
CA TRP A 199 72.39 7.85 -40.59
C TRP A 199 71.92 6.62 -39.83
N SER A 200 72.08 6.61 -38.50
CA SER A 200 71.64 5.48 -37.68
C SER A 200 70.96 5.91 -36.39
N THR A 201 70.60 7.19 -36.23
CA THR A 201 70.06 7.61 -34.94
C THR A 201 68.56 7.31 -34.83
N SER A 202 67.75 8.15 -35.46
CA SER A 202 66.38 7.82 -35.80
C SER A 202 65.92 8.54 -37.06
N ASN A 203 66.78 9.34 -37.70
CA ASN A 203 66.36 10.27 -38.73
C ASN A 203 66.48 9.70 -40.13
N VAL A 204 66.52 8.38 -40.26
CA VAL A 204 66.52 7.70 -41.54
C VAL A 204 65.32 6.74 -41.53
N VAL A 205 64.67 6.59 -42.68
CA VAL A 205 63.67 5.52 -42.70
C VAL A 205 64.15 4.35 -43.56
N ASN A 206 64.03 4.42 -44.88
CA ASN A 206 64.95 3.77 -45.82
C ASN A 206 64.92 4.54 -47.14
N VAL A 207 63.82 5.26 -47.35
CA VAL A 207 63.34 5.69 -48.67
C VAL A 207 63.48 4.54 -49.65
N ALA A 208 62.67 3.50 -49.48
CA ALA A 208 62.69 2.37 -50.39
C ALA A 208 62.22 2.77 -51.77
N GLY A 209 62.89 2.23 -52.80
CA GLY A 209 62.59 2.60 -54.16
C GLY A 209 61.50 1.73 -54.76
N GLN A 210 60.48 2.37 -55.32
CA GLN A 210 59.38 1.70 -56.01
C GLN A 210 59.22 2.39 -57.36
N ALA A 211 58.12 2.12 -58.04
CA ALA A 211 57.80 2.81 -59.28
C ALA A 211 56.98 4.06 -58.98
N ALA A 212 56.61 4.78 -60.03
CA ALA A 212 55.88 6.02 -59.87
C ALA A 212 54.40 5.75 -59.60
N ASP A 213 53.83 6.55 -58.70
CA ASP A 213 52.43 6.54 -58.33
C ASP A 213 51.85 7.95 -58.42
N LEU A 214 52.10 8.57 -59.57
CA LEU A 214 52.09 10.01 -59.81
C LEU A 214 50.84 10.72 -59.28
N PRO A 215 49.63 10.51 -59.84
CA PRO A 215 48.53 11.43 -59.52
C PRO A 215 47.91 11.27 -58.14
N ASP A 216 47.48 10.04 -57.82
CA ASP A 216 46.54 9.79 -56.74
C ASP A 216 47.17 9.14 -55.51
N ALA A 217 47.80 7.97 -55.70
CA ALA A 217 48.20 7.14 -54.57
C ALA A 217 49.21 7.84 -53.67
N ALA A 218 50.01 8.76 -54.23
CA ALA A 218 50.89 9.57 -53.40
C ALA A 218 50.10 10.40 -52.40
N VAL A 219 48.99 10.99 -52.86
CA VAL A 219 48.17 11.77 -51.95
C VAL A 219 47.54 10.86 -50.89
N ALA A 220 47.19 9.63 -51.28
CA ALA A 220 46.61 8.68 -50.33
C ALA A 220 47.62 8.33 -49.23
N LYS A 221 48.87 8.08 -49.62
CA LYS A 221 49.90 7.82 -48.63
C LYS A 221 50.14 9.04 -47.75
N SER A 222 50.14 10.23 -48.35
CA SER A 222 50.31 11.47 -47.58
C SER A 222 49.21 11.65 -46.55
N THR A 223 47.97 11.37 -46.93
CA THR A 223 46.86 11.41 -45.98
C THR A 223 47.04 10.36 -44.89
N ASN A 224 47.52 9.17 -45.27
CA ASN A 224 47.79 8.12 -44.29
C ASN A 224 48.86 8.54 -43.29
N VAL A 225 49.79 9.40 -43.71
CA VAL A 225 50.78 9.94 -42.78
C VAL A 225 50.13 10.82 -41.72
N SER A 226 49.21 11.69 -42.13
CA SER A 226 48.66 12.69 -41.22
C SER A 226 47.27 13.08 -41.68
N ASN A 227 46.27 12.87 -40.83
CA ASN A 227 44.91 13.31 -41.15
C ASN A 227 44.71 14.80 -40.88
N ASN A 228 45.69 15.46 -40.24
CA ASN A 228 45.62 16.89 -39.94
C ASN A 228 45.85 17.66 -41.24
N PHE A 229 44.76 18.17 -41.82
CA PHE A 229 44.79 18.94 -43.06
C PHE A 229 43.45 19.67 -43.19
N GLY A 230 43.38 20.54 -44.21
CA GLY A 230 42.08 20.89 -44.73
C GLY A 230 41.93 20.98 -46.24
N SER A 231 43.05 21.05 -46.97
CA SER A 231 43.02 21.25 -48.41
C SER A 231 44.44 21.08 -48.95
N PHE A 232 44.60 20.32 -50.03
CA PHE A 232 45.94 20.08 -50.59
C PHE A 232 46.08 20.79 -51.93
N LEU A 233 47.18 21.53 -52.08
CA LEU A 233 47.38 22.36 -53.26
C LEU A 233 47.77 21.52 -54.47
N PHE A 234 48.70 20.57 -54.28
CA PHE A 234 49.33 19.81 -55.38
C PHE A 234 50.02 20.76 -56.36
N ALA A 235 51.02 21.47 -55.86
CA ALA A 235 51.68 22.53 -56.61
C ALA A 235 52.66 21.96 -57.62
N GLY A 236 53.48 22.83 -58.21
CA GLY A 236 54.47 22.43 -59.18
C GLY A 236 54.03 22.70 -60.61
N ALA A 237 54.51 21.88 -61.54
CA ALA A 237 54.07 22.00 -62.92
C ALA A 237 52.60 21.61 -63.04
N PRO A 238 51.86 22.24 -63.95
CA PRO A 238 50.45 21.86 -64.16
C PRO A 238 50.31 20.39 -64.54
N LEU A 239 49.44 19.70 -63.83
CA LEU A 239 49.26 18.27 -64.02
C LEU A 239 48.52 18.00 -65.32
N ASP A 240 48.54 16.74 -65.74
CA ASP A 240 47.75 16.34 -66.90
C ASP A 240 46.27 16.32 -66.56
N ASN A 241 45.44 16.58 -67.58
CA ASN A 241 44.00 16.71 -67.33
C ASN A 241 43.39 15.39 -66.87
N ASP A 242 43.83 14.27 -67.45
CA ASP A 242 43.30 12.97 -67.04
C ASP A 242 43.71 12.62 -65.62
N GLN A 243 44.97 12.85 -65.27
CA GLN A 243 45.40 12.60 -63.89
C GLN A 243 44.75 13.58 -62.93
N ILE A 244 44.43 14.79 -63.40
CA ILE A 244 43.66 15.75 -62.61
C ILE A 244 42.26 15.20 -62.32
N LYS A 245 41.62 14.62 -63.34
CA LYS A 245 40.31 14.00 -63.16
C LYS A 245 40.39 12.85 -62.15
N ALA A 246 41.45 12.05 -62.24
CA ALA A 246 41.64 10.97 -61.28
C ALA A 246 41.81 11.52 -59.87
N VAL A 247 42.62 12.57 -59.71
CA VAL A 247 42.85 13.17 -58.40
C VAL A 247 41.54 13.67 -57.80
N SER A 248 40.74 14.36 -58.61
CA SER A 248 39.45 14.84 -58.13
C SER A 248 38.53 13.69 -57.75
N ALA A 249 38.49 12.64 -58.59
CA ALA A 249 37.55 11.54 -58.38
C ALA A 249 37.88 10.72 -57.15
N TRP A 250 39.17 10.51 -56.86
CA TRP A 250 39.58 9.74 -55.68
C TRP A 250 38.99 10.32 -54.40
N ASN A 251 39.19 11.61 -54.19
CA ASN A 251 38.71 12.21 -52.96
C ASN A 251 37.32 12.82 -53.12
N ALA A 252 36.71 12.67 -54.29
CA ALA A 252 35.26 12.68 -54.37
C ALA A 252 34.69 11.40 -53.77
N ALA A 253 35.34 10.27 -54.03
CA ALA A 253 34.97 9.03 -53.36
C ALA A 253 35.23 9.12 -51.86
N GLN A 254 36.32 9.79 -51.47
CA GLN A 254 36.50 10.08 -50.05
C GLN A 254 35.40 10.98 -49.50
N ASN A 255 34.86 11.89 -50.33
CA ASN A 255 33.76 12.79 -50.01
C ASN A 255 34.12 13.73 -48.86
N ASN A 256 34.42 13.16 -47.71
CA ASN A 256 34.71 13.89 -46.48
C ASN A 256 36.13 14.44 -46.50
N GLN A 257 36.40 15.32 -45.52
CA GLN A 257 37.75 15.67 -45.04
C GLN A 257 38.58 16.50 -46.01
N PHE A 258 38.13 16.71 -47.25
CA PHE A 258 38.95 17.40 -48.23
C PHE A 258 38.17 18.24 -49.22
N ILE A 259 38.69 19.45 -49.43
CA ILE A 259 38.47 20.25 -50.61
C ILE A 259 39.80 20.30 -51.35
N TYR A 260 39.76 20.05 -52.66
CA TYR A 260 40.98 19.97 -53.45
C TYR A 260 40.88 20.92 -54.63
N THR A 261 42.04 21.32 -55.16
CA THR A 261 42.13 22.43 -56.09
C THR A 261 42.74 22.01 -57.41
N VAL A 262 42.34 22.70 -58.47
CA VAL A 262 42.82 22.47 -59.84
C VAL A 262 43.26 23.79 -60.44
N ALA A 263 44.53 23.88 -60.83
CA ALA A 263 45.07 25.05 -61.48
C ALA A 263 45.07 24.85 -62.99
N THR A 264 44.26 25.63 -63.70
CA THR A 264 44.32 25.68 -65.15
C THR A 264 44.15 27.11 -65.64
N SER A 265 44.75 27.39 -66.79
CA SER A 265 44.61 28.68 -67.43
C SER A 265 43.28 28.75 -68.16
N LEU A 266 43.05 29.87 -68.84
CA LEU A 266 41.80 30.06 -69.56
C LEU A 266 41.75 29.17 -70.79
N ALA A 267 40.52 28.94 -71.28
CA ALA A 267 40.18 28.15 -72.46
C ALA A 267 40.39 26.65 -72.24
N ASN A 268 40.88 26.27 -71.07
CA ASN A 268 40.86 24.89 -70.61
C ASN A 268 39.61 24.60 -69.80
N LEU A 269 38.76 25.62 -69.59
CA LEU A 269 37.66 25.49 -68.64
C LEU A 269 36.58 24.56 -69.14
N GLY A 270 36.25 24.61 -70.44
CA GLY A 270 35.20 23.75 -70.96
C GLY A 270 35.54 22.28 -70.85
N THR A 271 36.74 21.91 -71.31
CA THR A 271 37.17 20.52 -71.26
C THR A 271 37.31 20.04 -69.82
N LEU A 272 37.96 20.85 -68.97
CA LEU A 272 38.15 20.46 -67.57
C LEU A 272 36.81 20.32 -66.88
N PHE A 273 35.88 21.25 -67.15
CA PHE A 273 34.55 21.16 -66.57
C PHE A 273 33.85 19.89 -67.02
N ASP A 274 33.95 19.55 -68.30
CA ASP A 274 33.31 18.32 -68.79
C ASP A 274 33.88 17.09 -68.08
N LEU A 275 35.20 17.07 -67.87
CA LEU A 275 35.78 15.90 -67.21
C LEU A 275 35.46 15.84 -65.72
N VAL A 276 35.34 16.98 -65.05
CA VAL A 276 35.34 17.03 -63.59
C VAL A 276 34.02 17.53 -63.01
N LYS A 277 33.03 17.89 -63.84
CA LYS A 277 31.72 18.28 -63.34
C LYS A 277 31.13 17.19 -62.46
N GLY A 278 30.59 17.59 -61.31
CA GLY A 278 30.24 16.63 -60.28
C GLY A 278 31.45 16.33 -59.43
N ASN A 279 31.61 15.07 -59.02
CA ASN A 279 32.77 14.60 -58.28
C ASN A 279 32.97 15.39 -56.99
N ALA A 280 31.91 15.47 -56.19
CA ALA A 280 31.90 16.14 -54.88
C ALA A 280 32.34 17.58 -55.09
N GLY A 281 33.30 18.11 -54.33
CA GLY A 281 33.67 19.49 -54.48
C GLY A 281 35.14 19.75 -54.77
N THR A 282 35.42 20.33 -55.93
CA THR A 282 36.76 20.70 -56.33
C THR A 282 36.79 22.16 -56.76
N GLY A 283 37.85 22.86 -56.38
CA GLY A 283 38.01 24.26 -56.70
C GLY A 283 38.78 24.47 -57.98
N LEU A 284 38.06 24.80 -59.05
CA LEU A 284 38.67 25.17 -60.32
C LEU A 284 38.78 26.68 -60.39
N HIS A 285 39.96 27.17 -60.74
CA HIS A 285 40.19 28.62 -60.80
C HIS A 285 40.89 28.97 -62.10
N VAL A 286 40.52 30.11 -62.65
CA VAL A 286 41.15 30.62 -63.87
C VAL A 286 42.50 31.21 -63.51
N LEU A 287 43.55 30.72 -64.15
CA LEU A 287 44.88 31.29 -63.98
C LEU A 287 45.11 32.39 -64.99
N SER A 288 45.74 33.47 -64.54
CA SER A 288 46.15 34.54 -65.44
C SER A 288 47.15 33.99 -66.45
N ALA A 289 46.78 34.04 -67.72
CA ALA A 289 47.66 33.52 -68.78
C ALA A 289 48.92 34.36 -68.95
N THR A 290 48.97 35.55 -68.36
CA THR A 290 50.16 36.39 -68.47
C THR A 290 51.29 35.88 -67.59
N ALA A 291 51.08 35.84 -66.28
CA ALA A 291 52.11 35.49 -65.33
C ALA A 291 51.55 34.52 -64.29
N ALA A 292 52.43 34.12 -63.36
CA ALA A 292 52.04 33.19 -62.30
C ALA A 292 52.54 33.67 -60.93
N ASN A 293 52.75 34.98 -60.76
CA ASN A 293 53.18 35.51 -59.47
C ASN A 293 52.10 35.39 -58.40
N ASP A 294 50.87 35.08 -58.78
CA ASP A 294 49.83 34.71 -57.84
C ASP A 294 49.73 33.18 -57.77
N PHE A 295 49.58 32.65 -56.56
CA PHE A 295 49.40 31.22 -56.40
C PHE A 295 47.93 30.82 -56.50
N VAL A 296 47.10 31.69 -57.06
CA VAL A 296 45.71 31.46 -57.48
C VAL A 296 44.93 30.56 -56.52
N GLU A 297 45.13 29.23 -56.60
CA GLU A 297 44.39 28.28 -55.78
C GLU A 297 44.60 28.50 -54.29
N GLN A 298 45.56 29.34 -53.90
CA GLN A 298 45.74 29.69 -52.50
C GLN A 298 44.59 30.48 -51.93
N CYS A 299 43.67 30.98 -52.77
CA CYS A 299 42.50 31.69 -52.25
C CYS A 299 41.63 30.80 -51.36
N PRO A 300 41.20 29.59 -51.77
CA PRO A 300 40.58 28.70 -50.79
C PRO A 300 41.51 28.29 -49.66
N SER A 301 42.80 28.12 -49.98
CA SER A 301 43.74 27.58 -48.99
C SER A 301 43.98 28.55 -47.85
N GLU A 302 43.84 29.85 -48.08
CA GLU A 302 44.14 30.83 -47.05
C GLU A 302 42.97 31.02 -46.08
N ILE A 303 41.78 31.34 -46.63
CA ILE A 303 40.61 31.60 -45.80
C ILE A 303 40.29 30.40 -44.91
N PHE A 304 40.42 29.20 -45.47
CA PHE A 304 40.15 27.96 -44.74
C PHE A 304 41.03 27.84 -43.51
N ALA A 305 42.25 28.36 -43.56
CA ALA A 305 43.16 28.29 -42.44
C ALA A 305 43.09 29.53 -41.56
N ALA A 306 42.01 30.31 -41.63
CA ALA A 306 41.88 31.50 -40.80
C ALA A 306 40.55 31.60 -40.08
N THR A 307 39.67 30.62 -40.24
CA THR A 307 38.32 30.70 -39.67
C THR A 307 38.34 30.54 -38.15
N ASN A 308 39.15 29.62 -37.64
CA ASN A 308 39.43 29.26 -36.25
C ASN A 308 38.32 28.43 -35.60
N TYR A 309 37.11 28.37 -36.18
CA TYR A 309 36.03 27.43 -35.87
C TYR A 309 35.85 27.15 -34.35
N ASP A 310 36.08 28.15 -33.52
CA ASP A 310 35.75 28.00 -32.10
C ASP A 310 35.08 29.21 -31.49
N GLU A 311 35.24 30.39 -32.06
CA GLU A 311 34.62 31.63 -31.63
C GLU A 311 33.48 31.98 -32.57
N PRO A 312 32.35 32.44 -32.04
CA PRO A 312 31.21 32.77 -32.91
C PRO A 312 31.56 33.82 -33.94
N GLY A 313 31.18 33.55 -35.19
CA GLY A 313 31.56 34.42 -36.28
C GLY A 313 32.30 33.71 -37.39
N ALA A 314 32.06 32.40 -37.53
CA ALA A 314 32.59 31.67 -38.67
C ALA A 314 31.73 31.93 -39.90
N SER A 315 32.09 31.27 -41.00
CA SER A 315 31.52 31.41 -42.34
C SER A 315 31.78 32.79 -42.93
N GLN A 316 32.19 32.84 -44.21
CA GLN A 316 32.54 34.11 -44.83
C GLN A 316 32.00 34.29 -46.25
N ASN A 317 31.18 33.36 -46.76
CA ASN A 317 30.59 33.36 -48.09
C ASN A 317 31.61 33.11 -49.20
N TYR A 318 32.89 33.24 -48.86
CA TYR A 318 34.02 32.86 -49.72
C TYR A 318 34.04 33.58 -51.07
N MET A 319 33.32 34.68 -51.22
CA MET A 319 33.22 35.31 -52.52
C MET A 319 33.76 36.74 -52.53
N TYR A 320 33.41 37.55 -51.54
CA TYR A 320 33.63 38.98 -51.61
C TYR A 320 34.95 39.41 -50.99
N TYR A 321 35.96 38.55 -51.02
CA TYR A 321 37.22 38.82 -50.34
C TYR A 321 38.06 39.82 -51.14
N GLN A 322 39.19 40.22 -50.57
CA GLN A 322 39.97 41.34 -51.09
C GLN A 322 41.45 40.96 -51.16
N PHE A 323 41.74 39.83 -51.77
CA PHE A 323 43.10 39.30 -51.89
C PHE A 323 44.06 40.29 -52.55
N PRO A 324 45.08 40.76 -51.84
CA PRO A 324 46.06 41.67 -52.44
C PRO A 324 47.25 40.90 -53.00
N GLY A 325 48.05 41.62 -53.78
CA GLY A 325 49.19 41.00 -54.44
C GLY A 325 48.81 39.92 -55.41
N ARG A 326 47.63 40.01 -56.01
CA ARG A 326 47.13 39.02 -56.94
C ARG A 326 46.77 39.71 -58.25
N ASN A 327 46.76 38.92 -59.32
CA ASN A 327 46.54 39.45 -60.66
C ASN A 327 45.10 39.24 -61.09
N ILE A 328 44.55 40.25 -61.78
CA ILE A 328 43.17 40.23 -62.24
C ILE A 328 43.10 39.30 -63.44
N THR A 329 42.63 38.07 -63.24
CA THR A 329 42.56 37.11 -64.33
C THR A 329 41.38 37.36 -65.26
N VAL A 330 40.36 38.09 -64.82
CA VAL A 330 39.19 38.37 -65.65
C VAL A 330 38.82 39.84 -65.47
N SER A 331 38.68 40.56 -66.58
CA SER A 331 38.39 41.97 -66.50
C SER A 331 37.32 42.42 -67.50
N ASP A 332 36.54 41.49 -68.05
CA ASP A 332 35.50 41.81 -69.01
C ASP A 332 34.23 41.08 -68.62
N ASP A 333 33.09 41.72 -68.89
CA ASP A 333 31.81 41.15 -68.48
C ASP A 333 31.52 39.84 -69.21
N THR A 334 31.71 39.83 -70.53
CA THR A 334 31.48 38.61 -71.31
C THR A 334 32.47 37.52 -70.91
N VAL A 335 33.72 37.90 -70.67
CA VAL A 335 34.72 36.93 -70.21
C VAL A 335 34.32 36.37 -68.85
N ALA A 336 33.84 37.23 -67.96
CA ALA A 336 33.41 36.79 -66.63
C ALA A 336 32.24 35.83 -66.71
N ASN A 337 31.28 36.09 -67.59
CA ASN A 337 30.12 35.21 -67.69
C ASN A 337 30.45 33.91 -68.40
N THR A 338 31.34 33.95 -69.39
CA THR A 338 31.74 32.72 -70.07
C THR A 338 32.60 31.85 -69.18
N VAL A 339 33.43 32.45 -68.33
CA VAL A 339 34.11 31.67 -67.30
C VAL A 339 33.09 31.00 -66.39
N ASP A 340 32.05 31.75 -66.01
CA ASP A 340 30.94 31.18 -65.28
C ASP A 340 30.15 30.24 -66.19
N LYS A 341 29.25 29.47 -65.56
CA LYS A 341 28.55 28.29 -66.08
C LYS A 341 29.52 27.11 -66.27
N SER A 342 30.82 27.33 -66.08
CA SER A 342 31.86 26.32 -66.07
C SER A 342 32.63 26.39 -64.76
N ARG A 343 31.93 26.76 -63.68
CA ARG A 343 32.51 27.10 -62.39
C ARG A 343 33.62 28.13 -62.58
N GLY A 344 34.71 27.99 -61.85
CA GLY A 344 35.83 28.89 -62.09
C GLY A 344 35.75 30.16 -61.28
N ASN A 345 36.74 30.37 -60.43
CA ASN A 345 36.81 31.54 -59.56
C ASN A 345 37.87 32.48 -60.13
N TYR A 346 37.43 33.61 -60.65
CA TYR A 346 38.23 34.36 -61.60
C TYR A 346 38.92 35.58 -61.02
N ILE A 347 38.76 35.84 -59.71
CA ILE A 347 39.31 36.97 -58.96
C ILE A 347 39.30 38.25 -59.81
N GLY A 348 38.10 38.65 -60.25
CA GLY A 348 37.94 39.67 -61.27
C GLY A 348 38.23 41.09 -60.86
N VAL A 349 37.44 42.04 -61.40
CA VAL A 349 37.57 43.45 -61.07
C VAL A 349 36.27 44.14 -61.46
N THR A 350 36.02 45.30 -60.88
CA THR A 350 34.87 46.12 -61.23
C THR A 350 35.23 47.58 -60.95
N GLN A 351 34.21 48.44 -60.87
CA GLN A 351 34.41 49.82 -60.48
C GLN A 351 33.12 50.32 -59.87
N ALA A 352 33.24 51.25 -58.92
CA ALA A 352 32.06 51.77 -58.21
C ALA A 352 32.35 53.20 -57.78
N ASN A 353 31.82 54.17 -58.53
CA ASN A 353 32.02 55.60 -58.27
C ASN A 353 33.50 55.93 -58.11
N GLY A 354 34.29 55.51 -59.08
CA GLY A 354 35.72 55.52 -58.93
C GLY A 354 36.22 54.21 -58.37
N GLN A 355 37.51 54.21 -58.00
CA GLN A 355 38.21 53.07 -57.43
C GLN A 355 38.21 51.85 -58.37
N GLN A 356 38.72 50.72 -57.90
CA GLN A 356 38.73 49.53 -58.74
C GLN A 356 38.33 48.24 -58.03
N LEU A 357 38.29 48.19 -56.70
CA LEU A 357 37.91 47.00 -55.92
C LEU A 357 38.85 45.85 -56.28
N ALA A 358 38.37 44.60 -56.16
CA ALA A 358 39.16 43.41 -56.45
C ALA A 358 38.27 42.20 -56.60
N PHE A 359 37.92 41.57 -55.46
CA PHE A 359 36.95 40.48 -55.31
C PHE A 359 37.55 39.12 -55.65
N TYR A 360 36.98 38.07 -55.06
CA TYR A 360 37.33 36.69 -55.36
C TYR A 360 36.04 36.04 -55.85
N GLN A 361 35.42 36.68 -56.83
CA GLN A 361 34.06 36.39 -57.31
C GLN A 361 33.78 34.90 -57.47
N ARG A 362 32.63 34.48 -56.95
CA ARG A 362 32.04 33.15 -57.05
C ARG A 362 32.76 32.15 -56.16
N GLY A 363 31.99 31.33 -55.45
CA GLY A 363 32.55 30.31 -54.59
C GLY A 363 31.87 28.96 -54.77
N ILE A 364 31.29 28.75 -55.95
CA ILE A 364 30.72 27.44 -56.29
C ILE A 364 31.86 26.48 -56.55
N LEU A 365 31.70 25.23 -56.11
CA LEU A 365 32.90 24.39 -56.17
C LEU A 365 32.95 23.60 -57.47
N CYS A 366 32.27 22.45 -57.57
CA CYS A 366 31.60 22.00 -58.78
C CYS A 366 30.23 21.43 -58.46
N GLY A 367 30.23 20.39 -57.63
CA GLY A 367 29.05 19.65 -57.19
C GLY A 367 27.98 19.42 -58.24
N GLY A 368 26.73 19.66 -57.84
CA GLY A 368 25.63 19.81 -58.76
C GLY A 368 24.42 18.93 -58.54
N PRO A 369 24.60 17.60 -58.35
CA PRO A 369 23.43 16.78 -58.00
C PRO A 369 22.88 17.03 -56.61
N THR A 370 23.71 16.82 -55.59
CA THR A 370 23.28 16.96 -54.21
C THR A 370 24.34 17.54 -53.29
N ASP A 371 25.55 17.82 -53.79
CA ASP A 371 26.69 18.13 -52.94
C ASP A 371 26.54 19.53 -52.34
N ALA A 372 27.56 19.95 -51.59
CA ALA A 372 27.49 21.24 -50.92
C ALA A 372 27.56 22.41 -51.89
N VAL A 373 28.21 22.20 -53.04
CA VAL A 373 28.32 23.12 -54.19
C VAL A 373 28.68 24.55 -53.79
N ASP A 374 29.36 24.71 -52.66
CA ASP A 374 29.68 26.04 -52.15
C ASP A 374 30.81 25.90 -51.15
N MET A 375 31.90 26.66 -51.35
CA MET A 375 33.08 26.51 -50.50
C MET A 375 32.78 26.81 -49.05
N ASN A 376 31.90 27.78 -48.78
CA ASN A 376 31.52 28.06 -47.40
C ASN A 376 30.85 26.84 -46.77
N VAL A 377 29.85 26.30 -47.47
CA VAL A 377 29.07 25.19 -46.94
C VAL A 377 29.92 23.92 -46.86
N TYR A 378 30.69 23.64 -47.92
CA TYR A 378 31.55 22.46 -47.91
C TYR A 378 32.64 22.60 -46.85
N ALA A 379 33.12 23.82 -46.64
CA ALA A 379 34.11 24.09 -45.61
C ALA A 379 33.57 23.74 -44.23
N ASN A 380 32.33 24.17 -43.96
CA ASN A 380 31.70 23.86 -42.69
C ASN A 380 31.48 22.35 -42.53
N GLU A 381 31.11 21.67 -43.62
CA GLU A 381 30.99 20.21 -43.53
C GLU A 381 32.32 19.57 -43.20
N ILE A 382 33.41 20.06 -43.81
CA ILE A 382 34.75 19.52 -43.55
C ILE A 382 35.08 19.63 -42.06
N TRP A 383 34.88 20.82 -41.49
CA TRP A 383 35.27 20.96 -40.09
C TRP A 383 34.29 20.31 -39.15
N LEU A 384 33.04 20.08 -39.55
CA LEU A 384 32.14 19.28 -38.74
C LEU A 384 32.60 17.84 -38.67
N LYS A 385 32.98 17.25 -39.81
CA LYS A 385 33.50 15.89 -39.79
C LYS A 385 34.79 15.81 -39.00
N SER A 386 35.65 16.83 -39.14
CA SER A 386 36.89 16.88 -38.37
C SER A 386 36.63 16.86 -36.87
N ALA A 387 35.79 17.78 -36.40
CA ALA A 387 35.53 17.90 -34.97
C ALA A 387 34.83 16.66 -34.42
N ILE A 388 33.87 16.12 -35.17
CA ILE A 388 33.13 14.94 -34.70
C ILE A 388 34.05 13.73 -34.62
N ALA A 389 34.89 13.53 -35.65
CA ALA A 389 35.84 12.42 -35.62
C ALA A 389 36.83 12.57 -34.48
N GLN A 390 37.29 13.79 -34.23
CA GLN A 390 38.20 14.02 -33.11
C GLN A 390 37.53 13.72 -31.77
N ALA A 391 36.27 14.14 -31.60
CA ALA A 391 35.55 13.87 -30.36
C ALA A 391 35.37 12.37 -30.15
N LEU A 392 35.02 11.64 -31.21
CA LEU A 392 34.87 10.20 -31.08
C LEU A 392 36.21 9.52 -30.79
N LEU A 393 37.29 10.01 -31.42
CA LEU A 393 38.62 9.46 -31.16
C LEU A 393 39.02 9.65 -29.70
N ASP A 394 38.75 10.83 -29.15
CA ASP A 394 39.03 11.07 -27.73
C ASP A 394 38.15 10.22 -26.83
N LEU A 395 36.87 10.07 -27.20
CA LEU A 395 35.97 9.18 -26.46
C LEU A 395 36.54 7.77 -26.39
N PHE A 396 37.05 7.27 -27.51
CA PHE A 396 37.49 5.89 -27.56
C PHE A 396 38.86 5.70 -26.94
N LEU A 397 39.73 6.71 -27.03
CA LEU A 397 41.00 6.65 -26.32
C LEU A 397 40.80 6.70 -24.82
N ASN A 398 39.81 7.47 -24.35
CA ASN A 398 39.48 7.54 -22.93
C ASN A 398 39.03 6.18 -22.42
N VAL A 399 37.90 5.68 -22.91
CA VAL A 399 37.44 4.34 -22.63
C VAL A 399 37.22 3.63 -23.96
N ASN A 400 37.79 2.45 -24.10
CA ASN A 400 37.68 1.73 -25.36
C ASN A 400 36.37 0.96 -25.40
N ALA A 401 35.69 1.04 -26.55
CA ALA A 401 34.43 0.35 -26.86
C ALA A 401 33.24 0.93 -26.10
N VAL A 402 32.08 0.98 -26.75
CA VAL A 402 30.86 1.50 -26.15
C VAL A 402 29.83 0.38 -26.17
N PRO A 403 29.10 0.14 -25.08
CA PRO A 403 28.13 -0.97 -25.05
C PRO A 403 27.06 -0.78 -26.10
N ALA A 404 27.04 -1.59 -27.15
CA ALA A 404 26.30 -1.19 -28.34
C ALA A 404 24.82 -1.56 -28.22
N SER A 405 24.20 -1.22 -27.09
CA SER A 405 22.79 -1.54 -26.93
C SER A 405 21.86 -0.33 -26.96
N SER A 406 21.92 0.44 -25.89
CA SER A 406 21.23 1.73 -25.79
C SER A 406 22.03 2.76 -25.01
N THR A 407 23.01 2.34 -24.24
CA THR A 407 23.89 3.27 -23.53
C THR A 407 25.06 3.67 -24.39
N GLY A 408 25.54 2.79 -25.26
CA GLY A 408 26.56 3.18 -26.22
C GLY A 408 26.13 4.35 -27.06
N GLU A 409 24.88 4.34 -27.52
CA GLU A 409 24.34 5.52 -28.18
C GLU A 409 24.37 6.73 -27.25
N ALA A 410 24.20 6.50 -25.94
CA ALA A 410 24.24 7.62 -25.00
C ALA A 410 25.63 8.25 -24.92
N MET A 411 26.69 7.44 -24.74
CA MET A 411 28.01 8.06 -24.72
C MET A 411 28.36 8.67 -26.06
N VAL A 412 28.04 8.01 -27.17
CA VAL A 412 28.36 8.54 -28.49
C VAL A 412 27.69 9.89 -28.69
N LEU A 413 26.39 9.98 -28.40
CA LEU A 413 25.66 11.23 -28.60
C LEU A 413 26.14 12.30 -27.65
N ALA A 414 26.43 11.94 -26.40
CA ALA A 414 26.82 12.92 -25.40
C ALA A 414 28.20 13.50 -25.69
N VAL A 415 29.10 12.70 -26.27
CA VAL A 415 30.38 13.25 -26.69
C VAL A 415 30.23 14.08 -27.96
N LEU A 416 29.40 13.63 -28.90
CA LEU A 416 29.22 14.39 -30.15
C LEU A 416 28.56 15.74 -29.92
N GLN A 417 27.70 15.85 -28.91
CA GLN A 417 26.82 17.00 -28.82
C GLN A 417 27.50 18.33 -28.50
N PRO A 418 28.56 18.41 -27.68
CA PRO A 418 29.30 19.68 -27.60
C PRO A 418 29.82 20.19 -28.93
N VAL A 419 30.21 19.29 -29.83
CA VAL A 419 30.58 19.71 -31.18
C VAL A 419 29.39 20.38 -31.87
N LEU A 420 28.19 19.82 -31.70
CA LEU A 420 27.01 20.43 -32.27
C LEU A 420 26.68 21.77 -31.63
N ASP A 421 26.95 21.91 -30.33
CA ASP A 421 26.77 23.21 -29.68
C ASP A 421 27.73 24.25 -30.25
N LYS A 422 28.98 23.85 -30.49
CA LYS A 422 29.94 24.72 -31.16
C LYS A 422 29.45 25.09 -32.56
N ALA A 423 28.90 24.12 -33.28
CA ALA A 423 28.40 24.37 -34.63
C ALA A 423 27.24 25.36 -34.62
N THR A 424 26.31 25.19 -33.69
CA THR A 424 25.20 26.13 -33.58
C THR A 424 25.70 27.52 -33.21
N ALA A 425 26.57 27.61 -32.21
CA ALA A 425 27.16 28.90 -31.84
C ALA A 425 28.49 29.12 -32.56
N ASN A 426 28.48 28.84 -33.87
CA ASN A 426 29.56 29.21 -34.77
C ASN A 426 29.09 29.83 -36.07
N GLY A 427 27.82 29.69 -36.43
CA GLY A 427 27.31 30.16 -37.69
C GLY A 427 27.17 29.07 -38.74
N THR A 428 27.66 27.87 -38.47
CA THR A 428 27.57 26.80 -39.46
C THR A 428 26.12 26.32 -39.61
N PHE A 429 25.43 26.10 -38.51
CA PHE A 429 24.03 25.70 -38.54
C PHE A 429 23.17 26.96 -38.70
N THR A 430 21.85 26.78 -38.63
CA THR A 430 20.92 27.88 -38.79
C THR A 430 19.68 27.62 -37.95
N TYR A 431 19.27 28.63 -37.18
CA TYR A 431 18.13 28.48 -36.28
C TYR A 431 16.85 28.19 -37.05
N GLY A 432 16.63 28.88 -38.16
CA GLY A 432 15.33 28.87 -38.79
C GLY A 432 15.15 27.76 -39.80
N LYS A 433 14.98 28.14 -41.07
CA LYS A 433 14.76 27.31 -42.26
C LYS A 433 13.31 26.85 -42.36
N GLU A 434 12.88 26.59 -43.59
CA GLU A 434 11.48 26.35 -43.95
C GLU A 434 11.41 25.08 -44.80
N ILE A 435 11.87 23.98 -44.18
CA ILE A 435 11.85 22.65 -44.79
C ILE A 435 10.49 22.39 -45.43
N SER A 436 10.50 22.17 -46.74
CA SER A 436 9.31 22.10 -47.56
C SER A 436 9.11 20.66 -48.01
N ALA A 437 8.13 20.46 -48.89
CA ALA A 437 7.61 19.13 -49.22
C ALA A 437 8.72 18.16 -49.63
N VAL A 438 9.58 18.57 -50.56
CA VAL A 438 10.66 17.69 -51.00
C VAL A 438 11.61 17.40 -49.85
N GLN A 439 12.03 18.45 -49.14
CA GLN A 439 12.92 18.26 -48.00
C GLN A 439 12.23 17.52 -46.87
N GLN A 440 10.94 17.77 -46.66
CA GLN A 440 10.17 17.04 -45.66
C GLN A 440 10.19 15.53 -45.94
N GLN A 441 9.83 15.16 -47.17
CA GLN A 441 9.84 13.74 -47.54
C GLN A 441 11.22 13.14 -47.42
N TYR A 442 12.26 13.88 -47.85
CA TYR A 442 13.61 13.35 -47.80
C TYR A 442 14.05 13.08 -46.37
N ILE A 443 13.86 14.07 -45.48
CA ILE A 443 14.22 13.90 -44.08
C ILE A 443 13.44 12.76 -43.45
N THR A 444 12.15 12.64 -43.80
CA THR A 444 11.35 11.55 -43.26
C THR A 444 11.88 10.19 -43.69
N GLN A 445 12.31 10.06 -44.95
CA GLN A 445 12.64 8.72 -45.42
C GLN A 445 14.10 8.34 -45.24
N VAL A 446 15.00 9.28 -44.89
CA VAL A 446 16.41 8.88 -44.78
C VAL A 446 16.58 7.91 -43.61
N THR A 447 16.41 8.39 -42.39
CA THR A 447 16.26 7.54 -41.22
C THR A 447 15.26 8.09 -40.21
N GLY A 448 15.05 9.40 -40.19
CA GLY A 448 14.34 10.02 -39.10
C GLY A 448 12.87 9.67 -39.08
N ASP A 449 12.28 9.83 -37.90
CA ASP A 449 10.86 9.63 -37.72
C ASP A 449 10.06 10.65 -38.52
N ARG A 450 8.73 10.44 -38.54
CA ARG A 450 7.83 11.33 -39.26
C ARG A 450 7.96 12.77 -38.78
N ARG A 451 8.27 12.97 -37.50
CA ARG A 451 8.27 14.30 -36.90
C ARG A 451 9.69 14.79 -36.62
N ALA A 452 10.64 14.39 -37.45
CA ALA A 452 12.00 14.87 -37.33
C ALA A 452 12.24 16.11 -38.16
N TRP A 453 11.54 16.22 -39.29
CA TRP A 453 11.64 17.41 -40.12
C TRP A 453 11.24 18.67 -39.38
N ARG A 454 10.40 18.53 -38.35
CA ARG A 454 10.06 19.68 -37.51
C ARG A 454 11.28 20.22 -36.80
N GLN A 455 12.11 19.33 -36.25
CA GLN A 455 13.22 19.77 -35.41
C GLN A 455 14.24 20.56 -36.22
N VAL A 456 14.60 20.05 -37.40
CA VAL A 456 15.46 20.77 -38.32
C VAL A 456 14.82 22.12 -38.70
N GLN A 457 13.49 22.18 -38.72
CA GLN A 457 12.83 23.43 -39.05
C GLN A 457 12.94 24.46 -37.95
N THR A 458 13.20 24.04 -36.70
CA THR A 458 13.23 24.99 -35.60
C THR A 458 14.55 25.05 -34.86
N LEU A 459 15.34 23.99 -34.86
CA LEU A 459 16.59 23.94 -34.11
C LEU A 459 17.81 23.96 -35.01
N GLY A 460 17.82 23.12 -36.04
CA GLY A 460 18.90 23.16 -37.00
C GLY A 460 19.47 21.79 -37.31
N TYR A 461 19.17 20.79 -36.49
CA TYR A 461 19.74 19.48 -36.75
C TYR A 461 18.95 18.39 -36.06
N TRP A 462 19.22 17.16 -36.49
CA TRP A 462 18.63 15.96 -35.92
C TRP A 462 19.70 14.88 -35.97
N ILE A 463 20.22 14.50 -34.82
CA ILE A 463 21.33 13.55 -34.73
C ILE A 463 20.84 12.31 -34.01
N ASN A 464 21.12 11.14 -34.57
CA ASN A 464 20.72 9.90 -33.91
C ASN A 464 21.74 8.85 -34.31
N ILE A 465 22.11 8.01 -33.36
CA ILE A 465 23.04 6.91 -33.60
C ILE A 465 22.30 5.58 -33.46
N THR A 466 22.52 4.70 -34.43
CA THR A 466 22.17 3.30 -34.33
C THR A 466 23.45 2.47 -34.35
N PHE A 467 23.30 1.16 -34.25
CA PHE A 467 24.45 0.27 -34.29
C PHE A 467 24.22 -0.80 -35.34
N SER A 468 25.28 -1.12 -36.08
CA SER A 468 25.18 -2.09 -37.18
C SER A 468 26.25 -3.15 -37.01
N SER A 469 25.87 -4.38 -37.34
CA SER A 469 26.80 -5.51 -37.29
C SER A 469 27.40 -5.74 -38.67
N TYR A 470 28.73 -5.82 -38.72
CA TYR A 470 29.46 -5.99 -39.96
C TYR A 470 30.59 -6.98 -39.74
N THR A 471 31.12 -7.50 -40.85
CA THR A 471 32.24 -8.42 -40.83
C THR A 471 33.39 -7.81 -41.62
N ASN A 472 34.60 -7.99 -41.13
CA ASN A 472 35.78 -7.38 -41.72
C ASN A 472 36.51 -8.39 -42.60
N ASN A 473 37.69 -8.01 -43.08
CA ASN A 473 38.44 -8.84 -44.01
C ASN A 473 38.86 -10.17 -43.38
N ASN A 474 39.36 -10.12 -42.15
CA ASN A 474 39.83 -11.33 -41.47
C ASN A 474 39.06 -11.66 -40.21
N THR A 475 38.36 -10.70 -39.61
CA THR A 475 37.70 -10.91 -38.33
C THR A 475 36.49 -11.82 -38.52
N GLY A 476 36.61 -13.08 -38.08
CA GLY A 476 35.48 -13.98 -38.13
C GLY A 476 34.36 -13.55 -37.20
N LEU A 477 34.72 -13.00 -36.04
CA LEU A 477 33.72 -12.47 -35.12
C LEU A 477 33.01 -11.28 -35.75
N ILE A 478 31.68 -11.31 -35.70
CA ILE A 478 30.88 -10.24 -36.28
C ILE A 478 31.03 -9.01 -35.38
N GLU A 479 31.73 -7.99 -35.89
CA GLU A 479 31.96 -6.79 -35.11
C GLU A 479 30.77 -5.84 -35.23
N TRP A 480 30.68 -4.90 -34.30
CA TRP A 480 29.60 -3.93 -34.27
C TRP A 480 30.19 -2.54 -34.38
N LYS A 481 29.41 -1.63 -34.97
CA LYS A 481 29.93 -0.29 -35.24
C LYS A 481 28.82 0.73 -35.13
N ALA A 482 29.20 1.95 -34.77
CA ALA A 482 28.27 3.05 -34.57
C ALA A 482 27.85 3.63 -35.91
N ASN A 483 26.69 4.30 -35.91
CA ASN A 483 26.20 4.97 -37.11
C ASN A 483 25.44 6.21 -36.64
N TYR A 484 26.08 7.37 -36.71
CA TYR A 484 25.43 8.63 -36.41
C TYR A 484 24.99 9.32 -37.69
N THR A 485 23.72 9.70 -37.74
CA THR A 485 23.18 10.50 -38.83
C THR A 485 22.78 11.85 -38.27
N LEU A 486 23.30 12.91 -38.89
CA LEU A 486 23.12 14.29 -38.44
C LEU A 486 22.68 15.13 -39.63
N ILE A 487 21.61 15.90 -39.45
CA ILE A 487 20.95 16.60 -40.56
C ILE A 487 21.41 18.06 -40.51
N TYR A 488 22.37 18.39 -41.36
CA TYR A 488 22.82 19.77 -41.53
C TYR A 488 21.69 20.64 -42.06
N SER A 489 21.61 21.88 -41.56
CA SER A 489 20.60 22.84 -41.95
C SER A 489 21.06 23.83 -43.02
N LYS A 490 22.28 23.70 -43.54
CA LYS A 490 22.83 24.59 -44.58
C LYS A 490 22.88 26.01 -44.04
N GLY A 491 22.40 27.01 -44.80
CA GLY A 491 22.42 28.39 -44.40
C GLY A 491 22.78 29.27 -45.58
N ASP A 492 21.94 30.25 -45.88
CA ASP A 492 22.11 31.08 -47.06
C ASP A 492 22.86 32.36 -46.70
N ALA A 493 23.34 33.04 -47.73
CA ALA A 493 24.04 34.31 -47.54
C ALA A 493 23.96 35.09 -48.85
N ILE A 494 23.39 36.29 -48.79
CA ILE A 494 23.07 37.04 -49.99
C ILE A 494 24.35 37.50 -50.70
N ARG A 495 24.29 37.53 -52.02
CA ARG A 495 25.41 37.95 -52.85
C ARG A 495 25.00 38.93 -53.94
N PHE A 496 23.73 39.29 -54.02
CA PHE A 496 23.22 40.20 -55.03
C PHE A 496 22.12 41.05 -54.43
N VAL A 497 22.11 42.34 -54.76
CA VAL A 497 21.10 43.27 -54.27
C VAL A 497 20.45 43.96 -55.45
N GLU A 498 19.12 44.05 -55.43
CA GLU A 498 18.36 44.64 -56.52
C GLU A 498 17.48 45.76 -55.99
N GLY A 499 17.67 46.97 -56.50
CA GLY A 499 16.94 48.12 -56.02
C GLY A 499 15.98 48.68 -57.04
N SER A 500 14.95 49.38 -56.57
CA SER A 500 13.86 49.87 -57.42
C SER A 500 13.51 51.32 -57.08
N ASP A 501 14.53 52.18 -57.05
CA ASP A 501 14.35 53.60 -56.73
C ASP A 501 13.27 54.23 -57.58
N VAL A 502 12.22 54.76 -56.92
CA VAL A 502 11.07 55.29 -57.61
C VAL A 502 10.99 56.79 -57.36
N MET A 503 10.23 57.47 -58.23
CA MET A 503 9.98 58.91 -58.19
C MET A 503 11.24 59.75 -58.30
N ILE A 504 12.35 59.17 -58.73
CA ILE A 504 13.64 59.84 -58.92
C ILE A 504 14.10 60.60 -57.67
N MET B 1 -25.46 -62.17 -9.92
CA MET B 1 -24.60 -61.68 -8.86
C MET B 1 -25.26 -60.54 -8.10
N ILE B 2 -24.97 -60.44 -6.80
CA ILE B 2 -25.68 -59.46 -5.96
C ILE B 2 -25.44 -58.00 -6.36
N PRO B 3 -24.22 -57.52 -6.67
CA PRO B 3 -24.13 -56.13 -7.15
C PRO B 3 -24.75 -55.95 -8.52
N GLY B 4 -24.96 -57.03 -9.27
CA GLY B 4 -25.83 -57.00 -10.43
C GLY B 4 -27.28 -57.09 -9.99
N ALA B 5 -28.10 -57.81 -10.77
CA ALA B 5 -29.52 -57.99 -10.51
C ALA B 5 -30.21 -56.65 -10.24
N ASN B 6 -31.11 -56.61 -9.27
CA ASN B 6 -31.71 -55.34 -8.83
C ASN B 6 -32.17 -55.52 -7.39
N LEU B 7 -31.38 -55.03 -6.44
CA LEU B 7 -31.72 -55.20 -5.03
C LEU B 7 -32.97 -54.42 -4.66
N LEU B 8 -33.14 -53.21 -5.19
CA LEU B 8 -34.32 -52.42 -4.86
C LEU B 8 -35.58 -53.04 -5.44
N ARG B 9 -35.47 -53.70 -6.60
CA ARG B 9 -36.64 -54.36 -7.18
C ARG B 9 -37.17 -55.46 -6.27
N MET B 10 -36.28 -56.27 -5.71
CA MET B 10 -36.74 -57.31 -4.79
C MET B 10 -37.13 -56.72 -3.44
N ALA B 11 -36.45 -55.65 -3.01
CA ALA B 11 -36.83 -54.98 -1.76
C ALA B 11 -38.22 -54.40 -1.84
N PHE B 12 -38.66 -53.99 -3.04
CA PHE B 12 -40.02 -53.53 -3.24
C PHE B 12 -41.04 -54.64 -3.09
N GLY B 13 -40.60 -55.90 -3.10
CA GLY B 13 -41.54 -57.01 -2.94
C GLY B 13 -42.18 -57.04 -1.56
N VAL B 14 -41.42 -56.66 -0.54
CA VAL B 14 -41.91 -56.73 0.84
C VAL B 14 -42.40 -55.37 1.34
N ILE B 15 -41.62 -54.31 1.13
CA ILE B 15 -42.02 -53.01 1.62
C ILE B 15 -42.93 -52.33 0.60
N GLY B 16 -43.67 -51.33 1.08
CA GLY B 16 -44.56 -50.58 0.24
C GLY B 16 -43.84 -49.61 -0.66
N THR B 17 -44.60 -49.04 -1.59
CA THR B 17 -44.02 -48.20 -2.63
C THR B 17 -44.98 -47.08 -2.97
N GLN B 18 -44.46 -45.86 -2.98
CA GLN B 18 -45.23 -44.69 -3.40
C GLN B 18 -45.06 -44.49 -4.91
N ILE B 19 -46.05 -43.85 -5.51
CA ILE B 19 -46.05 -43.57 -6.94
C ILE B 19 -45.83 -42.07 -7.11
N VAL B 20 -44.76 -41.70 -7.79
CA VAL B 20 -44.45 -40.30 -8.05
C VAL B 20 -44.57 -40.06 -9.55
N LYS B 21 -44.70 -38.80 -9.92
CA LYS B 21 -44.77 -38.42 -11.33
C LYS B 21 -43.41 -37.88 -11.72
N TYR B 22 -42.56 -38.77 -12.26
CA TYR B 22 -41.22 -38.37 -12.64
C TYR B 22 -41.25 -37.63 -13.98
N ARG B 23 -40.22 -36.83 -14.22
CA ARG B 23 -40.12 -36.02 -15.40
C ARG B 23 -38.65 -35.72 -15.66
N LYS B 24 -38.18 -36.06 -16.86
CA LYS B 24 -36.77 -36.05 -17.21
C LYS B 24 -36.40 -34.84 -18.07
N PHE B 25 -35.23 -34.27 -17.78
CA PHE B 25 -34.72 -33.11 -18.51
C PHE B 25 -34.47 -33.44 -19.98
N GLU B 26 -34.86 -32.50 -20.87
CA GLU B 26 -34.70 -32.73 -22.30
C GLU B 26 -33.71 -31.75 -22.93
N GLN B 27 -33.96 -30.46 -22.82
CA GLN B 27 -33.01 -29.45 -23.29
C GLN B 27 -33.27 -28.19 -22.47
N ARG B 28 -32.41 -27.19 -22.66
CA ARG B 28 -32.55 -25.97 -21.88
C ARG B 28 -31.95 -24.82 -22.67
N VAL B 29 -32.72 -23.75 -22.85
CA VAL B 29 -32.32 -22.62 -23.67
C VAL B 29 -32.42 -21.35 -22.85
N LYS B 30 -31.69 -20.34 -23.28
CA LYS B 30 -31.76 -19.01 -22.69
C LYS B 30 -32.87 -18.22 -23.36
N ASN B 31 -33.84 -17.77 -22.56
CA ASN B 31 -34.82 -16.81 -23.01
C ASN B 31 -34.18 -15.42 -22.93
N ASP B 32 -34.98 -14.36 -23.05
CA ASP B 32 -34.46 -13.04 -22.83
C ASP B 32 -33.99 -12.91 -21.38
N GLN B 33 -33.08 -11.95 -21.15
CA GLN B 33 -32.44 -11.65 -19.87
C GLN B 33 -31.44 -12.72 -19.46
N ALA B 34 -31.04 -13.56 -20.40
CA ALA B 34 -29.93 -14.52 -20.27
C ALA B 34 -30.20 -15.64 -19.26
N GLN B 35 -31.35 -15.61 -18.59
CA GLN B 35 -31.71 -16.74 -17.77
C GLN B 35 -32.08 -17.92 -18.65
N TYR B 36 -31.78 -19.11 -18.18
CA TYR B 36 -32.10 -20.33 -18.92
C TYR B 36 -33.51 -20.76 -18.54
N VAL B 37 -34.21 -21.38 -19.48
CA VAL B 37 -35.53 -21.96 -19.25
C VAL B 37 -35.44 -23.45 -19.49
N SER B 38 -35.78 -24.24 -18.48
CA SER B 38 -35.69 -25.69 -18.57
C SER B 38 -36.93 -26.26 -19.24
N MET B 39 -36.72 -27.27 -20.08
CA MET B 39 -37.82 -28.05 -20.64
C MET B 39 -37.49 -29.54 -20.56
N PHE B 40 -38.54 -30.35 -20.58
CA PHE B 40 -38.43 -31.71 -20.09
C PHE B 40 -39.13 -32.68 -21.04
N GLU B 41 -38.90 -33.97 -20.78
CA GLU B 41 -39.63 -35.04 -21.46
C GLU B 41 -41.09 -35.09 -20.96
N GLU B 42 -41.82 -36.05 -21.52
CA GLU B 42 -43.16 -36.33 -21.03
C GLU B 42 -43.09 -36.91 -19.62
N PRO B 43 -43.99 -36.51 -18.73
CA PRO B 43 -44.03 -37.13 -17.40
C PRO B 43 -44.44 -38.59 -17.48
N PHE B 44 -43.97 -39.36 -16.51
CA PHE B 44 -44.34 -40.78 -16.44
C PHE B 44 -44.29 -41.22 -14.99
N ASP B 45 -45.15 -42.18 -14.65
CA ASP B 45 -45.23 -42.65 -13.28
C ASP B 45 -44.00 -43.47 -12.92
N LEU B 46 -43.56 -43.32 -11.68
CA LEU B 46 -42.39 -44.02 -11.15
C LEU B 46 -42.73 -44.62 -9.80
N ALA B 47 -42.22 -45.82 -9.56
CA ALA B 47 -42.45 -46.54 -8.32
C ALA B 47 -41.21 -46.37 -7.44
N ALA B 48 -41.37 -45.69 -6.31
CA ALA B 48 -40.21 -45.33 -5.51
C ALA B 48 -40.60 -45.25 -4.04
N SER B 49 -39.59 -45.34 -3.17
CA SER B 49 -39.77 -45.14 -1.75
C SER B 49 -39.20 -43.77 -1.38
N VAL B 50 -40.07 -42.87 -0.92
CA VAL B 50 -39.64 -41.51 -0.62
C VAL B 50 -39.57 -41.30 0.89
N GLN B 51 -38.42 -41.59 1.48
CA GLN B 51 -38.25 -41.42 2.90
C GLN B 51 -37.99 -39.95 3.25
N ARG B 52 -38.14 -39.64 4.53
CA ARG B 52 -37.98 -38.26 4.98
C ARG B 52 -36.50 -37.93 5.15
N VAL B 53 -36.23 -36.64 5.25
CA VAL B 53 -34.96 -36.11 5.73
C VAL B 53 -35.28 -35.03 6.75
N ARG B 54 -34.56 -35.05 7.88
CA ARG B 54 -34.78 -34.08 8.94
C ARG B 54 -34.54 -32.67 8.42
N ARG B 55 -35.61 -31.88 8.32
CA ARG B 55 -35.54 -30.51 7.82
C ARG B 55 -35.64 -29.56 9.01
N ASP B 56 -34.66 -28.68 9.13
CA ASP B 56 -34.57 -27.75 10.26
C ASP B 56 -34.61 -26.32 9.76
N GLN B 57 -35.35 -25.48 10.47
CA GLN B 57 -35.45 -24.09 10.10
C GLN B 57 -34.16 -23.34 10.48
N TYR B 58 -33.83 -22.32 9.68
CA TYR B 58 -32.66 -21.51 9.94
C TYR B 58 -33.02 -20.05 9.72
N VAL B 59 -32.03 -19.18 9.92
CA VAL B 59 -32.19 -17.74 9.84
C VAL B 59 -31.21 -17.18 8.82
N GLN B 60 -31.72 -16.33 7.93
CA GLN B 60 -30.86 -15.64 6.96
C GLN B 60 -31.43 -14.25 6.73
N PHE B 61 -30.56 -13.24 6.77
CA PHE B 61 -30.93 -11.84 6.56
C PHE B 61 -32.05 -11.42 7.51
N ASN B 62 -32.02 -11.94 8.74
CA ASN B 62 -32.99 -11.73 9.81
C ASN B 62 -34.37 -12.32 9.49
N LEU B 63 -34.52 -13.07 8.42
CA LEU B 63 -35.74 -13.84 8.17
C LEU B 63 -35.52 -15.29 8.56
N GLU B 64 -36.61 -16.05 8.54
CA GLU B 64 -36.62 -17.46 8.89
C GLU B 64 -36.99 -18.28 7.65
N PHE B 65 -36.15 -19.25 7.32
CA PHE B 65 -36.34 -20.12 6.17
C PHE B 65 -36.30 -21.58 6.61
N GLN B 66 -36.66 -22.47 5.69
CA GLN B 66 -36.51 -23.91 5.92
C GLN B 66 -36.52 -24.62 4.59
N ARG B 67 -35.55 -25.52 4.38
CA ARG B 67 -35.40 -26.23 3.12
C ARG B 67 -35.99 -27.63 3.29
N ASN B 68 -36.98 -27.95 2.47
CA ASN B 68 -37.72 -29.21 2.60
C ASN B 68 -37.06 -30.30 1.76
N TYR B 69 -36.71 -31.40 2.40
CA TYR B 69 -35.94 -32.46 1.78
C TYR B 69 -36.70 -33.78 1.80
N VAL B 70 -36.50 -34.60 0.77
CA VAL B 70 -36.97 -35.98 0.74
C VAL B 70 -35.91 -36.83 0.06
N MET B 71 -35.68 -38.04 0.59
CA MET B 71 -34.71 -38.97 0.02
C MET B 71 -35.47 -40.05 -0.74
N ILE B 72 -35.30 -40.09 -2.05
CA ILE B 72 -36.07 -40.97 -2.92
C ILE B 72 -35.18 -42.12 -3.38
N PHE B 73 -35.61 -43.34 -3.08
CA PHE B 73 -35.01 -44.56 -3.63
C PHE B 73 -35.91 -45.00 -4.78
N ALA B 74 -35.38 -44.93 -6.00
CA ALA B 74 -36.16 -45.29 -7.17
C ALA B 74 -35.36 -46.19 -8.10
N ASN B 75 -36.07 -47.05 -8.82
CA ASN B 75 -35.44 -48.02 -9.71
C ASN B 75 -35.30 -47.45 -11.12
N PHE B 76 -34.59 -46.32 -11.20
CA PHE B 76 -34.46 -45.61 -12.46
C PHE B 76 -33.18 -44.76 -12.41
N GLU B 77 -32.68 -44.41 -13.59
CA GLU B 77 -31.53 -43.52 -13.70
C GLU B 77 -32.00 -42.10 -13.41
N MET B 78 -31.55 -41.55 -12.29
CA MET B 78 -31.89 -40.21 -11.87
C MET B 78 -30.65 -39.34 -11.87
N VAL B 79 -30.70 -38.23 -12.61
CA VAL B 79 -29.57 -37.33 -12.75
C VAL B 79 -29.99 -35.94 -12.29
N ASP B 80 -29.22 -35.37 -11.38
CA ASP B 80 -29.41 -34.00 -10.91
C ASP B 80 -28.52 -33.07 -11.75
N LEU B 81 -28.25 -31.87 -11.22
CA LEU B 81 -27.38 -30.87 -11.85
C LEU B 81 -26.13 -31.48 -12.46
N ASP B 82 -25.75 -30.97 -13.62
CA ASP B 82 -24.62 -31.53 -14.36
C ASP B 82 -24.14 -30.43 -15.31
N ARG B 83 -22.89 -30.55 -15.75
CA ARG B 83 -22.38 -29.67 -16.80
C ARG B 83 -23.27 -29.74 -18.04
N ASP B 84 -23.82 -28.58 -18.43
CA ASP B 84 -24.73 -28.41 -19.57
C ASP B 84 -26.08 -29.11 -19.39
N VAL B 85 -26.42 -29.55 -18.18
CA VAL B 85 -27.64 -30.33 -17.96
C VAL B 85 -28.29 -29.89 -16.66
N ALA B 86 -29.58 -29.64 -16.68
CA ALA B 86 -30.32 -29.31 -15.47
C ALA B 86 -30.86 -30.58 -14.81
N GLY B 87 -31.24 -30.44 -13.55
CA GLY B 87 -31.72 -31.59 -12.80
C GLY B 87 -33.12 -32.01 -13.20
N ASP B 88 -33.47 -33.23 -12.83
CA ASP B 88 -34.78 -33.79 -13.14
C ASP B 88 -35.80 -33.31 -12.12
N GLN B 89 -37.06 -33.70 -12.32
CA GLN B 89 -38.11 -33.21 -11.42
C GLN B 89 -39.18 -34.26 -11.25
N PHE B 90 -39.63 -34.47 -10.02
CA PHE B 90 -40.74 -35.39 -9.78
C PHE B 90 -41.79 -34.74 -8.90
N LEU B 91 -43.04 -35.14 -9.13
CA LEU B 91 -44.19 -34.65 -8.39
C LEU B 91 -44.63 -35.69 -7.37
N TRP B 92 -44.91 -35.23 -6.15
CA TRP B 92 -45.37 -36.12 -5.09
C TRP B 92 -46.22 -35.33 -4.11
N THR B 93 -47.42 -35.84 -3.81
CA THR B 93 -48.38 -35.21 -2.90
C THR B 93 -48.63 -33.75 -3.26
N GLY B 94 -48.76 -33.49 -4.56
CA GLY B 94 -48.99 -32.13 -5.01
C GLY B 94 -47.86 -31.18 -4.75
N ARG B 95 -46.64 -31.69 -4.61
CA ARG B 95 -45.46 -30.85 -4.41
C ARG B 95 -44.40 -31.23 -5.42
N VAL B 96 -43.78 -30.22 -6.01
CA VAL B 96 -42.68 -30.41 -6.95
C VAL B 96 -41.40 -30.64 -6.16
N PHE B 97 -40.58 -31.56 -6.63
CA PHE B 97 -39.29 -31.83 -6.02
C PHE B 97 -38.25 -31.92 -7.13
N GLN B 98 -37.09 -31.35 -6.89
CA GLN B 98 -35.95 -31.53 -7.79
C GLN B 98 -34.78 -32.15 -7.04
N LEU B 99 -34.08 -33.05 -7.73
CA LEU B 99 -32.98 -33.79 -7.12
C LEU B 99 -31.82 -32.86 -6.80
N GLU B 100 -31.12 -33.15 -5.71
CA GLU B 100 -30.01 -32.34 -5.27
C GLU B 100 -28.71 -33.11 -5.19
N SER B 101 -28.72 -34.27 -4.56
CA SER B 101 -27.57 -35.17 -4.55
C SER B 101 -27.82 -36.29 -5.57
N GLN B 102 -26.94 -37.28 -5.60
CA GLN B 102 -27.08 -38.38 -6.54
C GLN B 102 -26.36 -39.60 -5.97
N GLY B 103 -27.12 -40.60 -5.53
CA GLY B 103 -26.49 -41.78 -4.98
C GLY B 103 -26.01 -42.79 -5.99
N SER B 104 -26.26 -42.54 -7.28
CA SER B 104 -25.75 -43.35 -8.39
C SER B 104 -26.31 -44.77 -8.24
N TRP B 105 -25.49 -45.82 -8.26
CA TRP B 105 -25.82 -47.24 -8.18
C TRP B 105 -26.59 -47.75 -9.39
N PHE B 106 -26.85 -46.92 -10.40
CA PHE B 106 -27.66 -47.37 -11.54
C PHE B 106 -26.90 -48.38 -12.39
N TYR B 107 -25.78 -47.96 -12.98
CA TYR B 107 -25.06 -48.84 -13.90
C TYR B 107 -24.52 -50.07 -13.18
N GLN B 108 -24.26 -49.95 -11.88
CA GLN B 108 -23.93 -51.11 -11.08
C GLN B 108 -25.13 -52.03 -10.90
N ASP B 109 -26.27 -51.47 -10.50
CA ASP B 109 -27.37 -52.27 -9.98
C ASP B 109 -28.74 -51.94 -10.57
N GLY B 110 -28.94 -50.77 -11.16
CA GLY B 110 -30.21 -50.42 -11.75
C GLY B 110 -31.07 -49.46 -10.96
N TRP B 111 -30.76 -49.25 -9.69
CA TRP B 111 -31.53 -48.37 -8.83
C TRP B 111 -30.68 -47.17 -8.42
N GLY B 112 -31.30 -46.27 -7.67
CA GLY B 112 -30.60 -45.07 -7.24
C GLY B 112 -31.31 -44.40 -6.08
N VAL B 113 -30.57 -43.53 -5.40
CA VAL B 113 -31.08 -42.76 -4.27
C VAL B 113 -30.68 -41.31 -4.48
N CYS B 114 -31.64 -40.40 -4.29
CA CYS B 114 -31.35 -38.98 -4.48
C CYS B 114 -32.00 -38.16 -3.38
N LEU B 115 -31.35 -37.07 -3.02
CA LEU B 115 -31.91 -36.08 -2.10
C LEU B 115 -32.56 -35.00 -2.94
N ALA B 116 -33.82 -34.70 -2.67
CA ALA B 116 -34.59 -33.77 -3.48
C ALA B 116 -35.24 -32.70 -2.62
N VAL B 117 -35.20 -31.47 -3.11
CA VAL B 117 -35.79 -30.33 -2.41
C VAL B 117 -37.17 -30.06 -2.97
N ASP B 118 -38.04 -29.51 -2.12
CA ASP B 118 -39.35 -29.06 -2.53
C ASP B 118 -39.19 -27.74 -3.25
N ILE B 119 -40.06 -27.48 -4.22
CA ILE B 119 -40.03 -26.25 -4.99
C ILE B 119 -41.27 -25.40 -4.74
N GLY B 120 -42.44 -26.02 -4.76
CA GLY B 120 -43.67 -25.29 -4.53
C GLY B 120 -44.85 -26.19 -4.82
N ALA B 121 -46.04 -25.60 -4.63
CA ALA B 121 -47.27 -26.34 -4.87
C ALA B 121 -47.40 -26.71 -6.34
N ALA B 122 -48.01 -27.86 -6.59
CA ALA B 122 -48.24 -28.30 -7.96
C ALA B 122 -49.34 -27.46 -8.62
N LYS B 123 -49.27 -27.40 -9.95
CA LYS B 123 -50.39 -26.86 -10.70
C LYS B 123 -51.53 -27.86 -10.69
N LEU B 124 -52.75 -27.36 -10.48
CA LEU B 124 -53.94 -28.19 -10.38
C LEU B 124 -54.62 -28.23 -11.74
N THR B 125 -54.85 -29.43 -12.26
CA THR B 125 -55.56 -29.57 -13.51
C THR B 125 -57.04 -29.25 -13.32
N ASP B 126 -57.74 -29.11 -14.45
CA ASP B 126 -59.17 -28.81 -14.41
C ASP B 126 -59.95 -29.95 -13.76
N ASP B 127 -59.49 -31.19 -13.91
CA ASP B 127 -60.14 -32.34 -13.29
C ASP B 127 -59.71 -32.55 -11.85
N GLY B 128 -58.73 -31.78 -11.36
CA GLY B 128 -58.26 -31.91 -9.99
C GLY B 128 -56.98 -32.69 -9.82
N LYS B 129 -56.40 -33.19 -10.90
CA LYS B 129 -55.18 -33.98 -10.80
C LYS B 129 -54.03 -33.08 -10.35
N PRO B 130 -53.19 -33.55 -9.43
CA PRO B 130 -52.08 -32.70 -8.96
C PRO B 130 -50.83 -32.85 -9.82
N THR B 131 -50.97 -32.55 -11.10
CA THR B 131 -49.85 -32.61 -12.04
C THR B 131 -49.85 -31.38 -12.93
N PHE B 132 -48.67 -31.05 -13.44
CA PHE B 132 -48.50 -29.97 -14.40
C PHE B 132 -49.20 -30.27 -15.72
N MET C 1 -48.42 -52.92 4.07
CA MET C 1 -46.96 -52.94 4.05
C MET C 1 -46.40 -52.07 5.17
N ILE C 2 -45.18 -52.38 5.63
CA ILE C 2 -44.64 -51.70 6.80
C ILE C 2 -44.43 -50.20 6.62
N PRO C 3 -43.91 -49.66 5.49
CA PRO C 3 -43.88 -48.20 5.39
C PRO C 3 -45.25 -47.59 5.22
N GLY C 4 -46.25 -48.41 4.87
CA GLY C 4 -47.64 -47.99 4.99
C GLY C 4 -48.11 -48.19 6.41
N ALA C 5 -49.39 -48.54 6.59
CA ALA C 5 -50.01 -48.74 7.89
C ALA C 5 -49.75 -47.56 8.83
N ASN C 6 -49.44 -47.85 10.09
CA ASN C 6 -49.05 -46.79 11.01
C ASN C 6 -48.18 -47.43 12.10
N LEU C 7 -46.86 -47.26 11.99
CA LEU C 7 -45.97 -47.85 12.99
C LEU C 7 -46.13 -47.20 14.34
N LEU C 8 -46.35 -45.88 14.38
CA LEU C 8 -46.52 -45.20 15.67
C LEU C 8 -47.80 -45.62 16.35
N ARG C 9 -48.87 -45.87 15.57
CA ARG C 9 -50.11 -46.34 16.15
C ARG C 9 -49.92 -47.69 16.84
N MET C 10 -49.19 -48.60 16.20
CA MET C 10 -48.91 -49.89 16.84
C MET C 10 -47.98 -49.71 18.04
N ALA C 11 -46.98 -48.82 17.92
CA ALA C 11 -46.05 -48.61 19.02
C ALA C 11 -46.73 -48.01 20.24
N PHE C 12 -47.80 -47.25 20.04
CA PHE C 12 -48.58 -46.74 21.15
C PHE C 12 -49.33 -47.83 21.89
N GLY C 13 -49.43 -49.04 21.32
CA GLY C 13 -50.09 -50.13 22.02
C GLY C 13 -49.34 -50.57 23.27
N VAL C 14 -48.02 -50.53 23.22
CA VAL C 14 -47.19 -50.99 24.33
C VAL C 14 -46.69 -49.84 25.19
N ILE C 15 -46.13 -48.80 24.58
CA ILE C 15 -45.62 -47.67 25.36
C ILE C 15 -46.78 -46.73 25.67
N GLY C 16 -46.60 -45.95 26.74
CA GLY C 16 -47.58 -44.98 27.12
C GLY C 16 -47.48 -43.70 26.31
N THR C 17 -48.55 -42.91 26.36
CA THR C 17 -48.62 -41.68 25.59
C THR C 17 -49.14 -40.56 26.47
N GLN C 18 -48.67 -39.36 26.19
CA GLN C 18 -49.13 -38.15 26.85
C GLN C 18 -50.17 -37.46 25.99
N ILE C 19 -51.00 -36.64 26.62
CA ILE C 19 -52.05 -35.90 25.95
C ILE C 19 -51.63 -34.43 25.89
N VAL C 20 -51.48 -33.91 24.68
CA VAL C 20 -51.13 -32.52 24.48
C VAL C 20 -52.31 -31.82 23.83
N LYS C 21 -52.37 -30.51 24.00
CA LYS C 21 -53.44 -29.70 23.40
C LYS C 21 -52.87 -29.09 22.12
N TYR C 22 -53.07 -29.79 21.01
CA TYR C 22 -52.56 -29.30 19.75
C TYR C 22 -53.45 -28.21 19.21
N ARG C 23 -52.88 -27.40 18.32
CA ARG C 23 -53.59 -26.25 17.77
C ARG C 23 -52.94 -25.91 16.44
N LYS C 24 -53.78 -25.81 15.39
CA LYS C 24 -53.35 -25.74 14.00
C LYS C 24 -53.50 -24.34 13.44
N PHE C 25 -52.49 -23.94 12.65
CA PHE C 25 -52.46 -22.65 11.95
C PHE C 25 -53.67 -22.45 11.04
N GLU C 26 -54.24 -21.25 11.03
CA GLU C 26 -55.44 -21.01 10.24
C GLU C 26 -55.21 -20.07 9.06
N GLN C 27 -54.84 -18.82 9.33
CA GLN C 27 -54.45 -17.82 8.35
C GLN C 27 -53.92 -16.66 9.17
N ARG C 28 -53.02 -15.87 8.61
CA ARG C 28 -52.24 -14.94 9.41
C ARG C 28 -52.11 -13.59 8.72
N VAL C 29 -52.36 -12.53 9.50
CA VAL C 29 -52.47 -11.16 9.00
C VAL C 29 -51.65 -10.22 9.88
N LYS C 30 -51.36 -9.04 9.33
CA LYS C 30 -50.44 -8.09 9.93
C LYS C 30 -51.21 -7.08 10.76
N ASN C 31 -50.75 -6.82 11.98
CA ASN C 31 -51.32 -5.69 12.70
C ASN C 31 -50.52 -4.44 12.32
N ASP C 32 -50.72 -3.34 13.04
CA ASP C 32 -49.91 -2.15 12.84
C ASP C 32 -48.44 -2.47 13.12
N GLN C 33 -47.56 -1.60 12.63
CA GLN C 33 -46.12 -1.61 12.82
C GLN C 33 -45.44 -2.74 12.07
N ALA C 34 -46.15 -3.41 11.16
CA ALA C 34 -45.68 -4.50 10.30
C ALA C 34 -45.28 -5.75 11.08
N GLN C 35 -45.37 -5.75 12.40
CA GLN C 35 -45.36 -7.00 13.13
C GLN C 35 -46.59 -7.79 12.72
N TYR C 36 -46.47 -9.11 12.70
CA TYR C 36 -47.32 -9.89 11.81
C TYR C 36 -47.89 -11.01 12.66
N VAL C 37 -49.21 -10.96 12.88
CA VAL C 37 -49.89 -11.74 13.92
C VAL C 37 -50.41 -13.03 13.31
N SER C 38 -50.18 -14.15 14.02
CA SER C 38 -50.63 -15.46 13.58
C SER C 38 -51.82 -15.90 14.43
N MET C 39 -52.81 -16.53 13.78
CA MET C 39 -53.94 -17.09 14.49
C MET C 39 -54.25 -18.49 13.98
N PHE C 40 -55.04 -19.21 14.76
CA PHE C 40 -55.04 -20.66 14.69
C PHE C 40 -56.46 -21.21 14.68
N GLU C 41 -56.56 -22.51 14.40
CA GLU C 41 -57.79 -23.26 14.50
C GLU C 41 -58.15 -23.53 15.96
N GLU C 42 -59.26 -24.25 16.14
CA GLU C 42 -59.68 -24.65 17.47
C GLU C 42 -58.71 -25.68 18.03
N PRO C 43 -58.36 -25.58 19.30
CA PRO C 43 -57.50 -26.61 19.91
C PRO C 43 -58.19 -27.96 19.96
N PHE C 44 -57.38 -29.01 19.93
CA PHE C 44 -57.90 -30.36 20.02
C PHE C 44 -56.85 -31.26 20.66
N ASP C 45 -57.32 -32.26 21.39
CA ASP C 45 -56.41 -33.15 22.09
C ASP C 45 -55.64 -34.03 21.11
N LEU C 46 -54.43 -34.41 21.51
CA LEU C 46 -53.55 -35.22 20.68
C LEU C 46 -52.78 -36.18 21.55
N ALA C 47 -52.73 -37.44 21.13
CA ALA C 47 -51.97 -38.46 21.84
C ALA C 47 -50.59 -38.54 21.22
N ALA C 48 -49.56 -38.22 22.00
CA ALA C 48 -48.21 -38.12 21.48
C ALA C 48 -47.21 -38.49 22.55
N SER C 49 -46.03 -38.90 22.12
CA SER C 49 -44.91 -39.16 23.03
C SER C 49 -43.96 -37.98 22.96
N VAL C 50 -43.82 -37.26 24.07
CA VAL C 50 -42.99 -36.07 24.09
C VAL C 50 -41.68 -36.36 24.82
N GLN C 51 -40.68 -36.84 24.10
CA GLN C 51 -39.40 -37.15 24.70
C GLN C 51 -38.58 -35.88 24.87
N ARG C 52 -37.50 -35.99 25.63
CA ARG C 52 -36.67 -34.83 25.94
C ARG C 52 -35.63 -34.60 24.86
N VAL C 53 -35.06 -33.40 24.88
CA VAL C 53 -33.84 -33.06 24.16
C VAL C 53 -32.92 -32.37 25.14
N ARG C 54 -31.65 -32.76 25.16
CA ARG C 54 -30.68 -32.17 26.07
C ARG C 54 -30.56 -30.67 25.84
N ARG C 55 -31.06 -29.88 26.78
CA ARG C 55 -31.04 -28.43 26.67
C ARG C 55 -29.87 -27.91 27.50
N ASP C 56 -28.98 -27.16 26.86
CA ASP C 56 -27.78 -26.65 27.50
C ASP C 56 -27.77 -25.14 27.48
N GLN C 57 -27.36 -24.53 28.59
CA GLN C 57 -27.36 -23.09 28.68
C GLN C 57 -26.18 -22.51 27.93
N TYR C 58 -26.34 -21.28 27.43
CA TYR C 58 -25.28 -20.60 26.70
C TYR C 58 -25.26 -19.15 27.13
N VAL C 59 -24.34 -18.39 26.53
CA VAL C 59 -24.10 -17.00 26.87
C VAL C 59 -24.24 -16.15 25.61
N GLN C 60 -24.96 -15.05 25.73
CA GLN C 60 -25.11 -14.11 24.63
C GLN C 60 -25.24 -12.71 25.21
N PHE C 61 -24.46 -11.76 24.68
CA PHE C 61 -24.46 -10.37 25.12
C PHE C 61 -24.20 -10.26 26.62
N ASN C 62 -23.32 -11.12 27.13
CA ASN C 62 -22.93 -11.26 28.53
C ASN C 62 -24.06 -11.74 29.42
N LEU C 63 -25.22 -12.06 28.86
CA LEU C 63 -26.30 -12.68 29.60
C LEU C 63 -26.29 -14.19 29.39
N GLU C 64 -27.10 -14.88 30.18
CA GLU C 64 -27.19 -16.33 30.12
C GLU C 64 -28.58 -16.73 29.66
N PHE C 65 -28.64 -17.51 28.59
CA PHE C 65 -29.89 -17.97 28.00
C PHE C 65 -29.90 -19.49 27.99
N GLN C 66 -31.06 -20.06 27.70
CA GLN C 66 -31.17 -21.51 27.56
C GLN C 66 -32.44 -21.82 26.77
N ARG C 67 -32.31 -22.67 25.75
CA ARG C 67 -33.38 -22.96 24.82
C ARG C 67 -33.99 -24.32 25.17
N ASN C 68 -35.26 -24.32 25.53
CA ASN C 68 -35.93 -25.50 26.04
C ASN C 68 -36.56 -26.28 24.88
N TYR C 69 -36.22 -27.57 24.78
CA TYR C 69 -36.58 -28.39 23.64
C TYR C 69 -37.31 -29.64 24.08
N VAL C 70 -38.27 -30.08 23.28
CA VAL C 70 -38.91 -31.39 23.43
C VAL C 70 -39.16 -31.97 22.05
N MET C 71 -38.92 -33.27 21.90
CA MET C 71 -39.12 -33.95 20.63
C MET C 71 -40.42 -34.73 20.72
N ILE C 72 -41.42 -34.35 19.93
CA ILE C 72 -42.76 -34.92 20.00
C ILE C 72 -42.97 -35.85 18.82
N PHE C 73 -43.28 -37.12 19.12
CA PHE C 73 -43.75 -38.09 18.14
C PHE C 73 -45.27 -38.13 18.23
N ALA C 74 -45.95 -37.70 17.18
CA ALA C 74 -47.41 -37.68 17.19
C ALA C 74 -47.95 -38.27 15.89
N ASN C 75 -49.11 -38.90 16.00
CA ASN C 75 -49.75 -39.56 14.86
C ASN C 75 -50.62 -38.58 14.09
N PHE C 76 -50.04 -37.46 13.67
CA PHE C 76 -50.77 -36.40 13.00
C PHE C 76 -49.81 -35.65 12.09
N GLU C 77 -50.37 -35.04 11.05
CA GLU C 77 -49.58 -34.19 10.16
C GLU C 77 -49.21 -32.91 10.89
N MET C 78 -47.92 -32.67 11.05
CA MET C 78 -47.43 -31.54 11.81
C MET C 78 -46.52 -30.70 10.92
N VAL C 79 -46.84 -29.42 10.79
CA VAL C 79 -46.12 -28.51 9.92
C VAL C 79 -45.61 -27.34 10.75
N ASP C 80 -44.29 -27.11 10.70
CA ASP C 80 -43.66 -25.97 11.33
C ASP C 80 -43.55 -24.85 10.29
N LEU C 81 -42.67 -23.87 10.54
CA LEU C 81 -42.41 -22.73 9.65
C LEU C 81 -42.38 -23.13 8.18
N ASP C 82 -42.97 -22.29 7.34
CA ASP C 82 -43.13 -22.61 5.93
C ASP C 82 -43.32 -21.26 5.22
N ARG C 83 -43.09 -21.27 3.91
CA ARG C 83 -43.38 -20.09 3.10
C ARG C 83 -44.86 -19.73 3.25
N ASP C 84 -45.14 -18.48 3.65
CA ASP C 84 -46.49 -17.95 3.85
C ASP C 84 -47.25 -18.63 4.99
N VAL C 85 -46.58 -19.43 5.82
CA VAL C 85 -47.24 -20.22 6.85
C VAL C 85 -46.40 -20.16 8.12
N ALA C 86 -47.06 -19.98 9.26
CA ALA C 86 -46.33 -19.97 10.52
C ALA C 86 -46.27 -21.38 11.12
N GLY C 87 -45.49 -21.52 12.18
CA GLY C 87 -45.37 -22.80 12.85
C GLY C 87 -46.62 -23.15 13.62
N ASP C 88 -46.70 -24.42 14.00
CA ASP C 88 -47.88 -24.93 14.68
C ASP C 88 -47.69 -24.82 16.19
N GLN C 89 -48.71 -25.13 16.99
CA GLN C 89 -48.52 -24.89 18.41
C GLN C 89 -49.24 -25.92 19.27
N PHE C 90 -48.56 -26.45 20.27
CA PHE C 90 -49.20 -27.38 21.20
C PHE C 90 -48.86 -27.02 22.64
N LEU C 91 -49.81 -27.31 23.53
CA LEU C 91 -49.70 -27.06 24.96
C LEU C 91 -49.42 -28.35 25.71
N TRP C 92 -48.43 -28.31 26.60
CA TRP C 92 -48.11 -29.47 27.42
C TRP C 92 -47.55 -29.01 28.75
N THR C 93 -48.11 -29.54 29.84
CA THR C 93 -47.74 -29.19 31.21
C THR C 93 -47.77 -27.68 31.44
N GLY C 94 -48.79 -27.03 30.89
CA GLY C 94 -48.92 -25.60 31.02
C GLY C 94 -47.81 -24.81 30.35
N ARG C 95 -47.15 -25.39 29.35
CA ARG C 95 -46.13 -24.68 28.60
C ARG C 95 -46.46 -24.76 27.12
N VAL C 96 -46.36 -23.61 26.46
CA VAL C 96 -46.58 -23.52 25.03
C VAL C 96 -45.34 -24.01 24.31
N PHE C 97 -45.53 -24.76 23.23
CA PHE C 97 -44.42 -25.24 22.42
C PHE C 97 -44.75 -25.00 20.96
N GLN C 98 -43.79 -24.43 20.24
CA GLN C 98 -43.88 -24.27 18.79
C GLN C 98 -42.85 -25.15 18.10
N LEU C 99 -43.27 -25.79 17.01
CA LEU C 99 -42.43 -26.76 16.34
C LEU C 99 -41.25 -26.09 15.65
N GLU C 100 -40.08 -26.74 15.72
CA GLU C 100 -38.86 -26.21 15.11
C GLU C 100 -38.49 -26.96 13.84
N SER C 101 -38.30 -28.27 13.93
CA SER C 101 -37.94 -29.09 12.80
C SER C 101 -39.18 -29.84 12.31
N GLN C 102 -38.98 -30.80 11.41
CA GLN C 102 -40.10 -31.55 10.85
C GLN C 102 -39.58 -32.89 10.38
N GLY C 103 -39.91 -33.95 11.11
CA GLY C 103 -39.47 -35.27 10.71
C GLY C 103 -40.31 -35.91 9.63
N SER C 104 -41.39 -35.25 9.20
CA SER C 104 -42.23 -35.68 8.08
C SER C 104 -42.81 -37.05 8.41
N TRP C 105 -42.65 -38.05 7.55
CA TRP C 105 -43.18 -39.42 7.67
C TRP C 105 -44.70 -39.49 7.61
N PHE C 106 -45.39 -38.38 7.36
CA PHE C 106 -46.86 -38.43 7.42
C PHE C 106 -47.44 -39.10 6.19
N TYR C 107 -47.19 -38.53 5.00
CA TYR C 107 -47.79 -39.11 3.80
C TYR C 107 -47.25 -40.50 3.52
N GLN C 108 -46.04 -40.81 4.00
CA GLN C 108 -45.55 -42.17 3.95
C GLN C 108 -46.30 -43.07 4.92
N ASP C 109 -46.43 -42.65 6.18
CA ASP C 109 -46.82 -43.55 7.25
C ASP C 109 -47.94 -43.03 8.15
N GLY C 110 -48.23 -41.74 8.17
CA GLY C 110 -49.31 -41.21 8.98
C GLY C 110 -48.88 -40.53 10.26
N TRP C 111 -47.63 -40.71 10.68
CA TRP C 111 -47.14 -40.12 11.92
C TRP C 111 -46.01 -39.15 11.61
N GLY C 112 -45.50 -38.51 12.65
CA GLY C 112 -44.44 -37.53 12.48
C GLY C 112 -43.71 -37.28 13.78
N VAL C 113 -42.53 -36.69 13.64
CA VAL C 113 -41.68 -36.31 14.77
C VAL C 113 -41.23 -34.89 14.55
N CYS C 114 -41.32 -34.06 15.58
CA CYS C 114 -40.92 -32.67 15.46
C CYS C 114 -40.18 -32.22 16.70
N LEU C 115 -39.12 -31.44 16.51
CA LEU C 115 -38.47 -30.75 17.62
C LEU C 115 -39.25 -29.48 17.88
N ALA C 116 -39.57 -29.22 19.14
CA ALA C 116 -40.38 -28.09 19.53
C ALA C 116 -39.68 -27.31 20.65
N VAL C 117 -39.84 -26.00 20.61
CA VAL C 117 -39.21 -25.10 21.57
C VAL C 117 -40.30 -24.49 22.45
N ASP C 118 -40.00 -24.39 23.75
CA ASP C 118 -40.92 -23.77 24.69
C ASP C 118 -41.01 -22.28 24.37
N ILE C 119 -42.20 -21.74 24.50
CA ILE C 119 -42.45 -20.32 24.27
C ILE C 119 -42.66 -19.56 25.57
N GLY C 120 -43.44 -20.12 26.49
CA GLY C 120 -43.66 -19.50 27.77
C GLY C 120 -44.78 -20.21 28.50
N ALA C 121 -45.10 -19.66 29.67
CA ALA C 121 -46.17 -20.24 30.48
C ALA C 121 -47.50 -20.08 29.79
N ALA C 122 -48.38 -21.06 29.99
CA ALA C 122 -49.70 -21.02 29.40
C ALA C 122 -50.61 -20.09 30.19
N LYS C 123 -51.66 -19.61 29.52
CA LYS C 123 -52.70 -18.86 30.22
C LYS C 123 -53.54 -19.82 31.05
N LEU C 124 -53.92 -19.35 32.24
CA LEU C 124 -54.70 -20.16 33.17
C LEU C 124 -56.17 -19.74 33.07
N THR C 125 -57.04 -20.72 32.81
CA THR C 125 -58.46 -20.43 32.76
C THR C 125 -58.99 -20.17 34.17
N ASP C 126 -60.22 -19.65 34.22
CA ASP C 126 -60.86 -19.36 35.50
C ASP C 126 -61.08 -20.63 36.30
N ASP C 127 -61.38 -21.74 35.64
CA ASP C 127 -61.59 -23.01 36.31
C ASP C 127 -60.28 -23.72 36.64
N GLY C 128 -59.14 -23.23 36.15
CA GLY C 128 -57.86 -23.83 36.43
C GLY C 128 -57.26 -24.64 35.31
N LYS C 129 -57.93 -24.71 34.16
CA LYS C 129 -57.40 -25.48 33.04
C LYS C 129 -56.17 -24.78 32.47
N PRO C 130 -55.12 -25.52 32.13
CA PRO C 130 -53.91 -24.90 31.56
C PRO C 130 -54.00 -24.75 30.05
N THR C 131 -55.02 -24.03 29.58
CA THR C 131 -55.18 -23.74 28.17
C THR C 131 -55.53 -22.27 27.98
N PHE C 132 -55.28 -21.79 26.77
CA PHE C 132 -55.60 -20.42 26.39
C PHE C 132 -57.10 -20.17 26.41
N MET D 1 -47.15 -48.34 32.19
CA MET D 1 -46.41 -48.23 30.94
C MET D 1 -44.98 -47.78 31.18
N ILE D 2 -44.06 -48.25 30.34
CA ILE D 2 -42.63 -47.99 30.58
C ILE D 2 -42.25 -46.50 30.50
N PRO D 3 -42.73 -45.68 29.55
CA PRO D 3 -42.39 -44.25 29.66
C PRO D 3 -43.04 -43.59 30.86
N GLY D 4 -44.11 -44.18 31.40
CA GLY D 4 -44.62 -43.81 32.69
C GLY D 4 -43.79 -44.46 33.79
N ALA D 5 -44.45 -44.88 34.87
CA ALA D 5 -43.79 -45.50 36.02
C ALA D 5 -42.63 -44.66 36.51
N ASN D 6 -41.52 -45.30 36.89
CA ASN D 6 -40.30 -44.57 37.21
C ASN D 6 -39.13 -45.51 36.93
N LEU D 7 -38.45 -45.29 35.81
CA LEU D 7 -37.38 -46.20 35.42
C LEU D 7 -36.17 -46.04 36.32
N LEU D 8 -35.85 -44.83 36.73
CA LEU D 8 -34.70 -44.63 37.62
C LEU D 8 -34.96 -45.20 39.00
N ARG D 9 -36.22 -45.16 39.47
CA ARG D 9 -36.56 -45.77 40.75
C ARG D 9 -36.33 -47.28 40.70
N MET D 10 -36.73 -47.92 39.59
CA MET D 10 -36.45 -49.34 39.44
C MET D 10 -34.96 -49.61 39.33
N ALA D 11 -34.24 -48.76 38.59
CA ALA D 11 -32.79 -48.95 38.43
C ALA D 11 -32.05 -48.80 39.74
N PHE D 12 -32.57 -47.97 40.66
CA PHE D 12 -31.94 -47.80 41.96
C PHE D 12 -32.02 -49.05 42.83
N GLY D 13 -32.85 -50.03 42.44
CA GLY D 13 -32.91 -51.27 43.19
C GLY D 13 -31.62 -52.07 43.16
N VAL D 14 -30.90 -52.01 42.05
CA VAL D 14 -29.68 -52.79 41.87
C VAL D 14 -28.42 -51.96 42.10
N ILE D 15 -28.30 -50.81 41.44
CA ILE D 15 -27.12 -49.99 41.60
C ILE D 15 -27.26 -49.13 42.85
N GLY D 16 -26.11 -48.76 43.41
CA GLY D 16 -26.09 -47.94 44.60
C GLY D 16 -26.34 -46.48 44.32
N THR D 17 -26.62 -45.74 45.39
CA THR D 17 -26.99 -44.34 45.31
C THR D 17 -26.14 -43.53 46.26
N GLN D 18 -25.82 -42.31 45.83
CA GLN D 18 -25.15 -41.34 46.68
C GLN D 18 -26.16 -40.34 47.19
N ILE D 19 -26.02 -39.94 48.44
CA ILE D 19 -26.92 -38.99 49.07
C ILE D 19 -26.32 -37.59 48.93
N VAL D 20 -27.02 -36.72 48.20
CA VAL D 20 -26.59 -35.34 48.03
C VAL D 20 -27.57 -34.45 48.78
N LYS D 21 -27.09 -33.26 49.15
CA LYS D 21 -27.94 -32.29 49.85
C LYS D 21 -28.46 -31.32 48.81
N TYR D 22 -29.66 -31.60 48.30
CA TYR D 22 -30.27 -30.75 47.30
C TYR D 22 -30.88 -29.51 47.95
N ARG D 23 -31.03 -28.47 47.14
CA ARG D 23 -31.55 -27.20 47.60
C ARG D 23 -32.17 -26.47 46.41
N LYS D 24 -33.45 -26.11 46.55
CA LYS D 24 -34.28 -25.61 45.47
C LYS D 24 -34.38 -24.10 45.51
N PHE D 25 -34.41 -23.50 44.32
CA PHE D 25 -34.56 -22.05 44.16
C PHE D 25 -35.90 -21.57 44.68
N GLU D 26 -35.89 -20.47 45.44
CA GLU D 26 -37.13 -19.94 46.01
C GLU D 26 -37.50 -18.59 45.45
N GLN D 27 -36.65 -17.58 45.62
CA GLN D 27 -36.81 -16.30 44.96
C GLN D 27 -35.45 -15.63 44.94
N ARG D 28 -35.38 -14.50 44.25
CA ARG D 28 -34.12 -13.80 44.11
C ARG D 28 -34.36 -12.32 43.90
N VAL D 29 -33.63 -11.50 44.65
CA VAL D 29 -33.75 -10.05 44.60
C VAL D 29 -32.37 -9.48 44.37
N LYS D 30 -32.34 -8.23 43.92
CA LYS D 30 -31.10 -7.53 43.64
C LYS D 30 -30.65 -6.80 44.89
N ASN D 31 -29.40 -7.04 45.30
CA ASN D 31 -28.81 -6.21 46.33
C ASN D 31 -28.36 -4.91 45.67
N ASP D 32 -27.59 -4.11 46.39
CA ASP D 32 -27.02 -2.91 45.81
C ASP D 32 -26.04 -3.28 44.70
N GLN D 33 -25.68 -2.27 43.90
CA GLN D 33 -24.75 -2.35 42.78
C GLN D 33 -25.29 -3.19 41.63
N ALA D 34 -26.59 -3.49 41.62
CA ALA D 34 -27.31 -4.21 40.57
C ALA D 34 -26.85 -5.66 40.43
N GLN D 35 -25.86 -6.06 41.20
CA GLN D 35 -25.62 -7.48 41.37
C GLN D 35 -26.83 -8.07 42.08
N TYR D 36 -27.06 -9.35 41.84
CA TYR D 36 -28.42 -9.84 42.02
C TYR D 36 -28.24 -11.09 42.87
N VAL D 37 -29.02 -11.23 43.93
CA VAL D 37 -28.76 -12.23 44.95
C VAL D 37 -29.85 -13.29 44.92
N SER D 38 -29.44 -14.55 44.96
CA SER D 38 -30.35 -15.68 44.88
C SER D 38 -30.65 -16.23 46.27
N MET D 39 -31.88 -16.71 46.46
CA MET D 39 -32.30 -17.33 47.70
C MET D 39 -33.00 -18.65 47.41
N PHE D 40 -32.98 -19.54 48.39
CA PHE D 40 -33.31 -20.92 48.16
C PHE D 40 -34.23 -21.45 49.25
N GLU D 41 -34.85 -22.59 48.96
CA GLU D 41 -35.64 -23.33 49.93
C GLU D 41 -34.75 -23.99 50.98
N GLU D 42 -35.39 -24.71 51.89
CA GLU D 42 -34.68 -25.51 52.88
C GLU D 42 -33.96 -26.65 52.19
N PRO D 43 -32.74 -26.98 52.61
CA PRO D 43 -32.04 -28.15 52.06
C PRO D 43 -32.78 -29.43 52.41
N PHE D 44 -32.62 -30.43 51.55
CA PHE D 44 -33.19 -31.74 51.81
C PHE D 44 -32.35 -32.80 51.11
N ASP D 45 -32.30 -33.99 51.70
CA ASP D 45 -31.48 -35.05 51.14
C ASP D 45 -32.12 -35.63 49.89
N LEU D 46 -31.28 -36.11 48.97
CA LEU D 46 -31.73 -36.65 47.70
C LEU D 46 -30.85 -37.84 47.34
N ALA D 47 -31.47 -38.94 46.94
CA ALA D 47 -30.76 -40.12 46.49
C ALA D 47 -30.55 -40.02 44.99
N ALA D 48 -29.28 -39.98 44.56
CA ALA D 48 -28.98 -39.74 43.17
C ALA D 48 -27.69 -40.46 42.80
N SER D 49 -27.55 -40.76 41.52
CA SER D 49 -26.32 -41.32 40.98
C SER D 49 -25.53 -40.20 40.34
N VAL D 50 -24.39 -39.85 40.93
CA VAL D 50 -23.60 -38.73 40.42
C VAL D 50 -22.37 -39.25 39.68
N GLN D 51 -22.53 -39.51 38.39
CA GLN D 51 -21.44 -40.01 37.58
C GLN D 51 -20.53 -38.87 37.15
N ARG D 52 -19.38 -39.22 36.60
CA ARG D 52 -18.39 -38.23 36.23
C ARG D 52 -18.66 -37.67 34.84
N VAL D 53 -18.03 -36.54 34.56
CA VAL D 53 -17.84 -36.04 33.22
C VAL D 53 -16.37 -35.67 33.08
N ARG D 54 -15.76 -36.08 31.97
CA ARG D 54 -14.34 -35.83 31.75
C ARG D 54 -14.04 -34.34 31.76
N ARG D 55 -13.33 -33.88 32.78
CA ARG D 55 -12.99 -32.47 32.92
C ARG D 55 -11.56 -32.27 32.41
N ASP D 56 -11.41 -31.39 31.43
CA ASP D 56 -10.12 -31.13 30.81
C ASP D 56 -9.71 -29.69 31.04
N GLN D 57 -8.44 -29.50 31.41
CA GLN D 57 -7.95 -28.16 31.67
C GLN D 57 -7.77 -27.40 30.37
N TYR D 58 -7.88 -26.07 30.46
CA TYR D 58 -7.72 -25.22 29.29
C TYR D 58 -6.96 -23.97 29.70
N VAL D 59 -6.73 -23.10 28.72
CA VAL D 59 -5.95 -21.89 28.91
C VAL D 59 -6.79 -20.69 28.47
N GLN D 60 -6.81 -19.66 29.31
CA GLN D 60 -7.48 -18.41 28.99
C GLN D 60 -6.67 -17.27 29.57
N PHE D 61 -6.42 -16.24 28.75
CA PHE D 61 -5.67 -15.05 29.14
C PHE D 61 -4.29 -15.40 29.70
N ASN D 62 -3.67 -16.44 29.13
CA ASN D 62 -2.38 -17.01 29.52
C ASN D 62 -2.41 -17.67 30.90
N LEU D 63 -3.57 -17.83 31.51
CA LEU D 63 -3.73 -18.64 32.72
C LEU D 63 -4.30 -20.00 32.37
N GLU D 64 -4.30 -20.88 33.37
CA GLU D 64 -4.81 -22.23 33.22
C GLU D 64 -6.03 -22.41 34.14
N PHE D 65 -7.15 -22.81 33.55
CA PHE D 65 -8.39 -23.06 34.27
C PHE D 65 -8.82 -24.51 34.04
N GLN D 66 -9.85 -24.93 34.78
CA GLN D 66 -10.46 -26.24 34.57
C GLN D 66 -11.84 -26.24 35.20
N ARG D 67 -12.85 -26.63 34.42
CA ARG D 67 -14.23 -26.64 34.87
C ARG D 67 -14.58 -28.05 35.33
N ASN D 68 -14.98 -28.17 36.60
CA ASN D 68 -15.26 -29.47 37.19
C ASN D 68 -16.73 -29.82 36.97
N TYR D 69 -17.00 -31.03 36.49
CA TYR D 69 -18.34 -31.43 36.09
C TYR D 69 -18.74 -32.73 36.77
N VAL D 70 -20.04 -32.87 37.05
CA VAL D 70 -20.64 -34.13 37.47
C VAL D 70 -22.00 -34.24 36.80
N MET D 71 -22.34 -35.43 36.31
CA MET D 71 -23.63 -35.68 35.71
C MET D 71 -24.49 -36.44 36.72
N ILE D 72 -25.57 -35.82 37.17
CA ILE D 72 -26.40 -36.36 38.25
C ILE D 72 -27.70 -36.89 37.67
N PHE D 73 -27.99 -38.16 37.94
CA PHE D 73 -29.29 -38.76 37.68
C PHE D 73 -30.03 -38.79 39.01
N ALA D 74 -31.12 -38.04 39.11
CA ALA D 74 -31.88 -37.99 40.35
C ALA D 74 -33.36 -38.10 40.06
N ASN D 75 -34.08 -38.70 41.01
CA ASN D 75 -35.52 -38.92 40.88
C ASN D 75 -36.29 -37.71 41.41
N PHE D 76 -36.07 -36.57 40.77
CA PHE D 76 -36.67 -35.32 41.21
C PHE D 76 -36.70 -34.35 40.03
N GLU D 77 -37.56 -33.34 40.13
CA GLU D 77 -37.62 -32.28 39.14
C GLU D 77 -36.47 -31.32 39.41
N MET D 78 -35.52 -31.28 38.49
CA MET D 78 -34.35 -30.40 38.60
C MET D 78 -34.39 -29.36 37.48
N VAL D 79 -34.35 -28.09 37.88
CA VAL D 79 -34.47 -26.98 36.95
C VAL D 79 -33.23 -26.10 37.10
N ASP D 80 -32.54 -25.86 35.98
CA ASP D 80 -31.40 -24.97 35.93
C ASP D 80 -31.86 -23.56 35.55
N LEU D 81 -30.93 -22.74 35.07
CA LEU D 81 -31.20 -21.42 34.51
C LEU D 81 -32.49 -21.39 33.68
N ASP D 82 -33.27 -20.32 33.86
CA ASP D 82 -34.52 -20.17 33.16
C ASP D 82 -34.85 -18.68 33.18
N ARG D 83 -35.72 -18.25 32.27
CA ARG D 83 -36.21 -16.88 32.29
C ARG D 83 -36.89 -16.61 33.64
N ASP D 84 -36.46 -15.55 34.32
CA ASP D 84 -36.93 -15.18 35.67
C ASP D 84 -36.64 -16.24 36.74
N VAL D 85 -35.63 -17.08 36.53
CA VAL D 85 -35.31 -18.18 37.44
C VAL D 85 -33.80 -18.39 37.44
N ALA D 86 -33.22 -18.68 38.60
CA ALA D 86 -31.84 -19.12 38.65
C ALA D 86 -31.78 -20.61 38.95
N GLY D 87 -30.59 -21.19 38.75
CA GLY D 87 -30.45 -22.62 38.86
C GLY D 87 -30.49 -23.12 40.28
N ASP D 88 -30.61 -24.43 40.42
CA ASP D 88 -30.70 -25.08 41.72
C ASP D 88 -29.29 -25.36 42.24
N GLN D 89 -29.20 -25.99 43.42
CA GLN D 89 -27.87 -26.23 43.97
C GLN D 89 -27.86 -27.47 44.83
N PHE D 90 -26.86 -28.33 44.65
CA PHE D 90 -26.73 -29.50 45.51
C PHE D 90 -25.31 -29.64 46.02
N LEU D 91 -25.19 -30.18 47.23
CA LEU D 91 -23.91 -30.39 47.89
C LEU D 91 -23.54 -31.85 47.87
N TRP D 92 -22.28 -32.13 47.51
CA TRP D 92 -21.78 -33.49 47.44
C TRP D 92 -20.28 -33.48 47.76
N THR D 93 -19.86 -34.36 48.67
CA THR D 93 -18.47 -34.47 49.11
C THR D 93 -17.91 -33.13 49.55
N GLY D 94 -18.73 -32.35 50.26
CA GLY D 94 -18.31 -31.04 50.71
C GLY D 94 -18.01 -30.08 49.59
N ARG D 95 -18.69 -30.22 48.46
CA ARG D 95 -18.50 -29.31 47.33
C ARG D 95 -19.87 -28.89 46.80
N VAL D 96 -19.98 -27.61 46.46
CA VAL D 96 -21.20 -27.06 45.90
C VAL D 96 -21.25 -27.38 44.42
N PHE D 97 -22.43 -27.69 43.90
CA PHE D 97 -22.61 -27.92 42.47
C PHE D 97 -23.87 -27.21 42.02
N GLN D 98 -23.77 -26.47 40.92
CA GLN D 98 -24.91 -25.84 40.28
C GLN D 98 -25.18 -26.48 38.92
N LEU D 99 -26.46 -26.70 38.63
CA LEU D 99 -26.85 -27.40 37.41
C LEU D 99 -26.61 -26.53 36.20
N GLU D 100 -26.13 -27.15 35.11
CA GLU D 100 -25.86 -26.44 33.88
C GLU D 100 -26.78 -26.88 32.74
N SER D 101 -26.89 -28.18 32.48
CA SER D 101 -27.81 -28.68 31.49
C SER D 101 -29.06 -29.21 32.18
N GLN D 102 -29.96 -29.80 31.40
CA GLN D 102 -31.21 -30.32 31.94
C GLN D 102 -31.72 -31.42 31.03
N GLY D 103 -31.67 -32.66 31.50
CA GLY D 103 -32.14 -33.77 30.69
C GLY D 103 -33.63 -34.00 30.75
N SER D 104 -34.36 -33.25 31.58
CA SER D 104 -35.82 -33.27 31.67
C SER D 104 -36.24 -34.68 32.09
N TRP D 105 -37.12 -35.36 31.34
CA TRP D 105 -37.70 -36.67 31.61
C TRP D 105 -38.58 -36.70 32.84
N PHE D 106 -38.82 -35.58 33.51
CA PHE D 106 -39.58 -35.62 34.75
C PHE D 106 -41.06 -35.85 34.48
N TYR D 107 -41.71 -34.95 33.76
CA TYR D 107 -43.15 -35.09 33.53
C TYR D 107 -43.47 -36.32 32.71
N GLN D 108 -42.52 -36.80 31.90
CA GLN D 108 -42.69 -38.09 31.25
C GLN D 108 -42.59 -39.23 32.25
N ASP D 109 -41.55 -39.22 33.08
CA ASP D 109 -41.15 -40.41 33.84
C ASP D 109 -40.91 -40.18 35.32
N GLY D 110 -40.63 -38.96 35.76
CA GLY D 110 -40.42 -38.68 37.17
C GLY D 110 -38.98 -38.47 37.58
N TRP D 111 -38.02 -38.78 36.73
CA TRP D 111 -36.60 -38.62 37.03
C TRP D 111 -35.98 -37.61 36.08
N GLY D 112 -34.69 -37.35 36.29
CA GLY D 112 -34.00 -36.39 35.46
C GLY D 112 -32.49 -36.58 35.53
N VAL D 113 -31.82 -36.02 34.53
CA VAL D 113 -30.37 -36.02 34.44
C VAL D 113 -29.91 -34.59 34.19
N CYS D 114 -28.90 -34.14 34.92
CA CYS D 114 -28.40 -32.79 34.75
C CYS D 114 -26.88 -32.77 34.85
N LEU D 115 -26.26 -31.95 34.00
CA LEU D 115 -24.84 -31.68 34.12
C LEU D 115 -24.65 -30.50 35.07
N ALA D 116 -23.78 -30.67 36.06
CA ALA D 116 -23.59 -29.66 37.10
C ALA D 116 -22.11 -29.35 37.23
N VAL D 117 -21.81 -28.10 37.52
CA VAL D 117 -20.43 -27.62 37.64
C VAL D 117 -20.16 -27.28 39.09
N ASP D 118 -18.96 -27.63 39.55
CA ASP D 118 -18.52 -27.30 40.90
C ASP D 118 -18.43 -25.78 41.03
N ILE D 119 -18.80 -25.28 42.21
CA ILE D 119 -18.73 -23.86 42.52
C ILE D 119 -17.60 -23.55 43.48
N GLY D 120 -17.50 -24.32 44.55
CA GLY D 120 -16.43 -24.10 45.51
C GLY D 120 -16.62 -25.00 46.71
N ALA D 121 -15.69 -24.86 47.66
CA ALA D 121 -15.75 -25.66 48.87
C ALA D 121 -16.99 -25.31 49.68
N ALA D 122 -17.59 -26.33 50.28
CA ALA D 122 -18.76 -26.10 51.11
C ALA D 122 -18.36 -25.46 52.43
N LYS D 123 -19.30 -24.72 53.01
CA LYS D 123 -19.09 -24.20 54.36
C LYS D 123 -19.20 -25.34 55.37
N LEU D 124 -18.38 -25.27 56.41
CA LEU D 124 -18.33 -26.31 57.42
C LEU D 124 -19.05 -25.83 58.67
N THR D 125 -20.00 -26.65 59.14
CA THR D 125 -20.71 -26.31 60.37
C THR D 125 -19.81 -26.51 61.58
N ASP D 126 -20.28 -26.01 62.72
CA ASP D 126 -19.50 -26.10 63.96
C ASP D 126 -19.31 -27.55 64.37
N ASP D 127 -20.30 -28.40 64.13
CA ASP D 127 -20.23 -29.81 64.49
C ASP D 127 -19.47 -30.65 63.49
N GLY D 128 -19.06 -30.08 62.35
CA GLY D 128 -18.33 -30.80 61.34
C GLY D 128 -19.13 -31.25 60.14
N LYS D 129 -20.44 -31.04 60.15
CA LYS D 129 -21.26 -31.39 59.00
C LYS D 129 -20.91 -30.50 57.81
N PRO D 130 -20.79 -31.07 56.61
CA PRO D 130 -20.40 -30.26 55.44
C PRO D 130 -21.60 -29.70 54.68
N THR D 131 -22.36 -28.83 55.34
CA THR D 131 -23.43 -28.09 54.67
C THR D 131 -23.35 -26.63 55.10
N PHE D 132 -24.01 -25.79 54.31
CA PHE D 132 -24.09 -24.36 54.59
C PHE D 132 -24.77 -24.08 55.93
N MET E 1 -22.87 -52.84 46.21
CA MET E 1 -23.44 -52.31 44.98
C MET E 1 -22.34 -52.02 43.97
N ILE E 2 -22.64 -52.23 42.68
CA ILE E 2 -21.61 -52.06 41.65
C ILE E 2 -21.05 -50.64 41.52
N PRO E 3 -21.83 -49.55 41.57
CA PRO E 3 -21.16 -48.24 41.56
C PRO E 3 -20.35 -47.99 42.82
N GLY E 4 -20.64 -48.70 43.90
CA GLY E 4 -19.76 -48.76 45.04
C GLY E 4 -18.62 -49.73 44.78
N ALA E 5 -18.21 -50.46 45.82
CA ALA E 5 -17.11 -51.43 45.75
C ALA E 5 -15.86 -50.80 45.13
N ASN E 6 -15.16 -51.54 44.29
CA ASN E 6 -14.04 -50.99 43.53
C ASN E 6 -13.87 -51.83 42.27
N LEU E 7 -14.36 -51.34 41.14
CA LEU E 7 -14.29 -52.10 39.90
C LEU E 7 -12.86 -52.26 39.42
N LEU E 8 -12.05 -51.21 39.54
CA LEU E 8 -10.67 -51.31 39.09
C LEU E 8 -9.86 -52.26 39.96
N ARG E 9 -10.19 -52.36 41.25
CA ARG E 9 -9.48 -53.29 42.13
C ARG E 9 -9.68 -54.73 41.67
N MET E 10 -10.92 -55.10 41.33
CA MET E 10 -11.15 -56.46 40.83
C MET E 10 -10.62 -56.62 39.42
N ALA E 11 -10.67 -55.57 38.60
CA ALA E 11 -10.14 -55.64 37.25
C ALA E 11 -8.63 -55.86 37.26
N PHE E 12 -7.95 -55.37 38.30
CA PHE E 12 -6.53 -55.65 38.47
C PHE E 12 -6.24 -57.11 38.78
N GLY E 13 -7.26 -57.88 39.16
CA GLY E 13 -7.05 -59.29 39.44
C GLY E 13 -6.65 -60.09 38.22
N VAL E 14 -7.17 -59.73 37.05
CA VAL E 14 -6.91 -60.46 35.82
C VAL E 14 -5.85 -59.78 34.97
N ILE E 15 -5.96 -58.47 34.76
CA ILE E 15 -5.01 -57.78 33.90
C ILE E 15 -3.77 -57.39 34.70
N GLY E 16 -2.69 -57.09 33.97
CA GLY E 16 -1.45 -56.71 34.59
C GLY E 16 -1.48 -55.29 35.10
N THR E 17 -0.45 -54.95 35.87
CA THR E 17 -0.41 -53.66 36.55
C THR E 17 1.02 -53.16 36.59
N GLN E 18 1.21 -51.92 36.16
CA GLN E 18 2.50 -51.26 36.25
C GLN E 18 2.60 -50.52 37.58
N ILE E 19 3.82 -50.39 38.07
CA ILE E 19 4.10 -49.68 39.31
C ILE E 19 4.72 -48.34 38.96
N VAL E 20 4.03 -47.27 39.36
CA VAL E 20 4.52 -45.92 39.12
C VAL E 20 4.88 -45.30 40.46
N LYS E 21 5.67 -44.23 40.41
CA LYS E 21 6.07 -43.52 41.63
C LYS E 21 5.22 -42.26 41.71
N TYR E 22 4.11 -42.34 42.42
CA TYR E 22 3.20 -41.21 42.54
C TYR E 22 3.73 -40.21 43.57
N ARG E 23 3.27 -38.98 43.43
CA ARG E 23 3.71 -37.89 44.29
C ARG E 23 2.64 -36.81 44.28
N LYS E 24 2.16 -36.45 45.47
CA LYS E 24 0.99 -35.61 45.66
C LYS E 24 1.37 -34.19 46.03
N PHE E 25 0.58 -33.24 45.54
CA PHE E 25 0.81 -31.82 45.79
C PHE E 25 0.61 -31.47 47.26
N GLU E 26 1.54 -30.68 47.81
CA GLU E 26 1.48 -30.29 49.21
C GLU E 26 1.27 -28.79 49.39
N GLN E 27 2.17 -27.96 48.89
CA GLN E 27 1.93 -26.52 48.84
C GLN E 27 2.88 -25.93 47.81
N ARG E 28 2.54 -24.74 47.34
CA ARG E 28 3.36 -24.05 46.36
C ARG E 28 3.47 -22.58 46.77
N VAL E 29 4.68 -22.03 46.71
CA VAL E 29 4.89 -20.64 47.08
C VAL E 29 5.62 -19.93 45.97
N LYS E 30 5.51 -18.60 45.98
CA LYS E 30 6.15 -17.77 44.96
C LYS E 30 7.59 -17.54 45.36
N ASN E 31 8.51 -17.93 44.50
CA ASN E 31 9.90 -17.52 44.68
C ASN E 31 10.03 -16.11 44.11
N ASP E 32 11.28 -15.63 43.95
CA ASP E 32 11.47 -14.36 43.28
C ASP E 32 10.98 -14.47 41.84
N GLN E 33 10.69 -13.31 41.25
CA GLN E 33 10.18 -13.14 39.88
C GLN E 33 8.73 -13.59 39.74
N ALA E 34 8.03 -13.78 40.87
CA ALA E 34 6.59 -14.03 40.94
C ALA E 34 6.15 -15.36 40.34
N GLN E 35 7.08 -16.13 39.78
CA GLN E 35 6.73 -17.49 39.39
C GLN E 35 6.53 -18.34 40.63
N TYR E 36 5.65 -19.31 40.53
CA TYR E 36 5.40 -20.19 41.66
C TYR E 36 6.34 -21.39 41.56
N VAL E 37 6.75 -21.89 42.72
CA VAL E 37 7.50 -23.13 42.86
C VAL E 37 6.61 -24.09 43.64
N SER E 38 6.45 -25.29 43.10
CA SER E 38 5.60 -26.31 43.69
C SER E 38 6.41 -27.20 44.62
N MET E 39 5.78 -27.62 45.71
CA MET E 39 6.34 -28.63 46.59
C MET E 39 5.30 -29.73 46.78
N PHE E 40 5.78 -30.89 47.21
CA PHE E 40 4.98 -32.10 47.15
C PHE E 40 5.17 -32.95 48.40
N GLU E 41 4.26 -33.92 48.56
CA GLU E 41 4.39 -34.93 49.60
C GLU E 41 5.55 -35.89 49.29
N GLU E 42 5.75 -36.84 50.20
CA GLU E 42 6.70 -37.92 49.97
C GLU E 42 6.21 -38.80 48.83
N PRO E 43 7.09 -39.22 47.93
CA PRO E 43 6.69 -40.16 46.88
C PRO E 43 6.27 -41.51 47.46
N PHE E 44 5.38 -42.18 46.74
CA PHE E 44 4.96 -43.52 47.17
C PHE E 44 4.55 -44.32 45.94
N ASP E 45 4.75 -45.63 46.02
CA ASP E 45 4.45 -46.49 44.88
C ASP E 45 2.95 -46.62 44.69
N LEU E 46 2.54 -46.66 43.43
CA LEU E 46 1.14 -46.77 43.05
C LEU E 46 0.98 -47.87 42.00
N ALA E 47 -0.10 -48.62 42.11
CA ALA E 47 -0.40 -49.72 41.20
C ALA E 47 -1.44 -49.23 40.20
N ALA E 48 -1.06 -49.12 38.94
CA ALA E 48 -1.90 -48.48 37.94
C ALA E 48 -1.68 -49.11 36.58
N SER E 49 -2.66 -48.94 35.70
CA SER E 49 -2.55 -49.34 34.31
C SER E 49 -2.35 -48.09 33.47
N VAL E 50 -1.20 -47.98 32.82
CA VAL E 50 -0.88 -46.78 32.07
C VAL E 50 -0.96 -47.04 30.58
N GLN E 51 -2.15 -46.88 30.00
CA GLN E 51 -2.35 -47.12 28.59
C GLN E 51 -1.86 -45.93 27.77
N ARG E 52 -1.70 -46.15 26.48
CA ARG E 52 -1.17 -45.13 25.60
C ARG E 52 -2.26 -44.15 25.18
N VAL E 53 -1.83 -43.02 24.65
CA VAL E 53 -2.68 -42.11 23.90
C VAL E 53 -1.96 -41.76 22.62
N ARG E 54 -2.68 -41.76 21.50
CA ARG E 54 -2.09 -41.45 20.21
C ARG E 54 -1.52 -40.04 20.23
N ARG E 55 -0.19 -39.94 20.15
CA ARG E 55 0.51 -38.67 20.17
C ARG E 55 0.98 -38.35 18.75
N ASP E 56 0.60 -37.18 18.27
CA ASP E 56 0.90 -36.78 16.90
C ASP E 56 1.72 -35.50 16.91
N GLN E 57 2.72 -35.43 16.04
CA GLN E 57 3.54 -34.24 15.98
C GLN E 57 2.79 -33.11 15.28
N TYR E 58 3.12 -31.88 15.65
CA TYR E 58 2.51 -30.71 15.03
C TYR E 58 3.59 -29.66 14.79
N VAL E 59 3.17 -28.53 14.23
CA VAL E 59 4.07 -27.45 13.86
C VAL E 59 3.61 -26.17 14.55
N GLN E 60 4.56 -25.47 15.16
CA GLN E 60 4.28 -24.17 15.76
C GLN E 60 5.49 -23.29 15.59
N PHE E 61 5.27 -22.04 15.14
CA PHE E 61 6.33 -21.06 14.92
C PHE E 61 7.41 -21.60 13.99
N ASN E 62 7.00 -22.41 13.00
CA ASN E 62 7.84 -23.08 12.02
C ASN E 62 8.73 -24.16 12.63
N LEU E 63 8.58 -24.49 13.91
CA LEU E 63 9.24 -25.64 14.49
C LEU E 63 8.28 -26.81 14.59
N GLU E 64 8.83 -27.97 14.95
CA GLU E 64 8.06 -29.20 15.09
C GLU E 64 8.07 -29.65 16.54
N PHE E 65 6.89 -29.87 17.09
CA PHE E 65 6.71 -30.29 18.48
C PHE E 65 5.89 -31.56 18.52
N GLN E 66 5.80 -32.16 19.72
CA GLN E 66 4.93 -33.30 19.94
C GLN E 66 4.69 -33.46 21.44
N ARG E 67 3.42 -33.58 21.82
CA ARG E 67 3.04 -33.67 23.22
C ARG E 67 2.80 -35.13 23.57
N ASN E 68 3.55 -35.65 24.54
CA ASN E 68 3.52 -37.06 24.88
C ASN E 68 2.48 -37.31 25.97
N TYR E 69 1.55 -38.22 25.69
CA TYR E 69 0.39 -38.45 26.55
C TYR E 69 0.37 -39.90 27.03
N VAL E 70 -0.13 -40.11 28.24
CA VAL E 70 -0.44 -41.45 28.76
C VAL E 70 -1.72 -41.35 29.57
N MET E 71 -2.59 -42.35 29.45
CA MET E 71 -3.83 -42.40 30.19
C MET E 71 -3.68 -43.42 31.33
N ILE E 72 -3.72 -42.94 32.56
CA ILE E 72 -3.45 -43.78 33.73
C ILE E 72 -4.76 -44.07 34.44
N PHE E 73 -5.04 -45.36 34.63
CA PHE E 73 -6.12 -45.83 35.48
C PHE E 73 -5.48 -46.27 36.79
N ALA E 74 -5.77 -45.56 37.87
CA ALA E 74 -5.18 -45.86 39.17
C ALA E 74 -6.25 -45.86 40.24
N ASN E 75 -6.04 -46.69 41.27
CA ASN E 75 -6.99 -46.84 42.36
C ASN E 75 -6.68 -45.85 43.48
N PHE E 76 -6.69 -44.57 43.13
CA PHE E 76 -6.33 -43.51 44.07
C PHE E 76 -6.98 -42.21 43.62
N GLU E 77 -7.13 -41.29 44.58
CA GLU E 77 -7.64 -39.96 44.29
C GLU E 77 -6.54 -39.16 43.60
N MET E 78 -6.73 -38.87 42.32
CA MET E 78 -5.78 -38.12 41.53
C MET E 78 -6.40 -36.79 41.12
N VAL E 79 -5.71 -35.69 41.46
CA VAL E 79 -6.19 -34.34 41.19
C VAL E 79 -5.15 -33.61 40.35
N ASP E 80 -5.59 -33.04 39.25
CA ASP E 80 -4.77 -32.19 38.39
C ASP E 80 -4.99 -30.73 38.80
N LEU E 81 -4.64 -29.80 37.90
CA LEU E 81 -4.80 -28.36 38.09
C LEU E 81 -6.15 -28.00 38.72
N ASP E 82 -6.11 -27.02 39.63
CA ASP E 82 -7.30 -26.67 40.40
C ASP E 82 -7.07 -25.25 40.91
N ARG E 83 -8.15 -24.58 41.27
CA ARG E 83 -8.04 -23.28 41.95
C ARG E 83 -7.25 -23.43 43.25
N ASP E 84 -6.14 -22.70 43.36
CA ASP E 84 -5.21 -22.73 44.50
C ASP E 84 -4.48 -24.05 44.65
N VAL E 85 -4.47 -24.91 43.63
CA VAL E 85 -3.86 -26.23 43.73
C VAL E 85 -3.16 -26.56 42.41
N ALA E 86 -1.93 -27.03 42.50
CA ALA E 86 -1.22 -27.47 41.30
C ALA E 86 -1.43 -28.97 41.09
N GLY E 87 -1.11 -29.43 39.88
CA GLY E 87 -1.32 -30.81 39.54
C GLY E 87 -0.33 -31.75 40.19
N ASP E 88 -0.72 -33.02 40.26
CA ASP E 88 0.11 -34.05 40.86
C ASP E 88 1.12 -34.57 39.86
N GLN E 89 2.01 -35.46 40.31
CA GLN E 89 3.07 -35.91 39.43
C GLN E 89 3.42 -37.35 39.71
N PHE E 90 3.60 -38.14 38.66
CA PHE E 90 4.04 -39.53 38.82
C PHE E 90 5.18 -39.85 37.88
N LEU E 91 6.04 -40.76 38.32
CA LEU E 91 7.20 -41.20 37.56
C LEU E 91 6.96 -42.57 36.98
N TRP E 92 7.32 -42.75 35.71
CA TRP E 92 7.16 -44.02 35.04
C TRP E 92 8.21 -44.14 33.94
N THR E 93 8.94 -45.26 33.96
CA THR E 93 10.01 -45.55 32.98
C THR E 93 11.02 -44.41 32.89
N GLY E 94 11.37 -43.85 34.04
CA GLY E 94 12.31 -42.74 34.07
C GLY E 94 11.82 -41.50 33.39
N ARG E 95 10.50 -41.32 33.30
CA ARG E 95 9.92 -40.11 32.73
C ARG E 95 8.91 -39.53 33.70
N VAL E 96 8.96 -38.22 33.86
CA VAL E 96 8.02 -37.50 34.71
C VAL E 96 6.74 -37.27 33.94
N PHE E 97 5.60 -37.43 34.60
CA PHE E 97 4.30 -37.17 34.01
C PHE E 97 3.48 -36.34 34.98
N GLN E 98 2.76 -35.37 34.47
CA GLN E 98 1.78 -34.63 35.26
C GLN E 98 0.40 -34.77 34.65
N LEU E 99 -0.60 -34.89 35.51
CA LEU E 99 -1.97 -35.10 35.08
C LEU E 99 -2.52 -33.88 34.36
N GLU E 100 -3.37 -34.12 33.38
CA GLU E 100 -3.94 -33.04 32.59
C GLU E 100 -5.46 -33.00 32.63
N SER E 101 -6.11 -34.16 32.51
CA SER E 101 -7.54 -34.29 32.67
C SER E 101 -7.81 -35.01 33.98
N GLN E 102 -9.08 -35.31 34.24
CA GLN E 102 -9.45 -35.96 35.49
C GLN E 102 -10.75 -36.71 35.29
N GLY E 103 -10.69 -38.03 35.28
CA GLY E 103 -11.91 -38.81 35.18
C GLY E 103 -12.67 -38.97 36.46
N SER E 104 -12.08 -38.57 37.59
CA SER E 104 -12.69 -38.59 38.91
C SER E 104 -13.08 -40.04 39.23
N TRP E 105 -14.35 -40.37 39.45
CA TRP E 105 -14.88 -41.66 39.85
C TRP E 105 -14.41 -42.11 41.24
N PHE E 106 -13.66 -41.28 41.95
CA PHE E 106 -13.10 -41.71 43.24
C PHE E 106 -14.19 -41.83 44.30
N TYR E 107 -14.86 -40.73 44.60
CA TYR E 107 -15.84 -40.75 45.68
C TYR E 107 -17.01 -41.67 45.36
N GLN E 108 -17.28 -41.90 44.08
CA GLN E 108 -18.28 -42.88 43.71
C GLN E 108 -17.75 -44.30 43.85
N ASP E 109 -16.53 -44.55 43.37
CA ASP E 109 -16.04 -45.93 43.22
C ASP E 109 -14.67 -46.20 43.80
N GLY E 110 -13.82 -45.18 43.99
CA GLY E 110 -12.51 -45.38 44.57
C GLY E 110 -11.36 -45.34 43.60
N TRP E 111 -11.62 -45.44 42.30
CA TRP E 111 -10.58 -45.41 41.28
C TRP E 111 -10.71 -44.15 40.44
N GLY E 112 -9.80 -44.00 39.48
CA GLY E 112 -9.79 -42.83 38.64
C GLY E 112 -8.97 -43.03 37.39
N VAL E 113 -9.22 -42.17 36.41
CA VAL E 113 -8.52 -42.18 35.13
C VAL E 113 -8.09 -40.75 34.83
N CYS E 114 -6.82 -40.57 34.43
CA CYS E 114 -6.32 -39.24 34.14
C CYS E 114 -5.43 -39.28 32.91
N LEU E 115 -5.46 -38.20 32.14
CA LEU E 115 -4.55 -38.01 31.02
C LEU E 115 -3.36 -37.21 31.52
N ALA E 116 -2.15 -37.70 31.25
CA ALA E 116 -0.94 -37.10 31.80
C ALA E 116 0.08 -36.86 30.70
N VAL E 117 0.74 -35.71 30.77
CA VAL E 117 1.76 -35.34 29.80
C VAL E 117 3.14 -35.65 30.37
N ASP E 118 4.06 -35.96 29.47
CA ASP E 118 5.45 -36.14 29.84
C ASP E 118 6.06 -34.76 30.08
N ILE E 119 7.04 -34.70 30.97
CA ILE E 119 7.72 -33.46 31.29
C ILE E 119 9.19 -33.50 30.91
N GLY E 120 9.87 -34.59 31.24
CA GLY E 120 11.27 -34.72 30.91
C GLY E 120 11.84 -35.95 31.57
N ALA E 121 13.14 -36.16 31.32
CA ALA E 121 13.83 -37.31 31.89
C ALA E 121 13.88 -37.20 33.41
N ALA E 122 13.83 -38.34 34.07
CA ALA E 122 13.93 -38.39 35.52
C ALA E 122 15.34 -38.07 35.98
N LYS E 123 15.44 -37.56 37.19
CA LYS E 123 16.75 -37.46 37.83
C LYS E 123 17.22 -38.85 38.24
N LEU E 124 18.49 -39.12 38.01
CA LEU E 124 19.07 -40.43 38.30
C LEU E 124 19.75 -40.37 39.65
N THR E 125 19.37 -41.27 40.56
CA THR E 125 20.02 -41.34 41.85
C THR E 125 21.43 -41.93 41.71
N ASP E 126 22.20 -41.80 42.79
CA ASP E 126 23.56 -42.33 42.79
C ASP E 126 23.57 -43.85 42.62
N ASP E 127 22.56 -44.54 43.13
CA ASP E 127 22.47 -45.98 42.96
C ASP E 127 21.86 -46.39 41.63
N GLY E 128 21.38 -45.45 40.84
CA GLY E 128 20.79 -45.74 39.55
C GLY E 128 19.27 -45.75 39.51
N LYS E 129 18.62 -45.50 40.64
CA LYS E 129 17.17 -45.52 40.69
C LYS E 129 16.62 -44.36 39.87
N PRO E 130 15.58 -44.57 39.07
CA PRO E 130 15.01 -43.47 38.27
C PRO E 130 13.96 -42.67 39.03
N THR E 131 14.37 -42.08 40.15
CA THR E 131 13.48 -41.25 40.93
C THR E 131 14.18 -39.97 41.34
N PHE E 132 13.37 -38.95 41.60
CA PHE E 132 13.85 -37.66 42.07
C PHE E 132 14.46 -37.75 43.46
N MET F 1 0.30 -61.83 32.21
CA MET F 1 -0.96 -61.13 32.06
C MET F 1 -1.08 -60.52 30.67
N ILE F 2 -2.33 -60.29 30.23
CA ILE F 2 -2.54 -59.80 28.86
C ILE F 2 -1.94 -58.42 28.59
N PRO F 3 -1.98 -57.43 29.50
CA PRO F 3 -1.19 -56.21 29.24
C PRO F 3 0.30 -56.48 29.16
N GLY F 4 0.79 -57.51 29.86
CA GLY F 4 2.15 -57.97 29.67
C GLY F 4 2.25 -58.81 28.41
N ALA F 5 3.14 -59.81 28.45
CA ALA F 5 3.43 -60.69 27.31
C ALA F 5 3.72 -59.88 26.06
N ASN F 6 3.23 -60.34 24.91
CA ASN F 6 3.35 -59.57 23.68
C ASN F 6 2.20 -59.97 22.77
N LEU F 7 1.17 -59.14 22.69
CA LEU F 7 0.00 -59.48 21.89
C LEU F 7 0.33 -59.45 20.41
N LEU F 8 1.19 -58.53 19.96
CA LEU F 8 1.55 -58.48 18.56
C LEU F 8 2.37 -59.71 18.16
N ARG F 9 3.20 -60.21 19.08
CA ARG F 9 3.97 -61.42 18.80
C ARG F 9 3.04 -62.61 18.57
N MET F 10 2.01 -62.74 19.41
CA MET F 10 1.04 -63.81 19.21
C MET F 10 0.23 -63.59 17.93
N ALA F 11 -0.14 -62.34 17.65
CA ALA F 11 -0.93 -62.05 16.45
C ALA F 11 -0.15 -62.33 15.18
N PHE F 12 1.18 -62.20 15.22
CA PHE F 12 2.01 -62.56 14.09
C PHE F 12 2.02 -64.06 13.81
N GLY F 13 1.53 -64.88 14.74
CA GLY F 13 1.47 -66.31 14.50
C GLY F 13 0.49 -66.67 13.39
N VAL F 14 -0.61 -65.95 13.29
CA VAL F 14 -1.66 -66.25 12.33
C VAL F 14 -1.58 -65.36 11.09
N ILE F 15 -1.46 -64.05 11.28
CA ILE F 15 -1.40 -63.14 10.14
C ILE F 15 0.04 -63.08 9.63
N GLY F 16 0.17 -62.72 8.37
CA GLY F 16 1.48 -62.57 7.77
C GLY F 16 2.12 -61.24 8.11
N THR F 17 3.44 -61.20 7.95
CA THR F 17 4.22 -60.02 8.28
C THR F 17 5.17 -59.68 7.13
N GLN F 18 5.41 -58.40 6.98
CA GLN F 18 6.36 -57.88 6.00
C GLN F 18 7.69 -57.60 6.69
N ILE F 19 8.76 -57.58 5.90
CA ILE F 19 10.10 -57.31 6.40
C ILE F 19 10.51 -55.93 5.94
N VAL F 20 10.74 -55.04 6.89
CA VAL F 20 11.20 -53.69 6.59
C VAL F 20 12.62 -53.53 7.09
N LYS F 21 13.34 -52.59 6.52
CA LYS F 21 14.71 -52.31 6.93
C LYS F 21 14.67 -51.12 7.88
N TYR F 22 14.61 -51.42 9.17
CA TYR F 22 14.52 -50.35 10.15
C TYR F 22 15.89 -49.74 10.39
N ARG F 23 15.89 -48.51 10.89
CA ARG F 23 17.11 -47.76 11.10
C ARG F 23 16.83 -46.72 12.19
N LYS F 24 17.67 -46.77 13.24
CA LYS F 24 17.44 -46.08 14.50
C LYS F 24 18.36 -44.88 14.65
N PHE F 25 17.80 -43.81 15.22
CA PHE F 25 18.51 -42.56 15.45
C PHE F 25 19.70 -42.74 16.38
N GLU F 26 20.85 -42.15 16.03
CA GLU F 26 22.08 -42.32 16.78
C GLU F 26 22.54 -41.03 17.46
N GLN F 27 22.84 -39.99 16.68
CA GLN F 27 23.02 -38.62 17.14
C GLN F 27 23.12 -37.76 15.89
N ARG F 28 22.96 -36.46 16.08
CA ARG F 28 22.62 -35.54 15.02
C ARG F 28 23.28 -34.19 15.27
N VAL F 29 23.90 -33.64 14.21
CA VAL F 29 24.78 -32.49 14.32
C VAL F 29 24.50 -31.50 13.20
N LYS F 30 24.91 -30.25 13.41
CA LYS F 30 24.58 -29.17 12.48
C LYS F 30 25.67 -29.06 11.42
N ASN F 31 25.29 -29.02 10.16
CA ASN F 31 26.28 -28.69 9.15
C ASN F 31 26.29 -27.17 8.99
N ASP F 32 26.98 -26.66 7.97
CA ASP F 32 26.97 -25.24 7.69
C ASP F 32 25.55 -24.80 7.34
N GLN F 33 25.31 -23.49 7.47
CA GLN F 33 24.07 -22.79 7.14
C GLN F 33 22.96 -23.06 8.15
N ALA F 34 23.28 -23.69 9.28
CA ALA F 34 22.39 -24.02 10.39
C ALA F 34 21.31 -25.03 10.02
N GLN F 35 21.25 -25.47 8.76
CA GLN F 35 20.54 -26.70 8.48
C GLN F 35 21.24 -27.83 9.22
N TYR F 36 20.49 -28.85 9.58
CA TYR F 36 20.90 -29.65 10.71
C TYR F 36 20.75 -31.10 10.27
N VAL F 37 21.86 -31.84 10.23
CA VAL F 37 21.91 -33.16 9.61
C VAL F 37 21.72 -34.23 10.68
N SER F 38 20.84 -35.18 10.41
CA SER F 38 20.55 -36.29 11.30
C SER F 38 21.19 -37.56 10.76
N MET F 39 21.88 -38.29 11.64
CA MET F 39 22.52 -39.54 11.28
C MET F 39 22.07 -40.64 12.23
N PHE F 40 22.24 -41.88 11.80
CA PHE F 40 21.58 -43.03 12.41
C PHE F 40 22.60 -44.14 12.66
N GLU F 41 22.14 -45.20 13.36
CA GLU F 41 22.97 -46.38 13.54
C GLU F 41 22.74 -47.37 12.40
N GLU F 42 23.25 -48.59 12.56
CA GLU F 42 23.22 -49.58 11.50
C GLU F 42 21.79 -50.05 11.24
N PRO F 43 21.40 -50.23 9.99
CA PRO F 43 20.08 -50.80 9.69
C PRO F 43 19.97 -52.24 10.16
N PHE F 44 18.73 -52.65 10.43
CA PHE F 44 18.49 -54.04 10.80
C PHE F 44 17.07 -54.40 10.37
N ASP F 45 16.88 -55.67 10.04
CA ASP F 45 15.59 -56.12 9.56
C ASP F 45 14.55 -56.12 10.69
N LEU F 46 13.30 -55.92 10.32
CA LEU F 46 12.21 -55.84 11.29
C LEU F 46 10.97 -56.50 10.70
N ALA F 47 10.32 -57.34 11.50
CA ALA F 47 9.08 -57.97 11.09
C ALA F 47 7.92 -57.12 11.57
N ALA F 48 7.13 -56.60 10.63
CA ALA F 48 6.09 -55.65 10.97
C ALA F 48 4.95 -55.77 9.98
N SER F 49 3.77 -55.32 10.40
CA SER F 49 2.60 -55.26 9.55
C SER F 49 2.40 -53.81 9.12
N VAL F 50 2.54 -53.53 7.83
CA VAL F 50 2.45 -52.17 7.34
C VAL F 50 1.13 -51.95 6.62
N GLN F 51 0.10 -51.57 7.36
CA GLN F 51 -1.21 -51.35 6.77
C GLN F 51 -1.27 -49.97 6.14
N ARG F 52 -2.32 -49.75 5.36
CA ARG F 52 -2.45 -48.50 4.62
C ARG F 52 -3.12 -47.43 5.45
N VAL F 53 -2.97 -46.19 5.01
CA VAL F 53 -3.78 -45.06 5.46
C VAL F 53 -4.28 -44.35 4.20
N ARG F 54 -5.56 -44.02 4.19
CA ARG F 54 -6.16 -43.35 3.03
C ARG F 54 -5.46 -42.02 2.77
N ARG F 55 -4.72 -41.95 1.67
CA ARG F 55 -3.98 -40.75 1.31
C ARG F 55 -4.79 -39.99 0.26
N ASP F 56 -5.14 -38.74 0.55
CA ASP F 56 -5.96 -37.92 -0.32
C ASP F 56 -5.17 -36.71 -0.79
N GLN F 57 -5.31 -36.40 -2.08
CA GLN F 57 -4.56 -35.29 -2.64
C GLN F 57 -5.20 -33.98 -2.23
N TYR F 58 -4.38 -32.93 -2.14
CA TYR F 58 -4.87 -31.61 -1.76
C TYR F 58 -4.18 -30.57 -2.63
N VAL F 59 -4.52 -29.31 -2.38
CA VAL F 59 -4.04 -28.19 -3.17
C VAL F 59 -3.37 -27.18 -2.25
N GLN F 60 -2.19 -26.70 -2.65
CA GLN F 60 -1.48 -25.68 -1.91
C GLN F 60 -0.69 -24.83 -2.89
N PHE F 61 -0.83 -23.51 -2.77
CA PHE F 61 -0.15 -22.54 -3.64
C PHE F 61 -0.45 -22.81 -5.11
N ASN F 62 -1.70 -23.19 -5.39
CA ASN F 62 -2.22 -23.56 -6.71
C ASN F 62 -1.58 -24.82 -7.27
N LEU F 63 -0.73 -25.50 -6.51
CA LEU F 63 -0.19 -26.78 -6.92
C LEU F 63 -0.96 -27.91 -6.25
N GLU F 64 -0.71 -29.13 -6.71
CA GLU F 64 -1.37 -30.31 -6.19
C GLU F 64 -0.34 -31.20 -5.50
N PHE F 65 -0.61 -31.53 -4.25
CA PHE F 65 0.26 -32.37 -3.43
C PHE F 65 -0.51 -33.59 -2.94
N GLN F 66 0.22 -34.54 -2.39
CA GLN F 66 -0.40 -35.71 -1.76
C GLN F 66 0.59 -36.31 -0.78
N ARG F 67 0.13 -36.54 0.45
CA ARG F 67 0.97 -37.05 1.53
C ARG F 67 0.75 -38.55 1.66
N ASN F 68 1.80 -39.32 1.44
CA ASN F 68 1.71 -40.78 1.42
C ASN F 68 1.94 -41.32 2.83
N TYR F 69 1.01 -42.15 3.30
CA TYR F 69 1.00 -42.60 4.69
C TYR F 69 0.94 -44.12 4.74
N VAL F 70 1.62 -44.71 5.74
CA VAL F 70 1.47 -46.11 6.08
C VAL F 70 1.50 -46.25 7.59
N MET F 71 0.65 -47.11 8.13
CA MET F 71 0.58 -47.36 9.57
C MET F 71 1.28 -48.68 9.85
N ILE F 72 2.40 -48.63 10.58
CA ILE F 72 3.23 -49.80 10.81
C ILE F 72 3.03 -50.27 12.25
N PHE F 73 2.63 -51.53 12.40
CA PHE F 73 2.62 -52.22 13.69
C PHE F 73 3.88 -53.06 13.75
N ALA F 74 4.78 -52.74 14.67
CA ALA F 74 6.04 -53.47 14.79
C ALA F 74 6.32 -53.80 16.25
N ASN F 75 6.97 -54.94 16.46
CA ASN F 75 7.28 -55.42 17.80
C ASN F 75 8.60 -54.85 18.30
N PHE F 76 8.71 -53.52 18.28
CA PHE F 76 9.95 -52.85 18.64
C PHE F 76 9.61 -51.45 19.17
N GLU F 77 10.50 -50.93 20.01
CA GLU F 77 10.36 -49.56 20.49
C GLU F 77 10.65 -48.61 19.34
N MET F 78 9.67 -47.77 19.00
CA MET F 78 9.77 -46.87 17.87
C MET F 78 9.51 -45.45 18.35
N VAL F 79 10.45 -44.56 18.05
CA VAL F 79 10.41 -43.18 18.53
C VAL F 79 10.48 -42.25 17.33
N ASP F 80 9.48 -41.38 17.20
CA ASP F 80 9.45 -40.34 16.19
C ASP F 80 10.03 -39.07 16.79
N LEU F 81 9.73 -37.92 16.17
CA LEU F 81 10.18 -36.59 16.60
C LEU F 81 10.11 -36.42 18.11
N ASP F 82 11.13 -35.78 18.68
CA ASP F 82 11.24 -35.66 20.12
C ASP F 82 12.15 -34.48 20.38
N ARG F 83 12.07 -33.94 21.59
CA ARG F 83 13.00 -32.89 22.02
C ARG F 83 14.43 -33.41 21.92
N ASP F 84 15.27 -32.70 21.16
CA ASP F 84 16.68 -33.05 20.92
C ASP F 84 16.87 -34.35 20.13
N VAL F 85 15.81 -34.91 19.54
CA VAL F 85 15.89 -36.21 18.87
C VAL F 85 15.09 -36.14 17.57
N ALA F 86 15.67 -36.61 16.48
CA ALA F 86 14.95 -36.63 15.21
C ALA F 86 14.15 -37.91 15.07
N GLY F 87 13.33 -37.96 14.02
CA GLY F 87 12.48 -39.11 13.78
C GLY F 87 13.28 -40.32 13.32
N ASP F 88 12.61 -41.47 13.39
CA ASP F 88 13.24 -42.73 13.05
C ASP F 88 12.98 -43.04 11.57
N GLN F 89 13.61 -44.10 11.03
CA GLN F 89 13.44 -44.29 9.60
C GLN F 89 13.46 -45.76 9.21
N PHE F 90 12.50 -46.17 8.38
CA PHE F 90 12.50 -47.54 7.86
C PHE F 90 12.28 -47.56 6.36
N LEU F 91 12.83 -48.59 5.72
CA LEU F 91 12.77 -48.78 4.28
C LEU F 91 11.78 -49.90 3.96
N TRP F 92 10.89 -49.63 3.01
CA TRP F 92 9.93 -50.64 2.58
C TRP F 92 9.58 -50.41 1.12
N THR F 93 9.67 -51.48 0.31
CA THR F 93 9.39 -51.43 -1.13
C THR F 93 10.19 -50.35 -1.84
N GLY F 94 11.45 -50.20 -1.44
CA GLY F 94 12.30 -49.18 -2.02
C GLY F 94 11.84 -47.76 -1.74
N ARG F 95 11.09 -47.55 -0.67
CA ARG F 95 10.66 -46.23 -0.28
C ARG F 95 11.06 -45.97 1.17
N VAL F 96 11.60 -44.79 1.41
CA VAL F 96 11.94 -44.36 2.76
C VAL F 96 10.68 -43.89 3.46
N PHE F 97 10.53 -44.26 4.72
CA PHE F 97 9.41 -43.83 5.53
C PHE F 97 9.93 -43.33 6.86
N GLN F 98 9.40 -42.20 7.30
CA GLN F 98 9.73 -41.64 8.60
C GLN F 98 8.48 -41.50 9.45
N LEU F 99 8.61 -41.85 10.73
CA LEU F 99 7.46 -41.93 11.63
C LEU F 99 6.93 -40.55 11.97
N GLU F 100 5.60 -40.45 12.10
CA GLU F 100 4.96 -39.20 12.41
C GLU F 100 4.17 -39.23 13.72
N SER F 101 3.38 -40.27 13.95
CA SER F 101 2.70 -40.45 15.22
C SER F 101 3.45 -41.49 16.05
N GLN F 102 2.89 -41.85 17.20
CA GLN F 102 3.53 -42.82 18.08
C GLN F 102 2.44 -43.48 18.92
N GLY F 103 2.15 -44.74 18.64
CA GLY F 103 1.15 -45.46 19.40
C GLY F 103 1.63 -46.03 20.71
N SER F 104 2.92 -45.91 21.01
CA SER F 104 3.52 -46.31 22.30
C SER F 104 3.29 -47.80 22.49
N TRP F 105 2.74 -48.24 23.63
CA TRP F 105 2.49 -49.62 24.04
C TRP F 105 3.76 -50.43 24.24
N PHE F 106 4.95 -49.85 24.08
CA PHE F 106 6.17 -50.65 24.17
C PHE F 106 6.46 -51.08 25.61
N TYR F 107 6.63 -50.12 26.51
CA TYR F 107 6.96 -50.48 27.89
C TYR F 107 5.81 -51.23 28.55
N GLN F 108 4.58 -51.02 28.08
CA GLN F 108 3.45 -51.80 28.58
C GLN F 108 3.46 -53.21 28.00
N ASP F 109 3.67 -53.34 26.69
CA ASP F 109 3.43 -54.61 26.01
C ASP F 109 4.58 -55.08 25.11
N GLY F 110 5.48 -54.21 24.69
CA GLY F 110 6.60 -54.62 23.86
C GLY F 110 6.46 -54.28 22.38
N TRP F 111 5.27 -53.91 21.93
CA TRP F 111 5.05 -53.58 20.54
C TRP F 111 4.61 -52.11 20.41
N GLY F 112 4.42 -51.68 19.17
CA GLY F 112 4.03 -50.31 18.92
C GLY F 112 3.43 -50.15 17.54
N VAL F 113 2.74 -49.02 17.36
CA VAL F 113 2.12 -48.66 16.09
C VAL F 113 2.47 -47.22 15.79
N CYS F 114 2.89 -46.95 14.55
CA CYS F 114 3.26 -45.58 14.19
C CYS F 114 2.77 -45.26 12.80
N LEU F 115 2.32 -44.02 12.62
CA LEU F 115 2.00 -43.50 11.30
C LEU F 115 3.26 -42.91 10.70
N ALA F 116 3.60 -43.35 9.49
CA ALA F 116 4.82 -42.94 8.82
C ALA F 116 4.51 -42.38 7.44
N VAL F 117 5.32 -41.41 7.02
CA VAL F 117 5.13 -40.72 5.75
C VAL F 117 6.29 -41.10 4.83
N ASP F 118 5.98 -41.31 3.56
CA ASP F 118 7.00 -41.58 2.55
C ASP F 118 7.86 -40.34 2.39
N ILE F 119 9.16 -40.55 2.22
CA ILE F 119 10.10 -39.47 2.00
C ILE F 119 10.56 -39.40 0.55
N GLY F 120 10.83 -40.53 -0.06
CA GLY F 120 11.24 -40.58 -1.45
C GLY F 120 11.78 -41.94 -1.79
N ALA F 121 12.21 -42.07 -3.04
CA ALA F 121 12.76 -43.33 -3.52
C ALA F 121 14.04 -43.66 -2.78
N ALA F 122 14.26 -44.95 -2.53
CA ALA F 122 15.47 -45.38 -1.86
C ALA F 122 16.64 -45.40 -2.83
N LYS F 123 17.84 -45.32 -2.26
CA LYS F 123 19.04 -45.49 -3.07
C LYS F 123 19.19 -46.96 -3.47
N LEU F 124 19.66 -47.17 -4.69
CA LEU F 124 19.82 -48.52 -5.23
C LEU F 124 21.29 -48.91 -5.13
N THR F 125 21.55 -50.06 -4.51
CA THR F 125 22.91 -50.55 -4.43
C THR F 125 23.37 -51.07 -5.79
N ASP F 126 24.69 -51.31 -5.88
CA ASP F 126 25.26 -51.81 -7.12
C ASP F 126 24.71 -53.20 -7.45
N ASP F 127 24.47 -54.01 -6.43
CA ASP F 127 23.92 -55.35 -6.64
C ASP F 127 22.41 -55.35 -6.84
N GLY F 128 21.74 -54.21 -6.66
CA GLY F 128 20.31 -54.12 -6.85
C GLY F 128 19.48 -54.10 -5.59
N LYS F 129 20.11 -54.15 -4.42
CA LYS F 129 19.37 -54.12 -3.17
C LYS F 129 18.74 -52.76 -2.98
N PRO F 130 17.48 -52.69 -2.53
CA PRO F 130 16.83 -51.39 -2.33
C PRO F 130 17.12 -50.81 -0.95
N THR F 131 18.40 -50.61 -0.65
CA THR F 131 18.81 -50.01 0.61
C THR F 131 19.89 -48.96 0.35
N PHE F 132 20.00 -48.04 1.29
CA PHE F 132 21.03 -47.01 1.26
C PHE F 132 22.43 -47.59 1.37
N MET G 1 -1.10 -66.70 4.07
CA MET G 1 -1.55 -65.82 5.15
C MET G 1 -2.57 -64.81 4.64
N ILE G 2 -3.51 -64.43 5.51
CA ILE G 2 -4.58 -63.53 5.09
C ILE G 2 -4.13 -62.15 4.63
N PRO G 3 -3.19 -61.44 5.30
CA PRO G 3 -2.77 -60.16 4.70
C PRO G 3 -1.97 -60.35 3.43
N GLY G 4 -1.42 -61.55 3.22
CA GLY G 4 -0.92 -61.93 1.91
C GLY G 4 -2.07 -62.36 1.01
N ALA G 5 -1.85 -63.39 0.19
CA ALA G 5 -2.84 -63.91 -0.75
C ALA G 5 -3.44 -62.80 -1.59
N ASN G 6 -4.75 -62.85 -1.82
CA ASN G 6 -5.45 -61.74 -2.48
C ASN G 6 -6.89 -61.79 -2.02
N LEU G 7 -7.25 -60.91 -1.10
CA LEU G 7 -8.60 -60.92 -0.54
C LEU G 7 -9.63 -60.50 -1.57
N LEU G 8 -9.32 -59.50 -2.39
CA LEU G 8 -10.27 -59.05 -3.39
C LEU G 8 -10.46 -60.09 -4.48
N ARG G 9 -9.42 -60.85 -4.81
CA ARG G 9 -9.57 -61.93 -5.78
C ARG G 9 -10.55 -62.98 -5.30
N MET G 10 -10.45 -63.37 -4.03
CA MET G 10 -11.42 -64.31 -3.46
C MET G 10 -12.81 -63.69 -3.39
N ALA G 11 -12.89 -62.41 -3.03
CA ALA G 11 -14.17 -61.74 -2.95
C ALA G 11 -14.86 -61.65 -4.30
N PHE G 12 -14.08 -61.57 -5.38
CA PHE G 12 -14.63 -61.54 -6.72
C PHE G 12 -15.30 -62.85 -7.11
N GLY G 13 -15.06 -63.93 -6.37
CA GLY G 13 -15.72 -65.19 -6.67
C GLY G 13 -17.22 -65.15 -6.47
N VAL G 14 -17.69 -64.39 -5.49
CA VAL G 14 -19.10 -64.36 -5.15
C VAL G 14 -19.80 -63.12 -5.72
N ILE G 15 -19.24 -61.94 -5.49
CA ILE G 15 -19.87 -60.72 -5.98
C ILE G 15 -19.51 -60.52 -7.45
N GLY G 16 -20.34 -59.77 -8.15
CA GLY G 16 -20.10 -59.47 -9.54
C GLY G 16 -19.02 -58.43 -9.72
N THR G 17 -18.62 -58.26 -10.98
CA THR G 17 -17.46 -57.45 -11.28
C THR G 17 -17.67 -56.72 -12.60
N GLN G 18 -17.51 -55.41 -12.58
CA GLN G 18 -17.59 -54.61 -13.79
C GLN G 18 -16.23 -54.61 -14.50
N ILE G 19 -16.25 -54.27 -15.78
CA ILE G 19 -15.06 -54.22 -16.60
C ILE G 19 -14.82 -52.77 -16.98
N VAL G 20 -13.67 -52.23 -16.59
CA VAL G 20 -13.31 -50.86 -16.93
C VAL G 20 -12.13 -50.91 -17.89
N LYS G 21 -11.94 -49.82 -18.62
CA LYS G 21 -10.81 -49.72 -19.54
C LYS G 21 -9.75 -48.88 -18.83
N TYR G 22 -8.82 -49.57 -18.17
CA TYR G 22 -7.78 -48.88 -17.44
C TYR G 22 -6.69 -48.40 -18.39
N ARG G 23 -5.95 -47.39 -17.94
CA ARG G 23 -4.89 -46.80 -18.74
C ARG G 23 -3.88 -46.17 -17.80
N LYS G 24 -2.62 -46.56 -17.98
CA LYS G 24 -1.54 -46.28 -17.03
C LYS G 24 -0.66 -45.15 -17.53
N PHE G 25 -0.24 -44.31 -16.58
CA PHE G 25 0.67 -43.20 -16.84
C PHE G 25 1.99 -43.68 -17.43
N GLU G 26 2.47 -43.00 -18.48
CA GLU G 26 3.73 -43.41 -19.10
C GLU G 26 4.82 -42.37 -18.91
N GLN G 27 4.61 -41.15 -19.41
CA GLN G 27 5.59 -40.08 -19.33
C GLN G 27 4.80 -38.83 -19.70
N ARG G 28 5.24 -37.68 -19.22
CA ARG G 28 4.40 -36.48 -19.27
C ARG G 28 5.29 -35.26 -19.43
N VAL G 29 5.09 -34.53 -20.53
CA VAL G 29 5.99 -33.46 -20.95
C VAL G 29 5.19 -32.18 -21.16
N LYS G 30 5.91 -31.08 -21.27
CA LYS G 30 5.34 -29.76 -21.34
C LYS G 30 5.14 -29.39 -22.80
N ASN G 31 3.93 -29.04 -23.18
CA ASN G 31 3.77 -28.45 -24.50
C ASN G 31 4.10 -26.97 -24.36
N ASP G 32 3.82 -26.18 -25.40
CA ASP G 32 4.00 -24.75 -25.30
C ASP G 32 3.05 -24.18 -24.24
N GLN G 33 3.35 -22.96 -23.81
CA GLN G 33 2.58 -22.15 -22.88
C GLN G 33 2.62 -22.69 -21.45
N ALA G 34 3.52 -23.63 -21.16
CA ALA G 34 3.78 -24.17 -19.83
C ALA G 34 2.63 -24.99 -19.28
N GLN G 35 1.51 -25.05 -20.00
CA GLN G 35 0.54 -26.10 -19.75
C GLN G 35 1.21 -27.43 -20.09
N TYR G 36 0.79 -28.49 -19.41
CA TYR G 36 1.70 -29.60 -19.21
C TYR G 36 0.93 -30.87 -19.55
N VAL G 37 1.36 -31.57 -20.60
CA VAL G 37 0.56 -32.59 -21.28
C VAL G 37 0.98 -33.98 -20.80
N SER G 38 0.00 -34.83 -20.54
CA SER G 38 0.25 -36.17 -20.01
C SER G 38 0.11 -37.21 -21.12
N MET G 39 0.88 -38.29 -21.01
CA MET G 39 0.79 -39.40 -21.95
C MET G 39 0.76 -40.71 -21.18
N PHE G 40 0.22 -41.74 -21.83
CA PHE G 40 -0.16 -42.94 -21.12
C PHE G 40 0.25 -44.18 -21.91
N GLU G 41 0.29 -45.31 -21.21
CA GLU G 41 0.46 -46.62 -21.85
C GLU G 41 -0.78 -47.00 -22.67
N GLU G 42 -0.68 -48.18 -23.27
CA GLU G 42 -1.81 -48.77 -23.98
C GLU G 42 -2.94 -49.08 -23.02
N PRO G 43 -4.19 -48.83 -23.40
CA PRO G 43 -5.32 -49.23 -22.56
C PRO G 43 -5.40 -50.75 -22.42
N PHE G 44 -5.97 -51.18 -21.30
CA PHE G 44 -6.19 -52.61 -21.10
C PHE G 44 -7.38 -52.79 -20.17
N ASP G 45 -8.10 -53.90 -20.36
CA ASP G 45 -9.28 -54.14 -19.56
C ASP G 45 -8.90 -54.51 -18.13
N LEU G 46 -9.72 -54.08 -17.19
CA LEU G 46 -9.51 -54.32 -15.77
C LEU G 46 -10.81 -54.78 -15.14
N ALA G 47 -10.71 -55.80 -14.30
CA ALA G 47 -11.87 -56.35 -13.59
C ALA G 47 -11.94 -55.67 -12.22
N ALA G 48 -12.97 -54.86 -12.02
CA ALA G 48 -13.04 -54.02 -10.83
C ALA G 48 -14.48 -53.87 -10.39
N SER G 49 -14.67 -53.55 -9.11
CA SER G 49 -15.97 -53.20 -8.56
C SER G 49 -16.00 -51.70 -8.32
N VAL G 50 -16.88 -51.01 -9.05
CA VAL G 50 -16.92 -49.55 -8.97
C VAL G 50 -18.15 -49.10 -8.21
N GLN G 51 -18.04 -48.99 -6.90
CA GLN G 51 -19.15 -48.56 -6.08
C GLN G 51 -19.31 -47.04 -6.16
N ARG G 52 -20.45 -46.56 -5.68
CA ARG G 52 -20.74 -45.14 -5.76
C ARG G 52 -20.11 -44.39 -4.61
N VAL G 53 -20.05 -43.07 -4.75
CA VAL G 53 -19.81 -42.14 -3.65
C VAL G 53 -20.86 -41.05 -3.76
N ARG G 54 -21.47 -40.69 -2.63
CA ARG G 54 -22.51 -39.68 -2.61
C ARG G 54 -21.98 -38.35 -3.13
N ARG G 55 -22.46 -37.94 -4.29
CA ARG G 55 -22.04 -36.69 -4.91
C ARG G 55 -23.09 -35.63 -4.62
N ASP G 56 -22.68 -34.54 -3.98
CA ASP G 56 -23.57 -33.47 -3.58
C ASP G 56 -23.21 -32.19 -4.32
N GLN G 57 -24.21 -31.51 -4.85
CA GLN G 57 -23.98 -30.29 -5.58
C GLN G 57 -23.61 -29.16 -4.62
N TYR G 58 -22.84 -28.20 -5.13
CA TYR G 58 -22.42 -27.06 -4.32
C TYR G 58 -22.47 -25.81 -5.18
N VAL G 59 -22.12 -24.68 -4.56
CA VAL G 59 -22.19 -23.37 -5.19
C VAL G 59 -20.81 -22.71 -5.09
N GLN G 60 -20.35 -22.17 -6.22
CA GLN G 60 -19.10 -21.42 -6.25
C GLN G 60 -19.25 -20.29 -7.25
N PHE G 61 -18.86 -19.08 -6.84
CA PHE G 61 -18.92 -17.87 -7.68
C PHE G 61 -20.32 -17.64 -8.22
N ASN G 62 -21.33 -17.93 -7.40
CA ASN G 62 -22.76 -17.85 -7.69
C ASN G 62 -23.21 -18.83 -8.76
N LEU G 63 -22.37 -19.77 -9.19
CA LEU G 63 -22.79 -20.86 -10.04
C LEU G 63 -22.95 -22.14 -9.23
N GLU G 64 -23.49 -23.17 -9.89
CA GLU G 64 -23.73 -24.45 -9.27
C GLU G 64 -22.89 -25.52 -9.95
N PHE G 65 -22.08 -26.22 -9.16
CA PHE G 65 -21.22 -27.30 -9.63
C PHE G 65 -21.57 -28.59 -8.90
N GLN G 66 -20.98 -29.69 -9.37
CA GLN G 66 -21.11 -30.97 -8.67
C GLN G 66 -19.98 -31.88 -9.11
N ARG G 67 -19.27 -32.45 -8.14
CA ARG G 67 -18.16 -33.35 -8.40
C ARG G 67 -18.66 -34.78 -8.39
N ASN G 68 -18.48 -35.48 -9.51
CA ASN G 68 -18.95 -36.85 -9.66
C ASN G 68 -17.86 -37.81 -9.22
N TYR G 69 -18.21 -38.76 -8.36
CA TYR G 69 -17.23 -39.64 -7.73
C TYR G 69 -17.63 -41.10 -7.92
N VAL G 70 -16.61 -41.97 -8.01
CA VAL G 70 -16.79 -43.41 -7.93
C VAL G 70 -15.63 -43.99 -7.14
N MET G 71 -15.92 -44.95 -6.28
CA MET G 71 -14.89 -45.63 -5.50
C MET G 71 -14.64 -46.99 -6.13
N ILE G 72 -13.44 -47.20 -6.67
CA ILE G 72 -13.13 -48.40 -7.44
C ILE G 72 -12.23 -49.30 -6.61
N PHE G 73 -12.67 -50.55 -6.43
CA PHE G 73 -11.84 -51.62 -5.89
C PHE G 73 -11.34 -52.45 -7.06
N ALA G 74 -10.03 -52.47 -7.27
CA ALA G 74 -9.48 -53.23 -8.38
C ALA G 74 -8.24 -53.98 -7.95
N ASN G 75 -8.01 -55.13 -8.58
CA ASN G 75 -6.88 -55.99 -8.24
C ASN G 75 -5.65 -55.60 -9.06
N PHE G 76 -5.18 -54.37 -8.84
CA PHE G 76 -4.08 -53.83 -9.60
C PHE G 76 -3.44 -52.69 -8.80
N GLU G 77 -2.19 -52.38 -9.14
CA GLU G 77 -1.50 -51.24 -8.56
C GLU G 77 -2.01 -49.97 -9.23
N MET G 78 -2.75 -49.17 -8.48
CA MET G 78 -3.31 -47.92 -8.99
C MET G 78 -2.67 -46.75 -8.25
N VAL G 79 -2.07 -45.84 -9.01
CA VAL G 79 -1.34 -44.70 -8.46
C VAL G 79 -2.00 -43.42 -8.96
N ASP G 80 -2.33 -42.53 -8.03
CA ASP G 80 -2.85 -41.21 -8.33
C ASP G 80 -1.69 -40.22 -8.37
N LEU G 81 -1.99 -38.93 -8.23
CA LEU G 81 -1.02 -37.85 -8.15
C LEU G 81 0.18 -38.21 -7.27
N ASP G 82 1.37 -37.88 -7.77
CA ASP G 82 2.62 -38.18 -7.10
C ASP G 82 3.62 -37.15 -7.61
N ARG G 83 4.69 -36.96 -6.85
CA ARG G 83 5.79 -36.09 -7.30
C ARG G 83 6.34 -36.61 -8.63
N ASP G 84 6.49 -35.72 -9.61
CA ASP G 84 6.93 -36.03 -10.98
C ASP G 84 5.98 -36.94 -11.74
N VAL G 85 4.73 -37.10 -11.30
CA VAL G 85 3.84 -38.12 -11.82
C VAL G 85 2.42 -37.56 -11.86
N ALA G 86 1.67 -37.89 -12.90
CA ALA G 86 0.26 -37.53 -12.95
C ALA G 86 -0.60 -38.75 -12.66
N GLY G 87 -1.90 -38.52 -12.49
CA GLY G 87 -2.80 -39.58 -12.09
C GLY G 87 -3.06 -40.56 -13.22
N ASP G 88 -3.71 -41.68 -12.85
CA ASP G 88 -4.03 -42.72 -13.80
C ASP G 88 -5.39 -42.41 -14.43
N GLN G 89 -5.86 -43.28 -15.34
CA GLN G 89 -7.16 -42.96 -15.93
C GLN G 89 -7.89 -44.23 -16.36
N PHE G 90 -9.17 -44.33 -16.00
CA PHE G 90 -9.97 -45.46 -16.45
C PHE G 90 -11.30 -45.00 -17.01
N LEU G 91 -11.78 -45.75 -17.98
CA LEU G 91 -13.05 -45.47 -18.66
C LEU G 91 -14.13 -46.45 -18.19
N TRP G 92 -15.31 -45.91 -17.92
CA TRP G 92 -16.43 -46.71 -17.47
C TRP G 92 -17.72 -46.04 -17.90
N THR G 93 -18.61 -46.81 -18.53
CA THR G 93 -19.90 -46.32 -19.05
C THR G 93 -19.73 -45.08 -19.92
N GLY G 94 -18.69 -45.09 -20.76
CA GLY G 94 -18.43 -43.96 -21.63
C GLY G 94 -18.08 -42.69 -20.89
N ARG G 95 -17.49 -42.80 -19.71
CA ARG G 95 -17.06 -41.64 -18.94
C ARG G 95 -15.63 -41.84 -18.47
N VAL G 96 -14.83 -40.78 -18.59
CA VAL G 96 -13.45 -40.79 -18.12
C VAL G 96 -13.46 -40.57 -16.61
N PHE G 97 -12.61 -41.30 -15.90
CA PHE G 97 -12.45 -41.11 -14.47
C PHE G 97 -10.96 -41.09 -14.19
N GLN G 98 -10.52 -40.15 -13.35
CA GLN G 98 -9.15 -40.20 -12.88
C GLN G 98 -9.11 -40.26 -11.35
N LEU G 99 -8.12 -40.97 -10.84
CA LEU G 99 -8.04 -41.27 -9.42
C LEU G 99 -7.70 -40.01 -8.62
N GLU G 100 -8.34 -39.86 -7.47
CA GLU G 100 -8.07 -38.76 -6.55
C GLU G 100 -7.41 -39.20 -5.25
N SER G 101 -7.91 -40.25 -4.64
CA SER G 101 -7.29 -40.82 -3.45
C SER G 101 -6.59 -42.12 -3.81
N GLN G 102 -6.02 -42.78 -2.80
CA GLN G 102 -5.26 -44.01 -3.03
C GLN G 102 -5.32 -44.85 -1.77
N GLY G 103 -6.08 -45.96 -1.82
CA GLY G 103 -6.18 -46.81 -0.66
C GLY G 103 -5.05 -47.79 -0.48
N SER G 104 -4.13 -47.86 -1.44
CA SER G 104 -2.90 -48.68 -1.34
C SER G 104 -3.32 -50.15 -1.22
N TRP G 105 -2.82 -50.89 -0.23
CA TRP G 105 -3.03 -52.32 0.01
C TRP G 105 -2.39 -53.21 -1.05
N PHE G 106 -1.71 -52.65 -2.05
CA PHE G 106 -1.18 -53.49 -3.12
C PHE G 106 -0.03 -54.36 -2.64
N TYR G 107 1.05 -53.73 -2.18
CA TYR G 107 2.24 -54.50 -1.81
C TYR G 107 1.98 -55.41 -0.62
N GLN G 108 1.01 -55.05 0.22
CA GLN G 108 0.56 -55.98 1.25
C GLN G 108 -0.24 -57.13 0.66
N ASP G 109 -1.22 -56.82 -0.20
CA ASP G 109 -2.24 -57.80 -0.56
C ASP G 109 -2.47 -57.97 -2.06
N GLY G 110 -2.11 -56.99 -2.89
CA GLY G 110 -2.28 -57.12 -4.32
C GLY G 110 -3.43 -56.35 -4.92
N TRP G 111 -4.35 -55.84 -4.11
CA TRP G 111 -5.49 -55.08 -4.58
C TRP G 111 -5.41 -53.65 -4.08
N GLY G 112 -6.38 -52.84 -4.50
CA GLY G 112 -6.40 -51.45 -4.11
C GLY G 112 -7.78 -50.85 -4.26
N VAL G 113 -7.97 -49.72 -3.57
CA VAL G 113 -9.20 -48.95 -3.62
C VAL G 113 -8.84 -47.50 -3.88
N CYS G 114 -9.57 -46.85 -4.78
CA CYS G 114 -9.27 -45.46 -5.11
C CYS G 114 -10.55 -44.68 -5.35
N LEU G 115 -10.57 -43.44 -4.89
CA LEU G 115 -11.66 -42.52 -5.21
C LEU G 115 -11.31 -41.78 -6.49
N ALA G 116 -12.20 -41.84 -7.47
CA ALA G 116 -11.95 -41.27 -8.78
C ALA G 116 -13.07 -40.32 -9.17
N VAL G 117 -12.71 -39.30 -9.92
CA VAL G 117 -13.63 -38.23 -10.31
C VAL G 117 -13.86 -38.32 -11.81
N ASP G 118 -15.12 -38.12 -12.22
CA ASP G 118 -15.47 -38.06 -13.63
C ASP G 118 -14.82 -36.83 -14.25
N ILE G 119 -14.45 -36.95 -15.52
CA ILE G 119 -13.77 -35.90 -16.25
C ILE G 119 -14.59 -35.38 -17.41
N GLY G 120 -15.18 -36.28 -18.18
CA GLY G 120 -16.04 -35.88 -19.28
C GLY G 120 -16.44 -37.10 -20.08
N ALA G 121 -17.25 -36.84 -21.10
CA ALA G 121 -17.71 -37.92 -21.97
C ALA G 121 -16.53 -38.52 -22.71
N ALA G 122 -16.56 -39.84 -22.87
CA ALA G 122 -15.50 -40.52 -23.60
C ALA G 122 -15.64 -40.24 -25.08
N LYS G 123 -14.50 -40.32 -25.78
CA LYS G 123 -14.53 -40.21 -27.23
C LYS G 123 -15.09 -41.50 -27.83
N LEU G 124 -15.93 -41.35 -28.84
CA LEU G 124 -16.60 -42.48 -29.47
C LEU G 124 -15.86 -42.88 -30.73
N THR G 125 -15.51 -44.16 -30.84
CA THR G 125 -14.85 -44.65 -32.04
C THR G 125 -15.84 -44.71 -33.20
N ASP G 126 -15.28 -44.93 -34.39
CA ASP G 126 -16.10 -45.02 -35.60
C ASP G 126 -17.05 -46.21 -35.52
N ASP G 127 -16.58 -47.33 -34.95
CA ASP G 127 -17.40 -48.53 -34.84
C ASP G 127 -18.39 -48.48 -33.68
N GLY G 128 -18.31 -47.46 -32.82
CA GLY G 128 -19.19 -47.33 -31.69
C GLY G 128 -18.61 -47.70 -30.34
N LYS G 129 -17.34 -48.12 -30.29
CA LYS G 129 -16.72 -48.44 -29.02
C LYS G 129 -16.57 -47.17 -28.17
N PRO G 130 -16.87 -47.24 -26.88
CA PRO G 130 -16.78 -46.05 -26.02
C PRO G 130 -15.38 -45.89 -25.41
N THR G 131 -14.38 -45.85 -26.27
CA THR G 131 -13.00 -45.68 -25.85
C THR G 131 -12.30 -44.67 -26.73
N PHE G 132 -11.24 -44.08 -26.21
CA PHE G 132 -10.44 -43.10 -26.94
C PHE G 132 -9.80 -43.70 -28.19
N MET H 1 -41.46 22.52 12.59
CA MET H 1 -40.54 21.62 11.90
C MET H 1 -39.11 22.15 11.93
N ILE H 2 -38.33 21.62 12.87
CA ILE H 2 -36.95 22.08 13.12
C ILE H 2 -36.01 20.97 12.64
N ASN H 3 -36.43 20.21 11.64
CA ASN H 3 -35.59 19.13 11.16
C ASN H 3 -34.40 19.67 10.38
N ILE H 4 -33.37 18.82 10.25
CA ILE H 4 -32.09 19.23 9.69
C ILE H 4 -31.90 18.79 8.24
N SER H 5 -32.85 18.05 7.69
CA SER H 5 -32.74 17.68 6.28
C SER H 5 -32.98 18.89 5.40
N ALA H 6 -32.43 18.83 4.18
CA ALA H 6 -32.70 19.84 3.17
C ALA H 6 -32.99 19.20 1.82
N PHE H 7 -33.23 17.89 1.80
CA PHE H 7 -33.60 17.23 0.55
C PHE H 7 -34.94 17.72 0.06
N GLY H 8 -34.98 18.07 -1.22
CA GLY H 8 -36.12 18.73 -1.81
C GLY H 8 -35.94 20.21 -2.04
N SER H 9 -34.71 20.70 -1.99
CA SER H 9 -34.46 22.11 -2.21
C SER H 9 -34.64 22.45 -3.68
N ILE H 10 -34.80 23.75 -3.95
CA ILE H 10 -35.12 24.26 -5.27
C ILE H 10 -34.43 25.61 -5.41
N CYS H 11 -33.92 25.90 -6.60
CA CYS H 11 -33.28 27.19 -6.85
C CYS H 11 -34.00 27.87 -8.02
N GLN H 12 -34.94 28.75 -7.71
CA GLN H 12 -35.59 29.56 -8.73
C GLN H 12 -34.70 30.74 -9.05
N PHE H 13 -34.18 30.80 -10.28
CA PHE H 13 -33.35 31.89 -10.74
C PHE H 13 -34.18 32.80 -11.65
N THR H 14 -33.98 34.11 -11.52
CA THR H 14 -34.59 35.08 -12.42
C THR H 14 -33.52 36.06 -12.86
N ALA H 15 -33.32 36.19 -14.17
CA ALA H 15 -32.41 37.18 -14.73
C ALA H 15 -33.23 38.25 -15.45
N SER H 16 -32.87 39.52 -15.23
CA SER H 16 -33.68 40.60 -15.79
C SER H 16 -33.64 40.60 -17.31
N ARG H 17 -32.49 40.32 -17.90
CA ARG H 17 -32.34 40.34 -19.34
C ARG H 17 -32.38 38.94 -19.96
N THR H 18 -31.67 37.99 -19.35
CA THR H 18 -31.48 36.69 -20.01
C THR H 18 -32.65 35.75 -19.75
N PHE H 19 -33.08 35.62 -18.50
CA PHE H 19 -34.16 34.70 -18.13
C PHE H 19 -35.23 35.41 -17.32
N PRO H 20 -36.00 36.32 -17.92
CA PRO H 20 -37.15 36.87 -17.20
C PRO H 20 -38.20 35.78 -17.02
N ASN H 21 -38.73 35.65 -15.80
CA ASN H 21 -39.49 34.48 -15.38
C ASN H 21 -38.68 33.21 -15.62
N GLY H 22 -37.57 33.12 -14.90
CA GLY H 22 -36.54 32.15 -15.21
C GLY H 22 -36.79 30.71 -14.83
N PHE H 23 -35.73 29.97 -14.56
CA PHE H 23 -35.71 28.53 -14.52
C PHE H 23 -35.64 28.03 -13.08
N THR H 24 -35.57 26.71 -12.92
CA THR H 24 -35.44 26.05 -11.63
C THR H 24 -34.31 25.04 -11.71
N VAL H 25 -33.50 24.98 -10.65
CA VAL H 25 -32.38 24.07 -10.56
C VAL H 25 -32.65 23.12 -9.42
N THR H 26 -32.63 21.82 -9.69
CA THR H 26 -32.91 20.82 -8.67
C THR H 26 -31.92 19.68 -8.64
N GLU H 27 -31.05 19.56 -9.63
CA GLU H 27 -30.09 18.46 -9.71
C GLU H 27 -28.71 18.89 -9.19
N PHE H 28 -28.68 19.21 -7.90
CA PHE H 28 -27.45 19.64 -7.26
C PHE H 28 -26.44 18.50 -7.19
N ALA H 29 -25.17 18.87 -7.01
CA ALA H 29 -24.13 17.87 -6.92
C ALA H 29 -24.24 17.08 -5.63
N ASP H 30 -23.62 15.90 -5.62
CA ASP H 30 -23.65 15.02 -4.47
C ASP H 30 -22.33 15.01 -3.70
N ASP H 31 -21.20 14.95 -4.40
CA ASP H 31 -19.92 14.96 -3.70
C ASP H 31 -19.62 16.32 -3.08
N ALA H 32 -19.86 17.38 -3.82
CA ALA H 32 -19.62 18.73 -3.34
C ALA H 32 -20.86 19.30 -2.65
N ASP H 33 -20.72 20.48 -2.08
CA ASP H 33 -21.82 21.12 -1.39
C ASP H 33 -22.83 21.67 -2.39
N PRO H 34 -24.10 21.29 -2.31
CA PRO H 34 -25.12 21.87 -3.20
C PRO H 34 -25.22 23.38 -3.11
N ILE H 35 -25.45 23.91 -1.90
CA ILE H 35 -25.48 25.36 -1.67
C ILE H 35 -24.47 25.67 -0.58
N ASP H 36 -23.57 26.61 -0.86
CA ASP H 36 -22.56 27.04 0.10
C ASP H 36 -22.49 28.55 0.10
N SER H 37 -22.11 29.10 1.25
CA SER H 37 -21.95 30.54 1.36
C SER H 37 -20.74 30.85 2.24
N PRO H 38 -19.79 31.65 1.75
CA PRO H 38 -18.68 32.06 2.58
C PRO H 38 -19.16 32.92 3.73
N PRO H 39 -18.45 32.93 4.86
CA PRO H 39 -18.94 33.66 6.04
C PRO H 39 -18.96 35.16 5.81
N PHE H 40 -20.09 35.77 6.15
CA PHE H 40 -20.24 37.22 6.04
C PHE H 40 -19.29 37.92 7.00
N THR H 41 -19.02 39.19 6.73
CA THR H 41 -18.20 39.99 7.64
C THR H 41 -19.05 40.83 8.58
N ALA H 42 -19.87 41.73 8.04
CA ALA H 42 -20.89 42.50 8.76
C ALA H 42 -20.35 43.48 9.80
N ALA H 43 -19.07 43.41 10.16
CA ALA H 43 -18.47 44.31 11.15
C ALA H 43 -16.98 44.06 11.19
N ASP H 44 -16.26 44.97 11.86
CA ASP H 44 -14.82 44.87 12.02
C ASP H 44 -14.37 45.74 13.18
N THR H 45 -13.51 45.23 14.05
CA THR H 45 -13.18 45.89 15.30
C THR H 45 -11.70 46.20 15.39
N GLY H 46 -11.40 47.25 16.15
CA GLY H 46 -10.02 47.60 16.47
C GLY H 46 -9.95 48.15 17.87
N VAL H 47 -8.81 47.90 18.53
CA VAL H 47 -8.65 48.23 19.93
C VAL H 47 -7.73 49.44 20.06
N GLY H 48 -8.15 50.40 20.89
CA GLY H 48 -7.40 51.63 21.10
C GLY H 48 -6.21 51.42 22.01
N LEU H 49 -5.76 52.52 22.61
CA LEU H 49 -4.63 52.47 23.53
C LEU H 49 -5.05 51.96 24.90
N ASN H 50 -6.08 52.55 25.47
CA ASN H 50 -6.53 52.21 26.81
C ASN H 50 -7.57 51.10 26.83
N GLY H 51 -7.87 50.51 25.68
CA GLY H 51 -8.81 49.40 25.63
C GLY H 51 -10.15 49.73 25.01
N ASP H 52 -10.34 50.94 24.47
CA ASP H 52 -11.60 51.31 23.85
C ASP H 52 -11.79 50.53 22.56
N MET H 53 -12.69 49.55 22.57
CA MET H 53 -13.02 48.83 21.35
C MET H 53 -13.78 49.75 20.40
N VAL H 54 -13.46 49.66 19.11
CA VAL H 54 -14.04 50.51 18.08
C VAL H 54 -14.60 49.59 17.01
N VAL H 55 -15.86 49.79 16.64
CA VAL H 55 -16.57 48.91 15.74
C VAL H 55 -16.95 49.69 14.50
N TRP H 56 -16.63 49.15 13.33
CA TRP H 56 -17.13 49.68 12.06
C TRP H 56 -18.04 48.64 11.45
N ASN H 57 -19.25 49.05 11.09
CA ASN H 57 -20.20 48.16 10.43
C ASN H 57 -19.99 48.29 8.92
N ARG H 58 -18.96 47.60 8.44
CA ARG H 58 -18.61 47.64 7.03
C ARG H 58 -19.73 47.02 6.20
N ALA H 59 -20.17 47.74 5.18
CA ALA H 59 -21.13 47.19 4.23
C ALA H 59 -20.48 46.05 3.46
N ASN H 60 -21.27 45.04 3.13
CA ASN H 60 -20.73 43.88 2.45
C ASN H 60 -21.84 43.19 1.68
N ILE H 61 -21.46 42.35 0.73
CA ILE H 61 -22.38 41.64 -0.13
C ILE H 61 -22.14 40.14 0.02
N LEU H 62 -23.21 39.39 0.25
CA LEU H 62 -23.08 37.96 0.52
C LEU H 62 -22.80 37.20 -0.78
N GLU H 63 -22.39 35.95 -0.63
CA GLU H 63 -21.96 35.11 -1.74
C GLU H 63 -22.63 33.76 -1.63
N VAL H 64 -22.84 33.13 -2.79
CA VAL H 64 -23.41 31.78 -2.86
C VAL H 64 -22.62 30.97 -3.87
N VAL H 65 -22.39 29.70 -3.54
CA VAL H 65 -21.77 28.75 -4.45
C VAL H 65 -22.75 27.61 -4.63
N VAL H 66 -23.17 27.36 -5.88
CA VAL H 66 -24.09 26.29 -6.21
C VAL H 66 -23.35 25.28 -7.06
N ASN H 67 -23.31 24.03 -6.59
CA ASN H 67 -22.71 22.95 -7.35
C ASN H 67 -23.81 22.16 -8.04
N VAL H 68 -23.66 21.95 -9.34
CA VAL H 68 -24.70 21.30 -10.13
C VAL H 68 -24.10 20.17 -10.95
N ILE H 69 -24.95 19.22 -11.31
CA ILE H 69 -24.58 18.02 -12.05
C ILE H 69 -24.35 18.38 -13.51
N PRO H 70 -23.25 17.92 -14.09
CA PRO H 70 -22.88 18.32 -15.45
C PRO H 70 -23.91 17.95 -16.50
N ASN H 71 -24.02 18.82 -17.51
CA ASN H 71 -24.85 18.63 -18.70
C ASN H 71 -26.29 18.27 -18.35
N THR H 72 -26.92 19.17 -17.60
CA THR H 72 -28.32 19.05 -17.24
C THR H 72 -29.02 20.34 -17.62
N GLU H 73 -30.36 20.31 -17.61
CA GLU H 73 -31.14 21.46 -18.07
C GLU H 73 -30.90 22.68 -17.19
N GLY H 74 -30.88 22.48 -15.87
CA GLY H 74 -30.63 23.60 -14.97
C GLY H 74 -29.25 24.19 -15.15
N GLU H 75 -28.22 23.34 -15.24
CA GLU H 75 -26.88 23.89 -15.37
C GLU H 75 -26.64 24.44 -16.78
N ARG H 76 -27.30 23.85 -17.79
CA ARG H 76 -27.23 24.43 -19.13
C ARG H 76 -27.81 25.83 -19.14
N ASN H 77 -28.94 26.04 -18.46
CA ASN H 77 -29.48 27.39 -18.33
C ASN H 77 -28.54 28.29 -17.56
N LEU H 78 -27.90 27.76 -16.52
CA LEU H 78 -26.93 28.55 -15.75
C LEU H 78 -25.75 28.97 -16.61
N ALA H 79 -25.24 28.06 -17.43
CA ALA H 79 -24.11 28.36 -18.30
C ALA H 79 -24.51 29.34 -19.39
N VAL H 80 -25.75 29.25 -19.86
CA VAL H 80 -26.27 30.24 -20.80
C VAL H 80 -26.29 31.61 -20.16
N LEU H 81 -26.76 31.69 -18.90
CA LEU H 81 -26.79 32.97 -18.19
C LEU H 81 -25.38 33.53 -18.00
N LEU H 82 -24.45 32.68 -17.58
CA LEU H 82 -23.08 33.13 -17.34
C LEU H 82 -22.39 33.53 -18.64
N ASP H 83 -22.61 32.78 -19.72
CA ASP H 83 -22.04 33.13 -21.01
C ASP H 83 -22.62 34.43 -21.53
N ALA H 84 -23.89 34.69 -21.25
CA ALA H 84 -24.46 35.99 -21.58
C ALA H 84 -23.80 37.09 -20.76
N ASN H 85 -23.56 36.84 -19.48
CA ASN H 85 -22.98 37.87 -18.61
C ASN H 85 -21.48 38.05 -18.81
N ARG H 86 -20.76 36.98 -19.16
CA ARG H 86 -19.32 37.06 -19.30
C ARG H 86 -18.94 37.95 -20.48
N THR H 87 -17.70 38.46 -20.45
CA THR H 87 -17.21 39.37 -21.46
C THR H 87 -15.98 38.79 -22.13
N GLY H 88 -16.01 38.67 -23.45
CA GLY H 88 -14.89 38.17 -24.21
C GLY H 88 -14.62 39.02 -25.43
N LYS H 89 -13.97 38.45 -26.44
CA LYS H 89 -13.68 39.18 -27.67
C LYS H 89 -14.82 38.98 -28.66
N ASP H 90 -15.26 40.09 -29.25
CA ASP H 90 -16.27 40.17 -30.32
C ASP H 90 -17.67 39.81 -29.86
N LYS H 91 -17.86 39.40 -28.61
CA LYS H 91 -19.17 39.10 -28.08
C LYS H 91 -19.64 40.23 -27.18
N SER H 92 -20.96 40.37 -27.07
CA SER H 92 -21.57 41.42 -26.26
C SER H 92 -22.14 40.80 -24.99
N GLY H 93 -21.76 41.36 -23.85
CA GLY H 93 -22.21 40.87 -22.55
C GLY H 93 -23.39 41.68 -22.05
N ALA H 94 -24.43 40.96 -21.62
CA ALA H 94 -25.64 41.59 -21.10
C ALA H 94 -25.50 41.79 -19.60
N ARG H 95 -25.35 43.05 -19.18
CA ARG H 95 -25.26 43.37 -17.77
C ARG H 95 -26.67 43.34 -17.19
N ASP H 96 -27.02 42.22 -16.55
CA ASP H 96 -28.34 42.01 -15.99
C ASP H 96 -28.24 41.85 -14.48
N VAL H 97 -29.41 41.79 -13.84
CA VAL H 97 -29.49 41.49 -12.42
C VAL H 97 -30.15 40.12 -12.26
N VAL H 98 -29.65 39.34 -11.30
CA VAL H 98 -30.16 38.00 -11.07
C VAL H 98 -30.70 37.90 -9.66
N GLY H 99 -31.66 37.00 -9.48
CA GLY H 99 -32.30 36.76 -8.20
C GLY H 99 -32.50 35.28 -7.96
N LEU H 100 -32.02 34.80 -6.82
CA LEU H 100 -31.99 33.38 -6.51
C LEU H 100 -32.86 33.14 -5.29
N VAL H 101 -33.84 32.26 -5.42
CA VAL H 101 -34.73 31.89 -4.33
C VAL H 101 -34.53 30.41 -4.06
N VAL H 102 -34.16 30.07 -2.82
CA VAL H 102 -34.15 28.68 -2.38
C VAL H 102 -35.37 28.45 -1.49
N ALA H 103 -36.07 27.37 -1.77
CA ALA H 103 -37.21 26.92 -0.96
C ALA H 103 -36.81 25.57 -0.41
N MET H 104 -36.12 25.59 0.73
CA MET H 104 -35.75 24.34 1.39
C MET H 104 -37.02 23.62 1.83
N PRO H 105 -36.98 22.28 1.94
CA PRO H 105 -38.23 21.53 2.15
C PRO H 105 -38.98 21.90 3.40
N ASP H 106 -38.28 22.27 4.48
CA ASP H 106 -38.92 22.53 5.76
C ASP H 106 -39.85 23.74 5.72
N GLY H 107 -39.78 24.56 4.68
CA GLY H 107 -40.76 25.60 4.49
C GLY H 107 -40.17 26.98 4.31
N SER H 108 -39.07 27.26 5.00
CA SER H 108 -38.45 28.57 4.92
C SER H 108 -37.87 28.80 3.53
N LYS H 109 -37.94 30.05 3.08
CA LYS H 109 -37.48 30.45 1.76
C LYS H 109 -36.50 31.60 1.91
N ILE H 110 -35.36 31.49 1.24
CA ILE H 110 -34.32 32.50 1.27
C ILE H 110 -34.24 33.11 -0.12
N THR H 111 -34.44 34.41 -0.23
CA THR H 111 -34.43 35.09 -1.52
C THR H 111 -33.35 36.15 -1.56
N CYS H 112 -32.50 36.10 -2.59
CA CYS H 112 -31.41 37.03 -2.76
C CYS H 112 -31.57 37.75 -4.08
N THR H 113 -31.37 39.07 -4.07
CA THR H 113 -31.62 39.88 -5.24
C THR H 113 -30.49 40.88 -5.43
N ASN H 114 -30.47 41.45 -6.65
CA ASN H 114 -29.42 42.36 -7.13
C ASN H 114 -28.05 41.68 -7.09
N GLY H 115 -27.95 40.59 -7.85
CA GLY H 115 -26.71 39.86 -7.93
C GLY H 115 -26.17 39.76 -9.34
N THR H 116 -25.18 38.89 -9.54
CA THR H 116 -24.51 38.68 -10.82
C THR H 116 -23.64 37.44 -10.72
N PRO H 117 -23.42 36.71 -11.82
CA PRO H 117 -22.47 35.59 -11.77
C PRO H 117 -21.05 36.08 -11.52
N ILE H 118 -20.29 35.27 -10.78
CA ILE H 118 -18.95 35.68 -10.33
C ILE H 118 -17.92 34.63 -10.75
N ASP H 119 -18.37 33.46 -11.18
CA ASP H 119 -17.42 32.45 -11.66
C ASP H 119 -18.15 31.45 -12.55
N GLY H 120 -17.44 30.38 -12.90
CA GLY H 120 -17.93 29.34 -13.76
C GLY H 120 -16.77 28.60 -14.37
N VAL H 121 -17.09 27.50 -15.05
CA VAL H 121 -16.07 26.64 -15.61
C VAL H 121 -16.04 26.72 -17.14
N LEU H 122 -17.21 26.82 -17.77
CA LEU H 122 -17.41 27.01 -19.21
C LEU H 122 -17.01 25.79 -20.05
N ILE H 123 -16.34 24.82 -19.46
CA ILE H 123 -16.00 23.58 -20.14
C ILE H 123 -16.27 22.43 -19.18
N ASN H 124 -16.94 21.41 -19.68
CA ASN H 124 -17.27 20.23 -18.88
C ASN H 124 -15.99 19.44 -18.62
N ALA H 125 -15.38 19.67 -17.46
CA ALA H 125 -14.19 18.92 -17.10
C ALA H 125 -14.51 17.45 -16.91
N VAL H 126 -13.56 16.60 -17.27
CA VAL H 126 -13.72 15.15 -17.17
C VAL H 126 -12.82 14.65 -16.04
N ALA H 127 -13.38 13.86 -15.14
CA ALA H 127 -12.60 13.27 -14.07
C ALA H 127 -11.83 12.06 -14.61
N SER H 128 -11.06 11.43 -13.71
CA SER H 128 -10.17 10.35 -14.11
C SER H 128 -10.92 9.15 -14.65
N VAL H 129 -12.00 8.74 -13.96
CA VAL H 129 -12.73 7.55 -14.36
C VAL H 129 -13.46 7.78 -15.68
N GLY H 130 -13.97 8.98 -15.89
CA GLY H 130 -14.76 9.26 -17.07
C GLY H 130 -15.99 10.07 -16.71
N ARG H 131 -16.29 10.13 -15.42
CA ARG H 131 -17.39 10.95 -14.93
C ARG H 131 -17.08 12.42 -15.15
N LEU H 132 -18.10 13.18 -15.56
CA LEU H 132 -17.94 14.62 -15.70
C LEU H 132 -17.89 15.27 -14.32
N LYS H 133 -16.95 16.19 -14.13
CA LYS H 133 -16.78 16.82 -12.83
C LYS H 133 -17.90 17.82 -12.56
N THR H 134 -18.38 17.84 -11.32
CA THR H 134 -19.49 18.72 -10.94
C THR H 134 -19.12 20.18 -11.12
N LYS H 135 -20.06 20.96 -11.65
CA LYS H 135 -19.75 22.34 -12.03
C LYS H 135 -20.18 23.28 -10.92
N PRO H 136 -19.27 24.06 -10.34
CA PRO H 136 -19.66 25.09 -9.38
C PRO H 136 -19.85 26.44 -10.04
N TYR H 137 -20.87 27.16 -9.58
CA TYR H 137 -21.14 28.52 -10.01
C TYR H 137 -21.25 29.41 -8.79
N ARG H 138 -20.70 30.61 -8.89
CA ARG H 138 -20.66 31.52 -7.75
C ARG H 138 -21.35 32.83 -8.11
N PHE H 139 -22.20 33.30 -7.19
CA PHE H 139 -22.90 34.56 -7.35
C PHE H 139 -22.67 35.41 -6.12
N ARG H 140 -22.71 36.73 -6.30
CA ARG H 140 -22.61 37.67 -5.20
C ARG H 140 -23.84 38.56 -5.23
N PHE H 141 -24.72 38.39 -4.26
CA PHE H 141 -25.97 39.12 -4.20
C PHE H 141 -25.86 40.30 -3.26
N GLU H 142 -26.77 41.26 -3.44
CA GLU H 142 -26.76 42.48 -2.66
C GLU H 142 -27.76 42.46 -1.52
N LYS H 143 -28.98 41.99 -1.75
CA LYS H 143 -30.02 42.04 -0.73
C LYS H 143 -30.55 40.63 -0.47
N VAL H 144 -30.41 40.15 0.75
CA VAL H 144 -30.91 38.83 1.13
C VAL H 144 -32.07 39.01 2.10
N ILE H 145 -33.11 38.20 1.93
CA ILE H 145 -34.34 38.30 2.70
C ILE H 145 -34.79 36.89 3.06
N LYS H 146 -35.13 36.68 4.32
CA LYS H 146 -35.72 35.43 4.77
C LYS H 146 -37.23 35.57 4.86
N ALA H 147 -37.96 34.55 4.42
CA ALA H 147 -39.41 34.57 4.43
C ALA H 147 -39.93 33.18 4.76
N GLY H 148 -40.77 33.09 5.78
CA GLY H 148 -41.38 31.83 6.14
C GLY H 148 -40.65 31.07 7.23
N THR H 149 -41.40 30.60 8.23
CA THR H 149 -40.86 29.76 9.29
C THR H 149 -41.72 28.52 9.40
N SER H 150 -41.09 27.34 9.29
CA SER H 150 -41.76 26.05 9.28
C SER H 150 -42.83 25.97 8.19
N MET I 1 32.46 -1.19 -0.68
CA MET I 1 31.23 -1.19 0.09
C MET I 1 30.34 -0.03 -0.33
N ILE I 2 29.32 -0.34 -1.14
CA ILE I 2 28.42 0.63 -1.73
C ILE I 2 27.02 0.42 -1.13
N ASN I 3 26.96 0.04 0.15
CA ASN I 3 25.66 -0.19 0.73
C ASN I 3 24.98 1.10 1.19
N ILE I 4 23.71 0.97 1.59
CA ILE I 4 22.87 2.12 1.93
C ILE I 4 22.65 2.26 3.43
N SER I 5 23.31 1.45 4.25
CA SER I 5 23.17 1.61 5.69
C SER I 5 24.07 2.74 6.18
N ALA I 6 23.69 3.32 7.33
CA ALA I 6 24.51 4.30 8.02
C ALA I 6 24.56 4.05 9.52
N PHE I 7 24.10 2.90 10.00
CA PHE I 7 24.18 2.60 11.41
C PHE I 7 25.63 2.45 11.86
N GLY I 8 25.96 3.15 12.94
CA GLY I 8 27.33 3.27 13.37
C GLY I 8 27.94 4.63 13.11
N SER I 9 27.14 5.63 12.77
CA SER I 9 27.68 6.95 12.50
C SER I 9 28.09 7.62 13.81
N ILE I 10 29.00 8.58 13.67
CA ILE I 10 29.60 9.26 14.83
C ILE I 10 29.78 10.72 14.44
N CYS I 11 29.54 11.62 15.38
CA CYS I 11 29.70 13.05 15.16
C CYS I 11 30.78 13.57 16.10
N GLN I 12 32.01 13.67 15.60
CA GLN I 12 33.08 14.29 16.37
C GLN I 12 32.97 15.81 16.21
N PHE I 13 32.67 16.50 17.30
CA PHE I 13 32.57 17.96 17.31
C PHE I 13 33.81 18.55 17.95
N THR I 14 34.31 19.65 17.38
CA THR I 14 35.42 20.39 17.98
C THR I 14 35.05 21.86 17.98
N ALA I 15 35.08 22.50 19.15
CA ALA I 15 34.87 23.93 19.27
C ALA I 15 36.18 24.59 19.68
N SER I 16 36.52 25.71 19.04
CA SER I 16 37.82 26.33 19.30
C SER I 16 37.92 26.84 20.73
N ARG I 17 36.85 27.42 21.25
CA ARG I 17 36.87 27.97 22.61
C ARG I 17 36.24 27.06 23.64
N THR I 18 35.10 26.44 23.32
CA THR I 18 34.32 25.72 24.33
C THR I 18 34.80 24.28 24.50
N PHE I 19 35.00 23.55 23.40
CA PHE I 19 35.40 22.15 23.45
C PHE I 19 36.61 21.89 22.56
N PRO I 20 37.79 22.43 22.89
CA PRO I 20 38.98 22.03 22.14
C PRO I 20 39.31 20.58 22.44
N ASN I 21 39.57 19.81 21.37
CA ASN I 21 39.58 18.35 21.41
C ASN I 21 38.26 17.84 21.99
N GLY I 22 37.19 18.11 21.23
CA GLY I 22 35.84 17.97 21.73
C GLY I 22 35.29 16.57 21.86
N PHE I 23 33.96 16.46 21.76
CA PHE I 23 33.20 15.31 22.18
C PHE I 23 32.75 14.49 20.97
N THR I 24 31.97 13.44 21.24
CA THR I 24 31.40 12.57 20.23
C THR I 24 29.92 12.39 20.51
N VAL I 25 29.11 12.45 19.47
CA VAL I 25 27.67 12.28 19.57
C VAL I 25 27.29 11.02 18.79
N THR I 26 26.69 10.06 19.49
CA THR I 26 26.31 8.80 18.86
C THR I 26 24.87 8.41 19.10
N GLU I 27 24.17 9.06 20.01
CA GLU I 27 22.80 8.68 20.38
C GLU I 27 21.78 9.55 19.64
N PHE I 28 21.76 9.37 18.31
CA PHE I 28 20.85 10.13 17.46
C PHE I 28 19.41 9.70 17.68
N ALA I 29 18.49 10.56 17.26
CA ALA I 29 17.07 10.31 17.42
C ALA I 29 16.63 9.15 16.53
N ASP I 30 15.56 8.48 16.94
CA ASP I 30 15.03 7.37 16.16
C ASP I 30 13.89 7.77 15.23
N ASP I 31 13.06 8.73 15.64
CA ASP I 31 11.93 9.13 14.82
C ASP I 31 12.32 10.18 13.79
N ALA I 32 12.97 11.26 14.22
CA ALA I 32 13.42 12.29 13.31
C ALA I 32 14.70 11.86 12.60
N ASP I 33 15.13 12.68 11.65
CA ASP I 33 16.35 12.38 10.91
C ASP I 33 17.57 12.62 11.77
N PRO I 34 18.44 11.63 11.94
CA PRO I 34 19.69 11.83 12.68
C PRO I 34 20.56 12.94 12.12
N ILE I 35 20.90 12.86 10.84
CA ILE I 35 21.65 13.91 10.15
C ILE I 35 20.85 14.34 8.94
N ASP I 36 20.61 15.65 8.82
CA ASP I 36 19.89 16.19 7.69
C ASP I 36 20.63 17.41 7.17
N SER I 37 20.45 17.70 5.89
CA SER I 37 21.04 18.88 5.29
C SER I 37 20.09 19.47 4.26
N PRO I 38 19.76 20.75 4.38
CA PRO I 38 18.95 21.38 3.35
C PRO I 38 19.69 21.44 2.04
N PRO I 39 18.98 21.45 0.91
CA PRO I 39 19.65 21.38 -0.40
C PRO I 39 20.47 22.64 -0.67
N PHE I 40 21.73 22.43 -1.07
CA PHE I 40 22.61 23.52 -1.42
C PHE I 40 22.09 24.25 -2.66
N THR I 41 22.53 25.50 -2.82
CA THR I 41 22.14 26.24 -4.01
C THR I 41 23.22 26.16 -5.08
N ALA I 42 24.42 26.64 -4.79
CA ALA I 42 25.63 26.51 -5.59
C ALA I 42 25.58 27.22 -6.95
N ALA I 43 24.43 27.71 -7.40
CA ALA I 43 24.30 28.43 -8.67
C ALA I 43 22.89 29.00 -8.76
N ASP I 44 22.68 29.86 -9.75
CA ASP I 44 21.39 30.47 -9.99
C ASP I 44 21.36 31.03 -11.40
N THR I 45 20.27 30.79 -12.14
CA THR I 45 20.22 31.06 -13.56
C THR I 45 19.11 32.05 -13.91
N GLY I 46 19.37 32.81 -14.98
CA GLY I 46 18.36 33.64 -15.58
C GLY I 46 18.39 33.47 -17.09
N VAL I 47 17.39 34.04 -17.76
CA VAL I 47 17.25 33.89 -19.20
C VAL I 47 17.07 35.27 -19.82
N GLY I 48 17.83 35.56 -20.88
CA GLY I 48 17.77 36.84 -21.55
C GLY I 48 16.55 36.99 -22.43
N LEU I 49 16.68 37.86 -23.43
CA LEU I 49 15.57 38.08 -24.35
C LEU I 49 15.52 37.01 -25.42
N ASN I 50 16.66 36.72 -26.06
CA ASN I 50 16.71 35.79 -27.17
C ASN I 50 16.99 34.36 -26.73
N GLY I 51 17.08 34.11 -25.43
CA GLY I 51 17.28 32.77 -24.92
C GLY I 51 18.64 32.51 -24.30
N ASP I 52 19.49 33.52 -24.19
CA ASP I 52 20.81 33.34 -23.61
C ASP I 52 20.71 32.98 -22.13
N MET I 53 21.01 31.73 -21.78
CA MET I 53 21.02 31.36 -20.38
C MET I 53 22.21 32.01 -19.69
N VAL I 54 21.99 32.49 -18.47
CA VAL I 54 23.01 33.23 -17.73
C VAL I 54 23.15 32.60 -16.36
N VAL I 55 24.38 32.31 -15.95
CA VAL I 55 24.67 31.59 -14.72
C VAL I 55 25.39 32.52 -13.76
N TRP I 56 25.02 32.48 -12.49
CA TRP I 56 25.82 33.06 -11.42
C TRP I 56 26.14 31.95 -10.43
N ASN I 57 27.41 31.82 -10.08
CA ASN I 57 27.85 30.84 -9.09
C ASN I 57 27.86 31.53 -7.73
N ARG I 58 26.66 31.67 -7.17
CA ARG I 58 26.51 32.32 -5.87
C ARG I 58 27.22 31.53 -4.79
N ALA I 59 28.06 32.20 -4.02
CA ALA I 59 28.69 31.58 -2.87
C ALA I 59 27.62 31.27 -1.83
N ASN I 60 27.79 30.15 -1.13
CA ASN I 60 26.79 29.73 -0.16
C ASN I 60 27.46 28.85 0.89
N ILE I 61 26.77 28.69 2.01
CA ILE I 61 27.28 27.92 3.15
C ILE I 61 26.29 26.82 3.46
N LEU I 62 26.80 25.60 3.60
CA LEU I 62 25.94 24.44 3.80
C LEU I 62 25.43 24.41 5.23
N GLU I 63 24.41 23.58 5.45
CA GLU I 63 23.71 23.49 6.72
C GLU I 63 23.58 22.04 7.14
N VAL I 64 23.54 21.80 8.45
CA VAL I 64 23.34 20.47 8.99
C VAL I 64 22.34 20.56 10.13
N VAL I 65 21.47 19.56 10.22
CA VAL I 65 20.52 19.42 11.32
C VAL I 65 20.78 18.06 11.95
N VAL I 66 21.12 18.06 13.23
CA VAL I 66 21.38 16.83 13.99
C VAL I 66 20.29 16.69 15.04
N ASN I 67 19.60 15.57 15.03
CA ASN I 67 18.59 15.26 16.03
C ASN I 67 19.18 14.30 17.05
N VAL I 68 19.06 14.63 18.32
CA VAL I 68 19.69 13.84 19.38
C VAL I 68 18.67 13.52 20.45
N ILE I 69 18.95 12.44 21.18
CA ILE I 69 18.08 11.92 22.24
C ILE I 69 18.19 12.80 23.47
N PRO I 70 17.07 13.19 24.06
CA PRO I 70 17.09 14.14 25.18
C PRO I 70 17.87 13.65 26.38
N ASN I 71 18.50 14.61 27.06
CA ASN I 71 19.23 14.42 28.33
C ASN I 71 20.24 13.28 28.23
N THR I 72 21.17 13.43 27.29
CA THR I 72 22.26 12.50 27.12
C THR I 72 23.57 13.28 27.11
N GLU I 73 24.68 12.56 27.26
CA GLU I 73 25.98 13.21 27.39
C GLU I 73 26.34 14.02 26.15
N GLY I 74 26.11 13.44 24.96
CA GLY I 74 26.38 14.17 23.74
C GLY I 74 25.53 15.42 23.59
N GLU I 75 24.23 15.30 23.85
CA GLU I 75 23.37 16.46 23.67
C GLU I 75 23.59 17.48 24.78
N ARG I 76 23.92 17.02 25.99
CA ARG I 76 24.29 17.94 27.05
C ARG I 76 25.51 18.76 26.66
N ASN I 77 26.52 18.11 26.08
CA ASN I 77 27.67 18.85 25.56
C ASN I 77 27.25 19.81 24.45
N LEU I 78 26.33 19.39 23.59
CA LEU I 78 25.85 20.25 22.52
C LEU I 78 25.14 21.48 23.08
N ALA I 79 24.31 21.30 24.09
CA ALA I 79 23.59 22.41 24.70
C ALA I 79 24.54 23.33 25.45
N VAL I 80 25.59 22.77 26.05
CA VAL I 80 26.63 23.59 26.65
C VAL I 80 27.31 24.45 25.61
N LEU I 81 27.62 23.87 24.45
CA LEU I 81 28.24 24.62 23.36
C LEU I 81 27.32 25.73 22.86
N LEU I 82 26.04 25.41 22.68
CA LEU I 82 25.10 26.39 22.16
C LEU I 82 24.86 27.52 23.17
N ASP I 83 24.76 27.18 24.46
CA ASP I 83 24.59 28.19 25.48
C ASP I 83 25.83 29.06 25.61
N ALA I 84 27.00 28.48 25.39
CA ALA I 84 28.21 29.29 25.32
C ALA I 84 28.15 30.25 24.14
N ASN I 85 27.63 29.78 23.00
CA ASN I 85 27.59 30.61 21.80
C ASN I 85 26.42 31.60 21.80
N ARG I 86 25.29 31.24 22.42
CA ARG I 86 24.13 32.11 22.39
C ARG I 86 24.37 33.38 23.18
N THR I 87 23.56 34.41 22.89
CA THR I 87 23.70 35.71 23.50
C THR I 87 22.40 36.09 24.20
N GLY I 88 22.49 36.43 25.48
CA GLY I 88 21.33 36.84 26.25
C GLY I 88 21.66 38.03 27.12
N LYS I 89 20.89 38.23 28.19
CA LYS I 89 21.13 39.35 29.09
C LYS I 89 22.10 38.93 30.18
N ASP I 90 23.11 39.77 30.43
CA ASP I 90 24.11 39.66 31.49
C ASP I 90 25.07 38.50 31.31
N LYS I 91 24.92 37.69 30.27
CA LYS I 91 25.83 36.60 29.99
C LYS I 91 26.73 36.96 28.82
N SER I 92 27.91 36.35 28.81
CA SER I 92 28.91 36.62 27.77
C SER I 92 28.96 35.43 26.82
N GLY I 93 28.79 35.70 25.53
CA GLY I 93 28.82 34.66 24.52
C GLY I 93 30.21 34.54 23.92
N ALA I 94 30.67 33.28 23.78
CA ALA I 94 31.98 33.00 23.22
C ALA I 94 31.83 32.74 21.72
N ARG I 95 32.29 33.68 20.90
CA ARG I 95 32.25 33.52 19.45
C ARG I 95 33.37 32.58 19.05
N ASP I 96 33.05 31.31 18.86
CA ASP I 96 34.02 30.28 18.52
C ASP I 96 33.72 29.71 17.14
N VAL I 97 34.61 28.85 16.67
CA VAL I 97 34.41 28.11 15.44
C VAL I 97 34.24 26.64 15.79
N VAL I 98 33.32 25.96 15.10
CA VAL I 98 33.04 24.56 15.36
C VAL I 98 33.31 23.75 14.11
N GLY I 99 33.63 22.48 14.31
CA GLY I 99 33.90 21.54 13.25
C GLY I 99 33.27 20.19 13.52
N LEU I 100 32.51 19.69 12.57
CA LEU I 100 31.75 18.45 12.72
C LEU I 100 32.30 17.42 11.74
N VAL I 101 32.69 16.27 12.25
CA VAL I 101 33.16 15.16 11.43
C VAL I 101 32.19 14.01 11.59
N VAL I 102 31.58 13.57 10.49
CA VAL I 102 30.74 12.38 10.47
C VAL I 102 31.54 11.26 9.83
N ALA I 103 31.67 10.15 10.54
CA ALA I 103 32.35 8.96 10.06
C ALA I 103 31.28 7.88 9.94
N MET I 104 30.61 7.85 8.79
CA MET I 104 29.60 6.84 8.54
C MET I 104 30.27 5.47 8.48
N PRO I 105 29.52 4.40 8.81
CA PRO I 105 30.17 3.08 8.97
C PRO I 105 30.89 2.59 7.74
N ASP I 106 30.38 2.90 6.55
CA ASP I 106 30.95 2.36 5.32
C ASP I 106 32.37 2.82 5.06
N GLY I 107 32.85 3.84 5.76
CA GLY I 107 34.24 4.26 5.71
C GLY I 107 34.44 5.72 5.38
N SER I 108 33.58 6.27 4.52
CA SER I 108 33.74 7.66 4.12
C SER I 108 33.49 8.60 5.29
N LYS I 109 34.23 9.70 5.30
CA LYS I 109 34.16 10.69 6.38
C LYS I 109 33.96 12.07 5.78
N ILE I 110 32.96 12.79 6.29
CA ILE I 110 32.68 14.15 5.84
C ILE I 110 33.00 15.09 6.99
N THR I 111 33.88 16.06 6.75
CA THR I 111 34.30 17.00 7.77
C THR I 111 33.94 18.41 7.34
N CYS I 112 33.25 19.13 8.22
CA CYS I 112 32.82 20.49 7.96
C CYS I 112 33.44 21.40 9.00
N THR I 113 33.99 22.52 8.55
CA THR I 113 34.75 23.42 9.41
C THR I 113 34.33 24.86 9.17
N ASN I 114 34.69 25.69 10.15
CA ASN I 114 34.32 27.10 10.24
C ASN I 114 32.80 27.26 10.26
N GLY I 115 32.22 26.71 11.33
CA GLY I 115 30.79 26.81 11.52
C GLY I 115 30.40 27.47 12.82
N THR I 116 29.13 27.35 13.18
CA THR I 116 28.56 27.95 14.38
C THR I 116 27.16 27.38 14.61
N PRO I 117 26.70 27.27 15.85
CA PRO I 117 25.32 26.86 16.08
C PRO I 117 24.33 27.88 15.56
N ILE I 118 23.20 27.40 15.05
CA ILE I 118 22.23 28.26 14.37
C ILE I 118 20.86 28.11 15.01
N ASP I 119 20.67 27.10 15.86
CA ASP I 119 19.39 26.95 16.53
C ASP I 119 19.55 26.07 17.76
N GLY I 120 18.44 25.76 18.40
CA GLY I 120 18.38 24.89 19.55
C GLY I 120 17.07 25.08 20.25
N VAL I 121 16.81 24.23 21.23
CA VAL I 121 15.55 24.24 21.95
C VAL I 121 15.71 24.84 23.35
N LEU I 122 16.83 24.55 24.01
CA LEU I 122 17.24 25.06 25.32
C LEU I 122 16.39 24.55 26.48
N ILE I 123 15.23 23.96 26.23
CA ILE I 123 14.40 23.36 27.27
C ILE I 123 13.92 22.02 26.77
N ASN I 124 14.06 21.00 27.61
CA ASN I 124 13.67 19.65 27.27
C ASN I 124 12.15 19.58 27.17
N ALA I 125 11.63 19.67 25.96
CA ALA I 125 10.19 19.59 25.74
C ALA I 125 9.68 18.19 26.08
N VAL I 126 8.45 18.14 26.58
CA VAL I 126 7.82 16.88 26.97
C VAL I 126 6.69 16.60 25.99
N ALA I 127 6.67 15.40 25.44
CA ALA I 127 5.61 15.01 24.53
C ALA I 127 4.38 14.58 25.32
N SER I 128 3.37 14.10 24.58
CA SER I 128 2.06 13.83 25.17
C SER I 128 2.12 12.73 26.23
N VAL I 129 2.70 11.58 25.88
CA VAL I 129 2.72 10.45 26.81
C VAL I 129 3.64 10.71 27.98
N GLY I 130 4.73 11.44 27.77
CA GLY I 130 5.69 11.67 28.82
C GLY I 130 7.11 11.55 28.34
N ARG I 131 7.26 10.99 27.14
CA ARG I 131 8.57 10.91 26.50
C ARG I 131 9.08 12.32 26.21
N LEU I 132 10.38 12.53 26.44
CA LEU I 132 10.98 13.80 26.12
C LEU I 132 11.15 13.91 24.60
N LYS I 133 10.82 15.07 24.05
CA LYS I 133 10.90 15.24 22.61
C LYS I 133 12.34 15.37 22.15
N THR I 134 12.65 14.74 21.01
CA THR I 134 14.00 14.74 20.46
C THR I 134 14.46 16.15 20.13
N LYS I 135 15.72 16.46 20.46
CA LYS I 135 16.19 17.82 20.34
C LYS I 135 16.94 18.00 19.04
N PRO I 136 16.51 18.90 18.16
CA PRO I 136 17.29 19.20 16.96
C PRO I 136 18.22 20.38 17.15
N TYR I 137 19.39 20.28 16.55
CA TYR I 137 20.37 21.36 16.54
C TYR I 137 20.80 21.62 15.11
N ARG I 138 21.00 22.89 14.76
CA ARG I 138 21.34 23.26 13.40
C ARG I 138 22.64 24.05 13.38
N PHE I 139 23.51 23.70 12.45
CA PHE I 139 24.77 24.39 12.26
C PHE I 139 24.90 24.80 10.81
N ARG I 140 25.63 25.88 10.56
CA ARG I 140 25.94 26.33 9.21
C ARG I 140 27.44 26.42 9.08
N PHE I 141 28.03 25.54 8.28
CA PHE I 141 29.47 25.45 8.13
C PHE I 141 29.94 26.16 6.87
N GLU I 142 31.20 26.55 6.88
CA GLU I 142 31.78 27.27 5.75
C GLU I 142 32.42 26.33 4.74
N LYS I 143 33.24 25.39 5.20
CA LYS I 143 34.03 24.54 4.30
C LYS I 143 33.72 23.09 4.58
N VAL I 144 33.28 22.36 3.55
CA VAL I 144 33.01 20.93 3.67
C VAL I 144 34.03 20.17 2.83
N ILE I 145 34.51 19.06 3.38
CA ILE I 145 35.55 18.25 2.75
C ILE I 145 35.17 16.78 2.91
N LYS I 146 35.22 16.03 1.82
CA LYS I 146 34.91 14.60 1.83
C LYS I 146 36.20 13.81 1.68
N ALA I 147 36.42 12.87 2.58
CA ALA I 147 37.66 12.09 2.59
C ALA I 147 37.33 10.63 2.79
N GLY I 148 37.93 9.76 1.97
CA GLY I 148 37.76 8.32 2.14
C GLY I 148 36.66 7.74 1.29
N THR I 149 36.97 6.66 0.57
CA THR I 149 35.99 5.91 -0.20
C THR I 149 36.10 4.45 0.19
N SER I 150 34.96 3.87 0.62
CA SER I 150 34.88 2.50 1.12
C SER I 150 35.86 2.26 2.28
N MET J 1 -15.64 20.59 42.12
CA MET J 1 -15.86 19.82 40.90
C MET J 1 -14.87 20.24 39.81
N ILE J 2 -13.88 19.38 39.57
CA ILE J 2 -12.80 19.67 38.63
C ILE J 2 -13.02 18.76 37.42
N ASN J 3 -14.28 18.42 37.17
CA ASN J 3 -14.60 17.54 36.06
C ASN J 3 -14.41 18.26 34.73
N ILE J 4 -14.07 17.49 33.70
CA ILE J 4 -13.77 18.04 32.39
C ILE J 4 -14.99 17.97 31.47
N SER J 5 -16.15 17.62 31.99
CA SER J 5 -17.35 17.69 31.17
C SER J 5 -17.81 19.14 31.07
N ALA J 6 -18.38 19.47 29.91
CA ALA J 6 -19.04 20.75 29.74
C ALA J 6 -20.42 20.57 29.13
N PHE J 7 -20.92 19.34 29.04
CA PHE J 7 -22.26 19.10 28.56
C PHE J 7 -23.29 19.61 29.55
N GLY J 8 -24.26 20.36 29.05
CA GLY J 8 -25.19 21.10 29.87
C GLY J 8 -24.98 22.59 29.86
N SER J 9 -24.26 23.11 28.88
CA SER J 9 -23.93 24.53 28.84
C SER J 9 -25.11 25.33 28.31
N ILE J 10 -24.92 26.64 28.21
CA ILE J 10 -25.98 27.56 27.85
C ILE J 10 -25.32 28.88 27.47
N CYS J 11 -25.94 29.66 26.59
CA CYS J 11 -25.41 30.96 26.19
C CYS J 11 -26.55 31.97 26.24
N GLN J 12 -26.63 32.72 27.33
CA GLN J 12 -27.59 33.82 27.43
C GLN J 12 -27.03 35.03 26.68
N PHE J 13 -27.78 35.53 25.72
CA PHE J 13 -27.40 36.70 24.94
C PHE J 13 -28.31 37.87 25.31
N THR J 14 -27.71 39.06 25.43
CA THR J 14 -28.48 40.29 25.67
C THR J 14 -27.98 41.35 24.71
N ALA J 15 -28.85 41.82 23.82
CA ALA J 15 -28.54 42.94 22.93
C ALA J 15 -29.31 44.16 23.40
N SER J 16 -28.64 45.31 23.48
CA SER J 16 -29.28 46.50 24.02
C SER J 16 -30.43 46.97 23.15
N ARG J 17 -30.27 46.91 21.83
CA ARG J 17 -31.31 47.36 20.92
C ARG J 17 -32.20 46.23 20.41
N THR J 18 -31.60 45.10 20.05
CA THR J 18 -32.35 44.05 19.36
C THR J 18 -33.06 43.10 20.32
N PHE J 19 -32.36 42.58 21.32
CA PHE J 19 -32.91 41.62 22.27
C PHE J 19 -32.65 42.05 23.70
N PRO J 20 -33.30 43.12 24.18
CA PRO J 20 -33.19 43.44 25.60
C PRO J 20 -33.90 42.37 26.42
N ASN J 21 -33.23 41.89 27.46
CA ASN J 21 -33.60 40.66 28.17
C ASN J 21 -33.74 39.52 27.17
N GLY J 22 -32.62 39.20 26.53
CA GLY J 22 -32.61 38.39 25.34
C GLY J 22 -32.80 36.91 25.56
N PHE J 23 -32.31 36.13 24.63
CA PHE J 23 -32.65 34.73 24.45
C PHE J 23 -31.58 33.83 25.07
N THR J 24 -31.75 32.52 24.87
CA THR J 24 -30.81 31.52 25.32
C THR J 24 -30.52 30.59 24.15
N VAL J 25 -29.24 30.39 23.85
CA VAL J 25 -28.79 29.46 22.82
C VAL J 25 -28.25 28.23 23.53
N THR J 26 -28.83 27.08 23.22
CA THR J 26 -28.44 25.86 23.91
C THR J 26 -28.33 24.65 22.99
N GLU J 27 -28.63 24.79 21.70
CA GLU J 27 -28.56 23.71 20.73
C GLU J 27 -27.28 23.75 19.91
N PHE J 28 -26.12 23.55 20.55
CA PHE J 28 -24.86 23.74 19.87
C PHE J 28 -24.61 22.61 18.86
N ALA J 29 -23.63 22.84 17.99
CA ALA J 29 -23.28 21.86 16.97
C ALA J 29 -22.60 20.65 17.61
N ASP J 30 -22.65 19.53 16.90
CA ASP J 30 -21.97 18.33 17.36
C ASP J 30 -20.60 18.15 16.72
N ASP J 31 -20.50 18.31 15.39
CA ASP J 31 -19.23 18.07 14.72
C ASP J 31 -18.21 19.18 15.01
N ALA J 32 -18.65 20.44 14.96
CA ALA J 32 -17.76 21.56 15.21
C ALA J 32 -17.75 21.91 16.69
N ASP J 33 -16.81 22.76 17.07
CA ASP J 33 -16.69 23.16 18.46
C ASP J 33 -17.87 24.05 18.85
N PRO J 34 -18.60 23.71 19.91
CA PRO J 34 -19.68 24.58 20.39
C PRO J 34 -19.23 25.99 20.75
N ILE J 35 -18.26 26.10 21.65
CA ILE J 35 -17.69 27.40 22.02
C ILE J 35 -16.19 27.33 21.78
N ASP J 36 -15.67 28.26 20.99
CA ASP J 36 -14.25 28.33 20.71
C ASP J 36 -13.80 29.78 20.82
N SER J 37 -12.54 29.96 21.19
CA SER J 37 -11.97 31.29 21.32
C SER J 37 -10.54 31.26 20.78
N PRO J 38 -10.21 32.15 19.85
CA PRO J 38 -8.82 32.26 19.41
C PRO J 38 -7.95 32.73 20.54
N PRO J 39 -6.66 32.37 20.52
CA PRO J 39 -5.78 32.71 21.66
C PRO J 39 -5.57 34.20 21.80
N PHE J 40 -5.72 34.69 23.03
CA PHE J 40 -5.48 36.09 23.35
C PHE J 40 -4.00 36.42 23.16
N THR J 41 -3.72 37.71 22.98
CA THR J 41 -2.33 38.14 22.88
C THR J 41 -1.81 38.63 24.22
N ALA J 42 -2.41 39.68 24.77
CA ALA J 42 -2.19 40.21 26.12
C ALA J 42 -0.79 40.77 26.37
N ALA J 43 0.16 40.60 25.45
CA ALA J 43 1.51 41.14 25.59
C ALA J 43 2.27 40.90 24.28
N ASP J 44 3.45 41.51 24.20
CA ASP J 44 4.33 41.36 23.05
C ASP J 44 5.73 41.77 23.47
N THR J 45 6.72 41.01 23.02
CA THR J 45 8.09 41.21 23.48
C THR J 45 9.03 41.50 22.33
N GLY J 46 10.07 42.27 22.63
CA GLY J 46 11.13 42.54 21.68
C GLY J 46 12.47 42.58 22.38
N VAL J 47 13.50 42.01 21.77
CA VAL J 47 14.80 41.87 22.41
C VAL J 47 15.72 42.98 21.92
N GLY J 48 16.40 43.64 22.85
CA GLY J 48 17.31 44.72 22.51
C GLY J 48 18.64 44.24 21.95
N LEU J 49 19.69 45.05 22.11
CA LEU J 49 21.01 44.66 21.60
C LEU J 49 21.72 43.74 22.58
N ASN J 50 21.77 44.12 23.84
CA ASN J 50 22.48 43.36 24.86
C ASN J 50 21.61 42.32 25.54
N GLY J 51 20.37 42.14 25.08
CA GLY J 51 19.49 41.14 25.65
C GLY J 51 18.36 41.69 26.50
N ASP J 52 18.22 43.00 26.60
CA ASP J 52 17.17 43.61 27.42
C ASP J 52 15.82 43.36 26.74
N MET J 53 15.06 42.41 27.27
CA MET J 53 13.71 42.19 26.77
C MET J 53 12.81 43.36 27.13
N VAL J 54 12.00 43.80 26.18
CA VAL J 54 11.08 44.89 26.33
C VAL J 54 9.68 44.34 26.12
N VAL J 55 8.80 44.56 27.09
CA VAL J 55 7.45 43.99 27.10
C VAL J 55 6.46 45.13 26.92
N TRP J 56 5.64 45.04 25.88
CA TRP J 56 4.52 45.94 25.68
C TRP J 56 3.25 45.17 26.02
N ASN J 57 2.42 45.73 26.89
CA ASN J 57 1.15 45.12 27.23
C ASN J 57 0.08 45.69 26.32
N ARG J 58 0.02 45.15 25.11
CA ARG J 58 -0.92 45.63 24.12
C ARG J 58 -2.35 45.34 24.54
N ALA J 59 -3.19 46.37 24.48
CA ALA J 59 -4.61 46.18 24.74
C ALA J 59 -5.23 45.34 23.62
N ASN J 60 -6.15 44.46 23.99
CA ASN J 60 -6.75 43.58 23.00
C ASN J 60 -8.16 43.20 23.46
N ILE J 61 -8.95 42.72 22.50
CA ILE J 61 -10.34 42.34 22.73
C ILE J 61 -10.50 40.88 22.35
N LEU J 62 -11.10 40.10 23.24
CA LEU J 62 -11.19 38.66 23.03
C LEU J 62 -12.29 38.34 22.01
N GLU J 63 -12.27 37.10 21.55
CA GLU J 63 -13.13 36.62 20.47
C GLU J 63 -13.79 35.31 20.88
N VAL J 64 -15.00 35.09 20.38
CA VAL J 64 -15.72 33.84 20.64
C VAL J 64 -16.35 33.36 19.34
N VAL J 65 -16.28 32.06 19.11
CA VAL J 65 -16.93 31.42 17.97
C VAL J 65 -17.91 30.39 18.53
N VAL J 66 -19.19 30.56 18.20
CA VAL J 66 -20.25 29.65 18.63
C VAL J 66 -20.79 28.95 17.39
N ASN J 67 -20.76 27.63 17.39
CA ASN J 67 -21.32 26.84 16.31
C ASN J 67 -22.68 26.33 16.75
N VAL J 68 -23.70 26.53 15.92
CA VAL J 68 -25.06 26.16 16.28
C VAL J 68 -25.71 25.39 15.15
N ILE J 69 -26.66 24.55 15.53
CA ILE J 69 -27.48 23.81 14.55
C ILE J 69 -28.43 24.79 13.87
N PRO J 70 -28.48 24.83 12.54
CA PRO J 70 -29.18 25.91 11.85
C PRO J 70 -30.69 25.71 11.84
N ASN J 71 -31.39 26.80 11.53
CA ASN J 71 -32.85 26.86 11.48
C ASN J 71 -33.47 26.39 12.80
N THR J 72 -33.04 27.05 13.88
CA THR J 72 -33.48 26.70 15.22
C THR J 72 -33.79 27.99 15.96
N GLU J 73 -34.57 27.90 17.05
CA GLU J 73 -35.04 29.08 17.77
C GLU J 73 -33.89 29.96 18.25
N GLY J 74 -32.93 29.36 18.96
CA GLY J 74 -31.72 30.09 19.31
C GLY J 74 -30.97 30.54 18.07
N GLU J 75 -30.89 29.68 17.06
CA GLU J 75 -30.19 30.04 15.83
C GLU J 75 -30.92 31.11 15.04
N ARG J 76 -32.25 31.02 14.96
CA ARG J 76 -33.02 32.06 14.28
C ARG J 76 -32.85 33.39 15.00
N ASN J 77 -32.83 33.37 16.33
CA ASN J 77 -32.60 34.60 17.08
C ASN J 77 -31.22 35.17 16.81
N LEU J 78 -30.21 34.31 16.73
CA LEU J 78 -28.86 34.77 16.39
C LEU J 78 -28.81 35.40 15.00
N ALA J 79 -29.45 34.76 14.03
CA ALA J 79 -29.47 35.31 12.68
C ALA J 79 -30.22 36.63 12.63
N VAL J 80 -31.30 36.76 13.42
CA VAL J 80 -32.02 38.01 13.52
C VAL J 80 -31.14 39.10 14.09
N LEU J 81 -30.38 38.78 15.14
CA LEU J 81 -29.45 39.76 15.72
C LEU J 81 -28.39 40.19 14.72
N LEU J 82 -27.82 39.23 13.99
CA LEU J 82 -26.78 39.56 13.01
C LEU J 82 -27.34 40.40 11.88
N ASP J 83 -28.55 40.08 11.41
CA ASP J 83 -29.20 40.90 10.38
C ASP J 83 -29.50 42.29 10.90
N ALA J 84 -29.84 42.41 12.18
CA ALA J 84 -30.06 43.73 12.76
C ALA J 84 -28.76 44.53 12.81
N ASN J 85 -27.63 43.85 13.03
CA ASN J 85 -26.36 44.55 13.14
C ASN J 85 -25.65 44.71 11.80
N ARG J 86 -25.86 43.82 10.84
CA ARG J 86 -25.18 43.92 9.56
C ARG J 86 -25.67 45.14 8.78
N THR J 87 -24.87 45.57 7.81
CA THR J 87 -25.17 46.75 7.02
C THR J 87 -25.16 46.38 5.54
N GLY J 88 -26.25 46.68 4.85
CA GLY J 88 -26.39 46.45 3.43
C GLY J 88 -26.93 47.70 2.75
N LYS J 89 -27.60 47.48 1.63
CA LYS J 89 -28.20 48.57 0.87
C LYS J 89 -29.68 48.68 1.26
N ASP J 90 -30.12 49.92 1.51
CA ASP J 90 -31.49 50.33 1.81
C ASP J 90 -31.98 49.83 3.15
N LYS J 91 -31.20 49.04 3.88
CA LYS J 91 -31.56 48.61 5.22
C LYS J 91 -30.78 49.44 6.24
N SER J 92 -31.32 49.51 7.44
CA SER J 92 -30.71 50.27 8.53
C SER J 92 -30.25 49.31 9.61
N GLY J 93 -28.97 49.41 9.98
CA GLY J 93 -28.38 48.53 10.97
C GLY J 93 -28.32 49.21 12.33
N ALA J 94 -28.75 48.50 13.35
CA ALA J 94 -28.75 49.01 14.72
C ALA J 94 -27.43 48.66 15.38
N ARG J 95 -26.57 49.66 15.59
CA ARG J 95 -25.33 49.45 16.32
C ARG J 95 -25.67 49.29 17.79
N ASP J 96 -25.69 48.04 18.26
CA ASP J 96 -26.01 47.72 19.64
C ASP J 96 -24.80 47.09 20.31
N VAL J 97 -24.95 46.81 21.61
CA VAL J 97 -23.92 46.12 22.38
C VAL J 97 -24.51 44.81 22.89
N VAL J 98 -23.80 43.71 22.63
CA VAL J 98 -24.26 42.38 23.00
C VAL J 98 -23.45 41.89 24.18
N GLY J 99 -24.07 41.04 24.98
CA GLY J 99 -23.46 40.43 26.14
C GLY J 99 -23.79 38.95 26.22
N LEU J 100 -22.76 38.12 26.35
CA LEU J 100 -22.88 36.67 26.30
C LEU J 100 -22.45 36.07 27.63
N VAL J 101 -23.32 35.28 28.24
CA VAL J 101 -23.04 34.61 29.50
C VAL J 101 -23.11 33.11 29.24
N VAL J 102 -22.03 32.40 29.55
CA VAL J 102 -21.98 30.95 29.49
C VAL J 102 -21.99 30.43 30.92
N ALA J 103 -22.92 29.54 31.21
CA ALA J 103 -23.00 28.87 32.51
C ALA J 103 -22.72 27.40 32.27
N MET J 104 -21.45 27.03 32.30
CA MET J 104 -21.05 25.65 32.11
C MET J 104 -21.55 24.79 33.27
N PRO J 105 -21.79 23.50 33.05
CA PRO J 105 -22.48 22.69 34.07
C PRO J 105 -21.74 22.59 35.38
N ASP J 106 -20.42 22.72 35.40
CA ASP J 106 -19.67 22.59 36.64
C ASP J 106 -19.93 23.72 37.61
N GLY J 107 -20.59 24.81 37.17
CA GLY J 107 -21.01 25.89 38.05
C GLY J 107 -20.43 27.24 37.68
N SER J 108 -19.21 27.25 37.14
CA SER J 108 -18.57 28.51 36.80
C SER J 108 -19.28 29.19 35.63
N LYS J 109 -19.30 30.51 35.67
CA LYS J 109 -19.97 31.32 34.66
C LYS J 109 -18.99 32.34 34.10
N ILE J 110 -19.01 32.50 32.78
CA ILE J 110 -18.16 33.44 32.08
C ILE J 110 -19.07 34.45 31.40
N THR J 111 -18.91 35.73 31.71
CA THR J 111 -19.74 36.77 31.14
C THR J 111 -18.87 37.75 30.36
N CYS J 112 -19.26 38.03 29.12
CA CYS J 112 -18.54 38.94 28.24
C CYS J 112 -19.48 40.05 27.80
N THR J 113 -19.00 41.28 27.86
CA THR J 113 -19.83 42.45 27.62
C THR J 113 -19.11 43.43 26.70
N ASN J 114 -19.92 44.34 26.15
CA ASN J 114 -19.50 45.34 25.17
C ASN J 114 -18.94 44.67 23.91
N GLY J 115 -19.78 43.88 23.27
CA GLY J 115 -19.38 43.19 22.06
C GLY J 115 -20.24 43.49 20.87
N THR J 116 -20.06 42.73 19.79
CA THR J 116 -20.80 42.90 18.54
C THR J 116 -20.56 41.69 17.65
N PRO J 117 -21.48 41.34 16.76
CA PRO J 117 -21.23 40.22 15.84
C PRO J 117 -20.14 40.55 14.83
N ILE J 118 -19.40 39.52 14.42
CA ILE J 118 -18.25 39.72 13.55
C ILE J 118 -18.35 38.84 12.30
N ASP J 119 -19.29 37.89 12.28
CA ASP J 119 -19.46 37.09 11.07
C ASP J 119 -20.83 36.42 11.08
N GLY J 120 -20.99 35.46 10.19
CA GLY J 120 -22.21 34.69 10.01
C GLY J 120 -22.28 34.19 8.59
N VAL J 121 -23.11 33.18 8.38
CA VAL J 121 -23.24 32.59 7.05
C VAL J 121 -24.35 33.27 6.26
N LEU J 122 -25.44 33.64 6.93
CA LEU J 122 -26.60 34.35 6.41
C LEU J 122 -27.45 33.53 5.44
N ILE J 123 -26.98 32.36 5.00
CA ILE J 123 -27.77 31.46 4.18
C ILE J 123 -27.53 30.03 4.68
N ASN J 124 -28.62 29.29 4.83
CA ASN J 124 -28.55 27.91 5.29
C ASN J 124 -27.87 27.03 4.25
N ALA J 125 -26.57 26.80 4.41
CA ALA J 125 -25.84 25.95 3.48
C ALA J 125 -26.27 24.51 3.62
N VAL J 126 -26.28 23.78 2.51
CA VAL J 126 -26.67 22.39 2.47
C VAL J 126 -25.43 21.54 2.23
N ALA J 127 -25.25 20.51 3.05
CA ALA J 127 -24.10 19.64 2.91
C ALA J 127 -24.35 18.62 1.80
N SER J 128 -23.38 17.73 1.61
CA SER J 128 -23.40 16.80 0.49
C SER J 128 -24.59 15.85 0.53
N VAL J 129 -24.77 15.17 1.66
CA VAL J 129 -25.87 14.21 1.78
C VAL J 129 -27.22 14.92 1.78
N GLY J 130 -27.29 16.12 2.36
CA GLY J 130 -28.56 16.81 2.44
C GLY J 130 -28.76 17.42 3.80
N ARG J 131 -27.90 17.06 4.74
CA ARG J 131 -27.92 17.66 6.06
C ARG J 131 -27.57 19.14 5.97
N LEU J 132 -28.10 19.91 6.91
CA LEU J 132 -27.72 21.30 7.03
C LEU J 132 -26.34 21.42 7.65
N LYS J 133 -25.52 22.29 7.09
CA LYS J 133 -24.21 22.55 7.66
C LYS J 133 -24.34 23.44 8.88
N THR J 134 -23.60 23.09 9.93
CA THR J 134 -23.64 23.87 11.18
C THR J 134 -23.16 25.28 10.94
N LYS J 135 -23.88 26.25 11.53
CA LYS J 135 -23.61 27.64 11.25
C LYS J 135 -22.76 28.24 12.36
N PRO J 136 -21.60 28.79 12.06
CA PRO J 136 -20.78 29.45 13.08
C PRO J 136 -21.02 30.95 13.14
N TYR J 137 -20.81 31.49 14.33
CA TYR J 137 -20.97 32.93 14.57
C TYR J 137 -19.85 33.41 15.47
N ARG J 138 -19.24 34.53 15.10
CA ARG J 138 -18.10 35.06 15.81
C ARG J 138 -18.45 36.42 16.39
N PHE J 139 -18.18 36.59 17.68
CA PHE J 139 -18.33 37.88 18.34
C PHE J 139 -16.97 38.30 18.88
N ARG J 140 -16.77 39.60 19.01
CA ARG J 140 -15.59 40.14 19.66
C ARG J 140 -16.06 41.01 20.81
N PHE J 141 -15.79 40.58 22.03
CA PHE J 141 -16.22 41.30 23.22
C PHE J 141 -15.09 42.14 23.78
N GLU J 142 -15.46 43.19 24.50
CA GLU J 142 -14.47 44.08 25.09
C GLU J 142 -14.07 43.66 26.49
N LYS J 143 -15.02 43.27 27.32
CA LYS J 143 -14.73 42.94 28.71
C LYS J 143 -15.17 41.53 29.01
N VAL J 144 -14.35 40.79 29.76
CA VAL J 144 -14.67 39.44 30.18
C VAL J 144 -14.51 39.34 31.70
N ILE J 145 -15.39 38.56 32.33
CA ILE J 145 -15.42 38.43 33.78
C ILE J 145 -15.82 37.00 34.11
N LYS J 146 -15.07 36.36 35.00
CA LYS J 146 -15.38 35.03 35.48
C LYS J 146 -15.99 35.11 36.87
N ALA J 147 -17.17 34.52 37.04
CA ALA J 147 -17.87 34.51 38.30
C ALA J 147 -18.26 33.08 38.66
N GLY J 148 -17.91 32.66 39.87
CA GLY J 148 -18.31 31.35 40.35
C GLY J 148 -17.25 30.29 40.17
N THR J 149 -16.95 29.55 41.25
CA THR J 149 -16.05 28.41 41.19
C THR J 149 -16.78 27.21 41.79
N SER J 150 -16.84 26.12 41.03
CA SER J 150 -17.58 24.91 41.39
C SER J 150 -19.04 25.21 41.71
N MET K 1 6.92 1.10 -30.43
CA MET K 1 6.81 0.81 -29.01
C MET K 1 6.32 2.04 -28.26
N ILE K 2 5.03 2.06 -27.91
CA ILE K 2 4.37 3.20 -27.30
C ILE K 2 4.30 2.88 -25.81
N ASN K 3 5.15 1.96 -25.37
CA ASN K 3 5.03 1.38 -24.05
C ASN K 3 5.41 2.39 -22.98
N ILE K 4 4.77 2.28 -21.81
CA ILE K 4 4.89 3.30 -20.76
C ILE K 4 6.06 3.04 -19.82
N SER K 5 6.73 1.90 -19.94
CA SER K 5 7.83 1.60 -19.04
C SER K 5 9.03 2.49 -19.33
N ALA K 6 9.82 2.74 -18.28
CA ALA K 6 11.11 3.39 -18.42
C ALA K 6 12.22 2.63 -17.72
N PHE K 7 11.92 1.47 -17.14
CA PHE K 7 12.98 0.67 -16.57
C PHE K 7 13.92 0.20 -17.66
N GLY K 8 15.18 0.56 -17.53
CA GLY K 8 16.13 0.53 -18.60
C GLY K 8 16.71 1.88 -18.97
N SER K 9 16.56 2.89 -18.13
CA SER K 9 17.00 4.23 -18.46
C SER K 9 18.47 4.40 -18.11
N ILE K 10 19.02 5.56 -18.46
CA ILE K 10 20.44 5.86 -18.26
C ILE K 10 20.61 7.36 -18.43
N CYS K 11 21.60 7.94 -17.75
CA CYS K 11 21.86 9.37 -17.84
C CYS K 11 23.33 9.60 -18.11
N GLN K 12 23.67 9.84 -19.37
CA GLN K 12 25.02 10.25 -19.73
C GLN K 12 25.21 11.72 -19.38
N PHE K 13 26.31 12.03 -18.71
CA PHE K 13 26.67 13.40 -18.35
C PHE K 13 28.01 13.74 -18.97
N THR K 14 28.15 14.96 -19.47
CA THR K 14 29.45 15.48 -19.90
C THR K 14 29.62 16.90 -19.39
N ALA K 15 30.70 17.14 -18.65
CA ALA K 15 31.10 18.49 -18.29
C ALA K 15 32.33 18.86 -19.10
N SER K 16 32.33 20.07 -19.66
CA SER K 16 33.44 20.47 -20.52
C SER K 16 34.75 20.54 -19.75
N ARG K 17 34.70 20.99 -18.51
CA ARG K 17 35.91 21.09 -17.70
C ARG K 17 36.12 19.91 -16.76
N THR K 18 35.05 19.42 -16.13
CA THR K 18 35.20 18.43 -15.07
C THR K 18 35.22 17.00 -15.59
N PHE K 19 34.25 16.63 -16.42
CA PHE K 19 34.13 15.27 -16.94
C PHE K 19 34.00 15.28 -18.46
N PRO K 20 35.05 15.63 -19.20
CA PRO K 20 34.99 15.46 -20.65
C PRO K 20 34.97 13.98 -20.99
N ASN K 21 34.04 13.60 -21.87
CA ASN K 21 33.66 12.20 -22.10
C ASN K 21 33.28 11.55 -20.77
N GLY K 22 32.18 12.05 -20.20
CA GLY K 22 31.83 11.77 -18.83
C GLY K 22 31.23 10.41 -18.54
N PHE K 23 30.42 10.36 -17.49
CA PHE K 23 30.09 9.13 -16.78
C PHE K 23 28.68 8.65 -17.09
N THR K 24 28.30 7.57 -16.42
CA THR K 24 26.99 6.96 -16.53
C THR K 24 26.31 7.04 -15.17
N VAL K 25 25.03 7.40 -15.18
CA VAL K 25 24.19 7.34 -13.98
C VAL K 25 23.05 6.38 -14.28
N THR K 26 22.98 5.29 -13.53
CA THR K 26 21.97 4.27 -13.74
C THR K 26 21.34 3.77 -12.46
N GLU K 27 21.81 4.21 -11.29
CA GLU K 27 21.29 3.78 -10.00
C GLU K 27 20.31 4.78 -9.41
N PHE K 28 19.18 4.99 -10.07
CA PHE K 28 18.25 6.00 -9.62
C PHE K 28 17.52 5.57 -8.35
N ALA K 29 16.86 6.52 -7.71
CA ALA K 29 16.15 6.25 -6.47
C ALA K 29 14.92 5.39 -6.72
N ASP K 30 14.45 4.73 -5.66
CA ASP K 30 13.24 3.93 -5.75
C ASP K 30 12.01 4.63 -5.18
N ASP K 31 12.18 5.46 -4.15
CA ASP K 31 11.03 6.14 -3.56
C ASP K 31 10.70 7.45 -4.27
N ALA K 32 11.71 8.29 -4.51
CA ALA K 32 11.50 9.54 -5.22
C ALA K 32 11.55 9.32 -6.72
N ASP K 33 11.15 10.33 -7.47
CA ASP K 33 11.15 10.24 -8.92
C ASP K 33 12.57 10.20 -9.45
N PRO K 34 12.92 9.20 -10.28
CA PRO K 34 14.26 9.17 -10.89
C PRO K 34 14.56 10.40 -11.73
N ILE K 35 13.73 10.71 -12.71
CA ILE K 35 13.87 11.91 -13.53
C ILE K 35 12.59 12.70 -13.43
N ASP K 36 12.70 13.97 -13.03
CA ASP K 36 11.55 14.85 -12.93
C ASP K 36 11.89 16.20 -13.56
N SER K 37 10.87 16.86 -14.07
CA SER K 37 11.05 18.17 -14.67
C SER K 37 9.88 19.07 -14.30
N PRO K 38 10.15 20.24 -13.74
CA PRO K 38 9.07 21.19 -13.49
C PRO K 38 8.46 21.67 -14.79
N PRO K 39 7.18 22.04 -14.78
CA PRO K 39 6.51 22.39 -16.05
C PRO K 39 7.09 23.63 -16.69
N PHE K 40 7.34 23.55 -17.99
CA PHE K 40 7.83 24.69 -18.75
C PHE K 40 6.76 25.77 -18.82
N THR K 41 7.22 27.00 -19.07
CA THR K 41 6.26 28.10 -19.22
C THR K 41 5.93 28.35 -20.68
N ALA K 42 6.95 28.70 -21.48
CA ALA K 42 6.90 28.81 -22.94
C ALA K 42 5.96 29.90 -23.48
N ALA K 43 5.14 30.54 -22.65
CA ALA K 43 4.24 31.60 -23.09
C ALA K 43 3.61 32.26 -21.86
N ASP K 44 2.89 33.34 -22.11
CA ASP K 44 2.17 34.08 -21.07
C ASP K 44 1.13 34.98 -21.72
N THR K 45 -0.09 34.97 -21.21
CA THR K 45 -1.18 35.69 -21.85
C THR K 45 -1.71 36.79 -20.96
N GLY K 46 -2.14 37.88 -21.59
CA GLY K 46 -2.78 38.97 -20.89
C GLY K 46 -3.99 39.47 -21.65
N VAL K 47 -5.11 39.69 -20.96
CA VAL K 47 -6.36 40.04 -21.61
C VAL K 47 -6.53 41.56 -21.59
N GLY K 48 -6.86 42.13 -22.75
CA GLY K 48 -7.05 43.55 -22.87
C GLY K 48 -8.37 44.06 -22.29
N LEU K 49 -8.86 45.18 -22.80
CA LEU K 49 -10.12 45.73 -22.31
C LEU K 49 -11.31 45.07 -22.98
N ASN K 50 -11.29 44.99 -24.31
CA ASN K 50 -12.39 44.44 -25.07
C ASN K 50 -12.24 42.94 -25.32
N GLY K 51 -11.23 42.31 -24.73
CA GLY K 51 -11.05 40.87 -24.84
C GLY K 51 -9.91 40.43 -25.71
N ASP K 52 -9.12 41.35 -26.26
CA ASP K 52 -8.00 41.00 -27.12
C ASP K 52 -6.92 40.33 -26.28
N MET K 53 -6.78 39.02 -26.39
CA MET K 53 -5.70 38.33 -25.71
C MET K 53 -4.36 38.65 -26.37
N VAL K 54 -3.37 38.94 -25.55
CA VAL K 54 -2.02 39.24 -25.99
C VAL K 54 -1.13 38.11 -25.53
N VAL K 55 -0.44 37.47 -26.47
CA VAL K 55 0.39 36.31 -26.20
C VAL K 55 1.85 36.74 -26.26
N TRP K 56 2.59 36.44 -25.20
CA TRP K 56 4.01 36.74 -25.10
C TRP K 56 4.74 35.40 -25.06
N ASN K 57 5.74 35.25 -25.91
CA ASN K 57 6.52 34.00 -25.94
C ASN K 57 7.79 34.23 -25.15
N ARG K 58 7.68 34.08 -23.84
CA ARG K 58 8.80 34.31 -22.95
C ARG K 58 9.85 33.22 -23.13
N ALA K 59 11.10 33.63 -23.32
CA ALA K 59 12.19 32.67 -23.39
C ALA K 59 12.43 32.06 -22.01
N ASN K 60 12.63 30.74 -21.97
CA ASN K 60 12.76 30.06 -20.70
C ASN K 60 13.71 28.88 -20.86
N ILE K 61 14.18 28.38 -19.72
CA ILE K 61 15.17 27.30 -19.66
C ILE K 61 14.58 26.16 -18.86
N LEU K 62 14.67 24.95 -19.41
CA LEU K 62 14.06 23.80 -18.75
C LEU K 62 14.90 23.34 -17.58
N GLU K 63 14.30 22.53 -16.72
CA GLU K 63 14.90 22.06 -15.48
C GLU K 63 14.75 20.55 -15.38
N VAL K 64 15.71 19.91 -14.73
CA VAL K 64 15.66 18.47 -14.50
C VAL K 64 16.08 18.18 -13.07
N VAL K 65 15.36 17.27 -12.42
CA VAL K 65 15.69 16.80 -11.09
C VAL K 65 15.95 15.31 -11.19
N VAL K 66 17.15 14.88 -10.82
CA VAL K 66 17.53 13.48 -10.83
C VAL K 66 17.77 13.04 -9.39
N ASN K 67 17.04 12.01 -8.96
CA ASN K 67 17.21 11.44 -7.64
C ASN K 67 18.06 10.19 -7.76
N VAL K 68 19.12 10.11 -6.97
CA VAL K 68 20.05 9.00 -7.06
C VAL K 68 20.31 8.40 -5.68
N ILE K 69 20.64 7.12 -5.68
CA ILE K 69 21.05 6.42 -4.46
C ILE K 69 22.43 6.92 -4.04
N PRO K 70 22.63 7.34 -2.80
CA PRO K 70 23.86 8.06 -2.45
C PRO K 70 25.04 7.13 -2.20
N ASN K 71 26.23 7.75 -2.20
CA ASN K 71 27.50 7.05 -2.05
C ASN K 71 27.66 5.94 -3.09
N THR K 72 27.52 6.31 -4.35
CA THR K 72 27.59 5.37 -5.45
C THR K 72 28.46 6.01 -6.55
N GLU K 73 28.97 5.18 -7.46
CA GLU K 73 29.94 5.64 -8.46
C GLU K 73 29.37 6.76 -9.32
N GLY K 74 28.20 6.55 -9.90
CA GLY K 74 27.53 7.64 -10.60
C GLY K 74 27.21 8.79 -9.66
N GLU K 75 26.77 8.47 -8.45
CA GLU K 75 26.45 9.52 -7.49
C GLU K 75 27.69 10.24 -6.99
N ARG K 76 28.77 9.51 -6.74
CA ARG K 76 30.03 10.17 -6.36
C ARG K 76 30.51 11.08 -7.47
N ASN K 77 30.37 10.65 -8.72
CA ASN K 77 30.76 11.50 -9.85
C ASN K 77 29.88 12.75 -9.90
N LEU K 78 28.58 12.61 -9.66
CA LEU K 78 27.69 13.77 -9.62
C LEU K 78 28.09 14.75 -8.52
N ALA K 79 28.39 14.22 -7.32
CA ALA K 79 28.81 15.08 -6.22
C ALA K 79 30.13 15.76 -6.52
N VAL K 80 31.04 15.06 -7.19
CA VAL K 80 32.30 15.67 -7.61
C VAL K 80 32.05 16.80 -8.59
N LEU K 81 31.15 16.59 -9.55
CA LEU K 81 30.82 17.65 -10.50
C LEU K 81 30.22 18.86 -9.81
N LEU K 82 29.28 18.62 -8.88
CA LEU K 82 28.64 19.74 -8.18
C LEU K 82 29.65 20.48 -7.31
N ASP K 83 30.52 19.75 -6.61
CA ASP K 83 31.52 20.39 -5.77
C ASP K 83 32.53 21.16 -6.60
N ALA K 84 32.83 20.69 -7.81
CA ALA K 84 33.67 21.47 -8.71
C ALA K 84 32.97 22.75 -9.14
N ASN K 85 31.69 22.68 -9.45
CA ASN K 85 30.96 23.86 -9.92
C ASN K 85 30.59 24.81 -8.79
N ARG K 86 30.36 24.31 -7.58
CA ARG K 86 29.95 25.17 -6.48
C ARG K 86 31.08 26.12 -6.08
N THR K 87 30.69 27.21 -5.42
CA THR K 87 31.64 28.24 -5.02
C THR K 87 31.55 28.43 -3.51
N GLY K 88 32.68 28.26 -2.83
CA GLY K 88 32.78 28.44 -1.40
C GLY K 88 33.91 29.41 -1.08
N LYS K 89 34.54 29.17 0.05
CA LYS K 89 35.66 29.99 0.50
C LYS K 89 36.96 29.26 0.23
N ASP K 90 37.94 29.96 -0.34
CA ASP K 90 39.29 29.53 -0.64
C ASP K 90 39.36 28.45 -1.71
N LYS K 91 38.23 27.99 -2.24
CA LYS K 91 38.20 27.04 -3.32
C LYS K 91 37.86 27.74 -4.63
N SER K 92 38.30 27.15 -5.73
CA SER K 92 38.06 27.70 -7.06
C SER K 92 37.03 26.84 -7.78
N GLY K 93 35.99 27.49 -8.28
CA GLY K 93 34.92 26.79 -8.98
C GLY K 93 35.09 26.92 -10.48
N ALA K 94 34.96 25.78 -11.16
CA ALA K 94 35.11 25.72 -12.62
C ALA K 94 33.74 25.91 -13.26
N ARG K 95 33.50 27.09 -13.83
CA ARG K 95 32.25 27.34 -14.56
C ARG K 95 32.33 26.58 -15.87
N ASP K 96 31.68 25.43 -15.93
CA ASP K 96 31.67 24.56 -17.11
C ASP K 96 30.25 24.45 -17.65
N VAL K 97 30.11 23.72 -18.75
CA VAL K 97 28.82 23.45 -19.35
C VAL K 97 28.59 21.95 -19.33
N VAL K 98 27.44 21.53 -18.81
CA VAL K 98 27.11 20.11 -18.69
C VAL K 98 26.05 19.76 -19.72
N GLY K 99 26.08 18.51 -20.15
CA GLY K 99 25.15 17.95 -21.09
C GLY K 99 24.66 16.59 -20.66
N LEU K 100 23.35 16.41 -20.62
CA LEU K 100 22.71 15.21 -20.09
C LEU K 100 21.90 14.54 -21.18
N VAL K 101 22.16 13.26 -21.39
CA VAL K 101 21.45 12.45 -22.38
C VAL K 101 20.76 11.31 -21.67
N VAL K 102 19.44 11.22 -21.82
CA VAL K 102 18.65 10.11 -21.30
C VAL K 102 18.28 9.21 -22.47
N ALA K 103 18.58 7.93 -22.35
CA ALA K 103 18.20 6.93 -23.35
C ALA K 103 17.20 6.00 -22.69
N MET K 104 15.92 6.37 -22.75
CA MET K 104 14.87 5.54 -22.20
C MET K 104 14.80 4.21 -22.95
N PRO K 105 14.37 3.14 -22.30
CA PRO K 105 14.47 1.80 -22.92
C PRO K 105 13.66 1.65 -24.18
N ASP K 106 12.59 2.43 -24.36
CA ASP K 106 11.79 2.28 -25.57
C ASP K 106 12.52 2.76 -26.83
N GLY K 107 13.64 3.44 -26.69
CA GLY K 107 14.48 3.82 -27.82
C GLY K 107 14.69 5.32 -27.94
N SER K 108 13.71 6.11 -27.53
CA SER K 108 13.81 7.56 -27.64
C SER K 108 14.89 8.11 -26.72
N LYS K 109 15.57 9.15 -27.19
CA LYS K 109 16.67 9.78 -26.47
C LYS K 109 16.41 11.27 -26.34
N ILE K 110 16.67 11.80 -25.15
CA ILE K 110 16.49 13.23 -24.86
C ILE K 110 17.83 13.78 -24.44
N THR K 111 18.32 14.79 -25.16
CA THR K 111 19.61 15.41 -24.84
C THR K 111 19.43 16.88 -24.53
N CYS K 112 19.98 17.31 -23.41
CA CYS K 112 19.87 18.68 -22.93
C CYS K 112 21.26 19.23 -22.70
N THR K 113 21.47 20.50 -23.08
CA THR K 113 22.81 21.07 -23.10
C THR K 113 22.81 22.55 -22.71
N ASN K 114 24.03 23.05 -22.53
CA ASN K 114 24.33 24.38 -22.01
C ASN K 114 23.65 24.59 -20.65
N GLY K 115 23.96 23.67 -19.74
CA GLY K 115 23.39 23.71 -18.41
C GLY K 115 24.45 23.80 -17.33
N THR K 116 24.02 23.64 -16.09
CA THR K 116 24.88 23.75 -14.92
C THR K 116 24.11 23.20 -13.72
N PRO K 117 24.81 22.70 -12.70
CA PRO K 117 24.10 22.24 -11.49
C PRO K 117 23.44 23.40 -10.75
N ILE K 118 22.29 23.11 -10.14
CA ILE K 118 21.50 24.15 -9.50
C ILE K 118 21.24 23.80 -8.03
N ASP K 119 21.51 22.57 -7.62
CA ASP K 119 21.32 22.21 -6.22
C ASP K 119 22.15 20.96 -5.89
N GLY K 120 21.87 20.39 -4.74
CA GLY K 120 22.56 19.23 -4.20
C GLY K 120 22.51 19.27 -2.70
N VAL K 121 22.71 18.10 -2.09
CA VAL K 121 22.64 18.03 -0.63
C VAL K 121 24.01 18.23 0.01
N LEU K 122 25.05 17.74 -0.65
CA LEU K 122 26.46 17.88 -0.28
C LEU K 122 26.86 17.09 0.97
N ILE K 123 25.90 16.55 1.72
CA ILE K 123 26.18 15.68 2.86
C ILE K 123 25.19 14.53 2.83
N ASN K 124 25.70 13.31 3.00
CA ASN K 124 24.87 12.12 3.00
C ASN K 124 23.95 12.10 4.20
N ALA K 125 22.72 12.58 4.03
CA ALA K 125 21.75 12.59 5.13
C ALA K 125 21.34 11.18 5.49
N VAL K 126 21.11 10.95 6.78
CA VAL K 126 20.72 9.65 7.29
C VAL K 126 19.26 9.70 7.69
N ALA K 127 18.49 8.70 7.23
CA ALA K 127 17.08 8.63 7.58
C ALA K 127 16.93 8.06 8.99
N SER K 128 15.67 7.91 9.42
CA SER K 128 15.38 7.54 10.79
C SER K 128 15.87 6.14 11.12
N VAL K 129 15.52 5.15 10.28
CA VAL K 129 15.91 3.77 10.53
C VAL K 129 17.42 3.59 10.41
N GLY K 130 18.06 4.31 9.50
CA GLY K 130 19.49 4.16 9.31
C GLY K 130 19.86 4.15 7.85
N ARG K 131 18.87 4.00 6.99
CA ARG K 131 19.09 4.07 5.56
C ARG K 131 19.55 5.47 5.16
N LEU K 132 20.35 5.54 4.11
CA LEU K 132 20.72 6.83 3.54
C LEU K 132 19.55 7.40 2.77
N LYS K 133 19.32 8.70 2.92
CA LYS K 133 18.27 9.36 2.17
C LYS K 133 18.72 9.59 0.73
N THR K 134 17.82 9.34 -0.22
CA THR K 134 18.13 9.54 -1.63
C THR K 134 18.47 10.98 -1.90
N LYS K 135 19.51 11.20 -2.70
CA LYS K 135 20.04 12.53 -2.91
C LYS K 135 19.54 13.08 -4.24
N PRO K 136 18.85 14.22 -4.25
CA PRO K 136 18.42 14.82 -5.51
C PRO K 136 19.40 15.87 -6.02
N TYR K 137 19.40 16.03 -7.34
CA TYR K 137 20.26 16.99 -8.01
C TYR K 137 19.47 17.68 -9.11
N ARG K 138 19.59 18.99 -9.18
CA ARG K 138 18.80 19.78 -10.13
C ARG K 138 19.74 20.50 -11.08
N PHE K 139 19.45 20.38 -12.37
CA PHE K 139 20.17 21.11 -13.41
C PHE K 139 19.18 21.95 -14.19
N ARG K 140 19.67 23.04 -14.76
CA ARG K 140 18.87 23.89 -15.63
C ARG K 140 19.60 24.01 -16.96
N PHE K 141 19.10 23.33 -17.98
CA PHE K 141 19.73 23.33 -19.28
C PHE K 141 19.13 24.40 -20.18
N GLU K 142 19.88 24.78 -21.20
CA GLU K 142 19.43 25.81 -22.12
C GLU K 142 18.72 25.22 -23.33
N LYS K 143 19.24 24.13 -23.90
CA LYS K 143 18.69 23.58 -25.13
C LYS K 143 18.30 22.13 -24.91
N VAL K 144 17.16 21.72 -25.46
CA VAL K 144 16.68 20.35 -25.35
C VAL K 144 16.35 19.83 -26.74
N ILE K 145 16.63 18.55 -26.96
CA ILE K 145 16.52 17.93 -28.28
C ILE K 145 16.06 16.49 -28.11
N LYS K 146 15.03 16.12 -28.85
CA LYS K 146 14.52 14.75 -28.87
C LYS K 146 14.95 14.05 -30.14
N ALA K 147 15.55 12.87 -29.99
CA ALA K 147 16.10 12.11 -31.10
C ALA K 147 15.71 10.65 -30.97
N GLY K 148 15.20 10.07 -32.05
CA GLY K 148 14.90 8.65 -32.06
C GLY K 148 13.51 8.34 -31.55
N THR K 149 12.82 7.43 -32.23
CA THR K 149 11.49 7.00 -31.83
C THR K 149 11.41 5.49 -31.89
N SER K 150 10.84 4.90 -30.84
CA SER K 150 10.66 3.45 -30.72
C SER K 150 11.98 2.69 -30.91
N MET L 1 21.37 8.88 35.62
CA MET L 1 20.03 8.46 35.24
C MET L 1 19.60 9.15 33.94
N ILE L 2 19.61 8.37 32.86
CA ILE L 2 19.53 8.88 31.49
C ILE L 2 18.25 8.38 30.84
N ASN L 3 17.17 8.29 31.62
CA ASN L 3 15.90 7.86 31.07
C ASN L 3 15.32 8.94 30.16
N ILE L 4 14.39 8.53 29.30
CA ILE L 4 13.72 9.45 28.40
C ILE L 4 12.36 9.88 28.93
N SER L 5 11.96 9.43 30.11
CA SER L 5 10.66 9.79 30.64
C SER L 5 10.69 11.17 31.28
N ALA L 6 9.51 11.79 31.32
CA ALA L 6 9.34 13.03 32.09
C ALA L 6 8.10 12.99 32.96
N PHE L 7 7.48 11.83 33.15
CA PHE L 7 6.38 11.74 34.10
C PHE L 7 6.89 11.94 35.52
N GLY L 8 6.23 12.83 36.24
CA GLY L 8 6.76 13.37 37.48
C GLY L 8 7.15 14.83 37.41
N SER L 9 6.77 15.54 36.35
CA SER L 9 7.21 16.91 36.16
C SER L 9 6.34 17.87 36.96
N ILE L 10 6.91 19.04 37.26
CA ILE L 10 6.28 20.06 38.09
C ILE L 10 6.76 21.42 37.59
N CYS L 11 5.86 22.40 37.59
CA CYS L 11 6.18 23.75 37.15
C CYS L 11 5.87 24.73 38.29
N GLN L 12 6.91 25.14 39.01
CA GLN L 12 6.78 26.16 40.04
C GLN L 12 6.80 27.54 39.39
N PHE L 13 5.76 28.33 39.63
CA PHE L 13 5.66 29.69 39.10
C PHE L 13 5.81 30.70 40.22
N THR L 14 6.51 31.81 39.94
CA THR L 14 6.63 32.91 40.88
C THR L 14 6.40 34.22 40.15
N ALA L 15 5.37 34.96 40.54
CA ALA L 15 5.12 36.29 39.99
C ALA L 15 5.44 37.33 41.06
N SER L 16 6.18 38.37 40.68
CA SER L 16 6.61 39.35 41.67
C SER L 16 5.44 40.12 42.26
N ARG L 17 4.41 40.37 41.47
CA ARG L 17 3.24 41.12 41.94
C ARG L 17 2.07 40.22 42.29
N THR L 18 1.71 39.29 41.41
CA THR L 18 0.45 38.57 41.56
C THR L 18 0.60 37.37 42.50
N PHE L 19 1.64 36.56 42.31
CA PHE L 19 1.85 35.35 43.11
C PHE L 19 3.26 35.30 43.67
N PRO L 20 3.61 36.18 44.62
CA PRO L 20 4.90 36.02 45.30
C PRO L 20 4.87 34.76 46.16
N ASN L 21 5.93 33.96 46.05
CA ASN L 21 5.95 32.57 46.54
C ASN L 21 4.77 31.81 45.96
N GLY L 22 4.78 31.67 44.64
CA GLY L 22 3.61 31.26 43.89
C GLY L 22 3.30 29.77 43.94
N PHE L 23 2.66 29.30 42.88
CA PHE L 23 1.97 28.03 42.87
C PHE L 23 2.79 26.97 42.14
N THR L 24 2.20 25.78 42.01
CA THR L 24 2.79 24.68 41.25
C THR L 24 1.73 24.15 40.29
N VAL L 25 2.15 23.88 39.06
CA VAL L 25 1.29 23.31 38.04
C VAL L 25 1.77 21.92 37.74
N THR L 26 0.89 20.93 37.90
CA THR L 26 1.28 19.54 37.71
C THR L 26 0.24 18.74 36.92
N GLU L 27 -0.87 19.37 36.53
CA GLU L 27 -1.94 18.73 35.78
C GLU L 27 -1.86 19.04 34.29
N PHE L 28 -0.78 18.62 33.63
CA PHE L 28 -0.59 18.95 32.24
C PHE L 28 -1.56 18.19 31.34
N ALA L 29 -1.71 18.67 30.12
CA ALA L 29 -2.63 18.06 29.18
C ALA L 29 -2.10 16.72 28.69
N ASP L 30 -3.00 15.90 28.15
CA ASP L 30 -2.62 14.61 27.61
C ASP L 30 -2.50 14.62 26.09
N ASP L 31 -3.48 15.21 25.39
CA ASP L 31 -3.42 15.20 23.92
C ASP L 31 -2.32 16.11 23.40
N ALA L 32 -2.19 17.30 23.96
CA ALA L 32 -1.20 18.26 23.51
C ALA L 32 0.10 18.12 24.31
N ASP L 33 1.10 18.87 23.89
CA ASP L 33 2.39 18.83 24.56
C ASP L 33 2.32 19.52 25.91
N PRO L 34 2.68 18.86 27.00
CA PRO L 34 2.75 19.53 28.30
C PRO L 34 3.67 20.73 28.33
N ILE L 35 4.95 20.54 27.98
CA ILE L 35 5.91 21.64 27.87
C ILE L 35 6.47 21.64 26.47
N ASP L 36 6.37 22.78 25.79
CA ASP L 36 6.90 22.92 24.45
C ASP L 36 7.68 24.23 24.36
N SER L 37 8.67 24.26 23.48
CA SER L 37 9.46 25.45 23.26
C SER L 37 9.82 25.59 21.79
N PRO L 38 9.48 26.71 21.17
CA PRO L 38 9.90 26.93 19.79
C PRO L 38 11.41 27.01 19.71
N PRO L 39 12.00 26.65 18.57
CA PRO L 39 13.47 26.56 18.49
C PRO L 39 14.13 27.92 18.61
N PHE L 40 15.14 28.00 19.48
CA PHE L 40 15.91 29.22 19.65
C PHE L 40 16.66 29.56 18.37
N THR L 41 17.01 30.83 18.21
CA THR L 41 17.80 31.23 17.06
C THR L 41 19.28 31.29 17.40
N ALA L 42 19.67 32.14 18.35
CA ALA L 42 21.00 32.24 18.94
C ALA L 42 22.11 32.68 17.99
N ALA L 43 21.87 32.75 16.68
CA ALA L 43 22.86 33.20 15.71
C ALA L 43 22.17 33.33 14.35
N ASP L 44 22.89 33.94 13.41
CA ASP L 44 22.38 34.13 12.05
C ASP L 44 23.55 34.43 11.12
N THR L 45 23.62 33.76 9.98
CA THR L 45 24.78 33.82 9.10
C THR L 45 24.40 34.38 7.74
N GLY L 46 25.39 35.02 7.11
CA GLY L 46 25.25 35.51 5.76
C GLY L 46 26.54 35.31 4.99
N VAL L 47 26.45 34.82 3.77
CA VAL L 47 27.63 34.53 2.96
C VAL L 47 28.07 35.79 2.25
N GLY L 48 29.39 35.96 2.12
CA GLY L 48 29.95 37.11 1.46
C GLY L 48 30.00 36.94 -0.05
N LEU L 49 30.89 37.69 -0.69
CA LEU L 49 31.04 37.59 -2.14
C LEU L 49 31.98 36.45 -2.52
N ASN L 50 33.13 36.38 -1.87
CA ASN L 50 34.10 35.34 -2.14
C ASN L 50 33.95 34.13 -1.23
N GLY L 51 32.92 34.10 -0.38
CA GLY L 51 32.65 32.96 0.47
C GLY L 51 32.84 33.19 1.95
N ASP L 52 33.25 34.40 2.36
CA ASP L 52 33.45 34.69 3.79
C ASP L 52 32.11 34.67 4.51
N MET L 53 31.88 33.62 5.30
CA MET L 53 30.67 33.58 6.12
C MET L 53 30.77 34.59 7.23
N VAL L 54 29.68 35.33 7.47
CA VAL L 54 29.62 36.35 8.49
C VAL L 54 28.55 35.94 9.48
N VAL L 55 28.91 35.83 10.75
CA VAL L 55 28.03 35.31 11.78
C VAL L 55 27.69 36.44 12.75
N TRP L 56 26.40 36.64 13.00
CA TRP L 56 25.93 37.57 14.01
C TRP L 56 25.29 36.77 15.14
N ASN L 57 25.67 37.07 16.36
CA ASN L 57 25.08 36.43 17.53
C ASN L 57 23.93 37.30 18.01
N ARG L 58 22.80 37.15 17.33
CA ARG L 58 21.62 37.95 17.64
C ARG L 58 21.09 37.57 19.02
N ALA L 59 20.92 38.58 19.87
CA ALA L 59 20.32 38.35 21.18
C ALA L 59 18.86 37.95 21.02
N ASN L 60 18.43 36.98 21.82
CA ASN L 60 17.08 36.45 21.69
C ASN L 60 16.60 35.95 23.05
N ILE L 61 15.28 35.84 23.18
CA ILE L 61 14.63 35.48 24.43
C ILE L 61 13.78 34.25 24.19
N LEU L 62 13.84 33.30 25.11
CA LEU L 62 13.28 31.99 24.81
C LEU L 62 11.79 31.94 25.15
N GLU L 63 11.12 30.90 24.65
CA GLU L 63 9.68 30.78 24.74
C GLU L 63 9.30 29.43 25.31
N VAL L 64 8.17 29.39 26.02
CA VAL L 64 7.62 28.16 26.57
C VAL L 64 6.11 28.14 26.33
N VAL L 65 5.59 26.96 26.02
CA VAL L 65 4.15 26.74 25.90
C VAL L 65 3.79 25.62 26.85
N VAL L 66 2.87 25.89 27.78
CA VAL L 66 2.41 24.91 28.75
C VAL L 66 0.93 24.66 28.51
N ASN L 67 0.57 23.40 28.32
CA ASN L 67 -0.82 23.01 28.12
C ASN L 67 -1.37 22.42 29.41
N VAL L 68 -2.58 22.82 29.79
CA VAL L 68 -3.16 22.36 31.05
C VAL L 68 -4.60 21.92 30.83
N ILE L 69 -5.06 21.06 31.72
CA ILE L 69 -6.39 20.45 31.64
C ILE L 69 -7.41 21.43 32.20
N PRO L 70 -8.47 21.74 31.45
CA PRO L 70 -9.33 22.89 31.74
C PRO L 70 -9.92 22.91 33.14
N ASN L 71 -10.04 24.13 33.68
CA ASN L 71 -10.71 24.43 34.95
C ASN L 71 -10.06 23.66 36.10
N THR L 72 -8.81 24.02 36.39
CA THR L 72 -8.04 23.37 37.43
C THR L 72 -7.32 24.43 38.25
N GLU L 73 -6.92 24.07 39.48
CA GLU L 73 -6.37 25.02 40.43
C GLU L 73 -5.10 25.67 39.92
N GLY L 74 -4.16 24.87 39.41
CA GLY L 74 -2.96 25.44 38.82
C GLY L 74 -3.27 26.30 37.62
N GLU L 75 -4.15 25.83 36.75
CA GLU L 75 -4.57 26.63 35.61
C GLU L 75 -5.35 27.85 36.04
N ARG L 76 -6.20 27.72 37.07
CA ARG L 76 -6.94 28.89 37.54
C ARG L 76 -5.99 29.96 38.06
N ASN L 77 -4.94 29.54 38.75
CA ASN L 77 -3.89 30.48 39.14
C ASN L 77 -3.21 31.08 37.93
N LEU L 78 -2.96 30.27 36.90
CA LEU L 78 -2.35 30.77 35.67
C LEU L 78 -3.22 31.81 34.99
N ALA L 79 -4.53 31.57 34.93
CA ALA L 79 -5.45 32.50 34.29
C ALA L 79 -5.60 33.76 35.12
N VAL L 80 -5.54 33.63 36.45
CA VAL L 80 -5.51 34.80 37.31
C VAL L 80 -4.27 35.65 37.02
N LEU L 81 -3.12 34.99 36.85
CA LEU L 81 -1.89 35.71 36.53
C LEU L 81 -2.00 36.40 35.17
N LEU L 82 -2.54 35.70 34.17
CA LEU L 82 -2.67 36.29 32.84
C LEU L 82 -3.65 37.46 32.86
N ASP L 83 -4.76 37.32 33.58
CA ASP L 83 -5.72 38.41 33.70
C ASP L 83 -5.10 39.61 34.41
N ALA L 84 -4.26 39.35 35.41
CA ALA L 84 -3.53 40.43 36.06
C ALA L 84 -2.55 41.09 35.11
N ASN L 85 -2.02 40.34 34.14
CA ASN L 85 -1.06 40.91 33.21
C ASN L 85 -1.70 41.45 31.93
N ARG L 86 -2.85 40.90 31.52
CA ARG L 86 -3.51 41.40 30.32
C ARG L 86 -4.05 42.81 30.56
N THR L 87 -4.28 43.52 29.45
CA THR L 87 -4.74 44.89 29.50
C THR L 87 -5.97 45.06 28.64
N GLY L 88 -7.03 45.59 29.24
CA GLY L 88 -8.27 45.86 28.52
C GLY L 88 -8.84 47.21 28.92
N LYS L 89 -10.15 47.37 28.79
CA LYS L 89 -10.79 48.63 29.13
C LYS L 89 -11.18 48.61 30.60
N ASP L 90 -10.88 49.70 31.31
CA ASP L 90 -11.27 50.00 32.68
C ASP L 90 -10.59 49.11 33.71
N LYS L 91 -9.79 48.13 33.29
CA LYS L 91 -9.03 47.30 34.20
C LYS L 91 -7.57 47.75 34.19
N SER L 92 -6.88 47.49 35.30
CA SER L 92 -5.49 47.87 35.47
C SER L 92 -4.65 46.60 35.47
N GLY L 93 -3.65 46.55 34.59
CA GLY L 93 -2.79 45.39 34.45
C GLY L 93 -1.49 45.59 35.21
N ALA L 94 -1.16 44.61 36.04
CA ALA L 94 0.08 44.65 36.81
C ALA L 94 1.22 44.12 35.96
N ARG L 95 2.21 44.97 35.70
CA ARG L 95 3.39 44.57 34.95
C ARG L 95 4.36 43.92 35.93
N ASP L 96 4.36 42.59 35.96
CA ASP L 96 5.19 41.81 36.87
C ASP L 96 6.21 41.00 36.08
N VAL L 97 7.11 40.34 36.81
CA VAL L 97 8.08 39.43 36.23
C VAL L 97 7.81 38.04 36.79
N VAL L 98 7.70 37.06 35.90
CA VAL L 98 7.38 35.69 36.30
C VAL L 98 8.61 34.81 36.12
N GLY L 99 8.67 33.78 36.93
CA GLY L 99 9.75 32.80 36.86
C GLY L 99 9.19 31.40 36.95
N LEU L 100 9.72 30.52 36.12
CA LEU L 100 9.15 29.19 35.92
C LEU L 100 10.25 28.17 36.11
N VAL L 101 10.06 27.25 37.05
CA VAL L 101 11.02 26.21 37.35
C VAL L 101 10.38 24.87 37.03
N VAL L 102 11.01 24.11 36.13
CA VAL L 102 10.61 22.75 35.83
C VAL L 102 11.55 21.81 36.56
N ALA L 103 11.00 20.92 37.36
CA ALA L 103 11.77 19.88 38.03
C ALA L 103 11.30 18.55 37.44
N MET L 104 11.90 18.17 36.32
CA MET L 104 11.55 16.91 35.69
C MET L 104 12.03 15.76 36.56
N PRO L 105 11.40 14.58 36.45
CA PRO L 105 11.66 13.51 37.43
C PRO L 105 13.11 13.06 37.50
N ASP L 106 13.82 13.06 36.38
CA ASP L 106 15.17 12.51 36.34
C ASP L 106 16.14 13.30 37.22
N GLY L 107 15.78 14.50 37.64
CA GLY L 107 16.58 15.21 38.61
C GLY L 107 16.96 16.62 38.19
N SER L 108 17.15 16.83 36.89
CA SER L 108 17.55 18.14 36.41
C SER L 108 16.41 19.14 36.55
N LYS L 109 16.78 20.39 36.79
CA LYS L 109 15.83 21.47 36.99
C LYS L 109 16.18 22.63 36.08
N ILE L 110 15.21 23.09 35.29
CA ILE L 110 15.40 24.20 34.37
C ILE L 110 14.61 25.38 34.91
N THR L 111 15.29 26.48 35.21
CA THR L 111 14.66 27.66 35.77
C THR L 111 14.79 28.82 34.79
N CYS L 112 13.68 29.50 34.53
CA CYS L 112 13.64 30.65 33.65
C CYS L 112 13.13 31.85 34.42
N THR L 113 13.79 32.98 34.24
CA THR L 113 13.50 34.18 35.00
C THR L 113 13.40 35.39 34.06
N ASN L 114 12.74 36.43 34.58
CA ASN L 114 12.43 37.67 33.87
C ASN L 114 11.56 37.39 32.63
N GLY L 115 10.35 36.91 32.91
CA GLY L 115 9.41 36.64 31.85
C GLY L 115 8.08 37.35 32.00
N THR L 116 7.10 36.94 31.20
CA THR L 116 5.77 37.54 31.17
C THR L 116 4.83 36.64 30.37
N PRO L 117 3.53 36.61 30.66
CA PRO L 117 2.60 35.86 29.82
C PRO L 117 2.47 36.48 28.45
N ILE L 118 2.31 35.63 27.43
CA ILE L 118 2.35 36.08 26.04
C ILE L 118 1.09 35.65 25.30
N ASP L 119 0.28 34.78 25.89
CA ASP L 119 -0.99 34.44 25.26
C ASP L 119 -1.93 33.85 26.31
N GLY L 120 -3.01 33.28 25.82
CA GLY L 120 -4.02 32.63 26.64
C GLY L 120 -5.31 32.56 25.87
N VAL L 121 -6.24 31.78 26.41
CA VAL L 121 -7.53 31.61 25.75
C VAL L 121 -8.63 32.42 26.42
N LEU L 122 -8.59 32.58 27.74
CA LEU L 122 -9.46 33.41 28.57
C LEU L 122 -10.89 32.90 28.65
N ILE L 123 -11.28 31.93 27.82
CA ILE L 123 -12.61 31.33 27.87
C ILE L 123 -12.44 29.84 27.69
N ASN L 124 -13.08 29.08 28.56
CA ASN L 124 -12.99 27.62 28.52
C ASN L 124 -13.71 27.12 27.27
N ALA L 125 -12.95 26.83 26.22
CA ALA L 125 -13.53 26.32 25.00
C ALA L 125 -14.02 24.89 25.21
N VAL L 126 -15.10 24.55 24.51
CA VAL L 126 -15.74 23.24 24.62
C VAL L 126 -15.54 22.50 23.30
N ALA L 127 -15.06 21.27 23.38
CA ALA L 127 -14.82 20.49 22.17
C ALA L 127 -16.12 19.86 21.67
N SER L 128 -15.96 19.02 20.65
CA SER L 128 -17.11 18.50 19.91
C SER L 128 -18.01 17.64 20.79
N VAL L 129 -17.44 16.65 21.48
CA VAL L 129 -18.25 15.73 22.27
C VAL L 129 -18.80 16.42 23.52
N GLY L 130 -18.02 17.31 24.11
CA GLY L 130 -18.46 17.95 25.34
C GLY L 130 -17.31 18.15 26.30
N ARG L 131 -16.21 17.46 26.04
CA ARG L 131 -14.97 17.70 26.78
C ARG L 131 -14.51 19.12 26.56
N LEU L 132 -13.95 19.72 27.60
CA LEU L 132 -13.36 21.05 27.45
C LEU L 132 -11.97 20.93 26.85
N LYS L 133 -11.65 21.81 25.90
CA LYS L 133 -10.39 21.72 25.19
C LYS L 133 -9.25 22.22 26.06
N THR L 134 -8.11 21.54 25.97
CA THR L 134 -6.94 21.87 26.77
C THR L 134 -6.46 23.27 26.48
N LYS L 135 -6.08 23.99 27.54
CA LYS L 135 -5.76 25.40 27.40
C LYS L 135 -4.27 25.60 27.39
N PRO L 136 -3.71 26.21 26.35
CA PRO L 136 -2.28 26.52 26.33
C PRO L 136 -1.98 27.93 26.80
N TYR L 137 -0.81 28.09 27.39
CA TYR L 137 -0.31 29.38 27.83
C TYR L 137 1.14 29.52 27.42
N ARG L 138 1.49 30.67 26.87
CA ARG L 138 2.83 30.90 26.34
C ARG L 138 3.50 32.02 27.12
N PHE L 139 4.75 31.78 27.50
CA PHE L 139 5.56 32.78 28.17
C PHE L 139 6.85 32.97 27.39
N ARG L 140 7.42 34.17 27.50
CA ARG L 140 8.71 34.46 26.91
C ARG L 140 9.63 34.95 28.01
N PHE L 141 10.67 34.16 28.29
CA PHE L 141 11.60 34.44 29.36
C PHE L 141 12.91 34.99 28.82
N GLU L 142 13.58 35.77 29.68
CA GLU L 142 14.85 36.40 29.35
C GLU L 142 16.04 35.52 29.69
N LYS L 143 16.08 34.96 30.90
CA LYS L 143 17.26 34.23 31.37
C LYS L 143 16.88 32.79 31.68
N VAL L 144 17.61 31.84 31.10
CA VAL L 144 17.38 30.43 31.36
C VAL L 144 18.64 29.84 31.99
N ILE L 145 18.44 28.94 32.95
CA ILE L 145 19.53 28.35 33.72
C ILE L 145 19.18 26.90 34.01
N LYS L 146 20.11 25.99 33.71
CA LYS L 146 19.93 24.59 34.07
C LYS L 146 20.76 24.28 35.32
N ALA L 147 20.20 23.48 36.21
CA ALA L 147 20.87 23.10 37.44
C ALA L 147 20.56 21.66 37.76
N GLY L 148 21.57 20.87 38.10
CA GLY L 148 21.38 19.49 38.46
C GLY L 148 21.47 18.54 37.29
N THR L 149 22.24 17.47 37.45
CA THR L 149 22.37 16.43 36.44
C THR L 149 22.03 15.10 37.11
N SER L 150 20.91 14.51 36.70
CA SER L 150 20.44 13.21 37.21
C SER L 150 20.26 13.21 38.72
N MET M 1 -29.99 12.91 -24.12
CA MET M 1 -29.05 12.12 -23.34
C MET M 1 -28.39 13.03 -22.29
N ILE M 2 -28.81 12.86 -21.04
CA ILE M 2 -28.45 13.76 -19.95
C ILE M 2 -27.50 13.01 -19.04
N ASN M 3 -26.70 12.12 -19.63
CA ASN M 3 -25.86 11.21 -18.88
C ASN M 3 -24.61 11.96 -18.42
N ILE M 4 -23.97 11.42 -17.38
CA ILE M 4 -22.81 12.06 -16.74
C ILE M 4 -21.47 11.50 -17.23
N SER M 5 -21.46 10.55 -18.16
CA SER M 5 -20.19 9.97 -18.56
C SER M 5 -19.53 10.79 -19.65
N ALA M 6 -18.21 10.58 -19.81
CA ALA M 6 -17.46 11.21 -20.90
C ALA M 6 -16.52 10.24 -21.61
N PHE M 7 -16.62 8.94 -21.34
CA PHE M 7 -15.82 7.99 -22.09
C PHE M 7 -16.25 7.96 -23.55
N GLY M 8 -15.28 8.11 -24.44
CA GLY M 8 -15.55 8.36 -25.83
C GLY M 8 -15.11 9.74 -26.30
N SER M 9 -14.36 10.47 -25.48
CA SER M 9 -14.04 11.85 -25.81
C SER M 9 -12.88 11.92 -26.79
N ILE M 10 -12.81 13.05 -27.51
CA ILE M 10 -11.84 13.27 -28.55
C ILE M 10 -11.48 14.75 -28.55
N CYS M 11 -10.21 15.06 -28.80
CA CYS M 11 -9.72 16.43 -28.83
C CYS M 11 -9.08 16.69 -30.19
N GLN M 12 -9.82 17.32 -31.09
CA GLN M 12 -9.26 17.73 -32.38
C GLN M 12 -8.52 19.05 -32.21
N PHE M 13 -7.24 19.08 -32.60
CA PHE M 13 -6.42 20.27 -32.52
C PHE M 13 -6.13 20.79 -33.92
N THR M 14 -6.11 22.12 -34.08
CA THR M 14 -5.74 22.74 -35.35
C THR M 14 -4.80 23.90 -35.04
N ALA M 15 -3.57 23.84 -35.57
CA ALA M 15 -2.62 24.94 -35.47
C ALA M 15 -2.45 25.58 -36.84
N SER M 16 -2.53 26.92 -36.89
CA SER M 16 -2.49 27.60 -38.18
C SER M 16 -1.13 27.47 -38.86
N ARG M 17 -0.06 27.28 -38.09
CA ARG M 17 1.26 27.13 -38.68
C ARG M 17 1.78 25.70 -38.61
N THR M 18 1.70 25.07 -37.43
CA THR M 18 2.39 23.80 -37.24
C THR M 18 1.55 22.62 -37.73
N PHE M 19 0.25 22.59 -37.40
CA PHE M 19 -0.62 21.49 -37.78
C PHE M 19 -1.91 22.01 -38.43
N PRO M 20 -1.82 22.56 -39.64
CA PRO M 20 -3.05 22.89 -40.35
C PRO M 20 -3.77 21.61 -40.77
N ASN M 21 -5.08 21.57 -40.50
CA ASN M 21 -5.86 20.33 -40.52
C ASN M 21 -5.21 19.29 -39.61
N GLY M 22 -5.19 19.61 -38.32
CA GLY M 22 -4.38 18.90 -37.36
C GLY M 22 -4.91 17.56 -36.92
N PHE M 23 -4.62 17.22 -35.68
CA PHE M 23 -4.67 15.85 -35.19
C PHE M 23 -5.82 15.65 -34.21
N THR M 24 -5.88 14.44 -33.64
CA THR M 24 -6.84 14.07 -32.62
C THR M 24 -6.10 13.42 -31.47
N VAL M 25 -6.49 13.78 -30.25
CA VAL M 25 -5.92 13.21 -29.04
C VAL M 25 -7.02 12.46 -28.31
N THR M 26 -6.84 11.14 -28.15
CA THR M 26 -7.85 10.33 -27.50
C THR M 26 -7.28 9.53 -26.34
N GLU M 27 -5.97 9.57 -26.13
CA GLU M 27 -5.26 8.75 -25.15
C GLU M 27 -5.01 9.52 -23.86
N PHE M 28 -6.11 9.90 -23.20
CA PHE M 28 -5.99 10.71 -22.00
C PHE M 28 -5.48 9.88 -20.83
N ALA M 29 -5.00 10.58 -19.80
CA ALA M 29 -4.46 9.91 -18.62
C ALA M 29 -5.56 9.26 -17.81
N ASP M 30 -5.16 8.30 -16.97
CA ASP M 30 -6.11 7.61 -16.10
C ASP M 30 -6.08 8.11 -14.66
N ASP M 31 -4.95 8.59 -14.18
CA ASP M 31 -4.87 9.06 -12.80
C ASP M 31 -5.24 10.53 -12.66
N ALA M 32 -4.66 11.38 -13.50
CA ALA M 32 -4.98 12.79 -13.49
C ALA M 32 -6.24 13.05 -14.31
N ASP M 33 -6.71 14.29 -14.25
CA ASP M 33 -7.91 14.66 -14.99
C ASP M 33 -7.60 14.75 -16.47
N PRO M 34 -8.34 14.04 -17.33
CA PRO M 34 -8.15 14.18 -18.77
C PRO M 34 -8.33 15.61 -19.29
N ILE M 35 -9.47 16.21 -19.04
CA ILE M 35 -9.73 17.61 -19.38
C ILE M 35 -10.07 18.36 -18.11
N ASP M 36 -9.33 19.42 -17.83
CA ASP M 36 -9.59 20.26 -16.66
C ASP M 36 -9.57 21.72 -17.08
N SER M 37 -10.31 22.54 -16.34
CA SER M 37 -10.34 23.96 -16.61
C SER M 37 -10.43 24.73 -15.29
N PRO M 38 -9.51 25.66 -15.05
CA PRO M 38 -9.63 26.51 -13.86
C PRO M 38 -10.88 27.37 -13.96
N PRO M 39 -11.46 27.75 -12.82
CA PRO M 39 -12.74 28.45 -12.84
C PRO M 39 -12.63 29.84 -13.46
N PHE M 40 -13.53 30.14 -14.39
CA PHE M 40 -13.58 31.46 -15.01
C PHE M 40 -13.94 32.52 -13.98
N THR M 41 -13.56 33.76 -14.27
CA THR M 41 -13.92 34.88 -13.41
C THR M 41 -15.18 35.60 -13.88
N ALA M 42 -15.15 36.15 -15.09
CA ALA M 42 -16.29 36.72 -15.81
C ALA M 42 -16.91 37.96 -15.15
N ALA M 43 -16.54 38.31 -13.92
CA ALA M 43 -17.07 39.49 -13.23
C ALA M 43 -16.28 39.68 -11.94
N ASP M 44 -16.49 40.83 -11.31
CA ASP M 44 -15.84 41.15 -10.05
C ASP M 44 -16.59 42.30 -9.38
N THR M 45 -16.90 42.16 -8.09
CA THR M 45 -17.76 43.10 -7.40
C THR M 45 -17.04 43.80 -6.27
N GLY M 46 -17.50 45.00 -5.96
CA GLY M 46 -17.01 45.77 -4.84
C GLY M 46 -18.13 46.52 -4.16
N VAL M 47 -18.17 46.51 -2.85
CA VAL M 47 -19.26 47.14 -2.11
C VAL M 47 -18.92 48.61 -1.87
N GLY M 48 -19.92 49.47 -1.98
CA GLY M 48 -19.76 50.89 -1.76
C GLY M 48 -19.68 51.25 -0.30
N LEU M 49 -20.09 52.48 0.02
CA LEU M 49 -20.12 52.94 1.40
C LEU M 49 -21.47 52.67 2.04
N ASN M 50 -22.56 53.01 1.37
CA ASN M 50 -23.90 52.77 1.87
C ASN M 50 -24.48 51.45 1.43
N GLY M 51 -23.70 50.62 0.72
CA GLY M 51 -24.15 49.30 0.33
C GLY M 51 -24.30 49.09 -1.16
N ASP M 52 -24.06 50.11 -1.99
CA ASP M 52 -24.20 49.98 -3.43
C ASP M 52 -23.16 49.03 -3.98
N MET M 53 -23.56 47.84 -4.40
CA MET M 53 -22.64 46.93 -5.05
C MET M 53 -22.31 47.45 -6.45
N VAL M 54 -21.03 47.39 -6.81
CA VAL M 54 -20.55 47.83 -8.11
C VAL M 54 -19.94 46.61 -8.79
N VAL M 55 -20.41 46.31 -10.00
CA VAL M 55 -20.04 45.10 -10.73
C VAL M 55 -19.23 45.52 -11.94
N TRP M 56 -18.06 44.92 -12.12
CA TRP M 56 -17.27 45.09 -13.33
C TRP M 56 -17.24 43.76 -14.07
N ASN M 57 -17.52 43.80 -15.36
CA ASN M 57 -17.47 42.60 -16.20
C ASN M 57 -16.09 42.53 -16.82
N ARG M 58 -15.14 42.05 -16.04
CA ARG M 58 -13.76 41.96 -16.48
C ARG M 58 -13.62 40.95 -17.61
N ALA M 59 -13.04 41.38 -18.72
CA ALA M 59 -12.77 40.46 -19.81
C ALA M 59 -11.71 39.45 -19.39
N ASN M 60 -11.90 38.20 -19.81
CA ASN M 60 -11.00 37.13 -19.40
C ASN M 60 -10.95 36.06 -20.47
N ILE M 61 -9.92 35.22 -20.40
CA ILE M 61 -9.63 34.20 -21.39
C ILE M 61 -9.62 32.85 -20.68
N LEU M 62 -10.23 31.84 -21.31
CA LEU M 62 -10.41 30.62 -20.55
C LEU M 62 -9.19 29.71 -20.70
N GLU M 63 -9.11 28.71 -19.83
CA GLU M 63 -7.94 27.84 -19.74
C GLU M 63 -8.36 26.39 -19.80
N VAL M 64 -7.50 25.56 -20.36
CA VAL M 64 -7.72 24.12 -20.42
C VAL M 64 -6.43 23.40 -20.06
N VAL M 65 -6.55 22.30 -19.34
CA VAL M 65 -5.43 21.42 -19.02
C VAL M 65 -5.78 20.03 -19.51
N VAL M 66 -4.96 19.50 -20.41
CA VAL M 66 -5.17 18.16 -20.96
C VAL M 66 -4.02 17.27 -20.51
N ASN M 67 -4.34 16.17 -19.85
CA ASN M 67 -3.35 15.20 -19.42
C ASN M 67 -3.33 14.04 -20.40
N VAL M 68 -2.13 13.63 -20.82
CA VAL M 68 -2.01 12.57 -21.80
C VAL M 68 -1.02 11.52 -21.31
N ILE M 69 -1.20 10.30 -21.81
CA ILE M 69 -0.39 9.16 -21.42
C ILE M 69 0.95 9.23 -22.14
N PRO M 70 2.07 9.18 -21.42
CA PRO M 70 3.36 9.63 -21.96
C PRO M 70 3.84 8.84 -23.17
N ASN M 71 4.54 9.55 -24.07
CA ASN M 71 5.11 9.02 -25.31
C ASN M 71 4.04 8.38 -26.19
N THR M 72 3.12 9.21 -26.67
CA THR M 72 2.01 8.71 -27.45
C THR M 72 1.73 9.68 -28.61
N GLU M 73 1.10 9.16 -29.67
CA GLU M 73 1.02 9.83 -30.96
C GLU M 73 0.42 11.23 -30.85
N GLY M 74 -0.76 11.34 -30.24
CA GLY M 74 -1.36 12.65 -30.05
C GLY M 74 -0.52 13.54 -29.17
N GLU M 75 0.07 12.97 -28.12
CA GLU M 75 0.97 13.73 -27.27
C GLU M 75 2.23 14.15 -28.02
N ARG M 76 2.78 13.28 -28.85
CA ARG M 76 3.95 13.64 -29.63
C ARG M 76 3.63 14.80 -30.56
N ASN M 77 2.42 14.81 -31.13
CA ASN M 77 1.96 15.97 -31.88
C ASN M 77 1.88 17.21 -30.99
N LEU M 78 1.38 17.03 -29.77
CA LEU M 78 1.24 18.15 -28.83
C LEU M 78 2.60 18.73 -28.46
N ALA M 79 3.58 17.87 -28.20
CA ALA M 79 4.90 18.32 -27.82
C ALA M 79 5.62 18.96 -28.99
N VAL M 80 5.38 18.45 -30.20
CA VAL M 80 5.88 19.11 -31.41
C VAL M 80 5.29 20.51 -31.53
N LEU M 81 3.99 20.65 -31.27
CA LEU M 81 3.35 21.96 -31.33
C LEU M 81 3.93 22.91 -30.28
N LEU M 82 4.12 22.41 -29.05
CA LEU M 82 4.67 23.24 -27.99
C LEU M 82 6.11 23.66 -28.29
N ASP M 83 6.92 22.74 -28.82
CA ASP M 83 8.28 23.08 -29.21
C ASP M 83 8.29 24.10 -30.33
N ALA M 84 7.33 23.99 -31.25
CA ALA M 84 7.21 25.01 -32.29
C ALA M 84 6.81 26.35 -31.71
N ASN M 85 6.08 26.35 -30.59
CA ASN M 85 5.65 27.61 -29.98
C ASN M 85 6.60 28.12 -28.89
N ARG M 86 7.32 27.24 -28.22
CA ARG M 86 8.25 27.66 -27.17
C ARG M 86 9.42 28.42 -27.78
N THR M 87 10.10 29.20 -26.95
CA THR M 87 11.20 30.04 -27.40
C THR M 87 12.42 29.79 -26.52
N GLY M 88 13.55 29.51 -27.15
CA GLY M 88 14.80 29.32 -26.45
C GLY M 88 15.95 29.96 -27.19
N LYS M 89 17.18 29.51 -26.96
CA LYS M 89 18.34 30.06 -27.63
C LYS M 89 18.54 29.31 -28.94
N ASP M 90 18.79 30.07 -30.01
CA ASP M 90 19.10 29.57 -31.34
C ASP M 90 17.97 28.77 -31.96
N LYS M 91 16.74 28.98 -31.51
CA LYS M 91 15.58 28.37 -32.16
C LYS M 91 14.58 29.47 -32.50
N SER M 92 13.79 29.21 -33.53
CA SER M 92 12.76 30.15 -33.98
C SER M 92 11.39 29.56 -33.65
N GLY M 93 10.61 30.30 -32.87
CA GLY M 93 9.30 29.84 -32.45
C GLY M 93 8.21 30.43 -33.34
N ALA M 94 7.36 29.55 -33.84
CA ALA M 94 6.26 29.98 -34.70
C ALA M 94 5.11 30.46 -33.82
N ARG M 95 4.71 31.71 -33.99
CA ARG M 95 3.58 32.27 -33.26
C ARG M 95 2.32 31.93 -34.04
N ASP M 96 1.64 30.85 -33.63
CA ASP M 96 0.45 30.37 -34.31
C ASP M 96 -0.76 30.50 -33.39
N VAL M 97 -1.93 30.20 -33.95
CA VAL M 97 -3.18 30.16 -33.20
C VAL M 97 -3.72 28.75 -33.25
N VAL M 98 -4.06 28.19 -32.09
CA VAL M 98 -4.52 26.82 -31.99
C VAL M 98 -6.00 26.81 -31.65
N GLY M 99 -6.66 25.76 -32.09
CA GLY M 99 -8.07 25.57 -31.82
C GLY M 99 -8.34 24.14 -31.40
N LEU M 100 -9.16 23.98 -30.37
CA LEU M 100 -9.34 22.70 -29.71
C LEU M 100 -10.84 22.39 -29.65
N VAL M 101 -11.22 21.26 -30.22
CA VAL M 101 -12.62 20.83 -30.27
C VAL M 101 -12.73 19.54 -29.47
N VAL M 102 -13.58 19.55 -28.45
CA VAL M 102 -13.91 18.35 -27.67
C VAL M 102 -15.27 17.88 -28.16
N ALA M 103 -15.33 16.62 -28.57
CA ALA M 103 -16.58 15.96 -28.92
C ALA M 103 -16.81 14.85 -27.91
N MET M 104 -17.40 15.22 -26.77
CA MET M 104 -17.70 14.25 -25.74
C MET M 104 -18.79 13.30 -26.23
N PRO M 105 -18.86 12.08 -25.69
CA PRO M 105 -19.72 11.05 -26.31
C PRO M 105 -21.19 11.43 -26.35
N ASP M 106 -21.70 12.16 -25.37
CA ASP M 106 -23.12 12.44 -25.28
C ASP M 106 -23.63 13.28 -26.44
N GLY M 107 -22.74 13.90 -27.20
CA GLY M 107 -23.15 14.59 -28.42
C GLY M 107 -22.70 16.03 -28.49
N SER M 108 -22.67 16.71 -27.36
CA SER M 108 -22.28 18.11 -27.34
C SER M 108 -20.80 18.27 -27.69
N LYS M 109 -20.50 19.37 -28.36
CA LYS M 109 -19.15 19.68 -28.81
C LYS M 109 -18.77 21.06 -28.33
N ILE M 110 -17.60 21.17 -27.70
CA ILE M 110 -17.09 22.45 -27.20
C ILE M 110 -15.87 22.81 -28.03
N THR M 111 -15.91 23.95 -28.70
CA THR M 111 -14.82 24.38 -29.56
C THR M 111 -14.24 25.69 -29.04
N CYS M 112 -12.92 25.73 -28.92
CA CYS M 112 -12.20 26.90 -28.45
C CYS M 112 -11.22 27.34 -29.52
N THR M 113 -11.17 28.65 -29.77
CA THR M 113 -10.39 29.21 -30.86
C THR M 113 -9.59 30.41 -30.37
N ASN M 114 -8.54 30.72 -31.14
CA ASN M 114 -7.56 31.75 -30.84
C ASN M 114 -6.86 31.49 -29.51
N GLY M 115 -6.12 30.39 -29.48
CA GLY M 115 -5.36 30.04 -28.30
C GLY M 115 -3.87 29.88 -28.55
N THR M 116 -3.17 29.27 -27.60
CA THR M 116 -1.72 29.08 -27.61
C THR M 116 -1.32 28.15 -26.48
N PRO M 117 -0.24 27.38 -26.63
CA PRO M 117 0.26 26.58 -25.50
C PRO M 117 0.80 27.46 -24.39
N ILE M 118 0.59 27.02 -23.14
CA ILE M 118 0.92 27.84 -21.98
C ILE M 118 1.83 27.07 -21.03
N ASP M 119 1.99 25.77 -21.22
CA ASP M 119 2.93 25.01 -20.39
C ASP M 119 3.33 23.73 -21.12
N GLY M 120 3.99 22.85 -20.38
CA GLY M 120 4.49 21.59 -20.89
C GLY M 120 5.64 21.12 -20.02
N VAL M 121 5.99 19.85 -20.18
CA VAL M 121 7.03 19.28 -19.32
C VAL M 121 8.33 19.16 -20.10
N LEU M 122 8.22 18.89 -21.41
CA LEU M 122 9.31 18.80 -22.38
C LEU M 122 10.23 17.61 -22.18
N ILE M 123 10.13 16.90 -21.05
CA ILE M 123 10.94 15.71 -20.80
C ILE M 123 10.04 14.67 -20.17
N ASN M 124 10.13 13.45 -20.67
CA ASN M 124 9.33 12.35 -20.15
C ASN M 124 9.80 12.02 -18.75
N ALA M 125 9.14 12.60 -17.75
CA ALA M 125 9.49 12.31 -16.37
C ALA M 125 9.13 10.89 -16.02
N VAL M 126 9.95 10.27 -15.17
CA VAL M 126 9.80 8.86 -14.80
C VAL M 126 9.38 8.80 -13.34
N ALA M 127 8.32 8.04 -13.06
CA ALA M 127 7.88 7.84 -11.69
C ALA M 127 8.78 6.82 -11.02
N SER M 128 8.46 6.54 -9.75
CA SER M 128 9.31 5.69 -8.92
C SER M 128 9.41 4.27 -9.44
N VAL M 129 8.26 3.64 -9.69
CA VAL M 129 8.26 2.22 -10.10
C VAL M 129 8.85 2.05 -11.49
N GLY M 130 8.80 3.07 -12.32
CA GLY M 130 9.33 2.95 -13.66
C GLY M 130 8.35 3.45 -14.70
N ARG M 131 7.10 3.59 -14.31
CA ARG M 131 6.09 4.16 -15.18
C ARG M 131 6.43 5.61 -15.50
N LEU M 132 6.17 6.02 -16.74
CA LEU M 132 6.32 7.43 -17.10
C LEU M 132 5.14 8.22 -16.52
N LYS M 133 5.44 9.35 -15.89
CA LYS M 133 4.39 10.16 -15.29
C LYS M 133 3.61 10.90 -16.39
N THR M 134 2.29 10.97 -16.20
CA THR M 134 1.42 11.54 -17.22
C THR M 134 1.73 13.00 -17.46
N LYS M 135 1.68 13.41 -18.73
CA LYS M 135 2.16 14.73 -19.09
C LYS M 135 0.99 15.68 -19.28
N PRO M 136 0.94 16.78 -18.55
CA PRO M 136 -0.12 17.78 -18.75
C PRO M 136 0.33 18.89 -19.68
N TYR M 137 -0.64 19.42 -20.41
CA TYR M 137 -0.43 20.56 -21.29
C TYR M 137 -1.55 21.56 -21.08
N ARG M 138 -1.19 22.83 -20.97
CA ARG M 138 -2.15 23.87 -20.65
C ARG M 138 -2.24 24.86 -21.80
N PHE M 139 -3.46 25.22 -22.18
CA PHE M 139 -3.70 26.21 -23.20
C PHE M 139 -4.64 27.29 -22.65
N ARG M 140 -4.54 28.48 -23.22
CA ARG M 140 -5.43 29.58 -22.89
C ARG M 140 -6.07 30.07 -24.17
N PHE M 141 -7.39 29.95 -24.25
CA PHE M 141 -8.13 30.27 -25.46
C PHE M 141 -8.92 31.56 -25.29
N GLU M 142 -9.09 32.24 -26.41
CA GLU M 142 -9.87 33.48 -26.46
C GLU M 142 -11.36 33.21 -26.51
N LYS M 143 -11.81 32.45 -27.52
CA LYS M 143 -13.23 32.32 -27.79
C LYS M 143 -13.68 30.89 -27.57
N VAL M 144 -14.75 30.71 -26.81
CA VAL M 144 -15.31 29.38 -26.58
C VAL M 144 -16.74 29.36 -27.11
N ILE M 145 -17.13 28.24 -27.70
CA ILE M 145 -18.42 28.09 -28.34
C ILE M 145 -18.93 26.68 -28.08
N LYS M 146 -20.16 26.57 -27.61
CA LYS M 146 -20.79 25.27 -27.40
C LYS M 146 -21.78 25.02 -28.52
N ALA M 147 -21.72 23.82 -29.10
CA ALA M 147 -22.59 23.47 -30.22
C ALA M 147 -23.09 22.05 -30.03
N GLY M 148 -24.40 21.87 -30.17
CA GLY M 148 -24.99 20.55 -30.09
C GLY M 148 -25.48 20.18 -28.70
N THR M 149 -26.70 19.69 -28.62
CA THR M 149 -27.26 19.17 -27.37
C THR M 149 -27.77 17.76 -27.62
N SER M 150 -27.28 16.81 -26.85
CA SER M 150 -27.57 15.37 -27.01
C SER M 150 -27.25 14.88 -28.41
N MET N 1 -36.98 -0.21 -12.21
CA MET N 1 -37.86 -0.19 -13.36
C MET N 1 -37.09 -0.30 -14.66
N PHE N 2 -35.76 -0.26 -14.57
CA PHE N 2 -34.91 -0.31 -15.74
C PHE N 2 -34.03 -1.54 -15.86
N ASP N 3 -33.84 -2.32 -14.79
CA ASP N 3 -32.85 -3.40 -14.88
C ASP N 3 -33.28 -4.47 -15.87
N GLY N 4 -34.59 -4.62 -16.09
CA GLY N 4 -35.03 -5.57 -17.11
C GLY N 4 -34.64 -5.14 -18.50
N GLU N 5 -34.97 -3.90 -18.86
CA GLU N 5 -34.60 -3.37 -20.17
C GLU N 5 -33.08 -3.26 -20.31
N LEU N 6 -32.41 -2.82 -19.24
CA LEU N 6 -30.96 -2.76 -19.26
C LEU N 6 -30.32 -4.12 -19.44
N ILE N 7 -30.86 -5.13 -18.76
CA ILE N 7 -30.29 -6.47 -18.86
C ILE N 7 -30.52 -7.02 -20.26
N ALA N 8 -31.67 -6.72 -20.86
CA ALA N 8 -31.91 -7.13 -22.25
C ALA N 8 -30.91 -6.47 -23.20
N LYS N 9 -30.71 -5.16 -23.07
CA LYS N 9 -29.78 -4.45 -23.94
C LYS N 9 -28.35 -4.91 -23.71
N MET N 10 -27.98 -5.14 -22.45
CA MET N 10 -26.64 -5.62 -22.13
C MET N 10 -26.43 -7.03 -22.68
N VAL N 11 -27.46 -7.86 -22.66
CA VAL N 11 -27.35 -9.20 -23.23
C VAL N 11 -27.15 -9.11 -24.74
N VAL N 12 -27.88 -8.21 -25.39
CA VAL N 12 -27.70 -8.02 -26.83
C VAL N 12 -26.28 -7.57 -27.14
N GLU N 13 -25.77 -6.60 -26.38
CA GLU N 13 -24.41 -6.11 -26.60
C GLU N 13 -23.37 -7.18 -26.30
N LEU N 14 -23.58 -7.96 -25.24
CA LEU N 14 -22.64 -9.03 -24.90
C LEU N 14 -22.62 -10.11 -25.96
N ASN N 15 -23.79 -10.46 -26.51
CA ASN N 15 -23.82 -11.42 -27.60
C ASN N 15 -23.15 -10.87 -28.85
N ALA N 16 -23.30 -9.56 -29.10
CA ALA N 16 -22.58 -8.95 -30.20
C ALA N 16 -21.06 -9.03 -29.99
N ALA N 17 -20.62 -8.76 -28.77
CA ALA N 17 -19.20 -8.85 -28.44
C ALA N 17 -18.68 -10.27 -28.59
N MET N 18 -19.52 -11.26 -28.25
CA MET N 18 -19.14 -12.66 -28.44
C MET N 18 -19.06 -13.03 -29.92
N THR N 19 -20.00 -12.53 -30.73
CA THR N 19 -19.92 -12.78 -32.17
C THR N 19 -18.65 -12.18 -32.76
N SER N 20 -18.28 -10.98 -32.30
CA SER N 20 -17.01 -10.39 -32.73
C SER N 20 -15.82 -11.19 -32.23
N ALA N 21 -15.90 -11.69 -30.99
CA ALA N 21 -14.83 -12.49 -30.41
C ALA N 21 -14.66 -13.82 -31.13
N GLN N 22 -15.72 -14.30 -31.77
CA GLN N 22 -15.58 -15.50 -32.60
C GLN N 22 -14.74 -15.21 -33.84
N GLU N 23 -14.71 -13.96 -34.30
CA GLU N 23 -13.94 -13.63 -35.50
C GLU N 23 -12.46 -13.50 -35.18
N ALA N 24 -12.09 -12.52 -34.37
CA ALA N 24 -10.72 -12.40 -33.89
C ALA N 24 -10.52 -13.39 -32.75
N LEU N 25 -9.64 -14.38 -32.96
CA LEU N 25 -9.50 -15.62 -32.18
C LEU N 25 -10.74 -16.49 -32.32
N GLN N 26 -10.60 -17.79 -32.12
CA GLN N 26 -11.69 -18.72 -32.39
C GLN N 26 -11.99 -19.58 -31.18
N PHE N 27 -13.27 -19.71 -30.86
CA PHE N 27 -13.75 -20.59 -29.79
C PHE N 27 -14.79 -21.51 -30.38
N PRO N 28 -15.00 -22.67 -29.77
CA PRO N 28 -16.17 -23.49 -30.14
C PRO N 28 -17.43 -22.93 -29.49
N ASP N 29 -18.24 -22.21 -30.27
CA ASP N 29 -19.47 -21.56 -29.84
C ASP N 29 -19.24 -20.61 -28.67
N PHE N 30 -20.33 -20.08 -28.09
CA PHE N 30 -20.26 -19.26 -26.89
C PHE N 30 -21.65 -19.17 -26.30
N GLU N 31 -21.73 -18.63 -25.08
CA GLU N 31 -23.01 -18.31 -24.44
C GLU N 31 -22.80 -17.08 -23.58
N VAL N 32 -23.89 -16.34 -23.38
CA VAL N 32 -23.89 -15.17 -22.50
C VAL N 32 -25.02 -15.38 -21.51
N VAL N 33 -24.69 -15.51 -20.23
CA VAL N 33 -25.67 -15.88 -19.22
C VAL N 33 -25.51 -15.02 -17.96
N GLN N 34 -26.59 -15.00 -17.18
CA GLN N 34 -26.62 -14.33 -15.89
C GLN N 34 -26.18 -15.31 -14.81
N LYS N 35 -25.30 -14.86 -13.92
CA LYS N 35 -24.64 -15.77 -12.99
C LYS N 35 -25.61 -16.39 -11.99
N ALA N 36 -26.50 -15.58 -11.41
CA ALA N 36 -27.43 -16.08 -10.40
C ALA N 36 -28.69 -16.58 -11.11
N GLN N 37 -28.65 -17.83 -11.55
CA GLN N 37 -29.78 -18.40 -12.27
C GLN N 37 -30.93 -18.70 -11.32
N PRO N 38 -32.13 -18.18 -11.55
CA PRO N 38 -33.25 -18.38 -10.61
C PRO N 38 -33.75 -19.81 -10.52
N THR N 39 -33.23 -20.75 -11.31
CA THR N 39 -33.54 -22.15 -11.15
C THR N 39 -32.27 -22.97 -11.37
N GLN N 40 -32.23 -24.16 -10.77
CA GLN N 40 -31.08 -25.03 -10.80
C GLN N 40 -30.69 -25.45 -12.22
N GLN N 41 -29.60 -24.89 -12.74
CA GLN N 41 -29.19 -25.15 -14.13
C GLN N 41 -27.69 -24.99 -14.23
N GLY N 42 -27.05 -25.89 -14.98
CA GLY N 42 -25.63 -26.10 -14.86
C GLY N 42 -24.77 -25.10 -15.60
N THR N 43 -23.48 -25.15 -15.26
CA THR N 43 -22.46 -24.42 -16.00
C THR N 43 -22.21 -25.14 -17.32
N SER N 44 -21.87 -24.37 -18.34
CA SER N 44 -21.72 -24.88 -19.69
C SER N 44 -20.26 -25.08 -20.03
N THR N 45 -19.96 -26.23 -20.66
CA THR N 45 -18.58 -26.53 -21.07
C THR N 45 -18.03 -25.50 -22.04
N ARG N 46 -18.90 -24.92 -22.86
CA ARG N 46 -18.47 -24.00 -23.90
C ARG N 46 -17.92 -22.72 -23.27
N PRO N 47 -17.10 -21.98 -23.99
CA PRO N 47 -16.60 -20.71 -23.46
C PRO N 47 -17.68 -19.66 -23.35
N THR N 48 -18.01 -19.26 -22.12
CA THR N 48 -19.14 -18.37 -21.89
C THR N 48 -18.73 -17.12 -21.14
N ILE N 49 -19.62 -16.14 -21.20
CA ILE N 49 -19.48 -14.88 -20.49
C ILE N 49 -20.66 -14.74 -19.54
N PHE N 50 -20.38 -14.47 -18.29
CA PHE N 50 -21.38 -14.29 -17.26
C PHE N 50 -21.48 -12.81 -16.91
N PHE N 51 -22.68 -12.39 -16.54
CA PHE N 51 -22.85 -11.03 -16.07
C PHE N 51 -23.79 -11.03 -14.88
N GLN N 52 -23.59 -10.09 -13.97
CA GLN N 52 -24.39 -10.03 -12.75
C GLN N 52 -24.46 -8.59 -12.28
N LYS N 53 -25.53 -8.25 -11.58
CA LYS N 53 -25.66 -6.92 -10.98
C LYS N 53 -25.04 -6.90 -9.60
N LEU N 54 -24.29 -5.84 -9.31
CA LEU N 54 -23.59 -5.72 -8.03
C LEU N 54 -24.12 -4.57 -7.17
N PHE N 55 -24.09 -3.34 -7.67
CA PHE N 55 -24.57 -2.21 -6.89
C PHE N 55 -25.55 -1.37 -7.70
N ASP N 56 -25.93 -0.24 -7.14
CA ASP N 56 -26.61 0.82 -7.89
C ASP N 56 -26.35 2.09 -7.10
N ILE N 57 -25.53 2.98 -7.65
CA ILE N 57 -25.17 4.23 -7.00
C ILE N 57 -25.92 5.35 -7.70
N PRO N 58 -26.91 5.97 -7.06
CA PRO N 58 -27.47 7.21 -7.63
C PRO N 58 -26.42 8.30 -7.66
N ARG N 59 -26.47 9.11 -8.72
CA ARG N 59 -25.50 10.16 -8.95
C ARG N 59 -26.23 11.49 -9.02
N GLY N 60 -25.91 12.40 -8.11
CA GLY N 60 -26.58 13.68 -8.05
C GLY N 60 -27.97 13.60 -7.46
N TRP N 61 -28.52 14.75 -7.07
CA TRP N 61 -29.89 14.79 -6.58
C TRP N 61 -30.85 14.54 -7.74
N PRO N 62 -32.05 14.04 -7.46
CA PRO N 62 -33.03 13.85 -8.52
C PRO N 62 -33.44 15.19 -9.13
N ALA N 63 -33.64 15.19 -10.43
CA ALA N 63 -34.05 16.39 -11.16
C ALA N 63 -35.55 16.28 -11.44
N THR N 64 -36.31 17.25 -10.98
CA THR N 64 -37.77 17.23 -11.12
C THR N 64 -38.20 18.23 -12.17
N ASP N 65 -38.85 17.74 -13.22
CA ASP N 65 -39.45 18.57 -14.25
C ASP N 65 -40.97 18.53 -14.08
N TRP N 66 -41.64 19.58 -14.52
CA TRP N 66 -43.08 19.71 -14.36
C TRP N 66 -43.74 19.69 -15.73
N HIS N 67 -44.69 18.79 -15.93
CA HIS N 67 -45.35 18.59 -17.22
C HIS N 67 -46.85 18.72 -17.02
N LEU N 68 -47.48 19.61 -17.77
CA LEU N 68 -48.92 19.80 -17.66
C LEU N 68 -49.65 18.78 -18.52
N ASP N 69 -50.63 18.09 -17.93
CA ASP N 69 -51.44 17.17 -18.71
C ASP N 69 -52.49 17.88 -19.56
N ASN N 70 -52.86 19.12 -19.19
CA ASN N 70 -53.77 20.00 -19.92
C ASN N 70 -55.21 19.51 -19.94
N THR N 71 -55.48 18.32 -19.39
CA THR N 71 -56.83 17.78 -19.34
C THR N 71 -57.45 17.92 -17.97
N THR N 72 -56.81 17.37 -16.95
CA THR N 72 -57.29 17.44 -15.58
C THR N 72 -56.61 18.54 -14.77
N ARG N 73 -55.84 19.41 -15.44
CA ARG N 73 -55.11 20.51 -14.79
C ARG N 73 -54.23 20.02 -13.65
N LYS N 74 -53.52 18.93 -13.90
CA LYS N 74 -52.62 18.33 -12.92
C LYS N 74 -51.19 18.43 -13.42
N TYR N 75 -50.30 18.96 -12.59
CA TYR N 75 -48.88 18.99 -12.90
C TYR N 75 -48.32 17.60 -12.62
N VAL N 76 -48.04 16.82 -13.67
CA VAL N 76 -47.32 15.58 -13.49
C VAL N 76 -45.85 15.94 -13.27
N GLU N 77 -45.32 15.58 -12.11
CA GLU N 77 -43.92 15.79 -11.83
C GLU N 77 -43.14 14.56 -12.28
N ILE N 78 -42.04 14.81 -12.99
CA ILE N 78 -41.17 13.78 -13.52
C ILE N 78 -39.86 13.89 -12.77
N THR N 79 -39.60 12.94 -11.90
CA THR N 79 -38.37 12.88 -11.12
C THR N 79 -37.42 11.94 -11.85
N ARG N 80 -36.37 12.50 -12.43
CA ARG N 80 -35.35 11.72 -13.10
C ARG N 80 -34.19 11.54 -12.14
N GLN N 81 -33.81 10.29 -11.88
CA GLN N 81 -32.63 10.01 -11.09
C GLN N 81 -31.57 9.38 -11.97
N HIS N 82 -30.36 9.93 -11.92
CA HIS N 82 -29.23 9.35 -12.62
C HIS N 82 -28.66 8.19 -11.81
N VAL N 83 -28.32 7.11 -12.50
CA VAL N 83 -27.92 5.87 -11.86
C VAL N 83 -26.65 5.35 -12.52
N GLU N 84 -25.67 4.96 -11.70
CA GLU N 84 -24.54 4.16 -12.15
C GLU N 84 -24.71 2.78 -11.55
N THR N 85 -25.16 1.83 -12.36
CA THR N 85 -25.10 0.45 -11.93
C THR N 85 -23.72 -0.12 -12.20
N THR N 86 -23.38 -1.19 -11.47
CA THR N 86 -22.11 -1.87 -11.63
C THR N 86 -22.39 -3.32 -11.99
N PHE N 87 -21.87 -3.75 -13.14
CA PHE N 87 -22.05 -5.12 -13.62
C PHE N 87 -20.75 -5.87 -13.43
N GLN N 88 -20.81 -6.99 -12.72
CA GLN N 88 -19.69 -7.92 -12.67
C GLN N 88 -19.77 -8.78 -13.92
N ILE N 89 -18.83 -8.61 -14.83
CA ILE N 89 -18.76 -9.36 -16.07
C ILE N 89 -17.58 -10.30 -15.96
N SER N 90 -17.85 -11.59 -16.04
CA SER N 90 -16.83 -12.62 -15.89
C SER N 90 -16.84 -13.53 -17.12
N SER N 91 -15.85 -14.41 -17.18
CA SER N 91 -15.74 -15.36 -18.29
C SER N 91 -15.31 -16.70 -17.76
N LEU N 92 -15.66 -17.75 -18.50
CA LEU N 92 -15.26 -19.11 -18.13
C LEU N 92 -15.00 -19.91 -19.39
N HIS N 93 -13.80 -20.46 -19.49
CA HIS N 93 -13.41 -21.26 -20.66
C HIS N 93 -12.28 -22.16 -20.22
N TRP N 94 -12.55 -23.46 -20.11
CA TRP N 94 -11.50 -24.39 -19.70
C TRP N 94 -10.42 -24.46 -20.75
N GLN N 95 -9.18 -24.67 -20.30
CA GLN N 95 -8.02 -24.71 -21.17
C GLN N 95 -7.60 -26.14 -21.43
N ASN N 96 -7.53 -26.50 -22.72
CA ASN N 96 -7.12 -27.83 -23.13
C ASN N 96 -5.64 -27.83 -23.44
N PRO N 97 -4.83 -28.59 -22.71
CA PRO N 97 -3.38 -28.61 -23.01
C PRO N 97 -3.04 -29.13 -24.40
N GLU N 98 -3.85 -30.04 -24.94
CA GLU N 98 -3.51 -30.66 -26.23
C GLU N 98 -3.66 -29.67 -27.39
N ILE N 99 -4.70 -28.84 -27.36
CA ILE N 99 -4.96 -27.93 -28.47
C ILE N 99 -3.86 -26.88 -28.56
N THR N 100 -3.65 -26.33 -29.77
CA THR N 100 -2.62 -25.32 -29.98
C THR N 100 -3.16 -23.91 -30.07
N HIS N 101 -4.37 -23.72 -30.59
CA HIS N 101 -4.98 -22.39 -30.65
C HIS N 101 -5.60 -22.06 -29.29
N VAL N 102 -4.74 -21.75 -28.34
CA VAL N 102 -5.18 -21.53 -26.96
C VAL N 102 -5.65 -20.10 -26.80
N VAL N 103 -6.80 -19.93 -26.13
CA VAL N 103 -7.31 -18.64 -25.71
C VAL N 103 -7.84 -18.76 -24.29
N THR N 104 -7.06 -18.30 -23.33
CA THR N 104 -7.47 -18.40 -21.93
C THR N 104 -8.66 -17.48 -21.66
N ALA N 105 -9.38 -17.80 -20.57
CA ALA N 105 -10.58 -17.05 -20.23
C ALA N 105 -10.27 -15.58 -19.96
N SER N 106 -9.08 -15.31 -19.42
CA SER N 106 -8.63 -13.94 -19.23
C SER N 106 -8.63 -13.17 -20.54
N ASP N 107 -8.31 -13.83 -21.65
CA ASP N 107 -8.29 -13.15 -22.94
C ASP N 107 -9.68 -12.83 -23.43
N ILE N 108 -10.64 -13.73 -23.22
CA ILE N 108 -12.01 -13.44 -23.62
C ILE N 108 -12.55 -12.27 -22.80
N ALA N 109 -12.26 -12.25 -21.50
CA ALA N 109 -12.65 -11.11 -20.68
C ALA N 109 -11.96 -9.83 -21.14
N ASN N 110 -10.67 -9.92 -21.50
CA ASN N 110 -9.94 -8.74 -21.98
C ASN N 110 -10.53 -8.22 -23.28
N TYR N 111 -10.91 -9.12 -24.19
CA TYR N 111 -11.50 -8.66 -25.44
C TYR N 111 -12.87 -8.04 -25.20
N VAL N 112 -13.66 -8.58 -24.27
CA VAL N 112 -14.94 -7.96 -23.96
C VAL N 112 -14.71 -6.56 -23.41
N ARG N 113 -13.75 -6.40 -22.50
CA ARG N 113 -13.44 -5.08 -21.95
C ARG N 113 -13.03 -4.12 -23.05
N ALA N 114 -12.08 -4.53 -23.89
CA ALA N 114 -11.55 -3.65 -24.92
C ALA N 114 -12.59 -3.30 -25.97
N TYR N 115 -13.47 -4.25 -26.29
CA TYR N 115 -14.58 -3.95 -27.18
C TYR N 115 -15.53 -2.94 -26.55
N PHE N 116 -15.84 -3.11 -25.27
CA PHE N 116 -16.80 -2.24 -24.62
C PHE N 116 -16.24 -0.89 -24.25
N GLN N 117 -14.94 -0.67 -24.41
CA GLN N 117 -14.34 0.64 -24.18
C GLN N 117 -13.97 1.38 -25.46
N ALA N 118 -14.19 0.77 -26.62
CA ALA N 118 -13.93 1.46 -27.87
C ALA N 118 -14.98 2.53 -28.12
N ARG N 119 -14.62 3.55 -28.89
CA ARG N 119 -15.47 4.73 -29.00
C ARG N 119 -16.72 4.44 -29.84
N SER N 120 -16.59 3.57 -30.84
CA SER N 120 -17.73 3.24 -31.69
C SER N 120 -18.80 2.50 -30.90
N THR N 121 -18.38 1.52 -30.09
CA THR N 121 -19.34 0.82 -29.24
C THR N 121 -19.93 1.75 -28.20
N ILE N 122 -19.16 2.73 -27.73
CA ILE N 122 -19.69 3.74 -26.83
C ILE N 122 -20.80 4.53 -27.50
N GLU N 123 -20.58 4.95 -28.75
CA GLU N 123 -21.61 5.73 -29.45
C GLU N 123 -22.84 4.88 -29.75
N ARG N 124 -22.66 3.61 -30.08
CA ARG N 124 -23.79 2.72 -30.29
C ARG N 124 -24.61 2.55 -29.02
N VAL N 125 -23.91 2.31 -27.91
CA VAL N 125 -24.55 2.13 -26.62
C VAL N 125 -25.25 3.42 -26.19
N LYS N 126 -24.66 4.58 -26.54
CA LYS N 126 -25.33 5.86 -26.34
C LYS N 126 -26.64 5.93 -27.11
N GLU N 127 -26.62 5.46 -28.36
CA GLU N 127 -27.86 5.36 -29.12
C GLU N 127 -28.83 4.37 -28.51
N LEU N 128 -28.34 3.49 -27.61
CA LEU N 128 -29.20 2.58 -26.87
C LEU N 128 -29.46 3.04 -25.43
N ASP N 129 -29.37 4.34 -25.17
CA ASP N 129 -29.84 5.06 -23.97
C ASP N 129 -28.98 4.96 -22.71
N PHE N 130 -27.78 4.36 -22.77
CA PHE N 130 -26.88 4.33 -21.61
C PHE N 130 -25.45 4.47 -22.12
N LEU N 131 -24.47 4.42 -21.21
CA LEU N 131 -23.07 4.50 -21.59
C LEU N 131 -22.26 3.57 -20.70
N ILE N 132 -20.94 3.64 -20.87
CA ILE N 132 -20.00 2.75 -20.20
C ILE N 132 -18.86 3.59 -19.64
N LEU N 133 -18.47 3.33 -18.38
CA LEU N 133 -17.30 3.99 -17.80
C LEU N 133 -16.05 3.12 -17.96
N ARG N 134 -14.96 3.58 -17.35
CA ARG N 134 -13.67 2.91 -17.48
C ARG N 134 -13.63 1.64 -16.64
N VAL N 135 -12.96 0.63 -17.17
CA VAL N 135 -12.66 -0.59 -16.43
C VAL N 135 -11.19 -0.53 -16.07
N SER N 136 -10.90 -0.49 -14.76
CA SER N 136 -9.56 -0.22 -14.29
C SER N 136 -8.81 -1.46 -13.84
N GLN N 137 -9.39 -2.64 -13.95
CA GLN N 137 -8.75 -3.86 -13.47
C GLN N 137 -9.49 -5.06 -14.02
N ILE N 138 -8.74 -6.10 -14.37
CA ILE N 138 -9.29 -7.40 -14.73
C ILE N 138 -8.56 -8.45 -13.90
N SER N 139 -9.29 -9.14 -13.03
CA SER N 139 -8.70 -10.02 -12.04
C SER N 139 -8.85 -11.46 -12.49
N ASN N 140 -7.74 -12.07 -12.89
CA ASN N 140 -7.71 -13.47 -13.32
C ASN N 140 -7.33 -14.31 -12.11
N GLU N 141 -8.26 -15.10 -11.62
CA GLU N 141 -8.03 -15.91 -10.42
C GLU N 141 -8.24 -17.39 -10.74
N ALA N 142 -7.65 -18.24 -9.91
CA ALA N 142 -7.64 -19.68 -10.13
C ALA N 142 -8.51 -20.39 -9.11
N PHE N 143 -9.16 -21.46 -9.54
CA PHE N 143 -10.01 -22.27 -8.67
C PHE N 143 -10.06 -23.69 -9.21
N GLU N 144 -10.78 -24.56 -8.50
CA GLU N 144 -10.96 -25.94 -8.92
C GLU N 144 -12.38 -26.13 -9.43
N ASN N 145 -12.51 -26.58 -10.67
CA ASN N 145 -13.81 -26.92 -11.22
C ASN N 145 -14.22 -28.30 -10.74
N ASP N 146 -15.39 -28.76 -11.20
CA ASP N 146 -15.96 -30.00 -10.72
C ASP N 146 -15.19 -31.24 -11.18
N ASN N 147 -14.24 -31.09 -12.08
CA ASN N 147 -13.43 -32.23 -12.52
C ASN N 147 -12.11 -32.32 -11.79
N HIS N 148 -11.93 -31.57 -10.69
CA HIS N 148 -10.69 -31.50 -9.93
C HIS N 148 -9.50 -31.08 -10.80
N GLN N 149 -9.76 -30.19 -11.73
CA GLN N 149 -8.71 -29.54 -12.49
C GLN N 149 -8.60 -28.09 -12.03
N PHE N 150 -7.82 -27.30 -12.75
CA PHE N 150 -7.63 -25.90 -12.41
C PHE N 150 -8.18 -25.01 -13.51
N GLU N 151 -8.94 -24.01 -13.12
CA GLU N 151 -9.61 -23.14 -14.08
C GLU N 151 -9.45 -21.69 -13.65
N PHE N 152 -9.55 -20.80 -14.62
CA PHE N 152 -9.48 -19.37 -14.38
C PHE N 152 -10.86 -18.76 -14.58
N HIS N 153 -11.27 -17.87 -13.68
CA HIS N 153 -12.56 -17.21 -13.74
C HIS N 153 -12.35 -15.71 -13.65
N PRO N 154 -11.81 -15.09 -14.69
CA PRO N 154 -11.55 -13.65 -14.66
C PRO N 154 -12.84 -12.87 -14.63
N SER N 155 -12.79 -11.69 -14.02
CA SER N 155 -13.98 -10.86 -13.89
C SER N 155 -13.56 -9.41 -13.73
N PHE N 156 -14.41 -8.50 -14.21
CA PHE N 156 -14.18 -7.08 -14.04
C PHE N 156 -15.51 -6.38 -13.83
N ASP N 157 -15.46 -5.17 -13.29
CA ASP N 157 -16.65 -4.38 -13.00
C ASP N 157 -16.79 -3.31 -14.06
N MET N 158 -17.95 -3.28 -14.71
CA MET N 158 -18.27 -2.28 -15.73
C MET N 158 -19.38 -1.41 -15.19
N VAL N 159 -19.13 -0.10 -15.15
CA VAL N 159 -20.12 0.84 -14.63
C VAL N 159 -20.94 1.35 -15.80
N VAL N 160 -22.26 1.20 -15.71
CA VAL N 160 -23.19 1.60 -16.75
C VAL N 160 -24.06 2.70 -16.17
N THR N 161 -24.12 3.84 -16.88
CA THR N 161 -24.81 5.02 -16.40
C THR N 161 -26.04 5.31 -17.25
N TYR N 162 -27.14 5.65 -16.59
CA TYR N 162 -28.39 5.92 -17.29
C TYR N 162 -29.29 6.77 -16.39
N ASN N 163 -30.54 6.94 -16.80
CA ASN N 163 -31.53 7.67 -16.02
C ASN N 163 -32.75 6.78 -15.82
N GLN N 164 -33.47 7.02 -14.72
CA GLN N 164 -34.77 6.40 -14.52
C GLN N 164 -35.78 7.44 -14.09
N TYR N 165 -36.97 7.35 -14.67
CA TYR N 165 -37.99 8.39 -14.62
C TYR N 165 -39.15 7.95 -13.72
N ILE N 166 -39.61 8.86 -12.86
CA ILE N 166 -40.70 8.61 -11.94
C ILE N 166 -41.78 9.63 -12.23
N ARG N 167 -43.03 9.18 -12.33
CA ARG N 167 -44.15 10.07 -12.60
C ARG N 167 -45.06 10.13 -11.38
N LEU N 168 -45.30 11.34 -10.88
CA LEU N 168 -46.21 11.55 -9.77
C LEU N 168 -47.09 12.75 -10.10
N TYR N 169 -48.04 13.04 -9.21
CA TYR N 169 -49.04 14.08 -9.46
C TYR N 169 -48.90 15.22 -8.46
N GLU N 170 -49.23 16.43 -8.92
CA GLU N 170 -49.28 17.61 -8.08
C GLU N 170 -50.37 18.53 -8.62
N ASN N 171 -50.84 19.44 -7.77
CA ASN N 171 -51.90 20.35 -8.13
C ASN N 171 -51.35 21.60 -8.81
N ALA N 172 -52.12 22.14 -9.74
CA ALA N 172 -51.74 23.33 -10.48
C ALA N 172 -52.47 24.55 -9.92
N ALA N 173 -52.13 25.72 -10.46
CA ALA N 173 -52.72 26.97 -10.01
C ALA N 173 -52.51 28.03 -11.08
N TYR N 174 -53.53 28.85 -11.32
CA TYR N 174 -53.48 29.93 -12.30
C TYR N 174 -54.06 31.21 -11.72
N SER N 175 -53.65 31.55 -10.49
CA SER N 175 -54.21 32.71 -9.82
C SER N 175 -53.15 33.35 -8.93
N ALA N 176 -53.41 34.60 -8.56
CA ALA N 176 -52.51 35.35 -7.69
C ALA N 176 -53.35 36.35 -6.90
N ASP N 177 -53.65 36.01 -5.65
CA ASP N 177 -54.51 36.80 -4.77
C ASP N 177 -53.67 37.34 -3.62
N GLY N 178 -53.03 38.50 -3.84
CA GLY N 178 -52.17 39.08 -2.83
C GLY N 178 -52.91 39.97 -1.84
N VAL N 179 -52.25 40.19 -0.70
CA VAL N 179 -52.77 41.07 0.35
C VAL N 179 -51.69 42.12 0.61
N LEU N 180 -51.92 43.33 0.13
CA LEU N 180 -50.96 44.43 0.30
C LEU N 180 -51.29 45.16 1.60
N ILE N 181 -50.60 44.79 2.67
CA ILE N 181 -50.81 45.40 3.99
C ILE N 181 -49.84 46.56 4.14
N GLY N 182 -50.21 47.55 4.95
CA GLY N 182 -49.34 48.69 5.16
C GLY N 182 -48.61 48.69 6.49
N VAL N 183 -47.37 48.20 6.46
CA VAL N 183 -46.43 48.12 7.60
C VAL N 183 -47.05 47.96 8.98
N MET O 1 -39.54 6.78 22.23
CA MET O 1 -40.87 7.31 22.42
C MET O 1 -41.55 7.52 21.06
N PHE O 2 -40.73 7.77 20.05
CA PHE O 2 -41.20 8.02 18.69
C PHE O 2 -41.07 6.82 17.77
N ASP O 3 -40.33 5.79 18.18
CA ASP O 3 -40.00 4.70 17.26
C ASP O 3 -41.24 3.94 16.83
N GLY O 4 -42.18 3.73 17.75
CA GLY O 4 -43.43 3.08 17.36
C GLY O 4 -44.24 3.91 16.37
N GLU O 5 -44.41 5.20 16.66
CA GLU O 5 -45.14 6.07 15.74
C GLU O 5 -44.41 6.19 14.41
N LEU O 6 -43.08 6.26 14.44
CA LEU O 6 -42.31 6.34 13.21
C LEU O 6 -42.46 5.06 12.39
N ILE O 7 -42.45 3.91 13.04
CA ILE O 7 -42.60 2.66 12.30
C ILE O 7 -44.00 2.58 11.69
N ALA O 8 -45.01 3.09 12.41
CA ALA O 8 -46.35 3.14 11.82
C ALA O 8 -46.40 4.04 10.59
N LYS O 9 -45.79 5.23 10.68
CA LYS O 9 -45.78 6.15 9.54
C LYS O 9 -44.97 5.59 8.38
N MET O 10 -43.85 4.94 8.67
CA MET O 10 -43.07 4.28 7.63
C MET O 10 -43.86 3.16 6.97
N VAL O 11 -44.63 2.40 7.74
CA VAL O 11 -45.45 1.34 7.17
C VAL O 11 -46.49 1.93 6.23
N VAL O 12 -47.12 3.03 6.64
CA VAL O 12 -48.11 3.69 5.78
C VAL O 12 -47.47 4.18 4.48
N GLU O 13 -46.31 4.83 4.60
CA GLU O 13 -45.63 5.35 3.41
C GLU O 13 -45.16 4.23 2.50
N LEU O 14 -44.65 3.14 3.07
CA LEU O 14 -44.20 2.00 2.28
C LEU O 14 -45.36 1.33 1.56
N ASN O 15 -46.51 1.21 2.22
CA ASN O 15 -47.69 0.66 1.55
C ASN O 15 -48.17 1.58 0.44
N ALA O 16 -48.05 2.90 0.63
CA ALA O 16 -48.36 3.84 -0.43
C ALA O 16 -47.41 3.66 -1.61
N ALA O 17 -46.12 3.47 -1.32
CA ALA O 17 -45.14 3.24 -2.38
C ALA O 17 -45.42 1.94 -3.12
N MET O 18 -45.90 0.92 -2.41
CA MET O 18 -46.33 -0.33 -3.06
C MET O 18 -47.55 -0.13 -3.94
N THR O 19 -48.52 0.66 -3.49
CA THR O 19 -49.67 0.93 -4.35
C THR O 19 -49.26 1.68 -5.60
N SER O 20 -48.31 2.61 -5.47
CA SER O 20 -47.77 3.28 -6.65
C SER O 20 -46.99 2.31 -7.54
N ALA O 21 -46.20 1.42 -6.93
CA ALA O 21 -45.39 0.46 -7.68
C ALA O 21 -46.23 -0.59 -8.37
N GLN O 22 -47.46 -0.81 -7.92
CA GLN O 22 -48.34 -1.71 -8.66
C GLN O 22 -48.79 -1.06 -9.97
N GLU O 23 -48.80 0.27 -10.04
CA GLU O 23 -49.24 0.96 -11.26
C GLU O 23 -48.16 0.92 -12.33
N ALA O 24 -47.03 1.58 -12.08
CA ALA O 24 -45.88 1.47 -12.97
C ALA O 24 -45.10 0.21 -12.60
N LEU O 25 -44.95 -0.71 -13.55
CA LEU O 25 -44.56 -2.11 -13.38
C LEU O 25 -45.66 -2.87 -12.62
N GLN O 26 -45.77 -4.18 -12.86
CA GLN O 26 -46.86 -4.95 -12.28
C GLN O 26 -46.32 -6.15 -11.51
N PHE O 27 -46.82 -6.33 -10.30
CA PHE O 27 -46.51 -7.48 -9.47
C PHE O 27 -47.80 -8.15 -9.03
N PRO O 28 -47.76 -9.45 -8.75
CA PRO O 28 -48.91 -10.09 -8.10
C PRO O 28 -48.94 -9.76 -6.62
N ASP O 29 -49.81 -8.82 -6.22
CA ASP O 29 -49.95 -8.30 -4.86
C ASP O 29 -48.62 -7.76 -4.31
N PHE O 30 -48.60 -7.40 -3.02
CA PHE O 30 -47.39 -6.99 -2.34
C PHE O 30 -47.61 -7.09 -0.84
N GLU O 31 -46.51 -7.04 -0.10
CA GLU O 31 -46.53 -7.06 1.36
C GLU O 31 -45.38 -6.22 1.88
N VAL O 32 -45.62 -5.53 2.99
CA VAL O 32 -44.61 -4.73 3.66
C VAL O 32 -44.49 -5.24 5.08
N VAL O 33 -43.29 -5.65 5.47
CA VAL O 33 -43.06 -6.27 6.77
C VAL O 33 -41.78 -5.78 7.42
N GLN O 34 -41.74 -5.92 8.74
CA GLN O 34 -40.54 -5.69 9.53
C GLN O 34 -39.71 -6.97 9.52
N LYS O 35 -38.40 -6.82 9.29
CA LYS O 35 -37.56 -7.99 9.04
C LYS O 35 -37.44 -8.88 10.27
N ALA O 36 -37.17 -8.30 11.44
CA ALA O 36 -36.95 -9.07 12.66
C ALA O 36 -38.30 -9.32 13.31
N GLN O 37 -38.93 -10.42 12.93
CA GLN O 37 -40.32 -10.66 13.30
C GLN O 37 -40.42 -11.22 14.71
N PRO O 38 -41.17 -10.59 15.62
CA PRO O 38 -41.16 -11.00 17.03
C PRO O 38 -41.76 -12.37 17.31
N THR O 39 -42.31 -13.03 16.30
CA THR O 39 -42.82 -14.39 16.42
C THR O 39 -42.31 -15.20 15.23
N GLN O 40 -42.40 -16.53 15.35
CA GLN O 40 -42.02 -17.39 14.25
C GLN O 40 -42.97 -17.16 13.09
N GLN O 41 -42.50 -16.52 12.02
CA GLN O 41 -43.37 -16.15 10.92
C GLN O 41 -42.62 -16.32 9.62
N GLY O 42 -43.29 -16.93 8.65
CA GLY O 42 -42.62 -17.27 7.41
C GLY O 42 -42.47 -16.10 6.46
N THR O 43 -41.53 -16.26 5.53
CA THR O 43 -41.41 -15.34 4.42
C THR O 43 -42.51 -15.61 3.41
N SER O 44 -42.90 -14.59 2.68
CA SER O 44 -44.03 -14.66 1.76
C SER O 44 -43.53 -14.72 0.32
N THR O 45 -44.13 -15.62 -0.48
CA THR O 45 -43.77 -15.77 -1.89
C THR O 45 -43.98 -14.48 -2.66
N ARG O 46 -44.99 -13.71 -2.29
CA ARG O 46 -45.36 -12.52 -3.03
C ARG O 46 -44.26 -11.46 -2.89
N PRO O 47 -44.13 -10.57 -3.87
CA PRO O 47 -43.07 -9.55 -3.83
C PRO O 47 -43.21 -8.64 -2.61
N THR O 48 -42.16 -8.62 -1.79
CA THR O 48 -42.22 -8.01 -0.48
C THR O 48 -41.18 -6.90 -0.32
N ILE O 49 -41.50 -5.96 0.55
CA ILE O 49 -40.57 -4.94 1.02
C ILE O 49 -40.42 -5.10 2.52
N PHE O 50 -39.18 -5.21 2.96
CA PHE O 50 -38.83 -5.37 4.36
C PHE O 50 -38.18 -4.10 4.86
N PHE O 51 -38.41 -3.78 6.13
CA PHE O 51 -37.70 -2.66 6.72
C PHE O 51 -37.30 -3.03 8.14
N GLN O 52 -36.26 -2.37 8.62
CA GLN O 52 -35.67 -2.68 9.91
C GLN O 52 -34.88 -1.48 10.40
N LYS O 53 -34.83 -1.31 11.72
CA LYS O 53 -34.01 -0.26 12.30
C LYS O 53 -32.57 -0.73 12.45
N LEU O 54 -31.62 0.15 12.16
CA LEU O 54 -30.21 -0.19 12.24
C LEU O 54 -29.45 0.61 13.27
N PHE O 55 -29.50 1.94 13.20
CA PHE O 55 -28.81 2.77 14.16
C PHE O 55 -29.77 3.80 14.73
N ASP O 56 -29.25 4.71 15.55
CA ASP O 56 -30.00 5.90 15.92
C ASP O 56 -28.96 6.95 16.35
N ILE O 57 -28.79 7.99 15.55
CA ILE O 57 -27.74 8.98 15.77
C ILE O 57 -28.40 10.29 16.20
N PRO O 58 -28.20 10.75 17.43
CA PRO O 58 -28.59 12.11 17.76
C PRO O 58 -27.75 13.11 16.98
N ARG O 59 -28.38 14.24 16.65
CA ARG O 59 -27.76 15.30 15.86
C ARG O 59 -27.80 16.59 16.66
N GLY O 60 -26.63 17.11 17.00
CA GLY O 60 -26.56 18.34 17.77
C GLY O 60 -26.94 18.14 19.23
N TRP O 61 -26.58 19.11 20.07
CA TRP O 61 -26.91 19.04 21.47
C TRP O 61 -28.42 19.20 21.65
N PRO O 62 -28.97 18.64 22.73
CA PRO O 62 -30.41 18.80 22.98
C PRO O 62 -30.77 20.25 23.26
N ALA O 63 -31.96 20.64 22.81
CA ALA O 63 -32.44 22.01 22.97
C ALA O 63 -33.47 22.03 24.09
N THR O 64 -33.21 22.81 25.13
CA THR O 64 -34.09 22.90 26.29
C THR O 64 -34.90 24.18 26.20
N ASP O 65 -36.23 24.05 26.18
CA ASP O 65 -37.14 25.18 26.18
C ASP O 65 -37.94 25.13 27.47
N TRP O 66 -38.04 26.26 28.15
CA TRP O 66 -38.70 26.32 29.45
C TRP O 66 -40.13 26.80 29.27
N HIS O 67 -41.08 26.05 29.83
CA HIS O 67 -42.50 26.32 29.67
C HIS O 67 -43.15 26.38 31.04
N LEU O 68 -43.78 27.51 31.35
CA LEU O 68 -44.44 27.66 32.63
C LEU O 68 -45.83 27.02 32.59
N ASP O 69 -46.16 26.23 33.60
CA ASP O 69 -47.48 25.63 33.69
C ASP O 69 -48.52 26.58 34.28
N ASN O 70 -48.08 27.60 35.02
CA ASN O 70 -48.91 28.66 35.60
C ASN O 70 -49.83 28.18 36.72
N THR O 71 -49.87 26.87 36.98
CA THR O 71 -50.72 26.32 38.03
C THR O 71 -49.92 26.08 39.32
N THR O 72 -48.90 25.25 39.25
CA THR O 72 -48.07 24.93 40.40
C THR O 72 -46.74 25.69 40.39
N ARG O 73 -46.59 26.65 39.48
CA ARG O 73 -45.37 27.48 39.36
C ARG O 73 -44.13 26.62 39.16
N LYS O 74 -44.24 25.66 38.24
CA LYS O 74 -43.15 24.75 37.91
C LYS O 74 -42.75 24.96 36.46
N TYR O 75 -41.47 25.24 36.22
CA TYR O 75 -40.95 25.31 34.87
C TYR O 75 -40.83 23.90 34.32
N VAL O 76 -41.74 23.49 33.45
CA VAL O 76 -41.56 22.25 32.72
C VAL O 76 -40.50 22.50 31.64
N GLU O 77 -39.37 21.82 31.77
CA GLU O 77 -38.32 21.89 30.76
C GLU O 77 -38.60 20.85 29.69
N ILE O 78 -38.50 21.27 28.44
CA ILE O 78 -38.72 20.41 27.29
C ILE O 78 -37.37 20.27 26.60
N THR O 79 -36.77 19.08 26.74
CA THR O 79 -35.53 18.75 26.07
C THR O 79 -35.90 18.07 24.77
N ARG O 80 -35.69 18.76 23.65
CA ARG O 80 -35.91 18.18 22.34
C ARG O 80 -34.57 17.71 21.81
N GLN O 81 -34.48 16.43 21.49
CA GLN O 81 -33.29 15.90 20.85
C GLN O 81 -33.59 15.64 19.39
N HIS O 82 -32.75 16.18 18.52
CA HIS O 82 -32.79 15.89 17.11
C HIS O 82 -32.21 14.51 16.84
N VAL O 83 -32.86 13.77 15.96
CA VAL O 83 -32.55 12.36 15.79
C VAL O 83 -32.57 11.99 14.31
N GLU O 84 -31.53 11.29 13.85
CA GLU O 84 -31.50 10.65 12.54
C GLU O 84 -31.50 9.14 12.78
N THR O 85 -32.64 8.51 12.49
CA THR O 85 -32.66 7.05 12.48
C THR O 85 -32.29 6.54 11.09
N THR O 86 -31.84 5.29 11.05
CA THR O 86 -31.45 4.65 9.81
C THR O 86 -32.27 3.39 9.63
N PHE O 87 -32.97 3.29 8.51
CA PHE O 87 -33.85 2.18 8.20
C PHE O 87 -33.24 1.37 7.06
N GLN O 88 -33.08 0.08 7.27
CA GLN O 88 -32.60 -0.81 6.21
C GLN O 88 -33.84 -1.29 5.44
N ILE O 89 -34.04 -0.74 4.26
CA ILE O 89 -35.19 -1.07 3.42
C ILE O 89 -34.70 -2.02 2.33
N SER O 90 -35.27 -3.22 2.32
CA SER O 90 -34.88 -4.26 1.39
C SER O 90 -36.12 -4.77 0.66
N SER O 91 -35.89 -5.62 -0.33
CA SER O 91 -36.99 -6.19 -1.10
C SER O 91 -36.67 -7.63 -1.45
N LEU O 92 -37.72 -8.40 -1.72
CA LEU O 92 -37.56 -9.80 -2.08
C LEU O 92 -38.65 -10.18 -3.08
N HIS O 93 -38.23 -10.67 -4.24
CA HIS O 93 -39.19 -11.07 -5.28
C HIS O 93 -38.48 -12.08 -6.17
N TRP O 94 -38.90 -13.34 -6.10
CA TRP O 94 -38.30 -14.37 -6.92
C TRP O 94 -38.57 -14.11 -8.40
N GLN O 95 -37.63 -14.51 -9.24
CA GLN O 95 -37.72 -14.31 -10.68
C GLN O 95 -38.14 -15.60 -11.36
N ASN O 96 -39.19 -15.51 -12.18
CA ASN O 96 -39.66 -16.66 -12.93
C ASN O 96 -39.14 -16.57 -14.35
N PRO O 97 -38.32 -17.51 -14.81
CA PRO O 97 -37.84 -17.47 -16.19
C PRO O 97 -38.95 -17.57 -17.23
N GLU O 98 -40.05 -18.26 -16.92
CA GLU O 98 -41.10 -18.48 -17.91
C GLU O 98 -41.83 -17.18 -18.27
N ILE O 99 -42.11 -16.34 -17.28
CA ILE O 99 -42.87 -15.12 -17.52
C ILE O 99 -42.05 -14.16 -18.37
N THR O 100 -42.73 -13.29 -19.13
CA THR O 100 -42.07 -12.32 -19.98
C THR O 100 -42.02 -10.92 -19.37
N HIS O 101 -43.03 -10.50 -18.63
CA HIS O 101 -43.02 -9.21 -17.95
C HIS O 101 -42.17 -9.33 -16.68
N VAL O 102 -40.86 -9.42 -16.89
CA VAL O 102 -39.94 -9.60 -15.78
C VAL O 102 -39.80 -8.28 -15.03
N VAL O 103 -39.80 -8.37 -13.71
CA VAL O 103 -39.52 -7.23 -12.84
C VAL O 103 -38.86 -7.76 -11.58
N THR O 104 -37.58 -7.43 -11.40
CA THR O 104 -36.80 -8.04 -10.33
C THR O 104 -36.95 -7.26 -9.04
N ALA O 105 -36.42 -7.84 -7.98
CA ALA O 105 -36.41 -7.17 -6.67
C ALA O 105 -35.64 -5.87 -6.73
N SER O 106 -34.63 -5.80 -7.59
CA SER O 106 -33.87 -4.56 -7.78
C SER O 106 -34.75 -3.43 -8.28
N ASP O 107 -35.68 -3.73 -9.21
CA ASP O 107 -36.59 -2.69 -9.70
C ASP O 107 -37.49 -2.18 -8.58
N ILE O 108 -37.99 -3.09 -7.75
CA ILE O 108 -38.88 -2.68 -6.67
C ILE O 108 -38.14 -1.80 -5.68
N ALA O 109 -36.92 -2.20 -5.30
CA ALA O 109 -36.12 -1.39 -4.38
C ALA O 109 -35.78 -0.04 -5.00
N ASN O 110 -35.45 -0.02 -6.29
CA ASN O 110 -35.10 1.23 -6.95
C ASN O 110 -36.29 2.15 -7.03
N TYR O 111 -37.48 1.60 -7.31
CA TYR O 111 -38.68 2.43 -7.36
C TYR O 111 -39.02 2.97 -5.97
N VAL O 112 -38.80 2.17 -4.93
CA VAL O 112 -39.01 2.65 -3.56
C VAL O 112 -38.08 3.82 -3.28
N ARG O 113 -36.80 3.68 -3.61
CA ARG O 113 -35.84 4.76 -3.36
C ARG O 113 -36.23 6.01 -4.13
N ALA O 114 -36.54 5.86 -5.42
CA ALA O 114 -36.82 7.02 -6.25
C ALA O 114 -38.14 7.68 -5.85
N TYR O 115 -39.11 6.90 -5.39
CA TYR O 115 -40.33 7.48 -4.83
C TYR O 115 -40.04 8.25 -3.56
N PHE O 116 -39.21 7.68 -2.69
CA PHE O 116 -38.93 8.33 -1.41
C PHE O 116 -37.94 9.46 -1.52
N GLN O 117 -37.32 9.68 -2.68
CA GLN O 117 -36.46 10.83 -2.88
C GLN O 117 -37.09 11.91 -3.75
N ALA O 118 -38.31 11.71 -4.22
CA ALA O 118 -39.00 12.73 -5.00
C ALA O 118 -39.47 13.86 -4.09
N ARG O 119 -39.62 15.05 -4.67
CA ARG O 119 -39.88 16.24 -3.87
C ARG O 119 -41.29 16.23 -3.27
N SER O 120 -42.27 15.71 -4.01
CA SER O 120 -43.64 15.68 -3.51
C SER O 120 -43.76 14.78 -2.29
N THR O 121 -43.15 13.59 -2.34
CA THR O 121 -43.18 12.71 -1.18
C THR O 121 -42.39 13.30 -0.03
N ILE O 122 -41.34 14.07 -0.33
CA ILE O 122 -40.63 14.80 0.71
C ILE O 122 -41.55 15.78 1.42
N GLU O 123 -42.33 16.54 0.66
CA GLU O 123 -43.22 17.52 1.29
C GLU O 123 -44.33 16.83 2.06
N ARG O 124 -44.83 15.69 1.56
CA ARG O 124 -45.85 14.94 2.28
C ARG O 124 -45.30 14.40 3.59
N VAL O 125 -44.09 13.84 3.54
CA VAL O 125 -43.44 13.31 4.73
C VAL O 125 -43.16 14.43 5.74
N LYS O 126 -42.82 15.62 5.25
CA LYS O 126 -42.70 16.78 6.14
C LYS O 126 -44.02 17.10 6.81
N GLU O 127 -45.12 17.05 6.07
CA GLU O 127 -46.43 17.21 6.68
C GLU O 127 -46.73 16.08 7.65
N LEU O 128 -46.02 14.97 7.56
CA LEU O 128 -46.17 13.87 8.51
C LEU O 128 -45.06 13.85 9.57
N ASP O 129 -44.47 15.01 9.87
CA ASP O 129 -43.61 15.31 11.03
C ASP O 129 -42.16 14.82 10.95
N PHE O 130 -41.66 14.41 9.80
CA PHE O 130 -40.24 14.05 9.69
C PHE O 130 -39.77 14.30 8.27
N LEU O 131 -38.55 13.87 7.95
CA LEU O 131 -37.99 14.05 6.61
C LEU O 131 -37.05 12.90 6.27
N ILE O 132 -36.61 12.90 5.02
CA ILE O 132 -35.85 11.80 4.42
C ILE O 132 -34.56 12.37 3.86
N LEU O 133 -33.44 11.71 4.14
CA LEU O 133 -32.14 12.12 3.63
C LEU O 133 -31.81 11.33 2.36
N ARG O 134 -30.60 11.53 1.84
CA ARG O 134 -30.22 10.92 0.58
C ARG O 134 -29.89 9.45 0.75
N VAL O 135 -30.15 8.68 -0.30
CA VAL O 135 -29.75 7.29 -0.39
C VAL O 135 -28.64 7.21 -1.43
N SER O 136 -27.46 6.79 -1.02
CA SER O 136 -26.27 6.86 -1.87
C SER O 136 -25.85 5.53 -2.46
N GLN O 137 -26.61 4.46 -2.22
CA GLN O 137 -26.23 3.14 -2.72
C GLN O 137 -27.41 2.20 -2.58
N ILE O 138 -27.53 1.27 -3.53
CA ILE O 138 -28.51 0.18 -3.46
C ILE O 138 -27.76 -1.09 -3.86
N SER O 139 -27.53 -1.98 -2.90
CA SER O 139 -26.68 -3.14 -3.11
C SER O 139 -27.54 -4.36 -3.37
N ASN O 140 -27.41 -4.92 -4.57
CA ASN O 140 -28.16 -6.10 -4.99
C ASN O 140 -27.23 -7.30 -4.84
N GLU O 141 -27.53 -8.17 -3.87
CA GLU O 141 -26.71 -9.33 -3.60
C GLU O 141 -27.52 -10.60 -3.80
N ALA O 142 -26.80 -11.72 -3.98
CA ALA O 142 -27.41 -12.99 -4.33
C ALA O 142 -27.25 -13.99 -3.19
N PHE O 143 -28.23 -14.89 -3.07
CA PHE O 143 -28.19 -15.92 -2.04
C PHE O 143 -29.01 -17.11 -2.52
N GLU O 144 -29.05 -18.16 -1.71
CA GLU O 144 -29.84 -19.36 -1.98
C GLU O 144 -31.06 -19.36 -1.09
N ASN O 145 -32.24 -19.31 -1.70
CA ASN O 145 -33.47 -19.38 -0.93
C ASN O 145 -33.73 -20.82 -0.51
N ASP O 146 -34.87 -21.04 0.12
CA ASP O 146 -35.17 -22.35 0.70
C ASP O 146 -35.44 -23.43 -0.35
N ASN O 147 -35.55 -23.06 -1.62
CA ASN O 147 -35.79 -24.03 -2.69
C ASN O 147 -34.52 -24.36 -3.47
N HIS O 148 -33.35 -24.00 -2.94
CA HIS O 148 -32.06 -24.20 -3.61
C HIS O 148 -32.00 -23.52 -4.97
N GLN O 149 -32.65 -22.38 -5.10
CA GLN O 149 -32.52 -21.54 -6.28
C GLN O 149 -31.70 -20.32 -5.90
N PHE O 150 -31.58 -19.38 -6.84
CA PHE O 150 -30.81 -18.17 -6.60
C PHE O 150 -31.74 -16.97 -6.57
N GLU O 151 -31.61 -16.16 -5.53
CA GLU O 151 -32.47 -15.01 -5.34
C GLU O 151 -31.63 -13.78 -5.05
N PHE O 152 -32.19 -12.62 -5.36
CA PHE O 152 -31.57 -11.34 -5.10
C PHE O 152 -32.28 -10.64 -3.97
N HIS O 153 -31.52 -10.07 -3.05
CA HIS O 153 -32.06 -9.38 -1.87
C HIS O 153 -31.47 -7.98 -1.80
N PRO O 154 -31.87 -7.08 -2.70
CA PRO O 154 -31.34 -5.72 -2.67
C PRO O 154 -31.80 -4.99 -1.42
N SER O 155 -30.95 -4.08 -0.95
CA SER O 155 -31.27 -3.33 0.27
C SER O 155 -30.50 -2.02 0.24
N PHE O 156 -31.10 -0.99 0.84
CA PHE O 156 -30.47 0.30 0.97
C PHE O 156 -30.81 0.90 2.33
N ASP O 157 -30.11 1.98 2.68
CA ASP O 157 -30.26 2.62 3.98
C ASP O 157 -30.91 3.99 3.79
N MET O 158 -32.00 4.23 4.50
CA MET O 158 -32.71 5.50 4.45
C MET O 158 -32.58 6.20 5.79
N VAL O 159 -32.11 7.44 5.76
CA VAL O 159 -31.95 8.23 6.98
C VAL O 159 -33.20 9.10 7.14
N VAL O 160 -33.85 8.96 8.29
CA VAL O 160 -35.08 9.68 8.59
C VAL O 160 -34.83 10.59 9.79
N THR O 161 -35.11 11.87 9.63
CA THR O 161 -34.77 12.89 10.62
C THR O 161 -36.03 13.41 11.29
N TYR O 162 -35.99 13.51 12.62
CA TYR O 162 -37.16 13.93 13.39
C TYR O 162 -36.69 14.39 14.77
N ASN O 163 -37.65 14.59 15.68
CA ASN O 163 -37.37 15.12 17.00
C ASN O 163 -38.04 14.24 18.04
N GLN O 164 -37.42 14.16 19.22
CA GLN O 164 -38.04 13.51 20.38
C GLN O 164 -38.04 14.45 21.57
N TYR O 165 -39.18 14.57 22.23
CA TYR O 165 -39.40 15.54 23.29
C TYR O 165 -39.42 14.84 24.64
N ILE O 166 -38.71 15.42 25.60
CA ILE O 166 -38.66 14.95 26.99
C ILE O 166 -39.16 16.07 27.88
N ARG O 167 -40.07 15.75 28.80
CA ARG O 167 -40.64 16.72 29.71
C ARG O 167 -40.16 16.41 31.13
N LEU O 168 -39.55 17.41 31.77
CA LEU O 168 -39.11 17.28 33.15
C LEU O 168 -39.50 18.54 33.90
N TYR O 169 -39.24 18.55 35.21
CA TYR O 169 -39.70 19.64 36.07
C TYR O 169 -38.51 20.38 36.68
N GLU O 170 -38.69 21.68 36.87
CA GLU O 170 -37.71 22.53 37.55
C GLU O 170 -38.47 23.60 38.33
N ASN O 171 -37.80 24.16 39.33
CA ASN O 171 -38.41 25.17 40.18
C ASN O 171 -38.26 26.55 39.56
N ALA O 172 -39.31 27.37 39.71
CA ALA O 172 -39.32 28.73 39.21
C ALA O 172 -38.99 29.71 40.32
N ALA O 173 -38.84 30.98 39.95
CA ALA O 173 -38.53 32.03 40.91
C ALA O 173 -38.96 33.37 40.34
N TYR O 174 -39.47 34.24 41.21
CA TYR O 174 -39.94 35.57 40.83
C TYR O 174 -39.41 36.61 41.81
N SER O 175 -38.13 36.53 42.16
CA SER O 175 -37.58 37.44 43.16
C SER O 175 -36.12 37.73 42.83
N ALA O 176 -35.61 38.81 43.42
CA ALA O 176 -34.21 39.21 43.23
C ALA O 176 -33.76 39.94 44.49
N ASP O 177 -33.06 39.23 45.36
CA ASP O 177 -32.61 39.74 46.65
C ASP O 177 -31.08 39.84 46.63
N GLY O 178 -30.56 40.96 46.13
CA GLY O 178 -29.13 41.13 46.01
C GLY O 178 -28.50 41.75 47.25
N VAL O 179 -27.20 41.54 47.39
CA VAL O 179 -26.40 42.12 48.46
C VAL O 179 -25.36 43.03 47.83
N LEU O 180 -25.44 44.32 48.16
CA LEU O 180 -24.53 45.32 47.60
C LEU O 180 -23.45 45.60 48.63
N ILE O 181 -22.34 44.88 48.53
CA ILE O 181 -21.23 45.03 49.44
C ILE O 181 -20.28 46.08 48.87
N GLY O 182 -19.61 46.82 49.76
CA GLY O 182 -18.65 47.80 49.32
C GLY O 182 -17.21 47.33 49.50
N VAL O 183 -16.60 46.92 48.39
CA VAL O 183 -15.22 46.39 48.27
C VAL O 183 -14.67 45.69 49.51
N MET P 1 -11.10 2.17 43.36
CA MET P 1 -11.64 2.57 44.65
C MET P 1 -12.94 3.36 44.52
N PHE P 2 -13.23 3.82 43.31
CA PHE P 2 -14.42 4.62 43.08
C PHE P 2 -15.53 3.91 42.32
N ASP P 3 -15.23 2.81 41.61
CA ASP P 3 -16.23 2.29 40.68
C ASP P 3 -17.44 1.72 41.41
N GLY P 4 -17.26 1.23 42.64
CA GLY P 4 -18.39 0.71 43.38
C GLY P 4 -19.39 1.78 43.75
N GLU P 5 -18.89 2.91 44.25
CA GLU P 5 -19.78 4.03 44.56
C GLU P 5 -20.44 4.55 43.29
N LEU P 6 -19.69 4.57 42.18
CA LEU P 6 -20.30 4.92 40.91
C LEU P 6 -21.39 3.94 40.50
N ILE P 7 -21.17 2.65 40.72
CA ILE P 7 -22.15 1.66 40.28
C ILE P 7 -23.43 1.85 41.08
N ALA P 8 -23.29 2.16 42.38
CA ALA P 8 -24.47 2.45 43.20
C ALA P 8 -25.19 3.71 42.71
N LYS P 9 -24.44 4.78 42.43
CA LYS P 9 -25.07 6.02 41.95
C LYS P 9 -25.72 5.83 40.59
N MET P 10 -25.07 5.09 39.69
CA MET P 10 -25.67 4.77 38.40
C MET P 10 -26.92 3.93 38.57
N VAL P 11 -26.92 3.01 39.53
CA VAL P 11 -28.12 2.20 39.78
C VAL P 11 -29.26 3.11 40.22
N VAL P 12 -28.98 4.05 41.11
CA VAL P 12 -30.02 4.97 41.58
C VAL P 12 -30.55 5.83 40.44
N GLU P 13 -29.64 6.40 39.64
CA GLU P 13 -30.07 7.25 38.53
C GLU P 13 -30.82 6.46 37.47
N LEU P 14 -30.38 5.25 37.16
CA LEU P 14 -31.04 4.42 36.17
C LEU P 14 -32.42 3.98 36.63
N ASN P 15 -32.56 3.65 37.92
CA ASN P 15 -33.88 3.36 38.46
C ASN P 15 -34.78 4.58 38.41
N ALA P 16 -34.21 5.77 38.64
CA ALA P 16 -34.99 7.00 38.50
C ALA P 16 -35.44 7.20 37.05
N ALA P 17 -34.56 6.92 36.10
CA ALA P 17 -34.92 7.04 34.69
C ALA P 17 -36.01 6.04 34.31
N MET P 18 -35.95 4.83 34.86
CA MET P 18 -37.02 3.86 34.65
C MET P 18 -38.35 4.30 35.26
N THR P 19 -38.31 4.89 36.46
CA THR P 19 -39.54 5.40 37.05
C THR P 19 -40.14 6.52 36.20
N SER P 20 -39.28 7.39 35.66
CA SER P 20 -39.76 8.45 34.78
C SER P 20 -40.29 7.90 33.47
N ALA P 21 -39.62 6.90 32.90
CA ALA P 21 -40.06 6.30 31.65
C ALA P 21 -41.31 5.46 31.83
N GLN P 22 -41.62 5.04 33.05
CA GLN P 22 -42.91 4.41 33.30
C GLN P 22 -44.05 5.41 33.18
N GLU P 23 -43.78 6.69 33.40
CA GLU P 23 -44.82 7.71 33.30
C GLU P 23 -45.19 7.98 31.86
N ALA P 24 -44.25 8.52 31.07
CA ALA P 24 -44.43 8.69 29.64
C ALA P 24 -44.01 7.42 28.94
N LEU P 25 -44.94 6.80 28.20
CA LEU P 25 -44.94 5.40 27.77
C LEU P 25 -45.08 4.46 28.96
N GLN P 26 -45.68 3.29 28.76
CA GLN P 26 -45.99 2.41 29.88
C GLN P 26 -45.38 1.03 29.66
N PHE P 27 -44.84 0.47 30.73
CA PHE P 27 -44.29 -0.88 30.73
C PHE P 27 -44.86 -1.66 31.90
N PRO P 28 -44.95 -2.98 31.78
CA PRO P 28 -45.22 -3.80 32.96
C PRO P 28 -43.97 -3.95 33.80
N ASP P 29 -43.86 -3.17 34.89
CA ASP P 29 -42.70 -3.11 35.77
C ASP P 29 -41.42 -2.78 35.00
N PHE P 30 -40.27 -2.87 35.68
CA PHE P 30 -38.97 -2.74 35.04
C PHE P 30 -37.91 -3.28 35.99
N GLU P 31 -36.71 -3.48 35.44
CA GLU P 31 -35.55 -3.86 36.23
C GLU P 31 -34.31 -3.21 35.62
N VAL P 32 -33.35 -2.88 36.49
CA VAL P 32 -32.06 -2.37 36.09
C VAL P 32 -31.02 -3.30 36.68
N VAL P 33 -30.22 -3.93 35.82
CA VAL P 33 -29.27 -4.94 36.26
C VAL P 33 -27.92 -4.76 35.56
N GLN P 34 -26.90 -5.33 36.17
CA GLN P 34 -25.55 -5.37 35.62
C GLN P 34 -25.45 -6.56 34.68
N LYS P 35 -24.85 -6.34 33.51
CA LYS P 35 -24.88 -7.36 32.45
C LYS P 35 -24.10 -8.61 32.84
N ALA P 36 -22.90 -8.44 33.38
CA ALA P 36 -22.06 -9.58 33.75
C ALA P 36 -22.37 -9.96 35.20
N GLN P 37 -23.44 -10.74 35.35
CA GLN P 37 -23.90 -11.15 36.68
C GLN P 37 -22.94 -12.17 37.27
N PRO P 38 -22.40 -11.94 38.47
CA PRO P 38 -21.39 -12.86 39.03
C PRO P 38 -21.93 -14.23 39.43
N THR P 39 -23.22 -14.49 39.31
CA THR P 39 -23.79 -15.79 39.61
C THR P 39 -24.75 -16.20 38.51
N GLN P 40 -24.96 -17.51 38.37
CA GLN P 40 -25.85 -18.04 37.33
C GLN P 40 -27.27 -17.55 37.59
N GLN P 41 -27.75 -16.65 36.74
CA GLN P 41 -28.99 -15.90 37.02
C GLN P 41 -29.58 -15.44 35.69
N GLY P 42 -30.87 -15.64 35.51
CA GLY P 42 -31.47 -15.48 34.21
C GLY P 42 -31.77 -14.05 33.82
N THR P 43 -31.98 -13.88 32.52
CA THR P 43 -32.60 -12.68 32.02
C THR P 43 -34.08 -12.67 32.41
N SER P 44 -34.62 -11.47 32.56
CA SER P 44 -35.97 -11.30 33.05
C SER P 44 -36.91 -10.89 31.92
N THR P 45 -38.11 -11.49 31.89
CA THR P 45 -39.11 -11.18 30.87
C THR P 45 -39.49 -9.71 30.86
N ARG P 46 -39.53 -9.09 32.03
CA ARG P 46 -39.98 -7.72 32.15
C ARG P 46 -39.00 -6.79 31.44
N PRO P 47 -39.48 -5.64 30.95
CA PRO P 47 -38.60 -4.70 30.24
C PRO P 47 -37.47 -4.22 31.13
N THR P 48 -36.24 -4.48 30.69
CA THR P 48 -35.07 -4.30 31.51
C THR P 48 -34.08 -3.35 30.87
N ILE P 49 -33.25 -2.76 31.72
CA ILE P 49 -32.09 -1.98 31.33
C ILE P 49 -30.88 -2.64 31.95
N PHE P 50 -29.91 -2.99 31.13
CA PHE P 50 -28.66 -3.58 31.56
C PHE P 50 -27.56 -2.54 31.43
N PHE P 51 -26.55 -2.65 32.29
CA PHE P 51 -25.40 -1.76 32.15
C PHE P 51 -24.13 -2.49 32.54
N GLN P 52 -23.01 -2.03 31.99
CA GLN P 52 -21.74 -2.71 32.18
C GLN P 52 -20.62 -1.71 31.98
N LYS P 53 -19.47 -1.99 32.57
CA LYS P 53 -18.27 -1.17 32.37
C LYS P 53 -17.48 -1.68 31.17
N LEU P 54 -16.96 -0.75 30.37
CA LEU P 54 -16.21 -1.12 29.18
C LEU P 54 -14.75 -0.69 29.25
N PHE P 55 -14.47 0.61 29.40
CA PHE P 55 -13.10 1.07 29.51
C PHE P 55 -12.92 1.90 30.77
N ASP P 56 -11.75 2.51 30.89
CA ASP P 56 -11.49 3.53 31.91
C ASP P 56 -10.32 4.36 31.39
N ILE P 57 -10.59 5.58 30.94
CA ILE P 57 -9.57 6.40 30.29
C ILE P 57 -9.18 7.51 31.26
N PRO P 58 -7.98 7.51 31.83
CA PRO P 58 -7.50 8.69 32.54
C PRO P 58 -7.40 9.88 31.60
N ARG P 59 -7.71 11.06 32.13
CA ARG P 59 -7.71 12.31 31.38
C ARG P 59 -6.73 13.27 32.04
N GLY P 60 -5.68 13.63 31.30
CA GLY P 60 -4.68 14.54 31.83
C GLY P 60 -3.76 13.87 32.82
N TRP P 61 -2.66 14.55 33.16
CA TRP P 61 -1.74 14.02 34.13
C TRP P 61 -2.36 14.11 35.53
N PRO P 62 -1.93 13.26 36.46
CA PRO P 62 -2.43 13.36 37.83
C PRO P 62 -2.03 14.68 38.46
N ALA P 63 -2.95 15.26 39.25
CA ALA P 63 -2.72 16.52 39.91
C ALA P 63 -2.46 16.26 41.39
N THR P 64 -1.31 16.69 41.88
CA THR P 64 -0.90 16.43 43.25
C THR P 64 -0.98 17.70 44.09
N ASP P 65 -1.69 17.59 45.21
CA ASP P 65 -1.83 18.67 46.17
C ASP P 65 -1.20 18.20 47.48
N TRP P 66 -0.40 19.05 48.10
CA TRP P 66 0.31 18.71 49.31
C TRP P 66 -0.46 19.23 50.52
N HIS P 67 -0.80 18.34 51.44
CA HIS P 67 -1.62 18.66 52.60
C HIS P 67 -0.86 18.26 53.86
N LEU P 68 -0.66 19.21 54.76
CA LEU P 68 0.06 18.94 56.00
C LEU P 68 -0.90 18.37 57.05
N ASP P 69 -0.52 17.25 57.65
CA ASP P 69 -1.31 16.69 58.74
C ASP P 69 -1.14 17.44 60.05
N ASN P 70 -0.06 18.22 60.18
CA ASN P 70 0.23 19.11 61.30
C ASN P 70 0.53 18.38 62.61
N THR P 71 0.44 17.04 62.62
CA THR P 71 0.70 16.25 63.81
C THR P 71 2.06 15.59 63.77
N THR P 72 2.31 14.76 62.77
CA THR P 72 3.58 14.07 62.59
C THR P 72 4.48 14.76 61.58
N ARG P 73 4.11 15.96 61.13
CA ARG P 73 4.87 16.76 60.17
C ARG P 73 5.14 15.98 58.88
N LYS P 74 4.10 15.33 58.37
CA LYS P 74 4.17 14.55 57.14
C LYS P 74 3.31 15.22 56.09
N TYR P 75 3.91 15.54 54.94
CA TYR P 75 3.15 16.06 53.82
C TYR P 75 2.42 14.89 53.19
N VAL P 76 1.11 14.79 53.45
CA VAL P 76 0.30 13.82 52.72
C VAL P 76 0.08 14.38 51.32
N GLU P 77 0.54 13.65 50.32
CA GLU P 77 0.30 14.03 48.94
C GLU P 77 -1.02 13.41 48.50
N ILE P 78 -1.85 14.22 47.86
CA ILE P 78 -3.13 13.80 47.33
C ILE P 78 -3.01 13.86 45.82
N THR P 79 -2.95 12.69 45.20
CA THR P 79 -2.89 12.56 43.75
C THR P 79 -4.31 12.35 43.27
N ARG P 80 -4.89 13.37 42.67
CA ARG P 80 -6.20 13.25 42.06
C ARG P 80 -6.01 12.90 40.60
N GLN P 81 -6.60 11.79 40.17
CA GLN P 81 -6.62 11.45 38.76
C GLN P 81 -8.02 11.63 38.22
N HIS P 82 -8.12 12.34 37.10
CA HIS P 82 -9.37 12.46 36.39
C HIS P 82 -9.61 11.24 35.51
N VAL P 83 -10.83 10.73 35.52
CA VAL P 83 -11.13 9.48 34.82
C VAL P 83 -12.45 9.63 34.08
N GLU P 84 -12.46 9.20 32.82
CA GLU P 84 -13.68 9.03 32.03
C GLU P 84 -13.92 7.53 31.90
N THR P 85 -14.88 7.02 32.66
CA THR P 85 -15.30 5.65 32.43
C THR P 85 -16.35 5.61 31.34
N THR P 86 -16.48 4.43 30.72
CA THR P 86 -17.45 4.22 29.65
C THR P 86 -18.39 3.10 30.05
N PHE P 87 -19.68 3.40 30.09
CA PHE P 87 -20.71 2.45 30.46
C PHE P 87 -21.49 2.05 29.22
N GLN P 88 -21.55 0.75 28.95
CA GLN P 88 -22.44 0.22 27.93
C GLN P 88 -23.80 0.01 28.58
N ILE P 89 -24.78 0.77 28.13
CA ILE P 89 -26.14 0.73 28.65
C ILE P 89 -27.03 0.17 27.55
N SER P 90 -27.65 -0.96 27.81
CA SER P 90 -28.54 -1.62 26.86
C SER P 90 -29.91 -1.80 27.46
N SER P 91 -30.86 -2.23 26.62
CA SER P 91 -32.21 -2.50 27.07
C SER P 91 -32.72 -3.77 26.38
N LEU P 92 -33.69 -4.40 27.02
CA LEU P 92 -34.28 -5.63 26.50
C LEU P 92 -35.75 -5.66 26.85
N HIS P 93 -36.60 -5.75 25.83
CA HIS P 93 -38.04 -5.78 26.03
C HIS P 93 -38.65 -6.46 24.82
N TRP P 94 -39.14 -7.68 25.00
CA TRP P 94 -39.74 -8.41 23.90
C TRP P 94 -41.00 -7.70 23.42
N GLN P 95 -41.25 -7.78 22.11
CA GLN P 95 -42.38 -7.10 21.51
C GLN P 95 -43.52 -8.08 21.28
N ASN P 96 -44.69 -7.76 21.83
CA ASN P 96 -45.87 -8.60 21.70
C ASN P 96 -46.69 -8.09 20.53
N PRO P 97 -46.87 -8.89 19.47
CA PRO P 97 -47.67 -8.42 18.33
C PRO P 97 -49.13 -8.14 18.66
N GLU P 98 -49.71 -8.86 19.63
CA GLU P 98 -51.14 -8.70 19.93
C GLU P 98 -51.44 -7.34 20.57
N ILE P 99 -50.57 -6.88 21.48
CA ILE P 99 -50.84 -5.63 22.19
C ILE P 99 -50.79 -4.46 21.22
N THR P 100 -51.54 -3.40 21.54
CA THR P 100 -51.58 -2.20 20.70
C THR P 100 -50.69 -1.08 21.21
N HIS P 101 -50.51 -0.95 22.52
CA HIS P 101 -49.58 0.05 23.07
C HIS P 101 -48.15 -0.49 22.96
N VAL P 102 -47.68 -0.57 21.73
CA VAL P 102 -46.37 -1.14 21.47
C VAL P 102 -45.29 -0.12 21.84
N VAL P 103 -44.27 -0.59 22.55
CA VAL P 103 -43.13 0.25 22.88
C VAL P 103 -41.87 -0.61 22.82
N THR P 104 -41.11 -0.47 21.73
CA THR P 104 -39.94 -1.31 21.53
C THR P 104 -38.83 -0.96 22.50
N ALA P 105 -37.84 -1.86 22.57
CA ALA P 105 -36.68 -1.61 23.41
C ALA P 105 -35.91 -0.37 22.97
N SER P 106 -36.01 -0.02 21.69
CA SER P 106 -35.40 1.19 21.18
C SER P 106 -35.95 2.43 21.86
N ASP P 107 -37.27 2.48 22.08
CA ASP P 107 -37.85 3.62 22.80
C ASP P 107 -37.33 3.71 24.22
N ILE P 108 -37.19 2.57 24.91
CA ILE P 108 -36.69 2.58 26.28
C ILE P 108 -35.26 3.10 26.32
N ALA P 109 -34.41 2.59 25.43
CA ALA P 109 -33.02 3.05 25.39
C ALA P 109 -32.94 4.52 25.01
N ASN P 110 -33.79 4.96 24.09
CA ASN P 110 -33.77 6.36 23.66
C ASN P 110 -34.23 7.28 24.78
N TYR P 111 -35.24 6.87 25.54
CA TYR P 111 -35.66 7.71 26.66
C TYR P 111 -34.58 7.75 27.74
N VAL P 112 -33.89 6.63 27.96
CA VAL P 112 -32.79 6.65 28.91
C VAL P 112 -31.71 7.63 28.47
N ARG P 113 -31.34 7.59 27.19
CA ARG P 113 -30.32 8.50 26.68
C ARG P 113 -30.78 9.95 26.81
N ALA P 114 -31.99 10.25 26.35
CA ALA P 114 -32.47 11.63 26.34
C ALA P 114 -32.66 12.16 27.75
N TYR P 115 -33.09 11.31 28.68
CA TYR P 115 -33.16 11.70 30.08
C TYR P 115 -31.77 12.00 30.63
N PHE P 116 -30.80 11.15 30.33
CA PHE P 116 -29.47 11.35 30.88
C PHE P 116 -28.68 12.44 30.18
N GLN P 117 -29.19 12.98 29.07
CA GLN P 117 -28.55 14.13 28.44
C GLN P 117 -29.27 15.45 28.74
N ALA P 118 -30.40 15.40 29.42
CA ALA P 118 -31.11 16.62 29.77
C ALA P 118 -30.39 17.37 30.89
N ARG P 119 -30.59 18.68 30.92
CA ARG P 119 -29.76 19.55 31.74
C ARG P 119 -30.11 19.48 33.23
N SER P 120 -31.39 19.25 33.55
CA SER P 120 -31.73 19.04 34.96
C SER P 120 -31.05 17.80 35.52
N THR P 121 -31.05 16.71 34.76
CA THR P 121 -30.37 15.50 35.19
C THR P 121 -28.86 15.70 35.22
N ILE P 122 -28.33 16.51 34.30
CA ILE P 122 -26.91 16.84 34.32
C ILE P 122 -26.56 17.56 35.62
N GLU P 123 -27.37 18.53 36.02
CA GLU P 123 -27.06 19.27 37.25
C GLU P 123 -27.23 18.39 38.48
N ARG P 124 -28.23 17.49 38.49
CA ARG P 124 -28.38 16.56 39.60
C ARG P 124 -27.18 15.62 39.70
N VAL P 125 -26.75 15.09 38.56
CA VAL P 125 -25.61 14.19 38.51
C VAL P 125 -24.35 14.91 38.96
N LYS P 126 -24.21 16.19 38.60
CA LYS P 126 -23.10 17.00 39.09
C LYS P 126 -23.15 17.13 40.60
N GLU P 127 -24.36 17.32 41.15
CA GLU P 127 -24.50 17.31 42.60
C GLU P 127 -24.18 15.95 43.20
N LEU P 128 -24.18 14.90 42.39
CA LEU P 128 -23.79 13.57 42.85
C LEU P 128 -22.36 13.19 42.45
N ASP P 129 -21.50 14.20 42.25
CA ASP P 129 -20.02 14.13 42.14
C ASP P 129 -19.47 13.67 40.80
N PHE P 130 -20.28 13.54 39.75
CA PHE P 130 -19.75 13.18 38.43
C PHE P 130 -20.56 13.88 37.36
N LEU P 131 -20.29 13.56 36.09
CA LEU P 131 -21.05 14.13 34.99
C LEU P 131 -21.11 13.16 33.82
N ILE P 132 -21.81 13.58 32.78
CA ILE P 132 -22.18 12.74 31.65
C ILE P 132 -21.76 13.43 30.36
N LEU P 133 -21.08 12.71 29.48
CA LEU P 133 -20.72 13.24 28.17
C LEU P 133 -21.78 12.89 27.14
N ARG P 134 -21.56 13.31 25.89
CA ARG P 134 -22.53 13.08 24.84
C ARG P 134 -22.60 11.62 24.43
N VAL P 135 -23.78 11.20 24.01
CA VAL P 135 -24.00 9.90 23.41
C VAL P 135 -24.28 10.13 21.94
N SER P 136 -23.43 9.58 21.07
CA SER P 136 -23.47 9.91 19.66
C SER P 136 -24.11 8.83 18.79
N GLN P 137 -24.57 7.74 19.37
CA GLN P 137 -25.13 6.65 18.59
C GLN P 137 -25.89 5.70 19.50
N ILE P 138 -27.01 5.18 19.00
CA ILE P 138 -27.76 4.12 19.66
C ILE P 138 -28.00 3.03 18.64
N SER P 139 -27.45 1.84 18.88
CA SER P 139 -27.40 0.78 17.89
C SER P 139 -28.44 -0.28 18.24
N ASN P 140 -29.49 -0.37 17.43
CA ASN P 140 -30.55 -1.36 17.59
C ASN P 140 -30.21 -2.54 16.69
N GLU P 141 -29.84 -3.66 17.30
CA GLU P 141 -29.48 -4.86 16.56
C GLU P 141 -30.45 -5.99 16.91
N ALA P 142 -30.47 -7.02 16.07
CA ALA P 142 -31.44 -8.10 16.19
C ALA P 142 -30.73 -9.42 16.48
N PHE P 143 -31.41 -10.29 17.23
CA PHE P 143 -30.88 -11.59 17.58
C PHE P 143 -32.04 -12.54 17.86
N GLU P 144 -31.72 -13.79 18.16
CA GLU P 144 -32.71 -14.79 18.52
C GLU P 144 -32.65 -15.05 20.02
N ASN P 145 -33.77 -14.85 20.71
CA ASN P 145 -33.82 -15.14 22.12
C ASN P 145 -34.05 -16.62 22.34
N ASP P 146 -34.24 -17.02 23.60
CA ASP P 146 -34.30 -18.43 23.94
C ASP P 146 -35.60 -19.10 23.51
N ASN P 147 -36.57 -18.36 22.98
CA ASN P 147 -37.80 -18.96 22.45
C ASN P 147 -37.81 -19.03 20.92
N HIS P 148 -36.65 -18.86 20.28
CA HIS P 148 -36.53 -18.81 18.82
C HIS P 148 -37.42 -17.75 18.19
N GLN P 149 -37.55 -16.62 18.86
CA GLN P 149 -38.18 -15.46 18.28
C GLN P 149 -37.09 -14.44 17.97
N PHE P 150 -37.49 -13.26 17.50
CA PHE P 150 -36.54 -12.23 17.15
C PHE P 150 -36.67 -11.08 18.14
N GLU P 151 -35.55 -10.64 18.69
CA GLU P 151 -35.53 -9.61 19.69
C GLU P 151 -34.50 -8.55 19.34
N PHE P 152 -34.73 -7.34 19.80
CA PHE P 152 -33.82 -6.22 19.61
C PHE P 152 -33.11 -5.93 20.92
N HIS P 153 -31.81 -5.64 20.82
CA HIS P 153 -30.99 -5.35 21.99
C HIS P 153 -30.24 -4.04 21.78
N PRO P 154 -30.95 -2.90 21.80
CA PRO P 154 -30.29 -1.62 21.60
C PRO P 154 -29.33 -1.32 22.74
N SER P 155 -28.25 -0.61 22.42
CA SER P 155 -27.26 -0.27 23.43
C SER P 155 -26.51 0.99 23.00
N PHE P 156 -25.98 1.70 23.98
CA PHE P 156 -25.17 2.88 23.70
C PHE P 156 -24.14 3.06 24.80
N ASP P 157 -23.06 3.77 24.47
CA ASP P 157 -21.97 4.01 25.40
C ASP P 157 -22.10 5.42 25.97
N MET P 158 -22.05 5.51 27.29
CA MET P 158 -22.12 6.78 27.99
C MET P 158 -20.82 7.02 28.74
N VAL P 159 -20.24 8.19 28.57
CA VAL P 159 -18.97 8.54 29.22
C VAL P 159 -19.29 9.30 30.49
N VAL P 160 -18.76 8.81 31.61
CA VAL P 160 -18.97 9.41 32.92
C VAL P 160 -17.62 9.88 33.44
N THR P 161 -17.51 11.16 33.75
CA THR P 161 -16.25 11.77 34.16
C THR P 161 -16.27 12.02 35.66
N TYR P 162 -15.17 11.69 36.34
CA TYR P 162 -15.11 11.91 37.77
C TYR P 162 -13.65 12.05 38.18
N ASN P 163 -13.41 12.12 39.48
CA ASN P 163 -12.09 12.20 40.06
C ASN P 163 -11.91 11.05 41.04
N GLN P 164 -10.66 10.58 41.17
CA GLN P 164 -10.34 9.63 42.23
C GLN P 164 -9.04 10.02 42.91
N TYR P 165 -9.06 9.99 44.24
CA TYR P 165 -8.00 10.57 45.07
C TYR P 165 -7.16 9.48 45.70
N ILE P 166 -5.84 9.66 45.65
CA ILE P 166 -4.86 8.73 46.20
C ILE P 166 -4.08 9.47 47.27
N ARG P 167 -3.94 8.87 48.45
CA ARG P 167 -3.26 9.49 49.57
C ARG P 167 -1.95 8.76 49.83
N LEU P 168 -0.84 9.49 49.83
CA LEU P 168 0.46 8.92 50.14
C LEU P 168 1.21 9.88 51.05
N TYR P 169 2.39 9.48 51.50
CA TYR P 169 3.15 10.25 52.49
C TYR P 169 4.47 10.73 51.90
N GLU P 170 4.91 11.90 52.39
CA GLU P 170 6.21 12.45 52.03
C GLU P 170 6.72 13.25 53.22
N ASN P 171 8.03 13.45 53.26
CA ASN P 171 8.66 14.16 54.36
C ASN P 171 8.56 15.66 54.16
N ALA P 172 8.49 16.40 55.26
CA ALA P 172 8.41 17.85 55.24
C ALA P 172 9.75 18.46 55.58
N ALA P 173 9.83 19.78 55.49
CA ALA P 173 11.06 20.50 55.79
C ALA P 173 10.73 21.94 56.15
N TYR P 174 11.42 22.48 57.14
CA TYR P 174 11.25 23.86 57.58
C TYR P 174 12.61 24.53 57.77
N SER P 175 13.53 24.35 56.84
CA SER P 175 14.88 24.88 57.00
C SER P 175 15.47 25.23 55.64
N ALA P 176 16.53 26.03 55.68
CA ALA P 176 17.25 26.43 54.47
C ALA P 176 18.70 26.72 54.86
N ASP P 177 19.58 25.77 54.57
CA ASP P 177 21.00 25.85 54.95
C ASP P 177 21.83 25.95 53.67
N GLY P 178 22.02 27.17 53.18
CA GLY P 178 22.79 27.38 51.97
C GLY P 178 24.28 27.51 52.21
N VAL P 179 25.05 27.22 51.15
CA VAL P 179 26.49 27.35 51.18
C VAL P 179 26.86 28.36 50.10
N LEU P 180 27.18 29.58 50.52
CA LEU P 180 27.49 30.66 49.59
C LEU P 180 28.98 30.62 49.27
N ILE P 181 29.31 29.92 48.19
CA ILE P 181 30.70 29.78 47.75
C ILE P 181 31.04 30.94 46.83
N GLY P 182 32.30 31.35 46.83
CA GLY P 182 32.74 32.42 45.96
C GLY P 182 33.48 31.94 44.74
N VAL P 183 32.78 31.93 43.60
CA VAL P 183 33.24 31.48 42.27
C VAL P 183 34.38 30.46 42.25
N MET Q 1 19.23 -8.90 29.46
CA MET Q 1 20.11 -8.97 30.61
C MET Q 1 19.50 -8.23 31.81
N PHE Q 2 18.41 -7.50 31.56
CA PHE Q 2 17.76 -6.73 32.61
C PHE Q 2 16.38 -7.21 33.03
N ASP Q 3 15.70 -8.01 32.20
CA ASP Q 3 14.30 -8.31 32.50
C ASP Q 3 14.16 -9.13 33.78
N GLY Q 4 15.20 -9.89 34.15
CA GLY Q 4 15.18 -10.57 35.43
C GLY Q 4 15.22 -9.59 36.59
N GLU Q 5 16.17 -8.66 36.57
CA GLU Q 5 16.26 -7.66 37.63
C GLU Q 5 15.06 -6.73 37.60
N LEU Q 6 14.61 -6.36 36.39
CA LEU Q 6 13.40 -5.54 36.28
C LEU Q 6 12.17 -6.25 36.82
N ILE Q 7 12.04 -7.54 36.54
CA ILE Q 7 10.88 -8.28 37.03
C ILE Q 7 10.93 -8.38 38.55
N ALA Q 8 12.13 -8.55 39.12
CA ALA Q 8 12.26 -8.56 40.57
C ALA Q 8 11.84 -7.21 41.18
N LYS Q 9 12.34 -6.11 40.61
CA LYS Q 9 12.00 -4.79 41.14
C LYS Q 9 10.52 -4.48 40.94
N MET Q 10 9.96 -4.88 39.80
CA MET Q 10 8.54 -4.67 39.54
C MET Q 10 7.69 -5.50 40.49
N VAL Q 11 8.15 -6.70 40.84
CA VAL Q 11 7.42 -7.53 41.79
C VAL Q 11 7.44 -6.87 43.17
N VAL Q 12 8.58 -6.29 43.56
CA VAL Q 12 8.67 -5.59 44.84
C VAL Q 12 7.71 -4.41 44.86
N GLU Q 13 7.70 -3.62 43.77
CA GLU Q 13 6.82 -2.46 43.69
C GLU Q 13 5.35 -2.86 43.67
N LEU Q 14 5.03 -3.94 42.95
CA LEU Q 14 3.65 -4.42 42.88
C LEU Q 14 3.17 -4.92 44.25
N ASN Q 15 4.05 -5.61 44.98
CA ASN Q 15 3.69 -6.05 46.32
C ASN Q 15 3.50 -4.86 47.25
N ALA Q 16 4.32 -3.81 47.06
CA ALA Q 16 4.12 -2.58 47.83
C ALA Q 16 2.77 -1.95 47.51
N ALA Q 17 2.41 -1.91 46.23
CA ALA Q 17 1.12 -1.35 45.83
C ALA Q 17 -0.03 -2.18 46.39
N MET Q 18 0.13 -3.50 46.47
CA MET Q 18 -0.88 -4.34 47.10
C MET Q 18 -0.98 -4.10 48.60
N THR Q 19 0.16 -3.90 49.28
CA THR Q 19 0.10 -3.58 50.70
C THR Q 19 -0.62 -2.26 50.93
N SER Q 20 -0.37 -1.27 50.06
CA SER Q 20 -1.10 -0.01 50.16
C SER Q 20 -2.58 -0.19 49.85
N ALA Q 21 -2.90 -1.01 48.84
CA ALA Q 21 -4.29 -1.26 48.48
C ALA Q 21 -5.04 -2.03 49.57
N GLN Q 22 -4.32 -2.75 50.41
CA GLN Q 22 -4.97 -3.36 51.56
C GLN Q 22 -5.43 -2.31 52.57
N GLU Q 23 -4.80 -1.14 52.58
CA GLU Q 23 -5.18 -0.09 53.52
C GLU Q 23 -6.43 0.65 53.05
N ALA Q 24 -6.31 1.39 51.95
CA ALA Q 24 -7.48 2.00 51.32
C ALA Q 24 -8.18 0.93 50.50
N LEU Q 25 -9.44 0.64 50.85
CA LEU Q 25 -10.20 -0.57 50.49
C LEU Q 25 -9.60 -1.81 51.15
N GLN Q 26 -10.40 -2.86 51.30
CA GLN Q 26 -9.93 -4.05 52.00
C GLN Q 26 -10.18 -5.29 51.15
N PHE Q 27 -9.18 -6.16 51.10
CA PHE Q 27 -9.28 -7.45 50.42
C PHE Q 27 -8.88 -8.55 51.39
N PRO Q 28 -9.38 -9.76 51.19
CA PRO Q 28 -8.79 -10.90 51.90
C PRO Q 28 -7.48 -11.32 51.24
N ASP Q 29 -6.36 -10.93 51.85
CA ASP Q 29 -5.00 -11.15 51.34
C ASP Q 29 -4.83 -10.60 49.93
N PHE Q 30 -3.70 -10.91 49.29
CA PHE Q 30 -3.47 -10.57 47.89
C PHE Q 30 -2.30 -11.42 47.39
N GLU Q 31 -2.13 -11.43 46.07
CA GLU Q 31 -1.00 -12.08 45.44
C GLU Q 31 -0.56 -11.29 44.22
N VAL Q 32 0.71 -11.37 43.89
CA VAL Q 32 1.29 -10.76 42.71
C VAL Q 32 2.02 -11.85 41.95
N VAL Q 33 1.60 -12.10 40.70
CA VAL Q 33 2.09 -13.24 39.93
C VAL Q 33 2.38 -12.86 38.49
N GLN Q 34 3.23 -13.65 37.86
CA GLN Q 34 3.50 -13.55 36.44
C GLN Q 34 2.52 -14.45 35.69
N LYS Q 35 1.92 -13.90 34.64
CA LYS Q 35 0.77 -14.58 34.01
C LYS Q 35 1.16 -15.90 33.37
N ALA Q 36 2.27 -15.94 32.65
CA ALA Q 36 2.69 -17.16 31.96
C ALA Q 36 3.59 -17.96 32.90
N GLN Q 37 2.97 -18.80 33.72
CA GLN Q 37 3.72 -19.60 34.69
C GLN Q 37 4.45 -20.74 33.98
N PRO Q 38 5.76 -20.86 34.14
CA PRO Q 38 6.51 -21.89 33.42
C PRO Q 38 6.20 -23.31 33.84
N THR Q 39 5.37 -23.53 34.86
CA THR Q 39 4.89 -24.86 35.18
C THR Q 39 3.41 -24.78 35.54
N GLN Q 40 2.70 -25.90 35.34
CA GLN Q 40 1.26 -25.99 35.54
C GLN Q 40 0.86 -25.66 36.97
N GLN Q 41 0.27 -24.48 37.18
CA GLN Q 41 -0.08 -24.04 38.54
C GLN Q 41 -1.28 -23.10 38.45
N GLY Q 42 -2.18 -23.21 39.41
CA GLY Q 42 -3.52 -22.71 39.24
C GLY Q 42 -3.69 -21.23 39.48
N THR Q 43 -4.85 -20.74 39.04
CA THR Q 43 -5.30 -19.41 39.40
C THR Q 43 -5.77 -19.41 40.84
N SER Q 44 -5.61 -18.28 41.51
CA SER Q 44 -5.88 -18.19 42.94
C SER Q 44 -7.18 -17.45 43.21
N THR Q 45 -7.98 -18.01 44.14
CA THR Q 45 -9.27 -17.42 44.51
C THR Q 45 -9.12 -16.01 45.03
N ARG Q 46 -8.01 -15.73 45.72
CA ARG Q 46 -7.81 -14.45 46.36
C ARG Q 46 -7.66 -13.36 45.31
N PRO Q 47 -7.89 -12.09 45.68
CA PRO Q 47 -7.68 -10.99 44.73
C PRO Q 47 -6.21 -10.82 44.40
N THR Q 48 -5.86 -11.01 43.13
CA THR Q 48 -4.47 -11.00 42.69
C THR Q 48 -4.25 -10.02 41.57
N ILE Q 49 -2.97 -9.70 41.37
CA ILE Q 49 -2.50 -8.85 40.30
C ILE Q 49 -1.51 -9.64 39.46
N PHE Q 50 -1.72 -9.66 38.16
CA PHE Q 50 -0.87 -10.35 37.20
C PHE Q 50 -0.04 -9.33 36.44
N PHE Q 51 1.17 -9.72 36.08
CA PHE Q 51 1.98 -8.90 35.21
C PHE Q 51 2.67 -9.79 34.19
N GLN Q 52 2.90 -9.23 33.01
CA GLN Q 52 3.50 -10.00 31.93
C GLN Q 52 4.25 -9.05 31.01
N LYS Q 53 5.28 -9.56 30.35
CA LYS Q 53 6.01 -8.77 29.36
C LYS Q 53 5.36 -8.89 27.99
N LEU Q 54 5.25 -7.76 27.30
CA LEU Q 54 4.59 -7.72 25.99
C LEU Q 54 5.55 -7.35 24.86
N PHE Q 55 6.22 -6.21 24.95
CA PHE Q 55 7.14 -5.80 23.89
C PHE Q 55 8.48 -5.39 24.48
N ASP Q 56 9.32 -4.83 23.61
CA ASP Q 56 10.51 -4.12 24.04
C ASP Q 56 10.87 -3.23 22.86
N ILE Q 57 10.73 -1.92 23.03
CA ILE Q 57 11.00 -0.94 21.98
C ILE Q 57 12.28 -0.21 22.35
N PRO Q 58 13.38 -0.42 21.64
CA PRO Q 58 14.55 0.45 21.84
C PRO Q 58 14.22 1.88 21.43
N ARG Q 59 14.77 2.83 22.18
CA ARG Q 59 14.52 4.24 21.94
C ARG Q 59 15.84 4.92 21.61
N GLY Q 60 15.92 5.49 20.41
CA GLY Q 60 17.14 6.15 19.98
C GLY Q 60 18.24 5.19 19.61
N TRP Q 61 19.27 5.69 18.94
CA TRP Q 61 20.41 4.86 18.60
C TRP Q 61 21.21 4.53 19.87
N PRO Q 62 21.95 3.42 19.87
CA PRO Q 62 22.79 3.11 21.03
C PRO Q 62 23.88 4.15 21.22
N ALA Q 63 24.18 4.45 22.47
CA ALA Q 63 25.22 5.41 22.81
C ALA Q 63 26.47 4.67 23.24
N THR Q 64 27.58 4.91 22.56
CA THR Q 64 28.83 4.20 22.84
C THR Q 64 29.80 5.12 23.56
N ASP Q 65 30.19 4.72 24.75
CA ASP Q 65 31.23 5.38 25.51
C ASP Q 65 32.48 4.52 25.50
N TRP Q 66 33.64 5.16 25.64
CA TRP Q 66 34.92 4.45 25.58
C TRP Q 66 35.61 4.54 26.93
N HIS Q 67 35.95 3.39 27.50
CA HIS Q 67 36.53 3.32 28.83
C HIS Q 67 37.86 2.57 28.75
N LEU Q 68 38.93 3.20 29.20
CA LEU Q 68 40.24 2.58 29.18
C LEU Q 68 40.42 1.68 30.38
N ASP Q 69 40.84 0.42 30.14
CA ASP Q 69 41.12 -0.47 31.26
C ASP Q 69 42.46 -0.19 31.92
N ASN Q 70 43.38 0.50 31.21
CA ASN Q 70 44.67 0.96 31.71
C ASN Q 70 45.65 -0.16 32.01
N THR Q 71 45.23 -1.42 31.91
CA THR Q 71 46.09 -2.56 32.16
C THR Q 71 46.57 -3.21 30.86
N THR Q 72 45.63 -3.65 30.03
CA THR Q 72 45.95 -4.29 28.76
C THR Q 72 45.87 -3.32 27.59
N ARG Q 73 45.72 -2.02 27.86
CA ARG Q 73 45.61 -0.98 26.83
C ARG Q 73 44.50 -1.28 25.83
N LYS Q 74 43.35 -1.70 26.35
CA LYS Q 74 42.19 -2.03 25.54
C LYS Q 74 41.06 -1.06 25.85
N TYR Q 75 40.51 -0.44 24.81
CA TYR Q 75 39.34 0.41 24.97
C TYR Q 75 38.12 -0.48 25.10
N VAL Q 76 37.59 -0.62 26.31
CA VAL Q 76 36.30 -1.29 26.47
C VAL Q 76 35.22 -0.32 26.02
N GLU Q 77 34.49 -0.71 24.99
CA GLU Q 77 33.36 0.09 24.52
C GLU Q 77 32.11 -0.33 25.27
N ILE Q 78 31.38 0.67 25.76
CA ILE Q 78 30.16 0.46 26.52
C ILE Q 78 29.03 1.00 25.65
N THR Q 79 28.24 0.08 25.10
CA THR Q 79 27.08 0.42 24.28
C THR Q 79 25.85 0.40 25.18
N ARG Q 80 25.32 1.58 25.47
CA ARG Q 80 24.11 1.70 26.26
C ARG Q 80 22.94 1.84 25.30
N GLN Q 81 21.97 0.93 25.39
CA GLN Q 81 20.74 1.06 24.64
C GLN Q 81 19.61 1.40 25.58
N HIS Q 82 18.86 2.45 25.25
CA HIS Q 82 17.66 2.78 25.98
C HIS Q 82 16.54 1.84 25.57
N VAL Q 83 15.68 1.49 26.51
CA VAL Q 83 14.62 0.51 26.28
C VAL Q 83 13.34 0.99 26.93
N GLU Q 84 12.23 0.90 26.20
CA GLU Q 84 10.90 1.02 26.77
C GLU Q 84 10.25 -0.36 26.68
N THR Q 85 10.21 -1.07 27.80
CA THR Q 85 9.41 -2.29 27.85
C THR Q 85 7.96 -1.95 28.14
N THR Q 86 7.08 -2.87 27.78
CA THR Q 86 5.65 -2.71 28.02
C THR Q 86 5.18 -3.89 28.84
N PHE Q 87 4.62 -3.60 30.02
CA PHE Q 87 4.12 -4.61 30.92
C PHE Q 87 2.60 -4.61 30.87
N GLN Q 88 2.01 -5.76 30.60
CA GLN Q 88 0.57 -5.94 30.74
C GLN Q 88 0.30 -6.27 32.19
N ILE Q 89 -0.32 -5.33 32.91
CA ILE Q 89 -0.66 -5.49 34.31
C ILE Q 89 -2.16 -5.65 34.41
N SER Q 90 -2.60 -6.80 34.90
CA SER Q 90 -4.00 -7.13 35.01
C SER Q 90 -4.34 -7.46 36.45
N SER Q 91 -5.64 -7.64 36.71
CA SER Q 91 -6.11 -7.98 38.04
C SER Q 91 -7.22 -9.01 37.94
N LEU Q 92 -7.40 -9.78 39.00
CA LEU Q 92 -8.47 -10.77 39.06
C LEU Q 92 -8.99 -10.88 40.48
N HIS Q 93 -10.29 -10.67 40.64
CA HIS Q 93 -10.92 -10.73 41.95
C HIS Q 93 -12.40 -11.02 41.73
N TRP Q 94 -12.82 -12.23 42.05
CA TRP Q 94 -14.23 -12.59 41.89
C TRP Q 94 -15.08 -11.74 42.83
N GLN Q 95 -16.31 -11.45 42.39
CA GLN Q 95 -17.19 -10.54 43.10
C GLN Q 95 -18.29 -11.33 43.78
N ASN Q 96 -18.43 -11.15 45.09
CA ASN Q 96 -19.43 -11.86 45.87
C ASN Q 96 -20.66 -10.99 46.01
N PRO Q 97 -21.82 -11.40 45.49
CA PRO Q 97 -23.03 -10.60 45.67
C PRO Q 97 -23.47 -10.42 47.11
N GLU Q 98 -23.19 -11.41 47.97
CA GLU Q 98 -23.67 -11.34 49.35
C GLU Q 98 -22.97 -10.25 50.16
N ILE Q 99 -21.66 -10.09 49.97
CA ILE Q 99 -20.89 -9.14 50.77
C ILE Q 99 -21.33 -7.71 50.48
N THR Q 100 -21.16 -6.83 51.46
CA THR Q 100 -21.53 -5.42 51.31
C THR Q 100 -20.35 -4.51 50.99
N HIS Q 101 -19.15 -4.79 51.52
CA HIS Q 101 -17.96 -4.02 51.17
C HIS Q 101 -17.43 -4.51 49.82
N VAL Q 102 -18.19 -4.22 48.78
CA VAL Q 102 -17.85 -4.68 47.46
C VAL Q 102 -16.64 -3.90 46.95
N VAL Q 103 -15.71 -4.61 46.34
CA VAL Q 103 -14.60 -3.98 45.63
C VAL Q 103 -14.38 -4.78 44.35
N THR Q 104 -14.32 -4.09 43.23
CA THR Q 104 -14.27 -4.73 41.93
C THR Q 104 -12.81 -4.83 41.50
N ALA Q 105 -12.50 -5.83 40.66
CA ALA Q 105 -11.17 -5.94 40.09
C ALA Q 105 -10.76 -4.66 39.37
N SER Q 106 -11.73 -3.93 38.81
CA SER Q 106 -11.48 -2.62 38.25
C SER Q 106 -10.91 -1.66 39.29
N ASP Q 107 -11.41 -1.73 40.54
CA ASP Q 107 -10.86 -0.88 41.58
C ASP Q 107 -9.40 -1.19 41.84
N ILE Q 108 -9.05 -2.47 41.90
CA ILE Q 108 -7.67 -2.85 42.18
C ILE Q 108 -6.76 -2.42 41.05
N ALA Q 109 -7.17 -2.64 39.80
CA ALA Q 109 -6.36 -2.21 38.67
C ALA Q 109 -6.22 -0.68 38.63
N ASN Q 110 -7.32 0.04 38.90
CA ASN Q 110 -7.28 1.49 38.89
C ASN Q 110 -6.38 2.03 40.00
N TYR Q 111 -6.42 1.40 41.18
CA TYR Q 111 -5.56 1.85 42.26
C TYR Q 111 -4.11 1.57 41.95
N VAL Q 112 -3.81 0.44 41.32
CA VAL Q 112 -2.43 0.16 40.92
C VAL Q 112 -1.95 1.21 39.93
N ARG Q 113 -2.78 1.55 38.95
CA ARG Q 113 -2.41 2.58 37.98
C ARG Q 113 -2.16 3.91 38.67
N ALA Q 114 -3.09 4.34 39.51
CA ALA Q 114 -2.98 5.65 40.14
C ALA Q 114 -1.81 5.71 41.12
N TYR Q 115 -1.52 4.60 41.80
CA TYR Q 115 -0.34 4.52 42.64
C TYR Q 115 0.93 4.63 41.81
N PHE Q 116 0.99 3.92 40.68
CA PHE Q 116 2.20 3.92 39.88
C PHE Q 116 2.36 5.17 39.03
N GLN Q 117 1.34 6.03 38.96
CA GLN Q 117 1.49 7.30 38.28
C GLN Q 117 1.68 8.46 39.24
N ALA Q 118 1.66 8.23 40.55
CA ALA Q 118 1.91 9.29 41.51
C ALA Q 118 3.39 9.66 41.50
N ARG Q 119 3.68 10.92 41.88
CA ARG Q 119 5.01 11.47 41.65
C ARG Q 119 6.01 10.91 42.66
N SER Q 120 5.56 10.63 43.89
CA SER Q 120 6.43 10.04 44.89
C SER Q 120 6.89 8.65 44.47
N THR Q 121 5.96 7.84 43.98
CA THR Q 121 6.33 6.52 43.49
C THR Q 121 7.23 6.62 42.26
N ILE Q 122 7.02 7.65 41.44
CA ILE Q 122 7.91 7.88 40.30
C ILE Q 122 9.33 8.15 40.78
N GLU Q 123 9.47 9.00 41.80
CA GLU Q 123 10.81 9.31 42.29
C GLU Q 123 11.46 8.09 42.95
N ARG Q 124 10.66 7.27 43.65
CA ARG Q 124 11.21 6.05 44.23
C ARG Q 124 11.68 5.09 43.15
N VAL Q 125 10.86 4.92 42.11
CA VAL Q 125 11.20 4.05 41.01
C VAL Q 125 12.43 4.57 40.27
N LYS Q 126 12.55 5.90 40.18
CA LYS Q 126 13.78 6.51 39.64
C LYS Q 126 14.99 6.12 40.48
N GLU Q 127 14.85 6.16 41.81
CA GLU Q 127 15.92 5.69 42.66
C GLU Q 127 16.16 4.20 42.51
N LEU Q 128 15.23 3.46 41.90
CA LEU Q 128 15.42 2.05 41.60
C LEU Q 128 15.74 1.80 40.12
N ASP Q 129 16.31 2.79 39.43
CA ASP Q 129 16.99 2.72 38.12
C ASP Q 129 16.10 2.69 36.88
N PHE Q 130 14.78 2.88 37.00
CA PHE Q 130 13.91 2.96 35.82
C PHE Q 130 12.82 3.98 36.10
N LEU Q 131 11.92 4.18 35.15
CA LEU Q 131 10.79 5.09 35.32
C LEU Q 131 9.54 4.49 34.69
N ILE Q 132 8.45 5.25 34.77
CA ILE Q 132 7.13 4.81 34.35
C ILE Q 132 6.52 5.88 33.46
N LEU Q 133 5.92 5.48 32.33
CA LEU Q 133 5.19 6.40 31.48
C LEU Q 133 3.69 6.39 31.80
N ARG Q 134 2.93 7.11 30.97
CA ARG Q 134 1.50 7.29 31.20
C ARG Q 134 0.74 6.03 30.80
N VAL Q 135 -0.31 5.75 31.57
CA VAL Q 135 -1.27 4.70 31.24
C VAL Q 135 -2.52 5.41 30.74
N SER Q 136 -2.87 5.17 29.48
CA SER Q 136 -3.92 5.93 28.82
C SER Q 136 -5.24 5.19 28.73
N GLN Q 137 -5.34 3.98 29.27
CA GLN Q 137 -6.56 3.20 29.15
C GLN Q 137 -6.51 2.03 30.12
N ILE Q 138 -7.65 1.70 30.72
CA ILE Q 138 -7.82 0.50 31.53
C ILE Q 138 -9.06 -0.20 31.02
N SER Q 139 -8.88 -1.41 30.49
CA SER Q 139 -9.94 -2.11 29.77
C SER Q 139 -10.54 -3.16 30.69
N ASN Q 140 -11.82 -2.98 31.02
CA ASN Q 140 -12.55 -3.90 31.89
C ASN Q 140 -13.38 -4.80 30.97
N GLU Q 141 -12.98 -6.05 30.86
CA GLU Q 141 -13.66 -7.01 30.00
C GLU Q 141 -14.22 -8.15 30.82
N ALA Q 142 -15.21 -8.84 30.26
CA ALA Q 142 -15.94 -9.89 30.95
C ALA Q 142 -15.66 -11.25 30.31
N PHE Q 143 -15.64 -12.29 31.14
CA PHE Q 143 -15.41 -13.65 30.67
C PHE Q 143 -16.06 -14.61 31.65
N GLU Q 144 -15.99 -15.90 31.34
CA GLU Q 144 -16.50 -16.96 32.20
C GLU Q 144 -15.35 -17.67 32.89
N ASN Q 145 -15.36 -17.67 34.21
CA ASN Q 145 -14.38 -18.43 34.96
C ASN Q 145 -14.80 -19.90 34.99
N ASP Q 146 -14.00 -20.71 35.67
CA ASP Q 146 -14.20 -22.16 35.65
C ASP Q 146 -15.47 -22.60 36.37
N ASN Q 147 -16.13 -21.73 37.11
CA ASN Q 147 -17.35 -22.08 37.82
C ASN Q 147 -18.61 -21.69 37.05
N HIS Q 148 -18.48 -21.38 35.76
CA HIS Q 148 -19.60 -20.91 34.92
C HIS Q 148 -20.27 -19.68 35.50
N GLN Q 149 -19.48 -18.80 36.09
CA GLN Q 149 -19.94 -17.50 36.52
C GLN Q 149 -19.33 -16.44 35.60
N PHE Q 150 -19.51 -15.18 35.95
CA PHE Q 150 -19.00 -14.08 35.15
C PHE Q 150 -17.97 -13.30 35.96
N GLU Q 151 -16.83 -13.02 35.34
CA GLU Q 151 -15.73 -12.36 36.01
C GLU Q 151 -15.16 -11.27 35.10
N PHE Q 152 -14.56 -10.28 35.74
CA PHE Q 152 -13.88 -9.20 35.02
C PHE Q 152 -12.38 -9.37 35.18
N HIS Q 153 -11.65 -9.12 34.09
CA HIS Q 153 -10.19 -9.24 34.08
C HIS Q 153 -9.59 -7.96 33.52
N PRO Q 154 -9.67 -6.87 34.27
CA PRO Q 154 -9.15 -5.60 33.77
C PRO Q 154 -7.64 -5.63 33.63
N SER Q 155 -7.13 -4.89 32.64
CA SER Q 155 -5.71 -4.89 32.35
C SER Q 155 -5.33 -3.58 31.69
N PHE Q 156 -4.07 -3.19 31.86
CA PHE Q 156 -3.55 -1.99 31.22
C PHE Q 156 -2.07 -2.20 30.92
N ASP Q 157 -1.56 -1.39 30.00
CA ASP Q 157 -0.17 -1.46 29.57
C ASP Q 157 0.60 -0.34 30.25
N MET Q 158 1.68 -0.70 30.93
CA MET Q 158 2.56 0.26 31.61
C MET Q 158 3.91 0.22 30.93
N VAL Q 159 4.37 1.37 30.46
CA VAL Q 159 5.65 1.45 29.77
C VAL Q 159 6.72 1.82 30.79
N VAL Q 160 7.78 1.02 30.84
CA VAL Q 160 8.88 1.21 31.77
C VAL Q 160 10.15 1.47 30.96
N THR Q 161 10.83 2.56 31.26
CA THR Q 161 12.02 2.98 30.53
C THR Q 161 13.26 2.76 31.36
N TYR Q 162 14.31 2.22 30.74
CA TYR Q 162 15.56 2.00 31.44
C TYR Q 162 16.68 1.91 30.41
N ASN Q 163 17.87 1.54 30.87
CA ASN Q 163 19.04 1.38 30.03
C ASN Q 163 19.61 -0.01 30.20
N GLN Q 164 20.22 -0.53 29.14
CA GLN Q 164 20.99 -1.76 29.26
C GLN Q 164 22.35 -1.60 28.61
N TYR Q 165 23.37 -2.10 29.29
CA TYR Q 165 24.76 -1.82 28.99
C TYR Q 165 25.43 -3.06 28.40
N ILE Q 166 26.20 -2.85 27.33
CA ILE Q 166 26.92 -3.91 26.64
C ILE Q 166 28.41 -3.56 26.69
N ARG Q 167 29.24 -4.53 27.05
CA ARG Q 167 30.68 -4.32 27.12
C ARG Q 167 31.37 -5.13 26.04
N LEU Q 168 32.15 -4.45 25.20
CA LEU Q 168 32.94 -5.12 24.17
C LEU Q 168 34.34 -4.52 24.18
N TYR Q 169 35.22 -5.06 23.32
CA TYR Q 169 36.62 -4.67 23.32
C TYR Q 169 37.00 -4.02 21.99
N GLU Q 170 37.95 -3.08 22.07
CA GLU Q 170 38.52 -2.44 20.91
C GLU Q 170 39.98 -2.10 21.22
N ASN Q 171 40.76 -1.89 20.16
CA ASN Q 171 42.18 -1.61 20.32
C ASN Q 171 42.41 -0.11 20.49
N ALA Q 172 43.43 0.22 21.27
CA ALA Q 172 43.79 1.60 21.55
C ALA Q 172 44.99 2.02 20.69
N ALA Q 173 45.36 3.30 20.79
CA ALA Q 173 46.46 3.84 20.01
C ALA Q 173 46.92 5.14 20.66
N TYR Q 174 48.24 5.33 20.73
CA TYR Q 174 48.85 6.53 21.30
C TYR Q 174 49.94 7.05 20.38
N SER Q 175 49.66 7.14 19.09
CA SER Q 175 50.67 7.56 18.13
C SER Q 175 50.02 8.33 16.99
N ALA Q 176 50.85 9.06 16.25
CA ALA Q 176 50.39 9.84 15.10
C ALA Q 176 51.54 9.94 14.12
N ASP Q 177 51.50 9.12 13.07
CA ASP Q 177 52.57 9.02 12.08
C ASP Q 177 52.02 9.51 10.74
N GLY Q 178 52.11 10.83 10.51
CA GLY Q 178 51.58 11.40 9.29
C GLY Q 178 52.56 11.41 8.14
N VAL Q 179 52.03 11.55 6.94
CA VAL Q 179 52.81 11.64 5.71
C VAL Q 179 52.42 12.94 5.03
N LEU Q 180 53.28 13.95 5.12
CA LEU Q 180 53.01 15.25 4.51
C LEU Q 180 53.55 15.24 3.10
N ILE Q 181 52.69 14.93 2.15
CA ILE Q 181 53.05 14.90 0.74
C ILE Q 181 52.81 16.27 0.13
N GLY Q 182 53.62 16.63 -0.86
CA GLY Q 182 53.44 17.91 -1.53
C GLY Q 182 52.76 17.77 -2.88
N VAL Q 183 51.47 18.08 -2.92
CA VAL Q 183 50.56 18.02 -4.09
C VAL Q 183 50.91 16.96 -5.13
N MET R 1 21.69 -15.73 -5.20
CA MET R 1 23.05 -16.21 -5.39
C MET R 1 23.83 -16.02 -4.10
N PHE R 2 23.44 -14.98 -3.37
CA PHE R 2 24.14 -14.55 -2.16
C PHE R 2 23.56 -15.08 -0.87
N ASP R 3 22.37 -15.70 -0.90
CA ASP R 3 21.69 -15.99 0.36
C ASP R 3 22.45 -17.04 1.16
N GLY R 4 23.07 -18.00 0.49
CA GLY R 4 23.80 -19.05 1.19
C GLY R 4 25.03 -18.53 1.91
N GLU R 5 25.81 -17.69 1.23
CA GLU R 5 26.97 -17.09 1.88
C GLU R 5 26.53 -16.18 3.02
N LEU R 6 25.41 -15.47 2.83
CA LEU R 6 24.88 -14.65 3.92
C LEU R 6 24.42 -15.50 5.09
N ILE R 7 23.83 -16.66 4.82
CA ILE R 7 23.37 -17.54 5.89
C ILE R 7 24.57 -18.04 6.68
N ALA R 8 25.65 -18.39 5.98
CA ALA R 8 26.87 -18.82 6.65
C ALA R 8 27.46 -17.69 7.52
N LYS R 9 27.51 -16.47 6.97
CA LYS R 9 28.05 -15.35 7.73
C LYS R 9 27.17 -15.02 8.93
N MET R 10 25.84 -15.07 8.76
CA MET R 10 24.92 -14.88 9.87
C MET R 10 25.09 -15.96 10.92
N VAL R 11 25.32 -17.21 10.51
CA VAL R 11 25.53 -18.29 11.46
C VAL R 11 26.79 -18.04 12.27
N VAL R 12 27.86 -17.60 11.60
CA VAL R 12 29.12 -17.31 12.30
C VAL R 12 28.93 -16.17 13.30
N GLU R 13 28.25 -15.10 12.87
CA GLU R 13 28.03 -13.96 13.74
C GLU R 13 27.12 -14.32 14.92
N LEU R 14 26.08 -15.12 14.68
CA LEU R 14 25.19 -15.54 15.75
C LEU R 14 25.89 -16.43 16.75
N ASN R 15 26.76 -17.33 16.27
CA ASN R 15 27.55 -18.15 17.18
C ASN R 15 28.51 -17.30 17.99
N ALA R 16 29.07 -16.26 17.37
CA ALA R 16 29.92 -15.33 18.12
C ALA R 16 29.12 -14.61 19.19
N ALA R 17 27.89 -14.19 18.85
CA ALA R 17 27.03 -13.52 19.82
C ALA R 17 26.66 -14.46 20.96
N MET R 18 26.47 -15.75 20.67
CA MET R 18 26.24 -16.74 21.72
C MET R 18 27.47 -16.94 22.60
N THR R 19 28.65 -16.96 22.01
CA THR R 19 29.86 -17.07 22.84
C THR R 19 30.00 -15.86 23.75
N SER R 20 29.68 -14.67 23.25
CA SER R 20 29.68 -13.48 24.09
C SER R 20 28.59 -13.55 25.16
N ALA R 21 27.40 -14.05 24.80
CA ALA R 21 26.29 -14.15 25.72
C ALA R 21 26.52 -15.21 26.80
N GLN R 22 27.42 -16.16 26.55
CA GLN R 22 27.79 -17.08 27.61
C GLN R 22 28.63 -16.39 28.68
N GLU R 23 29.33 -15.32 28.31
CA GLU R 23 30.17 -14.61 29.27
C GLU R 23 29.33 -13.73 30.20
N ALA R 24 28.69 -12.71 29.65
CA ALA R 24 27.74 -11.91 30.41
C ALA R 24 26.40 -12.62 30.39
N LEU R 25 25.89 -12.97 31.58
CA LEU R 25 24.82 -13.95 31.83
C LEU R 25 25.29 -15.35 31.46
N GLN R 26 24.72 -16.38 32.08
CA GLN R 26 25.20 -17.73 31.88
C GLN R 26 24.07 -18.66 31.45
N PHE R 27 24.35 -19.51 30.48
CA PHE R 27 23.42 -20.52 30.00
C PHE R 27 24.10 -21.87 29.99
N PRO R 28 23.35 -22.96 30.12
CA PRO R 28 23.92 -24.27 29.82
C PRO R 28 23.98 -24.49 28.32
N ASP R 29 25.18 -24.32 27.73
CA ASP R 29 25.42 -24.42 26.29
C ASP R 29 24.54 -23.48 25.48
N PHE R 30 24.56 -23.61 24.15
CA PHE R 30 23.66 -22.86 23.27
C PHE R 30 23.66 -23.54 21.91
N GLU R 31 22.67 -23.17 21.10
CA GLU R 31 22.56 -23.63 19.72
C GLU R 31 21.97 -22.52 18.87
N VAL R 32 22.42 -22.46 17.62
CA VAL R 32 21.91 -21.52 16.64
C VAL R 32 21.42 -22.33 15.45
N VAL R 33 20.14 -22.18 15.10
CA VAL R 33 19.52 -22.97 14.05
C VAL R 33 18.60 -22.14 13.18
N GLN R 34 18.40 -22.65 11.96
CA GLN R 34 17.41 -22.11 11.04
C GLN R 34 16.05 -22.69 11.38
N LYS R 35 15.03 -21.84 11.42
CA LYS R 35 13.74 -22.26 11.95
C LYS R 35 13.07 -23.29 11.06
N ALA R 36 13.01 -23.04 9.75
CA ALA R 36 12.36 -23.97 8.82
C ALA R 36 13.36 -25.06 8.46
N GLN R 37 13.41 -26.07 9.31
CA GLN R 37 14.40 -27.13 9.18
C GLN R 37 14.02 -28.06 8.03
N PRO R 38 14.88 -28.26 7.02
CA PRO R 38 14.48 -29.01 5.83
C PRO R 38 14.20 -30.48 6.06
N THR R 39 14.45 -31.02 7.25
CA THR R 39 14.07 -32.38 7.60
C THR R 39 13.48 -32.38 8.99
N GLN R 40 12.66 -33.40 9.28
CA GLN R 40 12.09 -33.57 10.62
C GLN R 40 13.15 -33.67 11.70
N GLN R 41 13.22 -32.66 12.55
CA GLN R 41 14.20 -32.64 13.64
C GLN R 41 13.65 -31.80 14.78
N GLY R 42 13.86 -32.26 16.00
CA GLY R 42 13.22 -31.66 17.15
C GLY R 42 13.85 -30.36 17.59
N THR R 43 13.09 -29.64 18.40
CA THR R 43 13.63 -28.49 19.12
C THR R 43 14.54 -28.97 20.23
N SER R 44 15.50 -28.14 20.59
CA SER R 44 16.49 -28.49 21.58
C SER R 44 16.19 -27.82 22.92
N THR R 45 16.30 -28.59 24.00
CA THR R 45 16.06 -28.07 25.35
C THR R 45 16.98 -26.91 25.69
N ARG R 46 18.21 -26.94 25.18
CA ARG R 46 19.20 -25.95 25.51
C ARG R 46 18.78 -24.59 24.96
N PRO R 47 19.21 -23.49 25.59
CA PRO R 47 18.82 -22.15 25.12
C PRO R 47 19.31 -21.88 23.70
N THR R 48 18.35 -21.61 22.82
CA THR R 48 18.59 -21.57 21.39
C THR R 48 18.26 -20.20 20.80
N ILE R 49 18.93 -19.91 19.69
CA ILE R 49 18.61 -18.77 18.84
C ILE R 49 18.26 -19.31 17.45
N PHE R 50 17.10 -18.91 16.97
CA PHE R 50 16.59 -19.32 15.67
C PHE R 50 16.64 -18.14 14.73
N PHE R 51 16.83 -18.42 13.45
CA PHE R 51 16.75 -17.35 12.46
C PHE R 51 16.11 -17.89 11.19
N GLN R 52 15.54 -16.98 10.42
CA GLN R 52 14.78 -17.34 9.24
C GLN R 52 14.70 -16.14 8.32
N LYS R 53 14.59 -16.40 7.02
CA LYS R 53 14.40 -15.34 6.05
C LYS R 53 12.92 -15.01 5.91
N LEU R 54 12.61 -13.72 5.83
CA LEU R 54 11.22 -13.29 5.74
C LEU R 54 10.88 -12.59 4.44
N PHE R 55 11.62 -11.53 4.09
CA PHE R 55 11.37 -10.83 2.84
C PHE R 55 12.67 -10.70 2.07
N ASP R 56 12.62 -9.97 0.96
CA ASP R 56 13.83 -9.53 0.29
C ASP R 56 13.46 -8.32 -0.56
N ILE R 57 13.92 -7.14 -0.14
CA ILE R 57 13.52 -5.88 -0.77
C ILE R 57 14.70 -5.32 -1.53
N PRO R 58 14.66 -5.25 -2.86
CA PRO R 58 15.67 -4.47 -3.58
C PRO R 58 15.55 -2.99 -3.25
N ARG R 59 16.70 -2.33 -3.23
CA ARG R 59 16.80 -0.92 -2.89
C ARG R 59 17.43 -0.16 -4.05
N GLY R 60 16.67 0.75 -4.64
CA GLY R 60 17.16 1.51 -5.77
C GLY R 60 17.23 0.70 -7.05
N TRP R 61 17.32 1.38 -8.19
CA TRP R 61 17.43 0.69 -9.46
C TRP R 61 18.77 -0.03 -9.55
N PRO R 62 18.85 -1.10 -10.33
CA PRO R 62 20.13 -1.79 -10.49
C PRO R 62 21.17 -0.91 -11.16
N ALA R 63 22.41 -1.05 -10.72
CA ALA R 63 23.51 -0.25 -11.25
C ALA R 63 24.36 -1.11 -12.17
N THR R 64 24.49 -0.70 -13.42
CA THR R 64 25.17 -1.47 -14.45
C THR R 64 26.53 -0.85 -14.75
N ASP R 65 27.59 -1.62 -14.52
CA ASP R 65 28.95 -1.21 -14.83
C ASP R 65 29.49 -2.13 -15.92
N TRP R 66 30.10 -1.55 -16.94
CA TRP R 66 30.53 -2.31 -18.10
C TRP R 66 32.03 -2.56 -18.03
N HIS R 67 32.43 -3.81 -18.27
CA HIS R 67 33.82 -4.22 -18.13
C HIS R 67 34.24 -4.98 -19.38
N LEU R 68 35.30 -4.51 -20.04
CA LEU R 68 35.88 -5.22 -21.18
C LEU R 68 36.64 -6.45 -20.72
N ASP R 69 36.39 -7.59 -21.37
CA ASP R 69 37.20 -8.77 -21.15
C ASP R 69 38.54 -8.70 -21.87
N ASN R 70 38.66 -7.85 -22.89
CA ASN R 70 39.85 -7.61 -23.71
C ASN R 70 40.26 -8.79 -24.58
N THR R 71 39.60 -9.94 -24.46
CA THR R 71 39.97 -11.13 -25.22
C THR R 71 39.05 -11.36 -26.42
N THR R 72 37.76 -11.51 -26.16
CA THR R 72 36.76 -11.72 -27.21
C THR R 72 36.05 -10.43 -27.58
N ARG R 73 36.51 -9.29 -27.07
CA ARG R 73 35.93 -7.98 -27.33
C ARG R 73 34.44 -7.94 -26.97
N LYS R 74 34.13 -8.47 -25.79
CA LYS R 74 32.78 -8.52 -25.26
C LYS R 74 32.70 -7.70 -23.99
N TYR R 75 31.74 -6.78 -23.93
CA TYR R 75 31.41 -6.09 -22.69
C TYR R 75 30.64 -7.02 -21.77
N VAL R 76 31.29 -7.44 -20.68
CA VAL R 76 30.56 -8.07 -19.59
C VAL R 76 29.90 -6.94 -18.82
N GLU R 77 28.58 -6.90 -18.85
CA GLU R 77 27.83 -5.95 -18.05
C GLU R 77 27.59 -6.56 -16.69
N ILE R 78 27.84 -5.77 -15.64
CA ILE R 78 27.68 -6.20 -14.27
C ILE R 78 26.51 -5.39 -13.71
N THR R 79 25.39 -6.06 -13.53
CA THR R 79 24.21 -5.46 -12.90
C THR R 79 24.29 -5.78 -11.42
N ARG R 80 24.59 -4.78 -10.61
CA ARG R 80 24.60 -4.92 -9.17
C ARG R 80 23.27 -4.42 -8.65
N GLN R 81 22.56 -5.29 -7.94
CA GLN R 81 21.34 -4.87 -7.27
C GLN R 81 21.62 -4.77 -5.78
N HIS R 82 21.28 -3.62 -5.22
CA HIS R 82 21.25 -3.45 -3.78
C HIS R 82 20.07 -4.16 -3.17
N VAL R 83 20.31 -4.81 -2.03
CA VAL R 83 19.35 -5.72 -1.44
C VAL R 83 19.32 -5.52 0.06
N GLU R 84 18.11 -5.42 0.63
CA GLU R 84 17.88 -5.49 2.07
C GLU R 84 17.09 -6.76 2.35
N THR R 85 17.74 -7.75 2.93
CA THR R 85 17.01 -8.91 3.41
C THR R 85 16.57 -8.68 4.86
N THR R 86 15.52 -9.39 5.25
CA THR R 86 14.97 -9.29 6.59
C THR R 86 15.02 -10.65 7.26
N PHE R 87 15.65 -10.71 8.42
CA PHE R 87 15.85 -11.95 9.16
C PHE R 87 15.02 -11.91 10.43
N GLN R 88 14.21 -12.93 10.64
CA GLN R 88 13.45 -13.06 11.89
C GLN R 88 14.33 -13.84 12.86
N ILE R 89 14.92 -13.12 13.81
CA ILE R 89 15.79 -13.71 14.81
C ILE R 89 15.01 -13.86 16.10
N SER R 90 14.87 -15.10 16.56
CA SER R 90 14.10 -15.44 17.73
C SER R 90 14.96 -16.23 18.70
N SER R 91 14.42 -16.46 19.90
CA SER R 91 15.14 -17.22 20.91
C SER R 91 14.14 -18.09 21.66
N LEU R 92 14.67 -19.16 22.26
CA LEU R 92 13.85 -20.08 23.05
C LEU R 92 14.66 -20.63 24.20
N HIS R 93 14.17 -20.42 25.41
CA HIS R 93 14.87 -20.88 26.61
C HIS R 93 13.84 -21.03 27.71
N TRP R 94 13.54 -22.27 28.10
CA TRP R 94 12.57 -22.51 29.17
C TRP R 94 13.10 -21.96 30.48
N GLN R 95 12.18 -21.47 31.31
CA GLN R 95 12.52 -20.89 32.60
C GLN R 95 12.24 -21.90 33.71
N ASN R 96 13.26 -22.17 34.52
CA ASN R 96 13.11 -23.09 35.64
C ASN R 96 12.83 -22.29 36.90
N PRO R 97 11.68 -22.47 37.55
CA PRO R 97 11.42 -21.75 38.80
C PRO R 97 12.40 -22.07 39.91
N GLU R 98 12.96 -23.29 39.95
CA GLU R 98 13.83 -23.68 41.05
C GLU R 98 15.14 -22.91 41.04
N ILE R 99 15.74 -22.71 39.86
CA ILE R 99 17.05 -22.05 39.77
C ILE R 99 16.91 -20.59 40.17
N THR R 100 18.01 -20.03 40.71
CA THR R 100 18.03 -18.63 41.13
C THR R 100 18.64 -17.69 40.09
N HIS R 101 19.65 -18.13 39.35
CA HIS R 101 20.23 -17.31 38.29
C HIS R 101 19.34 -17.40 37.05
N VAL R 102 18.18 -16.77 37.17
CA VAL R 102 17.19 -16.81 36.09
C VAL R 102 17.64 -15.88 34.98
N VAL R 103 17.51 -16.34 33.74
CA VAL R 103 17.81 -15.53 32.56
C VAL R 103 16.83 -15.93 31.47
N THR R 104 15.82 -15.09 31.24
CA THR R 104 14.75 -15.45 30.34
C THR R 104 15.19 -15.33 28.89
N ALA R 105 14.36 -15.86 27.99
CA ALA R 105 14.63 -15.77 26.56
C ALA R 105 14.67 -14.33 26.10
N SER R 106 13.96 -13.44 26.80
CA SER R 106 14.02 -12.01 26.50
C SER R 106 15.44 -11.47 26.67
N ASP R 107 16.16 -11.92 27.70
CA ASP R 107 17.54 -11.49 27.88
C ASP R 107 18.40 -11.89 26.70
N ILE R 108 18.25 -13.14 26.24
CA ILE R 108 19.07 -13.62 25.14
C ILE R 108 18.78 -12.85 23.87
N ALA R 109 17.50 -12.65 23.56
CA ALA R 109 17.13 -11.89 22.37
C ALA R 109 17.62 -10.45 22.46
N ASN R 110 17.48 -9.83 23.64
CA ASN R 110 17.90 -8.46 23.82
C ASN R 110 19.41 -8.32 23.70
N TYR R 111 20.16 -9.28 24.24
CA TYR R 111 21.60 -9.23 24.12
C TYR R 111 22.04 -9.43 22.68
N VAL R 112 21.35 -10.30 21.93
CA VAL R 112 21.66 -10.46 20.52
C VAL R 112 21.43 -9.16 19.78
N ARG R 113 20.29 -8.51 20.03
CA ARG R 113 20.00 -7.24 19.37
C ARG R 113 21.05 -6.20 19.71
N ALA R 114 21.37 -6.05 20.99
CA ALA R 114 22.28 -5.00 21.41
C ALA R 114 23.70 -5.28 20.95
N TYR R 115 24.09 -6.56 20.87
CA TYR R 115 25.37 -6.90 20.28
C TYR R 115 25.39 -6.55 18.80
N PHE R 116 24.32 -6.86 18.08
CA PHE R 116 24.30 -6.62 16.64
C PHE R 116 24.04 -5.16 16.29
N GLN R 117 23.73 -4.30 17.27
CA GLN R 117 23.62 -2.88 17.02
C GLN R 117 24.80 -2.08 17.55
N ALA R 118 25.77 -2.72 18.18
CA ALA R 118 26.96 -2.02 18.64
C ALA R 118 27.86 -1.67 17.46
N ARG R 119 28.67 -0.63 17.63
CA ARG R 119 29.44 -0.08 16.52
C ARG R 119 30.57 -1.01 16.11
N SER R 120 31.20 -1.70 17.06
CA SER R 120 32.31 -2.58 16.73
C SER R 120 31.83 -3.77 15.89
N THR R 121 30.72 -4.38 16.28
CA THR R 121 30.17 -5.47 15.47
C THR R 121 29.71 -4.97 14.12
N ILE R 122 29.24 -3.72 14.05
CA ILE R 122 28.93 -3.10 12.77
C ILE R 122 30.17 -3.04 11.88
N GLU R 123 31.29 -2.56 12.41
CA GLU R 123 32.49 -2.43 11.59
C GLU R 123 33.03 -3.79 11.17
N ARG R 124 32.93 -4.78 12.06
CA ARG R 124 33.34 -6.14 11.72
C ARG R 124 32.47 -6.71 10.59
N VAL R 125 31.16 -6.53 10.73
CA VAL R 125 30.22 -7.02 9.74
C VAL R 125 30.43 -6.33 8.39
N LYS R 126 30.79 -5.04 8.43
CA LYS R 126 31.20 -4.33 7.21
C LYS R 126 32.41 -4.99 6.58
N GLU R 127 33.40 -5.34 7.39
CA GLU R 127 34.54 -6.09 6.87
C GLU R 127 34.13 -7.46 6.34
N LEU R 128 32.94 -7.93 6.71
CA LEU R 128 32.39 -9.19 6.20
C LEU R 128 31.34 -8.97 5.11
N ASP R 129 31.41 -7.85 4.40
CA ASP R 129 30.71 -7.55 3.12
C ASP R 129 29.23 -7.18 3.23
N PHE R 130 28.68 -6.87 4.42
CA PHE R 130 27.31 -6.38 4.51
C PHE R 130 27.21 -5.48 5.73
N LEU R 131 26.02 -4.92 5.99
CA LEU R 131 25.76 -4.22 7.25
C LEU R 131 24.30 -4.35 7.67
N ILE R 132 24.03 -3.79 8.85
CA ILE R 132 22.85 -4.08 9.66
C ILE R 132 22.11 -2.76 9.91
N LEU R 133 20.78 -2.78 9.80
CA LEU R 133 19.95 -1.62 10.12
C LEU R 133 19.39 -1.73 11.54
N ARG R 134 18.54 -0.77 11.90
CA ARG R 134 18.02 -0.67 13.25
C ARG R 134 16.95 -1.72 13.51
N VAL R 135 16.90 -2.17 14.75
CA VAL R 135 15.83 -3.05 15.23
C VAL R 135 14.95 -2.20 16.14
N SER R 136 13.68 -2.05 15.76
CA SER R 136 12.80 -1.10 16.41
C SER R 136 11.80 -1.76 17.35
N GLN R 137 11.87 -3.07 17.54
CA GLN R 137 10.92 -3.77 18.40
C GLN R 137 11.44 -5.17 18.68
N ILE R 138 11.13 -5.66 19.88
CA ILE R 138 11.39 -7.05 20.26
C ILE R 138 10.14 -7.55 20.97
N SER R 139 9.41 -8.45 20.32
CA SER R 139 8.09 -8.86 20.78
C SER R 139 8.20 -10.16 21.55
N ASN R 140 7.83 -10.14 22.82
CA ASN R 140 7.89 -11.29 23.71
C ASN R 140 6.47 -11.84 23.83
N GLU R 141 6.21 -12.95 23.15
CA GLU R 141 4.90 -13.57 23.18
C GLU R 141 4.97 -14.92 23.88
N ALA R 142 3.81 -15.40 24.33
CA ALA R 142 3.72 -16.60 25.14
C ALA R 142 2.99 -17.71 24.39
N PHE R 143 3.36 -18.94 24.68
CA PHE R 143 2.72 -20.10 24.06
C PHE R 143 2.87 -21.30 24.99
N GLU R 144 2.28 -22.42 24.57
CA GLU R 144 2.38 -23.68 25.30
C GLU R 144 3.32 -24.61 24.57
N ASN R 145 4.38 -25.03 25.24
CA ASN R 145 5.31 -25.96 24.64
C ASN R 145 4.73 -27.37 24.71
N ASP R 146 5.54 -28.35 24.31
CA ASP R 146 5.06 -29.73 24.23
C ASP R 146 4.83 -30.36 25.59
N ASN R 147 5.24 -29.72 26.68
CA ASN R 147 5.05 -30.26 28.02
C ASN R 147 3.88 -29.61 28.75
N HIS R 148 3.02 -28.89 28.03
CA HIS R 148 1.88 -28.15 28.60
C HIS R 148 2.32 -27.16 29.67
N GLN R 149 3.46 -26.53 29.45
CA GLN R 149 3.89 -25.42 30.28
C GLN R 149 3.82 -24.14 29.45
N PHE R 150 4.28 -23.04 30.02
CA PHE R 150 4.22 -21.76 29.35
C PHE R 150 5.62 -21.28 29.02
N GLU R 151 5.83 -20.89 27.77
CA GLU R 151 7.12 -20.44 27.31
C GLU R 151 6.97 -19.11 26.59
N PHE R 152 8.07 -18.37 26.54
CA PHE R 152 8.14 -17.13 25.78
C PHE R 152 9.03 -17.34 24.56
N HIS R 153 8.61 -16.81 23.43
CA HIS R 153 9.33 -16.95 22.16
C HIS R 153 9.57 -15.58 21.58
N PRO R 154 10.47 -14.79 22.18
CA PRO R 154 10.73 -13.44 21.67
C PRO R 154 11.37 -13.49 20.30
N SER R 155 11.08 -12.49 19.48
CA SER R 155 11.61 -12.44 18.13
C SER R 155 11.64 -11.01 17.66
N PHE R 156 12.62 -10.70 16.82
CA PHE R 156 12.75 -9.38 16.21
C PHE R 156 13.23 -9.51 14.78
N ASP R 157 13.14 -8.42 14.04
CA ASP R 157 13.48 -8.39 12.63
C ASP R 157 14.74 -7.57 12.41
N MET R 158 15.73 -8.19 11.75
CA MET R 158 17.00 -7.54 11.47
C MET R 158 17.13 -7.34 9.97
N VAL R 159 17.38 -6.10 9.55
CA VAL R 159 17.55 -5.77 8.14
C VAL R 159 19.04 -5.79 7.83
N VAL R 160 19.41 -6.59 6.84
CA VAL R 160 20.80 -6.76 6.43
C VAL R 160 20.92 -6.33 4.98
N THR R 161 21.83 -5.40 4.70
CA THR R 161 21.97 -4.81 3.38
C THR R 161 23.27 -5.27 2.73
N TYR R 162 23.19 -5.62 1.46
CA TYR R 162 24.33 -6.13 0.70
C TYR R 162 24.04 -5.95 -0.78
N ASN R 163 24.88 -6.56 -1.61
CA ASN R 163 24.79 -6.42 -3.06
C ASN R 163 24.81 -7.79 -3.71
N GLN R 164 24.09 -7.91 -4.83
CA GLN R 164 24.17 -9.11 -5.65
C GLN R 164 24.53 -8.74 -7.07
N TYR R 165 25.54 -9.43 -7.62
CA TYR R 165 26.11 -9.10 -8.92
C TYR R 165 25.65 -10.10 -9.97
N ILE R 166 25.25 -9.58 -11.13
CA ILE R 166 24.82 -10.37 -12.28
C ILE R 166 25.76 -10.04 -13.42
N ARG R 167 26.28 -11.07 -14.07
CA ARG R 167 27.20 -10.90 -15.18
C ARG R 167 26.52 -11.36 -16.47
N LEU R 168 26.43 -10.46 -17.45
CA LEU R 168 25.87 -10.80 -18.75
C LEU R 168 26.78 -10.27 -19.83
N TYR R 169 26.47 -10.61 -21.08
CA TYR R 169 27.33 -10.27 -22.21
C TYR R 169 26.65 -9.28 -23.13
N GLU R 170 27.46 -8.40 -23.72
CA GLU R 170 27.00 -7.36 -24.62
C GLU R 170 28.10 -7.11 -25.63
N ASN R 171 27.71 -6.56 -26.78
CA ASN R 171 28.61 -6.41 -27.91
C ASN R 171 29.30 -5.06 -27.88
N ALA R 172 30.59 -5.06 -28.23
CA ALA R 172 31.41 -3.86 -28.24
C ALA R 172 31.50 -3.28 -29.64
N ALA R 173 32.15 -2.12 -29.73
CA ALA R 173 32.27 -1.40 -30.99
C ALA R 173 33.43 -0.42 -30.89
N TYR R 174 34.29 -0.38 -31.92
CA TYR R 174 35.45 0.53 -31.93
C TYR R 174 35.51 1.35 -33.23
N SER R 175 34.39 1.92 -33.66
CA SER R 175 34.38 2.74 -34.88
C SER R 175 33.09 3.54 -34.95
N ALA R 176 33.09 4.52 -35.86
CA ALA R 176 31.90 5.36 -36.07
C ALA R 176 31.97 6.00 -37.46
N ASP R 177 31.07 5.60 -38.35
CA ASP R 177 30.92 6.19 -39.68
C ASP R 177 29.63 7.02 -39.69
N GLY R 178 29.70 8.22 -40.25
CA GLY R 178 28.56 9.10 -40.27
C GLY R 178 28.06 9.48 -41.65
N VAL R 179 26.85 10.01 -41.66
CA VAL R 179 26.25 10.58 -42.86
C VAL R 179 25.95 12.03 -42.53
N LEU R 180 26.79 12.94 -43.02
CA LEU R 180 26.47 14.36 -42.95
C LEU R 180 25.66 14.74 -44.17
N ILE R 181 24.36 14.62 -44.04
CA ILE R 181 23.44 14.99 -45.10
C ILE R 181 23.04 16.44 -44.89
N GLY R 182 22.67 17.11 -45.96
CA GLY R 182 22.27 18.49 -45.87
C GLY R 182 20.83 18.75 -46.25
N VAL R 183 20.04 19.24 -45.28
CA VAL R 183 18.60 19.50 -45.38
C VAL R 183 17.84 18.47 -46.20
N MET S 1 -6.20 -10.89 -26.85
CA MET S 1 -5.50 -11.51 -27.97
C MET S 1 -4.06 -11.82 -27.59
N PHE S 2 -3.65 -11.30 -26.44
CA PHE S 2 -2.25 -11.35 -26.02
C PHE S 2 -2.01 -12.26 -24.82
N ASP S 3 -2.97 -13.11 -24.45
CA ASP S 3 -2.69 -14.06 -23.39
C ASP S 3 -1.66 -15.10 -23.85
N GLY S 4 -1.90 -15.72 -25.00
CA GLY S 4 -1.09 -16.84 -25.42
C GLY S 4 0.28 -16.43 -25.89
N GLU S 5 0.33 -15.34 -26.67
CA GLU S 5 1.61 -14.87 -27.20
C GLU S 5 2.52 -14.43 -26.06
N LEU S 6 1.97 -13.69 -25.08
CA LEU S 6 2.75 -13.34 -23.91
C LEU S 6 3.17 -14.55 -23.10
N ILE S 7 2.27 -15.51 -22.93
CA ILE S 7 2.60 -16.66 -22.11
C ILE S 7 3.75 -17.44 -22.73
N ALA S 8 3.73 -17.58 -24.07
CA ALA S 8 4.82 -18.25 -24.76
C ALA S 8 6.13 -17.46 -24.69
N LYS S 9 6.06 -16.14 -24.91
CA LYS S 9 7.28 -15.33 -24.82
C LYS S 9 7.86 -15.34 -23.42
N MET S 10 7.00 -15.28 -22.41
CA MET S 10 7.46 -15.34 -21.02
C MET S 10 8.05 -16.71 -20.71
N VAL S 11 7.48 -17.78 -21.28
CA VAL S 11 8.06 -19.11 -21.09
C VAL S 11 9.46 -19.16 -21.69
N VAL S 12 9.63 -18.57 -22.88
CA VAL S 12 10.94 -18.56 -23.53
C VAL S 12 11.95 -17.77 -22.69
N GLU S 13 11.54 -16.60 -22.22
CA GLU S 13 12.45 -15.77 -21.41
C GLU S 13 12.78 -16.44 -20.08
N LEU S 14 11.80 -17.08 -19.45
CA LEU S 14 12.03 -17.77 -18.18
C LEU S 14 12.96 -18.96 -18.36
N ASN S 15 12.79 -19.71 -19.46
CA ASN S 15 13.72 -20.80 -19.75
C ASN S 15 15.11 -20.28 -20.01
N ALA S 16 15.22 -19.12 -20.69
CA ALA S 16 16.51 -18.49 -20.88
C ALA S 16 17.15 -18.11 -19.54
N ALA S 17 16.35 -17.57 -18.62
CA ALA S 17 16.84 -17.21 -17.31
C ALA S 17 17.31 -18.42 -16.52
N MET S 18 16.60 -19.54 -16.66
CA MET S 18 17.05 -20.79 -16.04
C MET S 18 18.34 -21.31 -16.66
N THR S 19 18.49 -21.22 -17.98
CA THR S 19 19.74 -21.64 -18.59
C THR S 19 20.90 -20.77 -18.11
N SER S 20 20.66 -19.47 -17.96
CA SER S 20 21.70 -18.58 -17.43
C SER S 20 21.99 -18.88 -15.96
N ALA S 21 20.96 -19.11 -15.15
CA ALA S 21 21.14 -19.41 -13.74
C ALA S 21 21.74 -20.78 -13.51
N GLN S 22 21.70 -21.67 -14.50
CA GLN S 22 22.44 -22.92 -14.40
C GLN S 22 23.95 -22.67 -14.49
N GLU S 23 24.36 -21.59 -15.14
CA GLU S 23 25.78 -21.31 -15.28
C GLU S 23 26.38 -20.82 -13.97
N ALA S 24 25.95 -19.66 -13.49
CA ALA S 24 26.32 -19.17 -12.17
C ALA S 24 25.34 -19.74 -11.16
N LEU S 25 25.87 -20.48 -10.18
CA LEU S 25 25.17 -21.45 -9.30
C LEU S 25 24.70 -22.64 -10.13
N GLN S 26 24.61 -23.81 -9.50
CA GLN S 26 24.33 -25.03 -10.23
C GLN S 26 23.12 -25.75 -9.64
N PHE S 27 22.25 -26.26 -10.50
CA PHE S 27 21.11 -27.05 -10.11
C PHE S 27 21.08 -28.32 -10.94
N PRO S 28 20.49 -29.40 -10.41
CA PRO S 28 20.19 -30.55 -11.27
C PRO S 28 18.95 -30.30 -12.10
N ASP S 29 19.14 -29.95 -13.38
CA ASP S 29 18.09 -29.59 -14.33
C ASP S 29 17.21 -28.45 -13.82
N PHE S 30 16.13 -28.15 -14.54
CA PHE S 30 15.12 -27.18 -14.11
C PHE S 30 13.87 -27.37 -14.94
N GLU S 31 12.77 -26.83 -14.44
CA GLU S 31 11.52 -26.75 -15.17
C GLU S 31 10.91 -25.36 -14.98
N VAL S 32 10.16 -24.92 -15.98
CA VAL S 32 9.36 -23.70 -15.90
C VAL S 32 7.93 -24.10 -16.22
N VAL S 33 7.02 -23.88 -15.26
CA VAL S 33 5.65 -24.33 -15.39
C VAL S 33 4.67 -23.24 -14.96
N GLN S 34 3.44 -23.37 -15.45
CA GLN S 34 2.34 -22.52 -15.05
C GLN S 34 1.71 -23.10 -13.79
N LYS S 35 1.45 -22.24 -12.80
CA LYS S 35 1.06 -22.72 -11.48
C LYS S 35 -0.29 -23.42 -11.52
N ALA S 36 -1.29 -22.81 -12.17
CA ALA S 36 -2.62 -23.38 -12.24
C ALA S 36 -2.69 -24.33 -13.43
N GLN S 37 -2.23 -25.55 -13.21
CA GLN S 37 -2.14 -26.54 -14.28
C GLN S 37 -3.51 -27.05 -14.65
N PRO S 38 -3.94 -26.92 -15.91
CA PRO S 38 -5.33 -27.28 -16.27
C PRO S 38 -5.64 -28.76 -16.19
N THR S 39 -4.64 -29.62 -15.95
CA THR S 39 -4.88 -31.04 -15.71
C THR S 39 -4.05 -31.47 -14.51
N GLN S 40 -4.49 -32.56 -13.88
CA GLN S 40 -3.83 -33.10 -12.70
C GLN S 40 -2.38 -33.45 -12.99
N GLN S 41 -1.45 -32.67 -12.47
CA GLN S 41 -0.03 -32.85 -12.75
C GLN S 41 0.76 -32.47 -11.50
N GLY S 42 1.68 -33.34 -11.11
CA GLY S 42 2.37 -33.15 -9.86
C GLY S 42 3.43 -32.07 -9.91
N THR S 43 3.79 -31.60 -8.72
CA THR S 43 4.98 -30.80 -8.58
C THR S 43 6.21 -31.67 -8.80
N SER S 44 7.26 -31.06 -9.31
CA SER S 44 8.46 -31.78 -9.72
C SER S 44 9.58 -31.57 -8.72
N THR S 45 10.28 -32.66 -8.39
CA THR S 45 11.40 -32.61 -7.45
C THR S 45 12.49 -31.65 -7.89
N ARG S 46 12.71 -31.56 -9.19
CA ARG S 46 13.78 -30.74 -9.72
C ARG S 46 13.49 -29.27 -9.43
N PRO S 47 14.53 -28.44 -9.28
CA PRO S 47 14.31 -27.02 -8.97
C PRO S 47 13.54 -26.32 -10.08
N THR S 48 12.40 -25.75 -9.70
CA THR S 48 11.41 -25.28 -10.65
C THR S 48 11.12 -23.81 -10.45
N ILE S 49 10.64 -23.19 -11.54
CA ILE S 49 10.10 -21.85 -11.51
C ILE S 49 8.66 -21.93 -11.99
N PHE S 50 7.74 -21.43 -11.17
CA PHE S 50 6.32 -21.39 -11.48
C PHE S 50 5.94 -19.95 -11.81
N PHE S 51 4.96 -19.79 -12.67
CA PHE S 51 4.46 -18.45 -12.94
C PHE S 51 2.97 -18.50 -13.21
N GLN S 52 2.30 -17.39 -12.94
CA GLN S 52 0.84 -17.34 -13.00
C GLN S 52 0.43 -15.89 -13.24
N LYS S 53 -0.76 -15.72 -13.83
CA LYS S 53 -1.34 -14.39 -14.01
C LYS S 53 -2.17 -14.00 -12.80
N LEU S 54 -2.06 -12.74 -12.38
CA LEU S 54 -2.78 -12.26 -11.20
C LEU S 54 -3.80 -11.18 -11.55
N PHE S 55 -3.38 -10.07 -12.14
CA PHE S 55 -4.32 -9.02 -12.51
C PHE S 55 -4.17 -8.68 -13.99
N ASP S 56 -4.86 -7.63 -14.41
CA ASP S 56 -4.65 -7.02 -15.72
C ASP S 56 -5.17 -5.60 -15.61
N ILE S 57 -4.28 -4.61 -15.56
CA ILE S 57 -4.66 -3.23 -15.31
C ILE S 57 -4.50 -2.46 -16.61
N PRO S 58 -5.58 -2.02 -17.25
CA PRO S 58 -5.44 -1.07 -18.36
C PRO S 58 -4.81 0.24 -17.87
N ARG S 59 -3.99 0.83 -18.73
CA ARG S 59 -3.27 2.05 -18.43
C ARG S 59 -3.66 3.13 -19.42
N GLY S 60 -4.33 4.16 -18.93
CA GLY S 60 -4.76 5.24 -19.79
C GLY S 60 -5.96 4.86 -20.63
N TRP S 61 -6.57 5.86 -21.27
CA TRP S 61 -7.72 5.61 -22.11
C TRP S 61 -7.28 4.90 -23.39
N PRO S 62 -8.17 4.16 -24.03
CA PRO S 62 -7.83 3.55 -25.32
C PRO S 62 -7.55 4.60 -26.37
N ALA S 63 -6.55 4.33 -27.21
CA ALA S 63 -6.17 5.25 -28.28
C ALA S 63 -6.65 4.69 -29.61
N THR S 64 -7.45 5.48 -30.32
CA THR S 64 -8.06 5.03 -31.56
C THR S 64 -7.41 5.70 -32.76
N ASP S 65 -6.97 4.90 -33.72
CA ASP S 65 -6.38 5.37 -34.96
C ASP S 65 -7.28 4.90 -36.10
N TRP S 66 -7.58 5.79 -37.02
CA TRP S 66 -8.49 5.49 -38.12
C TRP S 66 -7.68 5.12 -39.36
N HIS S 67 -7.95 3.96 -39.93
CA HIS S 67 -7.19 3.41 -41.04
C HIS S 67 -8.13 3.10 -42.18
N LEU S 68 -7.87 3.65 -43.35
CA LEU S 68 -8.71 3.41 -44.52
C LEU S 68 -8.29 2.10 -45.20
N ASP S 69 -9.27 1.22 -45.43
CA ASP S 69 -8.98 0.01 -46.18
C ASP S 69 -8.88 0.26 -47.68
N ASN S 70 -9.42 1.39 -48.16
CA ASN S 70 -9.32 1.87 -49.54
C ASN S 70 -10.08 1.01 -50.55
N THR S 71 -10.67 -0.10 -50.10
CA THR S 71 -11.41 -0.99 -51.00
C THR S 71 -12.91 -0.78 -50.89
N THR S 72 -13.47 -0.96 -49.69
CA THR S 72 -14.89 -0.78 -49.45
C THR S 72 -15.20 0.56 -48.79
N ARG S 73 -14.21 1.46 -48.71
CA ARG S 73 -14.37 2.79 -48.13
C ARG S 73 -14.88 2.74 -46.70
N LYS S 74 -14.28 1.85 -45.90
CA LYS S 74 -14.63 1.66 -44.51
C LYS S 74 -13.46 2.09 -43.65
N TYR S 75 -13.69 3.02 -42.73
CA TYR S 75 -12.67 3.42 -41.77
C TYR S 75 -12.58 2.30 -40.73
N VAL S 76 -11.56 1.47 -40.83
CA VAL S 76 -11.28 0.52 -39.75
C VAL S 76 -10.68 1.30 -38.60
N GLU S 77 -11.38 1.30 -37.47
CA GLU S 77 -10.85 1.91 -36.26
C GLU S 77 -10.00 0.87 -35.53
N ILE S 78 -8.82 1.30 -35.10
CA ILE S 78 -7.91 0.47 -34.33
C ILE S 78 -7.85 1.07 -32.94
N THR S 79 -8.46 0.39 -31.98
CA THR S 79 -8.47 0.79 -30.59
C THR S 79 -7.33 0.04 -29.92
N ARG S 80 -6.23 0.73 -29.66
CA ARG S 80 -5.12 0.13 -28.95
C ARG S 80 -5.30 0.43 -27.48
N GLN S 81 -5.28 -0.60 -26.65
CA GLN S 81 -5.31 -0.43 -25.21
C GLN S 81 -3.96 -0.85 -24.62
N HIS S 82 -3.43 0.02 -23.78
CA HIS S 82 -2.25 -0.26 -23.00
C HIS S 82 -2.61 -1.09 -21.77
N VAL S 83 -1.82 -2.12 -21.49
CA VAL S 83 -2.16 -3.04 -20.41
C VAL S 83 -0.90 -3.39 -19.62
N GLU S 84 -0.99 -3.32 -18.30
CA GLU S 84 0.03 -3.85 -17.40
C GLU S 84 -0.53 -5.12 -16.76
N THR S 85 -0.07 -6.26 -17.23
CA THR S 85 -0.39 -7.49 -16.52
C THR S 85 0.59 -7.69 -15.37
N THR S 86 0.19 -8.50 -14.41
CA THR S 86 1.01 -8.81 -13.25
C THR S 86 1.20 -10.33 -13.18
N PHE S 87 2.45 -10.76 -13.20
CA PHE S 87 2.79 -12.17 -13.15
C PHE S 87 3.38 -12.50 -11.79
N GLN S 88 2.77 -13.46 -11.11
CA GLN S 88 3.34 -14.00 -9.89
C GLN S 88 4.33 -15.08 -10.31
N ILE S 89 5.62 -14.84 -10.03
CA ILE S 89 6.69 -15.75 -10.38
C ILE S 89 7.27 -16.29 -9.09
N SER S 90 7.18 -17.60 -8.90
CA SER S 90 7.69 -18.26 -7.72
C SER S 90 8.70 -19.32 -8.09
N SER S 91 9.36 -19.88 -7.09
CA SER S 91 10.33 -20.93 -7.30
C SER S 91 10.19 -21.97 -6.20
N LEU S 92 10.62 -23.20 -6.51
CA LEU S 92 10.54 -24.30 -5.55
C LEU S 92 11.75 -25.19 -5.73
N HIS S 93 12.51 -25.37 -4.67
CA HIS S 93 13.70 -26.21 -4.72
C HIS S 93 13.99 -26.67 -3.29
N TRP S 94 13.75 -27.95 -3.03
CA TRP S 94 14.00 -28.49 -1.70
C TRP S 94 15.49 -28.42 -1.37
N GLN S 95 15.79 -28.18 -0.10
CA GLN S 95 17.17 -28.02 0.35
C GLN S 95 17.65 -29.31 1.00
N ASN S 96 18.74 -29.85 0.48
CA ASN S 96 19.31 -31.08 1.01
C ASN S 96 20.38 -30.73 2.03
N PRO S 97 20.23 -31.11 3.30
CA PRO S 97 21.26 -30.79 4.30
C PRO S 97 22.61 -31.43 4.02
N GLU S 98 22.65 -32.60 3.40
CA GLU S 98 23.92 -33.30 3.21
C GLU S 98 24.81 -32.60 2.19
N ILE S 99 24.24 -32.08 1.11
CA ILE S 99 25.05 -31.47 0.06
C ILE S 99 25.70 -30.19 0.58
N THR S 100 26.86 -29.85 0.02
CA THR S 100 27.59 -28.66 0.43
C THR S 100 27.36 -27.46 -0.50
N HIS S 101 27.16 -27.69 -1.79
CA HIS S 101 26.83 -26.60 -2.71
C HIS S 101 25.35 -26.25 -2.57
N VAL S 102 25.01 -25.67 -1.43
CA VAL S 102 23.62 -25.36 -1.13
C VAL S 102 23.22 -24.12 -1.93
N VAL S 103 22.06 -24.19 -2.54
CA VAL S 103 21.50 -23.05 -3.27
C VAL S 103 19.99 -23.05 -3.10
N THR S 104 19.50 -22.18 -2.22
CA THR S 104 18.10 -22.23 -1.84
C THR S 104 17.23 -21.62 -2.93
N ALA S 105 15.91 -21.86 -2.80
CA ALA S 105 14.95 -21.32 -3.75
C ALA S 105 14.98 -19.80 -3.80
N SER S 106 15.39 -19.16 -2.69
CA SER S 106 15.58 -17.72 -2.69
C SER S 106 16.61 -17.29 -3.72
N ASP S 107 17.68 -18.07 -3.90
CA ASP S 107 18.68 -17.75 -4.91
C ASP S 107 18.07 -17.77 -6.30
N ILE S 108 17.27 -18.80 -6.59
CA ILE S 108 16.69 -18.96 -7.91
C ILE S 108 15.74 -17.81 -8.21
N ALA S 109 14.87 -17.49 -7.25
CA ALA S 109 13.95 -16.37 -7.44
C ALA S 109 14.68 -15.04 -7.58
N ASN S 110 15.73 -14.85 -6.76
CA ASN S 110 16.48 -13.60 -6.82
C ASN S 110 17.23 -13.46 -8.13
N TYR S 111 17.80 -14.55 -8.64
CA TYR S 111 18.50 -14.45 -9.91
C TYR S 111 17.52 -14.23 -11.05
N VAL S 112 16.33 -14.81 -10.97
CA VAL S 112 15.30 -14.52 -11.98
C VAL S 112 14.96 -13.03 -11.95
N ARG S 113 14.75 -12.48 -10.76
CA ARG S 113 14.42 -11.06 -10.66
C ARG S 113 15.54 -10.19 -11.21
N ALA S 114 16.77 -10.45 -10.77
CA ALA S 114 17.90 -9.61 -11.16
C ALA S 114 18.20 -9.75 -12.65
N TYR S 115 18.03 -10.94 -13.21
CA TYR S 115 18.16 -11.12 -14.65
C TYR S 115 17.10 -10.33 -15.38
N PHE S 116 15.86 -10.40 -14.93
CA PHE S 116 14.78 -9.73 -15.63
C PHE S 116 14.75 -8.23 -15.38
N GLN S 117 15.56 -7.71 -14.48
CA GLN S 117 15.68 -6.26 -14.29
C GLN S 117 16.95 -5.68 -14.90
N ALA S 118 17.85 -6.52 -15.42
CA ALA S 118 19.06 -6.02 -16.05
C ALA S 118 18.73 -5.38 -17.40
N ARG S 119 19.63 -4.50 -17.85
CA ARG S 119 19.32 -3.65 -18.99
C ARG S 119 19.29 -4.43 -20.30
N SER S 120 20.21 -5.38 -20.48
CA SER S 120 20.23 -6.15 -21.72
C SER S 120 18.96 -6.98 -21.88
N THR S 121 18.50 -7.60 -20.80
CA THR S 121 17.26 -8.37 -20.89
C THR S 121 16.06 -7.45 -21.11
N ILE S 122 16.10 -6.25 -20.56
CA ILE S 122 15.08 -5.24 -20.84
C ILE S 122 15.04 -4.92 -22.33
N GLU S 123 16.22 -4.72 -22.93
CA GLU S 123 16.27 -4.38 -24.35
C GLU S 123 15.78 -5.55 -25.21
N ARG S 124 16.12 -6.78 -24.82
CA ARG S 124 15.67 -7.95 -25.57
C ARG S 124 14.17 -8.12 -25.47
N VAL S 125 13.63 -7.95 -24.27
CA VAL S 125 12.20 -8.03 -24.05
C VAL S 125 11.47 -6.94 -24.83
N LYS S 126 12.07 -5.74 -24.91
CA LYS S 126 11.51 -4.69 -25.74
C LYS S 126 11.48 -5.09 -27.21
N GLU S 127 12.56 -5.74 -27.68
CA GLU S 127 12.55 -6.29 -29.03
C GLU S 127 11.52 -7.39 -29.19
N LEU S 128 11.04 -7.97 -28.09
CA LEU S 128 9.98 -8.98 -28.13
C LEU S 128 8.62 -8.40 -27.76
N ASP S 129 8.40 -7.10 -27.98
CA ASP S 129 7.13 -6.36 -27.97
C ASP S 129 6.56 -6.02 -26.60
N PHE S 130 7.24 -6.31 -25.49
CA PHE S 130 6.73 -5.89 -24.18
C PHE S 130 7.91 -5.37 -23.35
N LEU S 131 7.65 -5.08 -22.07
CA LEU S 131 8.68 -4.52 -21.20
C LEU S 131 8.36 -4.90 -19.76
N ILE S 132 9.31 -4.62 -18.87
CA ILE S 132 9.29 -5.11 -17.51
C ILE S 132 9.40 -3.92 -16.55
N LEU S 133 8.52 -3.86 -15.56
CA LEU S 133 8.58 -2.84 -14.54
C LEU S 133 9.40 -3.34 -13.33
N ARG S 134 9.50 -2.50 -12.30
CA ARG S 134 10.32 -2.85 -11.15
C ARG S 134 9.65 -3.91 -10.29
N VAL S 135 10.49 -4.71 -9.63
CA VAL S 135 10.07 -5.67 -8.63
C VAL S 135 10.58 -5.15 -7.29
N SER S 136 9.66 -4.89 -6.36
CA SER S 136 10.00 -4.19 -5.13
C SER S 136 10.05 -5.09 -3.91
N GLN S 137 9.84 -6.39 -4.06
CA GLN S 137 9.82 -7.29 -2.91
C GLN S 137 9.90 -8.73 -3.39
N ILE S 138 10.62 -9.55 -2.65
CA ILE S 138 10.66 -11.00 -2.86
C ILE S 138 10.40 -11.66 -1.51
N SER S 139 9.30 -12.41 -1.42
CA SER S 139 8.79 -12.90 -0.16
C SER S 139 9.09 -14.39 -0.03
N ASN S 140 10.04 -14.73 0.84
CA ASN S 140 10.42 -16.11 1.11
C ASN S 140 9.61 -16.59 2.30
N GLU S 141 8.63 -17.47 2.06
CA GLU S 141 7.78 -18.01 3.10
C GLU S 141 7.99 -19.51 3.22
N ALA S 142 7.56 -20.07 4.35
CA ALA S 142 7.80 -21.46 4.68
C ALA S 142 6.49 -22.23 4.76
N PHE S 143 6.56 -23.51 4.42
CA PHE S 143 5.38 -24.39 4.47
C PHE S 143 5.87 -25.82 4.62
N GLU S 144 4.91 -26.75 4.69
CA GLU S 144 5.22 -28.18 4.77
C GLU S 144 4.89 -28.83 3.43
N ASN S 145 5.88 -29.48 2.83
CA ASN S 145 5.65 -30.19 1.59
C ASN S 145 5.05 -31.56 1.88
N ASP S 146 4.89 -32.37 0.84
CA ASP S 146 4.17 -33.64 0.98
C ASP S 146 4.98 -34.70 1.72
N ASN S 147 6.24 -34.44 2.07
CA ASN S 147 7.03 -35.38 2.86
C ASN S 147 7.14 -34.97 4.32
N HIS S 148 6.30 -34.04 4.78
CA HIS S 148 6.32 -33.52 6.15
C HIS S 148 7.68 -32.94 6.52
N GLN S 149 8.32 -32.29 5.56
CA GLN S 149 9.51 -31.50 5.79
C GLN S 149 9.14 -30.02 5.64
N PHE S 150 10.13 -29.16 5.71
CA PHE S 150 9.91 -27.72 5.59
C PHE S 150 10.51 -27.21 4.30
N GLU S 151 9.74 -26.42 3.55
CA GLU S 151 10.18 -25.91 2.27
C GLU S 151 9.88 -24.43 2.18
N PHE S 152 10.66 -23.75 1.35
CA PHE S 152 10.49 -22.33 1.09
C PHE S 152 9.90 -22.15 -0.30
N HIS S 153 8.97 -21.21 -0.42
CA HIS S 153 8.29 -20.93 -1.69
C HIS S 153 8.36 -19.43 -1.98
N PRO S 154 9.55 -18.91 -2.30
CA PRO S 154 9.66 -17.48 -2.59
C PRO S 154 8.90 -17.11 -3.85
N SER S 155 8.37 -15.89 -3.88
CA SER S 155 7.61 -15.43 -5.03
C SER S 155 7.67 -13.92 -5.10
N PHE S 156 7.49 -13.39 -6.31
CA PHE S 156 7.43 -11.95 -6.50
C PHE S 156 6.54 -11.63 -7.69
N ASP S 157 6.02 -10.41 -7.72
CA ASP S 157 5.15 -9.95 -8.78
C ASP S 157 5.93 -9.08 -9.76
N MET S 158 5.86 -9.44 -11.03
CA MET S 158 6.51 -8.69 -12.10
C MET S 158 5.45 -8.08 -13.00
N VAL S 159 5.54 -6.79 -13.24
CA VAL S 159 4.57 -6.09 -14.07
C VAL S 159 5.10 -6.07 -15.50
N VAL S 160 4.31 -6.60 -16.42
CA VAL S 160 4.67 -6.66 -17.84
C VAL S 160 3.69 -5.78 -18.60
N THR S 161 4.22 -4.78 -19.30
CA THR S 161 3.41 -3.75 -19.94
C THR S 161 3.45 -3.93 -21.45
N TYR S 162 2.28 -3.93 -22.09
CA TYR S 162 2.22 -4.19 -23.52
C TYR S 162 1.02 -3.46 -24.11
N ASN S 163 0.70 -3.79 -25.35
CA ASN S 163 -0.39 -3.20 -26.10
C ASN S 163 -1.25 -4.31 -26.68
N GLN S 164 -2.56 -4.06 -26.77
CA GLN S 164 -3.41 -4.96 -27.54
C GLN S 164 -4.40 -4.17 -28.38
N TYR S 165 -4.60 -4.63 -29.62
CA TYR S 165 -5.31 -3.89 -30.65
C TYR S 165 -6.67 -4.49 -30.94
N ILE S 166 -7.66 -3.62 -31.14
CA ILE S 166 -9.03 -3.98 -31.46
C ILE S 166 -9.34 -3.38 -32.83
N ARG S 167 -9.88 -4.19 -33.72
CA ARG S 167 -10.22 -3.73 -35.06
C ARG S 167 -11.74 -3.73 -35.21
N LEU S 168 -12.31 -2.58 -35.55
CA LEU S 168 -13.74 -2.45 -35.78
C LEU S 168 -13.96 -1.59 -37.01
N TYR S 169 -15.21 -1.44 -37.42
CA TYR S 169 -15.56 -0.78 -38.66
C TYR S 169 -16.38 0.48 -38.39
N GLU S 170 -16.18 1.49 -39.24
CA GLU S 170 -16.97 2.71 -39.22
C GLU S 170 -17.11 3.22 -40.64
N ASN S 171 -18.15 4.03 -40.86
CA ASN S 171 -18.41 4.56 -42.19
C ASN S 171 -17.52 5.77 -42.46
N ALA S 172 -17.19 5.96 -43.74
CA ALA S 172 -16.37 7.08 -44.17
C ALA S 172 -17.23 8.15 -44.82
N ALA S 173 -16.60 9.27 -45.16
CA ALA S 173 -17.30 10.39 -45.78
C ALA S 173 -16.31 11.24 -46.55
N TYR S 174 -16.71 11.69 -47.73
CA TYR S 174 -15.89 12.55 -48.58
C TYR S 174 -16.72 13.72 -49.12
N SER S 175 -17.51 14.34 -48.25
CA SER S 175 -18.40 15.41 -48.70
C SER S 175 -18.60 16.42 -47.60
N ALA S 176 -19.11 17.60 -47.99
CA ALA S 176 -19.40 18.67 -47.05
C ALA S 176 -20.51 19.52 -47.64
N ASP S 177 -21.73 19.34 -47.15
CA ASP S 177 -22.92 20.01 -47.65
C ASP S 177 -23.47 20.92 -46.56
N GLY S 178 -22.96 22.16 -46.51
CA GLY S 178 -23.38 23.10 -45.50
C GLY S 178 -24.61 23.89 -45.91
N VAL S 179 -25.31 24.41 -44.90
CA VAL S 179 -26.48 25.26 -45.09
C VAL S 179 -26.16 26.59 -44.44
N LEU S 180 -25.87 27.60 -45.27
CA LEU S 180 -25.49 28.92 -44.76
C LEU S 180 -26.74 29.75 -44.58
N ILE S 181 -27.29 29.72 -43.37
CA ILE S 181 -28.50 30.46 -43.04
C ILE S 181 -28.09 31.85 -42.57
N GLY S 182 -28.97 32.83 -42.83
CA GLY S 182 -28.70 34.18 -42.39
C GLY S 182 -29.46 34.59 -41.15
N VAL S 183 -28.76 34.58 -40.01
CA VAL S 183 -29.25 34.90 -38.66
C VAL S 183 -30.75 34.69 -38.41
#